data_7F0L
#
_entry.id   7F0L
#
_cell.length_a   1.00
_cell.length_b   1.00
_cell.length_c   1.00
_cell.angle_alpha   90.00
_cell.angle_beta   90.00
_cell.angle_gamma   90.00
#
_symmetry.space_group_name_H-M   'P 1'
#
loop_
_entity.id
_entity.type
_entity.pdbx_description
1 polymer 'Photosynthetic reaction center L subunit'
2 polymer 'Reaction center protein M chain'
3 polymer 'Reaction center protein H chain'
4 polymer 'Light-harvesting protein B-875 alpha chain'
5 polymer 'Antenna pigment protein beta chain'
6 polymer 'Light-harvesting protein B-875 alpha chain'
7 polymer PufX
8 polymer protein-U
9 non-polymer 'BACTERIOCHLOROPHYLL A'
10 non-polymer 'BACTERIOPHEOPHYTIN A'
11 non-polymer UBIQUINONE-10
12 non-polymer '(1R)-2-{[{[(2S)-2,3-DIHYDROXYPROPYL]OXY}(HYDROXY)PHOSPHORYL]OXY}-1-[(PALMITOYLOXY)METHYL]ETHYL (11E)-OCTADEC-11-ENOATE'
13 non-polymer 'LAURYL DIMETHYLAMINE-N-OXIDE'
14 non-polymer 'FE (III) ION'
15 non-polymer SPHEROIDENE
16 non-polymer DODECYL-BETA-D-MALTOSIDE
17 non-polymer CARDIOLIPIN
#
loop_
_entity_poly.entity_id
_entity_poly.type
_entity_poly.pdbx_seq_one_letter_code
_entity_poly.pdbx_strand_id
1 'polypeptide(L)'
;MALLSFERKYRVPGGTLVGGNLFDFWVGPFYVGFFGVATFFFAALGIILIAWSAVLQGTWNPQLISVYPPALEYGLGGAP
LAKGGLWQIITICATGAFVSWALREVEICRKLGIGYHIPFAFAFAILAYLTLVLFRPVMMGAWGYAFPYGIWTHLDWVSN
TGYTYGNFHYNPAHMIAITFFFTNALALALHGALVLSAANPEKGKEMRTPDHEDTFFRDLVGYSIGTLGIHRLGLLLSLS
AVFFSALCMIITGTIWFDQWVDWWQWWVKLPWWANIPGGING
;
L
2 'polypeptide(L)'
;MAEYQNIFTQVQVRGPADLGMTEDVNLANRSGVGPFSTLLGWFGNAQLGPIYLGSLGVLSLFSGLMWFFTIGIWFWYQAG
WNPAVFLRDLFFFSLEPPAPEYGLSFAAPLKEGGLWLIASFFMFVAVWSWWGRTYLRAQALGMGKHTAWAFLSAIWLWMV
LGFIRPILMGSWSEAVPYGIFSHLDWTNNFSLVHGNLFYNPFHGLSIAFLYGSALLFAMHGATILAVSRFGGERELEQIA
DRGTAAERAALFWRWTMGFNATMEGIHRWAIWMAVLVTLTGGIGILLSGTVVDNWYVWGQNHGMAPLN
;
M
3 'polypeptide(L)'
;MVGVTAFGNFDLASLAIYSFWIFLAGLIYYLQTENMREGYPLENEDGTPAANQGPFPLPKPKTFILPHGRGTLTVPGPES
EDRPIALARTAVSEGFPHAPTGDPMKDGVGPASWVARRDLPELDGHGHNKIKPMKAAAGFYVSAGKNPIGLPVRGCDLEI
AGKVVDIWVDIPEQMARFLEVELKDGSTRLLPMQMVKVQSNRVHVNALSSDLFAGIPTIKSPTEVTLLEEDKICGYVAGG
LMYAAPKRKSVVAAMLAEYA
;
H
4 'polypeptide(L)' (FME)SKFYKIWMIFDPRRVFVAQGVFLFLLAVMIHLILLSTPSYNWLEISAAKYNRV A,D,F,I,K,O,Q,S,V,Y,1,3
5 'polypeptide(L)' MADKSDLGYTGLTDEQAQELHSVYMSGLWLFSAVAIVAHLAVYIWRPWF B,E,G,J,N,P,R,T,W,Z,2,4,6,8
6 'polypeptide(L)' MSKFYKIWMIFDPRRVFVAQGVFLFLLAVMIHLILLSTPSYNWLEISAAKYNRV 5,7
7 'polypeptide(L)'
;MADKTIFNDHLNTNPKTNLRLWVAFQMMKGAGWAGGVFFGTLLLIGFFRVVGRMLPIDENPAPAPNITGALETGIELIKH
LV
;
X
8 'polypeptide(L)' MPEVSEFAFRLMMAAVIFVGVGIMFAFAGGHWFVGLVVGGLVAAFFAATPNSN U
#
loop_
_chem_comp.id
_chem_comp.type
_chem_comp.name
_chem_comp.formula
BCL non-polymer 'BACTERIOCHLOROPHYLL A' 'C55 H74 Mg N4 O6'
BPH non-polymer 'BACTERIOPHEOPHYTIN A' 'C55 H76 N4 O6'
CDL non-polymer CARDIOLIPIN 'C81 H156 O17 P2 -2'
FE non-polymer 'FE (III) ION' 'Fe 3'
LDA non-polymer 'LAURYL DIMETHYLAMINE-N-OXIDE' 'C14 H31 N O'
LMT D-saccharide DODECYL-BETA-D-MALTOSIDE 'C24 H46 O11'
PGV non-polymer '(1R)-2-{[{[(2S)-2,3-DIHYDROXYPROPYL]OXY}(HYDROXY)PHOSPHORYL]OXY}-1-[(PALMITOYLOXY)METHYL]ETHYL (11E)-OCTADEC-11-ENOATE' 'C40 H77 O10 P'
SPO non-polymer SPHEROIDENE 'C41 H60 O'
U10 non-polymer UBIQUINONE-10 'C59 H90 O4'
#
# COMPACT_ATOMS: atom_id res chain seq x y z
N ALA A 2 -21.51 -29.18 2.31
CA ALA A 2 -20.65 -28.18 1.66
C ALA A 2 -19.53 -27.74 2.60
N LEU A 3 -18.52 -28.60 2.75
CA LEU A 3 -17.38 -28.33 3.61
C LEU A 3 -16.09 -28.48 2.80
N LEU A 4 -15.08 -27.70 3.16
CA LEU A 4 -13.76 -27.95 2.62
C LEU A 4 -13.28 -29.34 3.06
N SER A 5 -12.40 -29.92 2.26
CA SER A 5 -11.97 -31.29 2.51
C SER A 5 -11.34 -31.47 3.87
N PHE A 6 -10.82 -30.41 4.48
CA PHE A 6 -10.15 -30.47 5.77
C PHE A 6 -10.93 -29.79 6.88
N GLU A 7 -12.20 -29.50 6.66
CA GLU A 7 -12.98 -28.70 7.61
C GLU A 7 -13.66 -29.53 8.69
N ARG A 8 -13.75 -30.85 8.54
CA ARG A 8 -14.55 -31.64 9.47
C ARG A 8 -13.93 -31.65 10.87
N LYS A 9 -12.60 -31.73 10.95
CA LYS A 9 -11.94 -31.81 12.24
C LYS A 9 -11.86 -30.46 12.95
N TYR A 10 -12.30 -29.37 12.33
CA TYR A 10 -12.25 -28.06 12.96
C TYR A 10 -13.58 -27.59 13.50
N ARG A 11 -14.69 -28.21 13.10
CA ARG A 11 -16.02 -27.78 13.53
C ARG A 11 -16.32 -28.45 14.86
N VAL A 12 -15.94 -27.79 15.94
CA VAL A 12 -16.13 -28.34 17.28
C VAL A 12 -16.91 -27.31 18.09
N PRO A 13 -17.60 -27.75 19.15
CA PRO A 13 -18.36 -26.79 19.96
C PRO A 13 -17.48 -26.12 21.01
N GLY A 14 -17.51 -24.79 21.01
CA GLY A 14 -16.81 -24.04 22.04
C GLY A 14 -16.33 -22.71 21.50
N GLY A 15 -15.71 -21.95 22.39
CA GLY A 15 -15.19 -20.64 22.06
C GLY A 15 -16.23 -19.61 21.73
N THR A 16 -17.33 -19.59 22.47
CA THR A 16 -18.42 -18.65 22.26
C THR A 16 -18.55 -17.74 23.46
N LEU A 17 -18.49 -16.43 23.22
CA LEU A 17 -18.59 -15.47 24.31
C LEU A 17 -19.99 -15.46 24.93
N VAL A 18 -21.01 -15.59 24.10
CA VAL A 18 -22.41 -15.56 24.53
C VAL A 18 -23.11 -16.78 23.96
N GLY A 19 -23.89 -17.46 24.78
CA GLY A 19 -24.63 -18.65 24.33
C GLY A 19 -23.84 -19.94 24.61
N GLY A 20 -23.44 -20.62 23.55
CA GLY A 20 -22.66 -21.83 23.69
C GLY A 20 -23.25 -22.95 22.85
N ASN A 21 -24.56 -23.07 22.85
CA ASN A 21 -25.26 -23.88 21.88
C ASN A 21 -26.50 -23.20 21.33
N LEU A 22 -26.94 -22.09 21.91
CA LEU A 22 -28.14 -21.40 21.41
C LEU A 22 -27.94 -20.93 19.98
N PHE A 23 -26.77 -20.38 19.68
CA PHE A 23 -26.40 -19.90 18.36
C PHE A 23 -25.02 -20.40 17.99
N ASP A 24 -24.82 -21.71 18.09
CA ASP A 24 -23.53 -22.32 17.79
C ASP A 24 -23.76 -23.29 16.63
N PHE A 25 -23.78 -22.76 15.42
CA PHE A 25 -23.96 -23.58 14.22
C PHE A 25 -23.53 -22.75 13.02
N TRP A 26 -23.44 -23.42 11.87
CA TRP A 26 -23.05 -22.80 10.62
C TRP A 26 -24.23 -22.84 9.67
N VAL A 27 -24.52 -21.72 9.04
CA VAL A 27 -25.49 -21.65 7.94
C VAL A 27 -24.69 -21.56 6.66
N GLY A 28 -24.57 -22.69 5.97
CA GLY A 28 -23.65 -22.80 4.87
C GLY A 28 -22.21 -22.76 5.36
N PRO A 29 -21.40 -21.87 4.80
CA PRO A 29 -20.05 -21.66 5.31
C PRO A 29 -19.96 -20.63 6.43
N PHE A 30 -20.95 -19.76 6.56
CA PHE A 30 -20.92 -18.71 7.56
C PHE A 30 -21.16 -19.29 8.95
N TYR A 31 -20.44 -18.74 9.92
CA TYR A 31 -20.65 -19.10 11.31
C TYR A 31 -21.70 -18.16 11.92
N VAL A 32 -22.77 -18.74 12.43
CA VAL A 32 -23.84 -17.97 13.05
C VAL A 32 -23.59 -18.02 14.55
N GLY A 33 -22.95 -16.99 15.08
CA GLY A 33 -22.77 -16.88 16.51
C GLY A 33 -23.95 -16.19 17.14
N PHE A 34 -23.77 -15.79 18.41
CA PHE A 34 -24.71 -14.85 18.99
C PHE A 34 -24.66 -13.52 18.25
N PHE A 35 -23.47 -13.07 17.89
CA PHE A 35 -23.29 -11.81 17.19
C PHE A 35 -23.47 -11.94 15.68
N GLY A 36 -23.52 -13.15 15.15
CA GLY A 36 -23.98 -13.33 13.78
C GLY A 36 -25.45 -13.03 13.62
N VAL A 37 -26.24 -13.40 14.63
CA VAL A 37 -27.66 -13.01 14.66
C VAL A 37 -27.78 -11.50 14.78
N ALA A 38 -26.95 -10.89 15.63
CA ALA A 38 -26.95 -9.44 15.76
C ALA A 38 -26.45 -8.76 14.49
N THR A 39 -25.40 -9.30 13.88
CA THR A 39 -24.85 -8.68 12.67
C THR A 39 -25.85 -8.72 11.53
N PHE A 40 -26.53 -9.86 11.35
CA PHE A 40 -27.51 -9.97 10.28
C PHE A 40 -28.66 -9.00 10.49
N PHE A 41 -29.17 -8.91 11.71
CA PHE A 41 -30.28 -8.00 11.97
C PHE A 41 -29.89 -6.55 11.71
N PHE A 42 -28.71 -6.16 12.17
CA PHE A 42 -28.28 -4.78 11.97
C PHE A 42 -27.90 -4.51 10.52
N ALA A 43 -27.26 -5.48 9.86
CA ALA A 43 -26.94 -5.32 8.45
C ALA A 43 -28.20 -5.24 7.61
N ALA A 44 -29.19 -6.08 7.92
CA ALA A 44 -30.39 -6.13 7.10
C ALA A 44 -31.27 -4.90 7.31
N LEU A 45 -31.43 -4.47 8.56
CA LEU A 45 -32.25 -3.30 8.85
C LEU A 45 -31.66 -2.05 8.23
N GLY A 46 -30.35 -1.88 8.32
CA GLY A 46 -29.72 -0.69 7.76
C GLY A 46 -29.85 -0.62 6.26
N ILE A 47 -29.79 -1.78 5.58
CA ILE A 47 -29.90 -1.81 4.13
C ILE A 47 -31.31 -1.39 3.71
N ILE A 48 -32.33 -1.95 4.34
CA ILE A 48 -33.70 -1.66 3.95
C ILE A 48 -34.07 -0.22 4.30
N LEU A 49 -33.49 0.32 5.37
CA LEU A 49 -33.67 1.75 5.64
C LEU A 49 -33.05 2.61 4.55
N ILE A 50 -31.90 2.22 4.02
CA ILE A 50 -31.32 2.93 2.88
C ILE A 50 -32.22 2.79 1.67
N ALA A 51 -32.82 1.61 1.49
CA ALA A 51 -33.81 1.45 0.43
C ALA A 51 -35.04 2.31 0.69
N TRP A 52 -35.48 2.39 1.95
CA TRP A 52 -36.63 3.23 2.28
C TRP A 52 -36.32 4.70 2.12
N SER A 53 -35.10 5.11 2.50
CA SER A 53 -34.72 6.51 2.35
C SER A 53 -34.67 6.92 0.89
N ALA A 54 -34.50 5.97 -0.02
CA ALA A 54 -34.50 6.27 -1.45
C ALA A 54 -35.90 6.67 -1.92
N VAL A 55 -36.93 5.98 -1.44
CA VAL A 55 -38.28 6.33 -1.88
C VAL A 55 -38.71 7.67 -1.28
N LEU A 56 -38.22 8.00 -0.08
CA LEU A 56 -38.46 9.33 0.45
C LEU A 56 -37.71 10.39 -0.35
N GLN A 57 -36.54 10.04 -0.88
CA GLN A 57 -35.77 10.95 -1.71
C GLN A 57 -36.35 11.08 -3.12
N GLY A 58 -37.03 10.04 -3.61
CA GLY A 58 -37.62 10.09 -4.93
C GLY A 58 -36.72 9.65 -6.06
N THR A 59 -35.74 8.81 -5.78
CA THR A 59 -34.83 8.33 -6.81
C THR A 59 -34.62 6.84 -6.64
N TRP A 60 -34.24 6.19 -7.75
CA TRP A 60 -33.83 4.80 -7.71
C TRP A 60 -32.45 4.57 -8.26
N ASN A 61 -31.81 5.57 -8.82
CA ASN A 61 -30.43 5.43 -9.26
C ASN A 61 -29.56 5.24 -8.04
N PRO A 62 -28.84 4.12 -7.93
CA PRO A 62 -28.05 3.89 -6.72
C PRO A 62 -26.98 4.93 -6.48
N GLN A 63 -26.45 5.53 -7.54
CA GLN A 63 -25.40 6.53 -7.39
C GLN A 63 -25.93 7.88 -6.95
N LEU A 64 -27.26 8.07 -6.96
CA LEU A 64 -27.88 9.30 -6.48
C LEU A 64 -28.48 9.17 -5.08
N ILE A 65 -28.67 7.95 -4.60
CA ILE A 65 -29.26 7.74 -3.28
C ILE A 65 -28.30 8.26 -2.21
N SER A 66 -28.81 9.11 -1.32
CA SER A 66 -28.03 9.63 -0.21
C SER A 66 -28.93 9.74 1.00
N VAL A 67 -28.37 9.45 2.17
CA VAL A 67 -29.03 9.64 3.45
C VAL A 67 -28.32 10.79 4.15
N TYR A 68 -29.00 11.88 4.33
CA TYR A 68 -28.25 12.99 4.89
C TYR A 68 -28.39 13.04 6.40
N PRO A 69 -27.34 13.48 7.09
CA PRO A 69 -27.43 13.69 8.53
C PRO A 69 -28.38 14.82 8.85
N PRO A 70 -28.88 14.90 10.09
CA PRO A 70 -29.76 16.01 10.45
C PRO A 70 -29.05 17.34 10.31
N ALA A 71 -29.83 18.35 9.92
CA ALA A 71 -29.29 19.68 9.64
C ALA A 71 -28.62 20.26 10.88
N LEU A 72 -27.80 21.30 10.64
CA LEU A 72 -27.04 21.92 11.72
C LEU A 72 -27.92 22.63 12.74
N GLU A 73 -29.20 22.88 12.42
CA GLU A 73 -30.10 23.54 13.35
C GLU A 73 -30.56 22.62 14.47
N TYR A 74 -30.44 21.30 14.30
CA TYR A 74 -30.89 20.35 15.30
C TYR A 74 -29.87 20.07 16.37
N GLY A 75 -28.65 20.58 16.22
CA GLY A 75 -27.62 20.33 17.23
C GLY A 75 -27.31 18.86 17.32
N LEU A 76 -27.28 18.36 18.55
CA LEU A 76 -26.84 17.00 18.83
C LEU A 76 -27.97 16.09 19.29
N GLY A 77 -29.22 16.50 19.10
CA GLY A 77 -30.37 15.72 19.51
C GLY A 77 -30.96 14.91 18.38
N GLY A 78 -32.19 14.47 18.58
CA GLY A 78 -32.90 13.71 17.57
C GLY A 78 -33.37 14.58 16.42
N ALA A 79 -33.93 13.94 15.41
CA ALA A 79 -34.35 14.62 14.19
C ALA A 79 -35.54 13.89 13.60
N PRO A 80 -36.33 14.55 12.76
CA PRO A 80 -37.39 13.84 12.03
C PRO A 80 -36.80 12.81 11.08
N LEU A 81 -37.58 11.75 10.84
CA LEU A 81 -37.07 10.64 10.05
C LEU A 81 -36.76 11.05 8.62
N ALA A 82 -37.64 11.85 8.00
CA ALA A 82 -37.40 12.27 6.63
C ALA A 82 -36.22 13.23 6.52
N LYS A 83 -35.95 14.00 7.57
CA LYS A 83 -34.85 14.96 7.51
C LYS A 83 -33.51 14.30 7.83
N GLY A 84 -33.31 13.87 9.07
CA GLY A 84 -32.08 13.22 9.44
C GLY A 84 -32.23 12.12 10.45
N GLY A 85 -33.48 11.78 10.80
CA GLY A 85 -33.71 10.71 11.74
C GLY A 85 -33.32 9.36 11.19
N LEU A 86 -33.54 9.14 9.90
CA LEU A 86 -33.16 7.88 9.28
C LEU A 86 -31.64 7.70 9.28
N TRP A 87 -30.90 8.79 9.11
CA TRP A 87 -29.44 8.71 9.19
C TRP A 87 -29.01 8.21 10.56
N GLN A 88 -29.66 8.68 11.63
CA GLN A 88 -29.27 8.30 12.97
C GLN A 88 -29.60 6.83 13.24
N ILE A 89 -30.67 6.30 12.66
CA ILE A 89 -30.97 4.89 12.82
C ILE A 89 -29.97 4.05 12.02
N ILE A 90 -29.67 4.46 10.79
CA ILE A 90 -28.72 3.72 9.98
C ILE A 90 -27.32 3.81 10.57
N THR A 91 -26.97 4.94 11.17
CA THR A 91 -25.68 5.04 11.84
C THR A 91 -25.61 4.13 13.05
N ILE A 92 -26.71 4.04 13.81
CA ILE A 92 -26.78 3.08 14.91
C ILE A 92 -26.73 1.65 14.37
N CYS A 93 -27.47 1.39 13.31
CA CYS A 93 -27.47 0.06 12.70
C CYS A 93 -26.09 -0.30 12.16
N ALA A 94 -25.41 0.65 11.52
CA ALA A 94 -24.05 0.39 11.05
C ALA A 94 -23.08 0.20 12.21
N THR A 95 -23.23 1.00 13.26
CA THR A 95 -22.36 0.84 14.43
C THR A 95 -22.58 -0.51 15.10
N GLY A 96 -23.84 -0.94 15.19
CA GLY A 96 -24.12 -2.25 15.75
C GLY A 96 -23.60 -3.39 14.89
N ALA A 97 -23.70 -3.24 13.57
CA ALA A 97 -23.27 -4.29 12.67
C ALA A 97 -21.75 -4.44 12.66
N PHE A 98 -21.02 -3.33 12.77
CA PHE A 98 -19.56 -3.40 12.73
C PHE A 98 -19.01 -4.02 14.01
N VAL A 99 -19.54 -3.61 15.17
CA VAL A 99 -19.05 -4.15 16.43
C VAL A 99 -19.44 -5.61 16.58
N SER A 100 -20.64 -5.99 16.13
CA SER A 100 -21.02 -7.39 16.14
C SER A 100 -20.15 -8.21 15.20
N TRP A 101 -19.81 -7.65 14.03
CA TRP A 101 -18.92 -8.35 13.11
C TRP A 101 -17.53 -8.54 13.72
N ALA A 102 -17.03 -7.52 14.41
CA ALA A 102 -15.74 -7.66 15.10
C ALA A 102 -15.84 -8.66 16.25
N LEU A 103 -16.95 -8.62 17.00
CA LEU A 103 -17.14 -9.57 18.10
C LEU A 103 -17.36 -10.99 17.60
N ARG A 104 -18.00 -11.14 16.43
CA ARG A 104 -18.22 -12.46 15.86
C ARG A 104 -16.91 -13.07 15.39
N GLU A 105 -15.97 -12.24 14.94
CA GLU A 105 -14.66 -12.75 14.53
C GLU A 105 -13.88 -13.27 15.72
N VAL A 106 -14.14 -12.74 16.91
CA VAL A 106 -13.43 -13.21 18.10
C VAL A 106 -13.85 -14.63 18.44
N GLU A 107 -15.13 -14.96 18.26
CA GLU A 107 -15.59 -16.32 18.50
C GLU A 107 -14.96 -17.29 17.50
N ILE A 108 -14.75 -16.85 16.26
CA ILE A 108 -14.13 -17.71 15.27
C ILE A 108 -12.66 -17.94 15.61
N CYS A 109 -11.98 -16.92 16.13
CA CYS A 109 -10.59 -17.08 16.53
C CYS A 109 -10.45 -18.09 17.67
N ARG A 110 -11.36 -18.06 18.63
CA ARG A 110 -11.28 -19.00 19.75
C ARG A 110 -11.56 -20.42 19.30
N LYS A 111 -12.51 -20.60 18.38
CA LYS A 111 -12.85 -21.95 17.94
C LYS A 111 -11.74 -22.57 17.10
N LEU A 112 -10.96 -21.75 16.41
CA LEU A 112 -9.80 -22.23 15.67
C LEU A 112 -8.52 -22.14 16.46
N GLY A 113 -8.53 -21.50 17.63
CA GLY A 113 -7.34 -21.37 18.45
C GLY A 113 -6.22 -20.54 17.85
N ILE A 114 -6.56 -19.41 17.24
CA ILE A 114 -5.54 -18.55 16.65
C ILE A 114 -5.53 -17.20 17.36
N GLY A 115 -4.58 -16.34 17.01
CA GLY A 115 -4.47 -15.06 17.66
C GLY A 115 -5.53 -14.08 17.22
N TYR A 116 -5.70 -13.03 18.02
CA TYR A 116 -6.76 -12.05 17.83
C TYR A 116 -6.28 -10.83 17.05
N HIS A 117 -5.34 -11.02 16.12
CA HIS A 117 -4.83 -9.88 15.35
C HIS A 117 -5.88 -9.33 14.41
N ILE A 118 -6.68 -10.21 13.79
CA ILE A 118 -7.66 -9.75 12.82
C ILE A 118 -8.76 -8.90 13.46
N PRO A 119 -9.45 -9.34 14.51
CA PRO A 119 -10.45 -8.45 15.13
C PRO A 119 -9.86 -7.16 15.66
N PHE A 120 -8.63 -7.20 16.15
CA PHE A 120 -7.98 -5.98 16.65
C PHE A 120 -7.75 -4.99 15.51
N ALA A 121 -7.35 -5.50 14.35
CA ALA A 121 -7.09 -4.62 13.21
C ALA A 121 -8.39 -4.05 12.64
N PHE A 122 -9.48 -4.81 12.74
CA PHE A 122 -10.76 -4.30 12.26
C PHE A 122 -11.30 -3.20 13.16
N ALA A 123 -10.99 -3.26 14.45
CA ALA A 123 -11.44 -2.21 15.35
C ALA A 123 -10.82 -0.87 15.02
N PHE A 124 -9.64 -0.87 14.37
CA PHE A 124 -9.04 0.38 13.92
C PHE A 124 -9.89 1.04 12.85
N ALA A 125 -10.43 0.24 11.92
CA ALA A 125 -11.35 0.78 10.93
C ALA A 125 -12.61 1.32 11.61
N ILE A 126 -13.12 0.60 12.60
CA ILE A 126 -14.33 1.03 13.30
C ILE A 126 -14.08 2.34 14.03
N LEU A 127 -12.92 2.48 14.68
CA LEU A 127 -12.63 3.71 15.41
C LEU A 127 -12.46 4.90 14.48
N ALA A 128 -11.90 4.67 13.29
CA ALA A 128 -11.82 5.74 12.30
C ALA A 128 -13.22 6.16 11.82
N TYR A 129 -14.10 5.18 11.59
CA TYR A 129 -15.47 5.48 11.22
C TYR A 129 -16.21 6.20 12.33
N LEU A 130 -16.06 5.71 13.57
CA LEU A 130 -16.73 6.36 14.70
C LEU A 130 -16.21 7.76 14.93
N THR A 131 -14.95 8.02 14.57
CA THR A 131 -14.41 9.38 14.65
C THR A 131 -15.17 10.33 13.73
N LEU A 132 -15.50 9.88 12.51
CA LEU A 132 -16.08 10.79 11.53
C LEU A 132 -17.56 11.05 11.79
N VAL A 133 -18.29 10.06 12.28
CA VAL A 133 -19.73 10.19 12.44
C VAL A 133 -20.13 10.52 13.88
N LEU A 134 -19.34 10.07 14.85
CA LEU A 134 -19.74 10.22 16.24
C LEU A 134 -18.80 11.12 17.03
N PHE A 135 -17.50 10.80 17.10
CA PHE A 135 -16.63 11.54 18.01
C PHE A 135 -16.43 12.98 17.56
N ARG A 136 -16.07 13.18 16.29
CA ARG A 136 -15.84 14.53 15.79
C ARG A 136 -17.11 15.37 15.77
N PRO A 137 -18.26 14.89 15.26
CA PRO A 137 -19.48 15.70 15.38
C PRO A 137 -19.88 16.02 16.80
N VAL A 138 -19.66 15.11 17.75
CA VAL A 138 -20.01 15.39 19.14
C VAL A 138 -19.18 16.54 19.68
N MET A 139 -17.88 16.56 19.38
CA MET A 139 -17.04 17.67 19.80
C MET A 139 -17.49 18.98 19.15
N MET A 140 -17.71 18.96 17.84
CA MET A 140 -18.07 20.19 17.13
C MET A 140 -19.46 20.68 17.53
N GLY A 141 -20.36 19.77 17.89
CA GLY A 141 -21.61 20.14 18.52
C GLY A 141 -22.87 19.70 17.81
N ALA A 142 -22.80 19.20 16.57
CA ALA A 142 -24.00 18.85 15.82
C ALA A 142 -23.76 17.58 15.04
N TRP A 143 -24.84 16.87 14.73
CA TRP A 143 -24.76 15.68 13.89
C TRP A 143 -24.56 16.02 12.42
N GLY A 144 -24.73 17.28 12.04
CA GLY A 144 -24.64 17.66 10.65
C GLY A 144 -23.25 17.75 10.10
N TYR A 145 -22.23 17.51 10.92
CA TYR A 145 -20.86 17.48 10.45
C TYR A 145 -20.41 16.10 10.01
N ALA A 146 -21.22 15.07 10.24
CA ALA A 146 -20.90 13.73 9.79
C ALA A 146 -21.23 13.58 8.30
N PHE A 147 -20.59 12.60 7.68
CA PHE A 147 -20.78 12.48 6.24
C PHE A 147 -22.09 11.77 5.92
N PRO A 148 -22.69 12.07 4.77
CA PRO A 148 -23.93 11.40 4.38
C PRO A 148 -23.66 10.04 3.75
N TYR A 149 -24.71 9.23 3.69
CA TYR A 149 -24.61 7.84 3.25
C TYR A 149 -25.02 7.73 1.78
N GLY A 150 -24.22 8.36 0.93
CA GLY A 150 -24.42 8.27 -0.50
C GLY A 150 -23.12 7.99 -1.21
N ILE A 151 -23.24 7.32 -2.36
CA ILE A 151 -22.04 6.86 -3.07
C ILE A 151 -21.20 8.02 -3.55
N TRP A 152 -21.83 9.04 -4.11
CA TRP A 152 -21.12 10.22 -4.60
C TRP A 152 -21.31 11.45 -3.75
N THR A 153 -22.23 11.42 -2.79
CA THR A 153 -22.44 12.57 -1.92
C THR A 153 -21.57 12.52 -0.67
N HIS A 154 -21.07 11.35 -0.29
CA HIS A 154 -20.09 11.31 0.79
C HIS A 154 -18.74 11.80 0.30
N LEU A 155 -18.54 11.86 -1.01
CA LEU A 155 -17.36 12.53 -1.55
C LEU A 155 -17.52 14.04 -1.48
N ASP A 156 -18.75 14.53 -1.65
CA ASP A 156 -19.00 15.97 -1.51
C ASP A 156 -18.75 16.44 -0.09
N TRP A 157 -19.04 15.59 0.89
CA TRP A 157 -18.70 15.93 2.27
C TRP A 157 -17.20 16.02 2.45
N VAL A 158 -16.45 15.11 1.84
CA VAL A 158 -15.01 15.14 1.96
C VAL A 158 -14.45 16.39 1.31
N SER A 159 -14.92 16.70 0.10
CA SER A 159 -14.42 17.87 -0.62
C SER A 159 -14.78 19.15 0.12
N ASN A 160 -16.02 19.25 0.59
CA ASN A 160 -16.45 20.47 1.27
C ASN A 160 -15.75 20.65 2.61
N THR A 161 -15.56 19.57 3.36
CA THR A 161 -14.85 19.66 4.63
C THR A 161 -13.38 20.00 4.41
N GLY A 162 -12.75 19.41 3.40
CA GLY A 162 -11.35 19.69 3.15
C GLY A 162 -11.10 21.14 2.80
N TYR A 163 -11.92 21.70 1.90
CA TYR A 163 -11.73 23.07 1.47
C TYR A 163 -12.18 24.10 2.50
N THR A 164 -12.83 23.67 3.58
CA THR A 164 -13.10 24.59 4.68
C THR A 164 -11.81 25.09 5.30
N TYR A 165 -10.75 24.27 5.25
CA TYR A 165 -9.45 24.59 5.83
C TYR A 165 -8.41 24.81 4.75
N GLY A 166 -8.86 25.20 3.56
CA GLY A 166 -7.95 25.41 2.45
C GLY A 166 -7.58 24.11 1.78
N ASN A 167 -6.35 24.06 1.28
CA ASN A 167 -5.82 22.79 0.79
C ASN A 167 -5.53 21.89 1.98
N PHE A 168 -6.23 20.75 2.04
CA PHE A 168 -6.06 19.83 3.16
C PHE A 168 -4.74 19.07 3.10
N HIS A 169 -3.99 19.19 1.99
CA HIS A 169 -2.68 18.56 1.91
C HIS A 169 -1.74 19.06 2.99
N TYR A 170 -1.98 20.24 3.55
CA TYR A 170 -1.07 20.86 4.49
C TYR A 170 -1.33 20.47 5.93
N ASN A 171 -2.31 19.63 6.18
CA ASN A 171 -2.49 19.07 7.50
C ASN A 171 -1.32 18.15 7.79
N PRO A 172 -0.50 18.42 8.80
CA PRO A 172 0.70 17.59 9.02
C PRO A 172 0.37 16.13 9.30
N ALA A 173 -0.71 15.85 10.02
CA ALA A 173 -1.09 14.46 10.26
C ALA A 173 -1.66 13.80 9.01
N HIS A 174 -2.23 14.61 8.11
CA HIS A 174 -2.65 14.11 6.81
C HIS A 174 -1.46 13.62 5.99
N MET A 175 -0.36 14.39 6.01
CA MET A 175 0.82 14.01 5.25
C MET A 175 1.42 12.71 5.77
N ILE A 176 1.44 12.53 7.10
CA ILE A 176 1.94 11.29 7.68
C ILE A 176 1.03 10.13 7.30
N ALA A 177 -0.28 10.33 7.38
CA ALA A 177 -1.21 9.25 7.03
C ALA A 177 -1.11 8.88 5.56
N ILE A 178 -1.00 9.88 4.68
CA ILE A 178 -0.89 9.61 3.25
C ILE A 178 0.40 8.85 2.96
N THR A 179 1.47 9.17 3.67
CA THR A 179 2.73 8.45 3.49
C THR A 179 2.58 6.97 3.85
N PHE A 180 1.85 6.68 4.92
CA PHE A 180 1.63 5.29 5.31
C PHE A 180 0.78 4.55 4.30
N PHE A 181 -0.23 5.22 3.73
CA PHE A 181 -1.07 4.58 2.72
C PHE A 181 -0.29 4.25 1.46
N PHE A 182 0.57 5.16 1.03
CA PHE A 182 1.37 4.91 -0.18
C PHE A 182 2.40 3.81 0.07
N THR A 183 3.00 3.80 1.26
CA THR A 183 3.98 2.76 1.58
C THR A 183 3.30 1.40 1.71
N ASN A 184 2.08 1.36 2.24
CA ASN A 184 1.38 0.09 2.40
C ASN A 184 1.04 -0.53 1.05
N ALA A 185 0.63 0.29 0.08
CA ALA A 185 0.31 -0.24 -1.23
C ALA A 185 1.57 -0.64 -2.00
N LEU A 186 2.65 0.11 -1.81
CA LEU A 186 3.92 -0.26 -2.42
C LEU A 186 4.44 -1.58 -1.87
N ALA A 187 4.35 -1.76 -0.55
CA ALA A 187 4.81 -3.00 0.06
C ALA A 187 3.91 -4.16 -0.31
N LEU A 188 2.63 -3.92 -0.50
CA LEU A 188 1.72 -4.99 -0.90
C LEU A 188 2.04 -5.50 -2.31
N ALA A 189 2.40 -4.59 -3.21
CA ALA A 189 2.80 -5.00 -4.55
C ALA A 189 4.09 -5.79 -4.50
N LEU A 190 5.05 -5.34 -3.69
CA LEU A 190 6.31 -6.06 -3.56
C LEU A 190 6.11 -7.41 -2.88
N HIS A 191 5.24 -7.47 -1.87
CA HIS A 191 5.08 -8.71 -1.14
C HIS A 191 4.37 -9.76 -1.98
N GLY A 192 3.32 -9.37 -2.70
CA GLY A 192 2.65 -10.33 -3.56
C GLY A 192 3.53 -10.79 -4.70
N ALA A 193 4.27 -9.87 -5.30
CA ALA A 193 5.13 -10.22 -6.42
C ALA A 193 6.28 -11.11 -6.00
N LEU A 194 6.87 -10.84 -4.82
CA LEU A 194 8.01 -11.62 -4.39
C LEU A 194 7.63 -13.05 -4.06
N VAL A 195 6.49 -13.25 -3.40
CA VAL A 195 6.06 -14.60 -3.07
C VAL A 195 5.61 -15.34 -4.32
N LEU A 196 4.93 -14.64 -5.24
CA LEU A 196 4.48 -15.30 -6.46
C LEU A 196 5.66 -15.71 -7.33
N SER A 197 6.70 -14.88 -7.40
CA SER A 197 7.86 -15.23 -8.20
C SER A 197 8.61 -16.43 -7.62
N ALA A 198 8.60 -16.57 -6.30
CA ALA A 198 9.21 -17.74 -5.68
C ALA A 198 8.38 -19.00 -5.95
N ALA A 199 7.06 -18.89 -5.81
CA ALA A 199 6.20 -20.05 -6.03
C ALA A 199 6.07 -20.40 -7.50
N ASN A 200 6.19 -19.42 -8.39
CA ASN A 200 6.08 -19.62 -9.83
C ASN A 200 7.37 -19.17 -10.48
N PRO A 201 8.39 -20.03 -10.51
CA PRO A 201 9.69 -19.62 -11.07
C PRO A 201 9.64 -19.47 -12.58
N GLU A 202 10.80 -19.34 -13.21
CA GLU A 202 10.87 -18.97 -14.62
C GLU A 202 10.09 -19.92 -15.52
N LYS A 203 10.57 -21.15 -15.67
CA LYS A 203 9.87 -22.16 -16.44
C LYS A 203 10.57 -23.51 -16.29
N GLY A 204 9.83 -24.54 -15.93
CA GLY A 204 10.45 -25.83 -15.69
C GLY A 204 11.52 -25.79 -14.62
N LYS A 205 11.45 -24.83 -13.71
CA LYS A 205 12.42 -24.69 -12.64
C LYS A 205 11.80 -25.11 -11.32
N GLU A 206 12.66 -25.52 -10.40
CA GLU A 206 12.21 -25.88 -9.06
C GLU A 206 11.65 -24.66 -8.35
N MET A 207 10.61 -24.87 -7.55
CA MET A 207 10.08 -23.79 -6.72
C MET A 207 11.19 -23.23 -5.84
N ARG A 208 11.26 -21.90 -5.79
CA ARG A 208 12.32 -21.25 -5.04
C ARG A 208 12.04 -21.33 -3.54
N THR A 209 12.95 -20.79 -2.75
CA THR A 209 12.92 -20.90 -1.30
C THR A 209 13.00 -19.51 -0.68
N PRO A 210 12.59 -19.37 0.57
CA PRO A 210 12.73 -18.05 1.24
C PRO A 210 14.16 -17.55 1.31
N ASP A 211 15.16 -18.39 1.02
CA ASP A 211 16.52 -17.91 0.87
C ASP A 211 16.69 -17.16 -0.45
N HIS A 212 15.90 -17.52 -1.46
CA HIS A 212 15.88 -16.75 -2.69
C HIS A 212 15.11 -15.44 -2.51
N GLU A 213 14.16 -15.42 -1.59
CA GLU A 213 13.39 -14.21 -1.34
C GLU A 213 14.23 -13.14 -0.64
N ASP A 214 15.04 -13.55 0.34
CA ASP A 214 15.97 -12.62 0.95
C ASP A 214 17.02 -12.16 -0.05
N THR A 215 17.55 -13.09 -0.85
CA THR A 215 18.62 -12.74 -1.78
C THR A 215 18.15 -11.76 -2.84
N PHE A 216 16.92 -11.91 -3.32
CA PHE A 216 16.42 -11.01 -4.36
C PHE A 216 16.38 -9.58 -3.87
N PHE A 217 15.87 -9.36 -2.66
CA PHE A 217 15.74 -8.00 -2.17
C PHE A 217 17.03 -7.44 -1.60
N ARG A 218 17.99 -8.29 -1.26
CA ARG A 218 19.31 -7.78 -0.92
C ARG A 218 20.08 -7.38 -2.18
N ASP A 219 19.95 -8.16 -3.24
CA ASP A 219 20.53 -7.75 -4.52
C ASP A 219 19.91 -6.46 -5.01
N LEU A 220 18.61 -6.28 -4.79
CA LEU A 220 17.91 -5.13 -5.36
C LEU A 220 18.18 -3.87 -4.55
N VAL A 221 17.77 -3.86 -3.28
CA VAL A 221 17.82 -2.65 -2.47
C VAL A 221 18.72 -2.79 -1.26
N GLY A 222 19.50 -3.86 -1.19
CA GLY A 222 20.51 -3.99 -0.16
C GLY A 222 20.03 -4.42 1.21
N TYR A 223 18.75 -4.73 1.36
CA TYR A 223 18.21 -5.15 2.65
C TYR A 223 16.98 -5.99 2.42
N SER A 224 16.66 -6.82 3.41
CA SER A 224 15.50 -7.71 3.34
C SER A 224 14.92 -7.83 4.74
N ILE A 225 13.66 -7.43 4.90
CA ILE A 225 13.06 -7.41 6.23
C ILE A 225 12.69 -8.80 6.72
N GLY A 226 12.64 -9.78 5.85
CA GLY A 226 12.33 -11.15 6.23
C GLY A 226 10.88 -11.50 5.99
N THR A 227 10.58 -12.78 6.15
CA THR A 227 9.22 -13.26 5.93
C THR A 227 8.31 -12.90 7.09
N LEU A 228 8.83 -12.91 8.32
CA LEU A 228 8.05 -12.46 9.46
C LEU A 228 7.97 -10.94 9.51
N GLY A 229 9.04 -10.27 9.11
CA GLY A 229 9.06 -8.82 9.18
C GLY A 229 8.08 -8.17 8.22
N ILE A 230 7.90 -8.75 7.03
CA ILE A 230 7.05 -8.12 6.03
C ILE A 230 5.58 -8.19 6.45
N HIS A 231 5.20 -9.25 7.16
CA HIS A 231 3.81 -9.37 7.61
C HIS A 231 3.54 -8.47 8.81
N ARG A 232 4.52 -8.32 9.71
CA ARG A 232 4.38 -7.34 10.78
C ARG A 232 4.30 -5.93 10.22
N LEU A 233 5.11 -5.65 9.21
CA LEU A 233 5.11 -4.33 8.59
C LEU A 233 3.80 -4.03 7.88
N GLY A 234 3.27 -5.01 7.15
CA GLY A 234 2.02 -4.78 6.45
C GLY A 234 0.87 -4.48 7.39
N LEU A 235 0.82 -5.18 8.52
CA LEU A 235 -0.21 -4.91 9.52
C LEU A 235 -0.01 -3.53 10.14
N LEU A 236 1.24 -3.16 10.42
CA LEU A 236 1.50 -1.91 11.13
C LEU A 236 1.38 -0.70 10.21
N LEU A 237 1.70 -0.85 8.93
CA LEU A 237 1.54 0.27 8.01
C LEU A 237 0.08 0.67 7.88
N SER A 238 -0.82 -0.32 7.83
CA SER A 238 -2.23 -0.02 7.65
C SER A 238 -2.86 0.52 8.93
N LEU A 239 -2.50 -0.06 10.07
CA LEU A 239 -3.00 0.46 11.34
C LEU A 239 -2.48 1.87 11.60
N SER A 240 -1.21 2.13 11.25
CA SER A 240 -0.66 3.47 11.36
C SER A 240 -1.35 4.42 10.39
N ALA A 241 -1.64 3.96 9.17
CA ALA A 241 -2.29 4.82 8.18
C ALA A 241 -3.65 5.28 8.67
N VAL A 242 -4.40 4.38 9.31
CA VAL A 242 -5.72 4.72 9.82
C VAL A 242 -5.62 5.52 11.09
N PHE A 243 -4.63 5.23 11.94
CA PHE A 243 -4.46 5.98 13.17
C PHE A 243 -4.22 7.46 12.90
N PHE A 244 -3.30 7.76 11.97
CA PHE A 244 -3.05 9.15 11.61
C PHE A 244 -4.14 9.71 10.72
N SER A 245 -4.94 8.85 10.10
CA SER A 245 -6.15 9.32 9.41
C SER A 245 -7.15 9.88 10.40
N ALA A 246 -7.44 9.12 11.46
CA ALA A 246 -8.40 9.59 12.46
C ALA A 246 -7.80 10.71 13.30
N LEU A 247 -6.48 10.75 13.42
CA LEU A 247 -5.83 11.83 14.17
C LEU A 247 -6.00 13.16 13.44
N CYS A 248 -5.93 13.16 12.12
CA CYS A 248 -5.94 14.41 11.37
C CYS A 248 -7.33 15.02 11.33
N MET A 249 -8.38 14.23 11.57
CA MET A 249 -9.73 14.74 11.55
C MET A 249 -10.29 15.03 12.94
N ILE A 250 -9.76 14.41 13.98
CA ILE A 250 -10.18 14.75 15.33
C ILE A 250 -9.55 16.06 15.78
N ILE A 251 -8.54 16.56 15.08
CA ILE A 251 -7.93 17.83 15.40
C ILE A 251 -8.37 18.95 14.46
N THR A 252 -9.12 18.62 13.42
CA THR A 252 -9.57 19.60 12.44
C THR A 252 -10.95 20.10 12.83
N GLY A 253 -11.07 21.40 13.10
CA GLY A 253 -12.32 21.98 13.52
C GLY A 253 -12.58 21.92 15.00
N THR A 254 -11.76 21.20 15.76
CA THR A 254 -11.83 21.17 17.21
C THR A 254 -10.65 21.87 17.86
N ILE A 255 -9.45 21.73 17.32
CA ILE A 255 -8.27 22.44 17.79
C ILE A 255 -7.77 23.43 16.75
N TRP A 256 -7.64 23.00 15.50
CA TRP A 256 -7.23 23.87 14.42
C TRP A 256 -8.47 24.31 13.65
N PHE A 257 -8.56 25.63 13.41
CA PHE A 257 -9.75 26.20 12.79
C PHE A 257 -9.46 26.99 11.51
N ASP A 258 -8.22 27.35 11.26
CA ASP A 258 -7.86 28.19 10.14
C ASP A 258 -7.24 27.36 9.02
N GLN A 259 -6.68 28.04 8.02
CA GLN A 259 -6.04 27.36 6.91
C GLN A 259 -4.87 26.52 7.39
N TRP A 260 -4.72 25.34 6.83
CA TRP A 260 -3.60 24.47 7.20
C TRP A 260 -2.29 24.92 6.60
N VAL A 261 -2.31 25.82 5.62
CA VAL A 261 -1.07 26.34 5.07
C VAL A 261 -0.35 27.21 6.09
N ASP A 262 -1.12 27.96 6.88
CA ASP A 262 -0.53 28.89 7.84
C ASP A 262 0.14 28.17 8.99
N TRP A 263 -0.15 26.89 9.21
CA TRP A 263 0.50 26.17 10.29
C TRP A 263 2.01 26.13 10.09
N TRP A 264 2.45 25.88 8.85
CA TRP A 264 3.86 25.71 8.54
C TRP A 264 4.64 27.00 8.62
N GLN A 265 4.02 28.11 9.00
CA GLN A 265 4.78 29.33 9.23
C GLN A 265 5.45 29.37 10.59
N TRP A 266 5.13 28.43 11.48
CA TRP A 266 5.87 28.36 12.73
C TRP A 266 7.32 27.96 12.50
N TRP A 267 7.57 27.11 11.51
CA TRP A 267 8.94 26.76 11.16
C TRP A 267 9.64 27.90 10.45
N VAL A 268 8.97 28.52 9.49
CA VAL A 268 9.60 29.56 8.69
C VAL A 268 9.78 30.86 9.46
N LYS A 269 9.16 30.98 10.63
CA LYS A 269 9.28 32.15 11.48
C LYS A 269 9.95 31.83 12.81
N LEU A 270 10.79 30.81 12.83
CA LEU A 270 11.61 30.54 13.99
C LEU A 270 12.55 31.72 14.21
N PRO A 271 12.79 32.11 15.46
CA PRO A 271 13.48 33.39 15.71
C PRO A 271 14.86 33.48 15.07
N TRP A 272 15.60 32.38 14.98
CA TRP A 272 16.97 32.45 14.51
C TRP A 272 17.12 32.53 13.00
N TRP A 273 16.04 32.35 12.23
CA TRP A 273 16.16 32.57 10.79
C TRP A 273 14.92 33.24 10.19
N ALA A 274 14.09 33.87 11.01
CA ALA A 274 12.89 34.51 10.51
C ALA A 274 13.18 35.75 9.69
N ASN A 275 14.33 36.38 9.90
CA ASN A 275 14.65 37.66 9.30
C ASN A 275 15.80 37.60 8.29
N ILE A 276 16.33 36.41 8.01
CA ILE A 276 17.41 36.30 7.04
C ILE A 276 16.83 36.53 5.65
N PRO A 277 17.33 37.51 4.89
CA PRO A 277 16.75 37.79 3.58
C PRO A 277 17.09 36.69 2.58
N GLY A 278 16.22 36.55 1.58
CA GLY A 278 16.42 35.61 0.50
C GLY A 278 15.45 34.44 0.59
N GLY A 279 15.59 33.55 -0.38
CA GLY A 279 14.75 32.38 -0.41
C GLY A 279 13.32 32.71 -0.83
N ILE A 280 12.41 31.82 -0.44
CA ILE A 280 11.02 31.91 -0.83
C ILE A 280 10.22 32.78 0.13
N ASN A 281 10.41 32.61 1.43
CA ASN A 281 9.61 33.31 2.43
C ASN A 281 10.30 34.52 3.01
N GLY A 282 11.62 34.54 3.06
CA GLY A 282 12.34 35.70 3.51
C GLY A 282 12.36 36.77 2.44
N ALA B 2 1.27 -11.48 30.68
CA ALA B 2 0.71 -10.97 29.44
C ALA B 2 0.89 -11.97 28.31
N GLU B 3 0.25 -11.70 27.17
CA GLU B 3 0.23 -12.63 26.05
C GLU B 3 1.05 -12.08 24.89
N TYR B 4 1.86 -12.94 24.30
CA TYR B 4 2.78 -12.54 23.23
C TYR B 4 2.02 -12.41 21.92
N GLN B 5 2.10 -11.24 21.30
CA GLN B 5 1.38 -10.96 20.07
C GLN B 5 2.25 -11.05 18.84
N ASN B 6 3.51 -11.43 18.98
CA ASN B 6 4.42 -11.66 17.86
C ASN B 6 4.57 -10.42 16.99
N ILE B 7 4.72 -9.25 17.62
CA ILE B 7 4.90 -8.01 16.88
C ILE B 7 6.35 -7.56 16.98
N PHE B 8 7.02 -7.90 18.07
CA PHE B 8 8.44 -7.64 18.20
C PHE B 8 9.14 -8.92 18.66
N THR B 9 10.32 -9.16 18.10
CA THR B 9 11.08 -10.35 18.51
C THR B 9 11.64 -10.13 19.90
N GLN B 10 11.22 -10.96 20.86
CA GLN B 10 11.69 -10.81 22.23
C GLN B 10 13.13 -11.28 22.39
N VAL B 11 13.57 -12.21 21.55
CA VAL B 11 14.94 -12.73 21.58
C VAL B 11 15.51 -12.69 20.18
N GLN B 12 16.72 -12.19 20.04
CA GLN B 12 17.42 -12.15 18.76
C GLN B 12 18.55 -13.16 18.76
N VAL B 13 18.70 -13.89 17.66
CA VAL B 13 19.77 -14.85 17.48
C VAL B 13 20.52 -14.48 16.22
N ARG B 14 21.86 -14.41 16.32
CA ARG B 14 22.70 -13.95 15.22
C ARG B 14 23.84 -14.93 15.00
N GLY B 15 24.12 -15.23 13.74
CA GLY B 15 25.19 -16.12 13.39
C GLY B 15 26.04 -15.60 12.25
N PRO B 16 26.53 -16.52 11.41
CA PRO B 16 27.28 -16.09 10.23
C PRO B 16 26.44 -15.26 9.28
N ALA B 17 27.10 -14.34 8.58
CA ALA B 17 26.40 -13.46 7.66
C ALA B 17 25.95 -14.23 6.43
N ASP B 18 24.67 -14.09 6.09
CA ASP B 18 24.08 -14.82 4.96
C ASP B 18 24.48 -14.12 3.66
N LEU B 19 25.32 -14.78 2.87
CA LEU B 19 25.82 -14.21 1.62
C LEU B 19 24.91 -14.49 0.43
N GLY B 20 23.80 -15.19 0.64
CA GLY B 20 22.86 -15.44 -0.44
C GLY B 20 23.26 -16.62 -1.30
N MET B 21 22.43 -16.90 -2.30
CA MET B 21 22.64 -18.03 -3.21
C MET B 21 22.95 -17.55 -4.61
N THR B 22 23.88 -18.24 -5.25
CA THR B 22 24.38 -17.87 -6.58
C THR B 22 23.79 -18.82 -7.62
N GLU B 23 22.55 -18.56 -8.00
CA GLU B 23 21.93 -19.37 -9.05
C GLU B 23 22.59 -19.10 -10.39
N ASP B 24 22.50 -17.87 -10.87
CA ASP B 24 23.23 -17.43 -12.07
C ASP B 24 23.88 -16.08 -11.82
N VAL B 25 23.90 -15.62 -10.57
CA VAL B 25 24.37 -14.28 -10.25
C VAL B 25 25.85 -14.17 -10.54
N ASN B 26 26.24 -13.08 -11.17
CA ASN B 26 27.65 -12.75 -11.32
C ASN B 26 28.17 -12.35 -9.95
N LEU B 27 28.85 -13.28 -9.27
CA LEU B 27 29.24 -13.07 -7.88
C LEU B 27 30.28 -11.98 -7.71
N ALA B 28 30.90 -11.51 -8.80
CA ALA B 28 31.81 -10.38 -8.69
C ALA B 28 31.06 -9.11 -8.33
N ASN B 29 29.93 -8.86 -8.97
CA ASN B 29 29.21 -7.60 -8.77
C ASN B 29 28.64 -7.50 -7.36
N ARG B 30 28.31 -8.62 -6.74
CA ARG B 30 27.74 -8.60 -5.40
C ARG B 30 28.80 -8.21 -4.37
N SER B 31 28.45 -7.26 -3.51
CA SER B 31 29.40 -6.70 -2.56
C SER B 31 29.54 -7.62 -1.34
N GLY B 32 30.15 -7.11 -0.27
CA GLY B 32 30.28 -7.84 0.97
C GLY B 32 29.23 -7.43 1.98
N VAL B 33 29.02 -8.31 2.97
CA VAL B 33 27.94 -8.10 3.93
C VAL B 33 28.26 -6.92 4.82
N GLY B 34 27.30 -6.02 4.98
CA GLY B 34 27.46 -4.84 5.79
C GLY B 34 27.20 -5.12 7.26
N PRO B 35 26.85 -4.09 8.01
CA PRO B 35 26.70 -4.22 9.46
C PRO B 35 25.42 -4.95 9.82
N PHE B 36 25.26 -5.19 11.12
CA PHE B 36 24.04 -5.76 11.68
C PHE B 36 23.40 -4.73 12.60
N SER B 37 22.11 -4.49 12.39
CA SER B 37 21.37 -3.50 13.16
C SER B 37 20.54 -4.20 14.23
N THR B 38 20.82 -3.89 15.50
CA THR B 38 20.02 -4.44 16.58
C THR B 38 18.63 -3.82 16.59
N LEU B 39 18.52 -2.54 16.24
CA LEU B 39 17.23 -1.87 16.23
C LEU B 39 16.30 -2.46 15.18
N LEU B 40 16.82 -2.71 13.98
CA LEU B 40 16.01 -3.37 12.95
C LEU B 40 15.72 -4.81 13.31
N GLY B 41 16.58 -5.44 14.12
CA GLY B 41 16.36 -6.80 14.55
C GLY B 41 15.17 -6.98 15.47
N TRP B 42 14.74 -5.91 16.13
CA TRP B 42 13.54 -6.00 16.95
C TRP B 42 12.29 -6.18 16.11
N PHE B 43 12.35 -5.90 14.82
CA PHE B 43 11.19 -5.98 13.94
C PHE B 43 11.36 -6.99 12.82
N GLY B 44 12.53 -7.02 12.18
CA GLY B 44 12.79 -7.98 11.13
C GLY B 44 14.24 -8.46 11.13
N ASN B 45 14.79 -8.71 9.95
CA ASN B 45 16.19 -9.12 9.86
C ASN B 45 17.11 -7.99 10.27
N ALA B 46 18.28 -8.36 10.77
CA ALA B 46 19.27 -7.39 11.21
C ALA B 46 20.37 -7.14 10.19
N GLN B 47 20.49 -7.99 9.18
CA GLN B 47 21.62 -7.92 8.26
C GLN B 47 21.35 -6.93 7.14
N LEU B 48 22.30 -6.03 6.90
CA LEU B 48 22.25 -5.05 5.82
C LEU B 48 23.25 -5.48 4.76
N GLY B 49 22.78 -5.65 3.53
CA GLY B 49 23.63 -6.06 2.44
C GLY B 49 23.78 -7.57 2.39
N PRO B 50 24.49 -8.08 1.39
CA PRO B 50 25.15 -7.35 0.30
C PRO B 50 24.20 -6.91 -0.80
N ILE B 51 24.62 -5.95 -1.62
CA ILE B 51 23.80 -5.40 -2.68
C ILE B 51 24.49 -5.63 -4.01
N TYR B 52 23.70 -5.96 -5.04
CA TYR B 52 24.22 -6.20 -6.38
C TYR B 52 24.20 -4.89 -7.16
N LEU B 53 25.38 -4.42 -7.55
CA LEU B 53 25.52 -3.19 -8.33
C LEU B 53 26.26 -3.55 -9.61
N GLY B 54 25.50 -3.81 -10.68
CA GLY B 54 26.08 -4.19 -11.94
C GLY B 54 26.11 -3.08 -12.96
N SER B 55 25.63 -3.36 -14.17
CA SER B 55 25.65 -2.39 -15.25
C SER B 55 24.46 -1.44 -15.19
N LEU B 56 23.26 -1.99 -14.97
CA LEU B 56 22.09 -1.14 -14.81
C LEU B 56 22.06 -0.48 -13.45
N GLY B 57 22.79 -1.04 -12.48
CA GLY B 57 22.92 -0.36 -11.20
C GLY B 57 23.75 0.91 -11.31
N VAL B 58 24.82 0.86 -12.11
CA VAL B 58 25.64 2.05 -12.32
C VAL B 58 24.85 3.12 -13.06
N LEU B 59 24.15 2.73 -14.12
CA LEU B 59 23.38 3.70 -14.90
C LEU B 59 22.26 4.32 -14.08
N SER B 60 21.58 3.50 -13.27
CA SER B 60 20.45 4.00 -12.49
C SER B 60 20.91 4.85 -11.31
N LEU B 61 21.97 4.42 -10.61
CA LEU B 61 22.43 5.16 -9.45
C LEU B 61 23.10 6.46 -9.83
N PHE B 62 23.81 6.49 -10.96
CA PHE B 62 24.45 7.73 -11.37
C PHE B 62 23.45 8.70 -11.98
N SER B 63 22.47 8.19 -12.74
CA SER B 63 21.41 9.05 -13.23
C SER B 63 20.52 9.54 -12.10
N GLY B 64 20.21 8.67 -11.15
CA GLY B 64 19.43 9.08 -9.99
C GLY B 64 20.17 10.08 -9.14
N LEU B 65 21.50 9.96 -9.09
CA LEU B 65 22.32 10.94 -8.40
C LEU B 65 22.25 12.30 -9.09
N MET B 66 22.31 12.31 -10.41
CA MET B 66 22.26 13.57 -11.15
C MET B 66 20.90 14.23 -11.02
N TRP B 67 19.82 13.46 -11.08
CA TRP B 67 18.49 14.01 -10.85
C TRP B 67 18.40 14.63 -9.46
N PHE B 68 18.86 13.89 -8.45
CA PHE B 68 18.81 14.39 -7.08
C PHE B 68 19.72 15.60 -6.89
N PHE B 69 20.92 15.56 -7.48
CA PHE B 69 21.87 16.65 -7.28
C PHE B 69 21.49 17.89 -8.07
N THR B 70 20.86 17.73 -9.24
CA THR B 70 20.40 18.88 -10.01
C THR B 70 19.35 19.68 -9.25
N ILE B 71 18.38 18.98 -8.65
CA ILE B 71 17.35 19.66 -7.88
C ILE B 71 17.94 20.32 -6.65
N GLY B 72 18.96 19.69 -6.06
CA GLY B 72 19.59 20.27 -4.88
C GLY B 72 20.31 21.57 -5.18
N ILE B 73 21.02 21.63 -6.30
CA ILE B 73 21.76 22.84 -6.65
C ILE B 73 20.80 23.96 -6.99
N TRP B 74 19.69 23.64 -7.65
CA TRP B 74 18.67 24.67 -7.90
C TRP B 74 18.11 25.20 -6.59
N PHE B 75 18.01 24.35 -5.57
CA PHE B 75 17.51 24.81 -4.28
C PHE B 75 18.54 25.68 -3.57
N TRP B 76 19.83 25.38 -3.76
CA TRP B 76 20.87 26.26 -3.20
C TRP B 76 20.89 27.59 -3.92
N TYR B 77 20.69 27.59 -5.24
CA TYR B 77 20.55 28.84 -5.97
C TYR B 77 19.33 29.61 -5.51
N GLN B 78 18.21 28.91 -5.32
CA GLN B 78 16.98 29.56 -4.86
C GLN B 78 17.09 30.07 -3.43
N ALA B 79 18.05 29.56 -2.66
CA ALA B 79 18.29 30.03 -1.30
C ALA B 79 19.33 31.13 -1.24
N GLY B 80 19.84 31.59 -2.39
CA GLY B 80 20.89 32.57 -2.37
C GLY B 80 22.19 32.06 -1.78
N TRP B 81 22.39 30.74 -1.79
CA TRP B 81 23.58 30.09 -1.23
C TRP B 81 23.72 30.37 0.27
N ASN B 82 22.59 30.40 0.97
CA ASN B 82 22.61 30.59 2.41
C ASN B 82 22.21 29.29 3.08
N PRO B 83 23.10 28.67 3.86
CA PRO B 83 22.73 27.40 4.52
C PRO B 83 21.52 27.52 5.43
N ALA B 84 21.35 28.65 6.11
CA ALA B 84 20.18 28.81 6.97
C ALA B 84 18.90 28.99 6.15
N VAL B 85 18.96 29.79 5.09
CA VAL B 85 17.79 29.98 4.25
C VAL B 85 17.41 28.68 3.53
N PHE B 86 18.41 27.90 3.13
CA PHE B 86 18.12 26.60 2.53
C PHE B 86 17.38 25.70 3.51
N LEU B 87 17.84 25.67 4.77
CA LEU B 87 17.14 24.88 5.78
C LEU B 87 15.74 25.41 6.04
N ARG B 88 15.59 26.72 6.08
CA ARG B 88 14.30 27.32 6.41
C ARG B 88 13.25 27.01 5.35
N ASP B 89 13.59 27.24 4.08
CA ASP B 89 12.63 27.15 2.98
C ASP B 89 12.78 25.87 2.19
N LEU B 90 13.23 24.78 2.82
CA LEU B 90 13.48 23.55 2.07
C LEU B 90 12.20 23.00 1.47
N PHE B 91 11.10 23.04 2.21
CA PHE B 91 9.84 22.52 1.72
C PHE B 91 9.12 23.48 0.79
N PHE B 92 9.64 24.69 0.60
CA PHE B 92 9.03 25.67 -0.29
C PHE B 92 9.75 25.82 -1.63
N PHE B 93 11.01 25.40 -1.72
CA PHE B 93 11.74 25.47 -2.98
C PHE B 93 11.11 24.53 -4.00
N SER B 94 11.24 24.88 -5.28
CA SER B 94 10.69 24.04 -6.33
C SER B 94 11.39 24.29 -7.65
N LEU B 95 11.58 23.22 -8.40
CA LEU B 95 12.03 23.27 -9.78
C LEU B 95 10.83 23.03 -10.67
N GLU B 96 10.47 24.03 -11.47
CA GLU B 96 9.20 24.05 -12.18
C GLU B 96 9.39 23.79 -13.68
N PRO B 97 8.39 23.21 -14.34
CA PRO B 97 8.47 23.00 -15.78
C PRO B 97 8.36 24.31 -16.53
N PRO B 98 8.70 24.33 -17.82
CA PRO B 98 8.67 25.59 -18.56
C PRO B 98 7.27 26.17 -18.71
N ALA B 99 7.23 27.47 -18.97
CA ALA B 99 5.97 28.19 -19.06
C ALA B 99 5.15 27.67 -20.24
N PRO B 100 3.82 27.75 -20.16
CA PRO B 100 2.98 27.21 -21.25
C PRO B 100 3.17 27.91 -22.58
N GLU B 101 3.85 29.05 -22.61
CA GLU B 101 4.08 29.75 -23.87
C GLU B 101 5.02 28.96 -24.79
N TYR B 102 5.92 28.17 -24.22
CA TYR B 102 6.86 27.37 -25.00
C TYR B 102 6.25 26.07 -25.52
N GLY B 103 5.12 25.65 -24.99
CA GLY B 103 4.55 24.38 -25.40
C GLY B 103 5.48 23.24 -25.05
N LEU B 104 5.72 22.36 -26.02
CA LEU B 104 6.62 21.22 -25.84
C LEU B 104 8.04 21.51 -26.31
N SER B 105 8.32 22.75 -26.71
CA SER B 105 9.65 23.08 -27.23
C SER B 105 10.68 23.05 -26.12
N PHE B 106 11.92 22.78 -26.51
CA PHE B 106 13.04 22.68 -25.59
C PHE B 106 13.83 23.98 -25.50
N ALA B 107 13.29 25.07 -26.03
CA ALA B 107 13.97 26.36 -26.02
C ALA B 107 13.57 27.23 -24.84
N ALA B 108 13.63 26.67 -23.65
CA ALA B 108 13.31 27.49 -22.48
C ALA B 108 14.56 27.72 -21.65
N PRO B 109 14.76 28.92 -21.11
CA PRO B 109 16.00 29.20 -20.39
C PRO B 109 16.13 28.35 -19.13
N LEU B 110 17.38 28.11 -18.72
CA LEU B 110 17.64 27.20 -17.61
C LEU B 110 16.95 27.63 -16.34
N LYS B 111 16.65 28.91 -16.18
CA LYS B 111 15.91 29.41 -15.03
C LYS B 111 14.41 29.43 -15.24
N GLU B 112 13.93 29.04 -16.42
CA GLU B 112 12.52 29.07 -16.75
C GLU B 112 12.06 27.74 -17.32
N GLY B 113 12.48 26.65 -16.69
CA GLY B 113 12.12 25.33 -17.13
C GLY B 113 13.15 24.60 -17.96
N GLY B 114 14.39 25.06 -17.99
CA GLY B 114 15.43 24.35 -18.68
C GLY B 114 16.08 23.30 -17.81
N LEU B 115 16.34 23.64 -16.54
CA LEU B 115 16.88 22.67 -15.61
C LEU B 115 15.86 21.59 -15.30
N TRP B 116 14.57 21.91 -15.39
CA TRP B 116 13.54 20.90 -15.22
C TRP B 116 13.67 19.81 -16.27
N LEU B 117 13.92 20.20 -17.52
CA LEU B 117 14.11 19.21 -18.58
C LEU B 117 15.38 18.39 -18.36
N ILE B 118 16.44 19.02 -17.86
CA ILE B 118 17.66 18.27 -17.56
C ILE B 118 17.43 17.30 -16.42
N ALA B 119 16.81 17.77 -15.34
CA ALA B 119 16.51 16.88 -14.22
C ALA B 119 15.54 15.79 -14.62
N SER B 120 14.57 16.12 -15.47
CA SER B 120 13.60 15.13 -15.91
C SER B 120 14.24 14.03 -16.72
N PHE B 121 15.22 14.37 -17.57
CA PHE B 121 15.92 13.35 -18.32
C PHE B 121 16.69 12.41 -17.39
N PHE B 122 17.34 12.95 -16.37
CA PHE B 122 18.03 12.10 -15.40
C PHE B 122 17.07 11.18 -14.68
N MET B 123 15.87 11.68 -14.36
CA MET B 123 14.87 10.84 -13.72
C MET B 123 14.34 9.79 -14.67
N PHE B 124 14.19 10.13 -15.95
CA PHE B 124 13.71 9.17 -16.94
C PHE B 124 14.68 8.00 -17.07
N VAL B 125 15.97 8.29 -17.12
CA VAL B 125 16.98 7.24 -17.25
C VAL B 125 17.07 6.43 -15.96
N ALA B 126 16.98 7.10 -14.81
CA ALA B 126 17.18 6.41 -13.54
C ALA B 126 16.04 5.47 -13.22
N VAL B 127 14.80 5.91 -13.46
CA VAL B 127 13.66 5.06 -13.12
C VAL B 127 13.56 3.88 -14.08
N TRP B 128 13.73 4.12 -15.37
CA TRP B 128 13.59 3.04 -16.35
C TRP B 128 14.73 2.05 -16.26
N SER B 129 15.94 2.52 -15.96
CA SER B 129 17.06 1.60 -15.75
C SER B 129 16.84 0.75 -14.51
N TRP B 130 16.17 1.30 -13.50
CA TRP B 130 15.89 0.52 -12.31
C TRP B 130 14.86 -0.56 -12.56
N TRP B 131 13.92 -0.31 -13.49
CA TRP B 131 13.01 -1.37 -13.88
C TRP B 131 13.75 -2.51 -14.58
N GLY B 132 14.71 -2.17 -15.43
CA GLY B 132 15.53 -3.20 -16.05
C GLY B 132 16.33 -3.98 -15.02
N ARG B 133 16.89 -3.28 -14.04
CA ARG B 133 17.61 -3.94 -12.96
C ARG B 133 16.67 -4.81 -12.13
N THR B 134 15.45 -4.34 -11.89
CA THR B 134 14.46 -5.16 -11.18
C THR B 134 14.12 -6.42 -11.96
N TYR B 135 14.03 -6.31 -13.29
CA TYR B 135 13.80 -7.48 -14.12
C TYR B 135 14.99 -8.42 -14.11
N LEU B 136 16.20 -7.88 -14.26
CA LEU B 136 17.38 -8.73 -14.42
C LEU B 136 17.78 -9.39 -13.11
N ARG B 137 17.51 -8.76 -11.98
CA ARG B 137 17.83 -9.37 -10.70
C ARG B 137 16.98 -10.61 -10.45
N ALA B 138 15.73 -10.59 -10.90
CA ALA B 138 14.88 -11.77 -10.77
C ALA B 138 15.35 -12.89 -11.70
N GLN B 139 15.79 -12.53 -12.90
CA GLN B 139 16.18 -13.53 -13.89
C GLN B 139 17.39 -14.33 -13.43
N ALA B 140 18.36 -13.65 -12.83
CA ALA B 140 19.58 -14.33 -12.39
C ALA B 140 19.29 -15.37 -11.30
N LEU B 141 18.20 -15.22 -10.57
CA LEU B 141 17.82 -16.18 -9.54
C LEU B 141 16.79 -17.19 -10.05
N GLY B 142 16.44 -17.13 -11.32
CA GLY B 142 15.45 -18.05 -11.88
C GLY B 142 14.06 -17.86 -11.32
N MET B 143 13.69 -16.64 -10.98
CA MET B 143 12.41 -16.34 -10.37
C MET B 143 11.48 -15.70 -11.39
N GLY B 144 10.20 -15.66 -11.03
CA GLY B 144 9.23 -15.02 -11.90
C GLY B 144 9.42 -13.52 -11.97
N LYS B 145 8.83 -12.92 -12.99
CA LYS B 145 9.00 -11.51 -13.28
C LYS B 145 7.90 -10.64 -12.69
N HIS B 146 7.22 -11.14 -11.65
CA HIS B 146 6.07 -10.42 -11.11
C HIS B 146 6.47 -9.06 -10.55
N THR B 147 7.67 -8.97 -9.96
CA THR B 147 8.13 -7.70 -9.43
C THR B 147 8.34 -6.68 -10.54
N ALA B 148 8.89 -7.11 -11.67
CA ALA B 148 9.15 -6.21 -12.78
C ALA B 148 7.83 -5.69 -13.37
N TRP B 149 6.85 -6.57 -13.54
CA TRP B 149 5.60 -6.15 -14.15
C TRP B 149 4.70 -5.39 -13.18
N ALA B 150 4.81 -5.66 -11.88
CA ALA B 150 4.10 -4.84 -10.91
C ALA B 150 4.71 -3.44 -10.82
N PHE B 151 6.04 -3.35 -10.90
CA PHE B 151 6.70 -2.05 -10.94
C PHE B 151 6.27 -1.28 -12.18
N LEU B 152 6.08 -1.97 -13.30
CA LEU B 152 5.67 -1.32 -14.54
C LEU B 152 4.32 -0.64 -14.40
N SER B 153 3.47 -1.12 -13.49
CA SER B 153 2.20 -0.45 -13.22
C SER B 153 2.42 0.91 -12.56
N ALA B 154 3.36 0.98 -11.63
CA ALA B 154 3.67 2.25 -10.98
C ALA B 154 4.39 3.21 -11.92
N ILE B 155 5.25 2.67 -12.80
CA ILE B 155 5.89 3.49 -13.82
C ILE B 155 4.86 4.06 -14.77
N TRP B 156 3.75 3.36 -14.98
CA TRP B 156 2.72 3.83 -15.89
C TRP B 156 2.13 5.16 -15.40
N LEU B 157 1.76 5.23 -14.14
CA LEU B 157 1.27 6.49 -13.58
C LEU B 157 2.36 7.56 -13.58
N TRP B 158 3.60 7.15 -13.33
CA TRP B 158 4.72 8.08 -13.34
C TRP B 158 4.94 8.67 -14.73
N MET B 159 4.82 7.84 -15.78
CA MET B 159 4.99 8.32 -17.14
C MET B 159 3.78 9.13 -17.61
N VAL B 160 2.58 8.82 -17.12
CA VAL B 160 1.42 9.61 -17.49
C VAL B 160 1.52 11.00 -16.90
N LEU B 161 1.95 11.10 -15.64
CA LEU B 161 2.01 12.40 -14.97
C LEU B 161 3.03 13.32 -15.64
N GLY B 162 4.21 12.81 -15.96
CA GLY B 162 5.29 13.67 -16.35
C GLY B 162 5.65 13.70 -17.81
N PHE B 163 5.34 12.63 -18.55
CA PHE B 163 5.74 12.53 -19.95
C PHE B 163 4.57 12.41 -20.91
N ILE B 164 3.70 11.41 -20.73
CA ILE B 164 2.72 11.07 -21.77
C ILE B 164 1.66 12.16 -21.88
N ARG B 165 1.06 12.54 -20.77
CA ARG B 165 0.00 13.55 -20.79
C ARG B 165 0.52 14.92 -21.22
N PRO B 166 1.66 15.40 -20.71
CA PRO B 166 2.18 16.69 -21.22
C PRO B 166 2.44 16.69 -22.71
N ILE B 167 2.80 15.55 -23.30
CA ILE B 167 2.91 15.46 -24.76
C ILE B 167 1.53 15.59 -25.40
N LEU B 168 0.53 14.91 -24.82
CA LEU B 168 -0.81 14.94 -25.41
C LEU B 168 -1.50 16.28 -25.21
N MET B 169 -1.15 17.00 -24.15
CA MET B 169 -1.67 18.35 -23.92
C MET B 169 -0.88 19.41 -24.66
N GLY B 170 0.28 19.06 -25.22
CA GLY B 170 1.04 19.97 -26.04
C GLY B 170 1.92 20.96 -25.30
N SER B 171 2.16 20.74 -24.00
CA SER B 171 3.02 21.65 -23.26
C SER B 171 3.61 20.96 -22.05
N TRP B 172 4.90 21.23 -21.78
CA TRP B 172 5.55 20.69 -20.59
C TRP B 172 5.03 21.34 -19.32
N SER B 173 4.32 22.47 -19.42
CA SER B 173 3.81 23.14 -18.24
C SER B 173 2.76 22.31 -17.51
N GLU B 174 2.24 21.27 -18.15
CA GLU B 174 1.27 20.37 -17.53
C GLU B 174 1.89 19.40 -16.56
N ALA B 175 3.21 19.33 -16.49
CA ALA B 175 3.90 18.29 -15.74
C ALA B 175 4.12 18.72 -14.28
N VAL B 176 4.69 17.82 -13.49
CA VAL B 176 4.75 17.98 -12.04
C VAL B 176 6.05 18.67 -11.63
N PRO B 177 5.98 19.74 -10.84
CA PRO B 177 7.20 20.38 -10.37
C PRO B 177 7.91 19.58 -9.28
N TYR B 178 9.21 19.75 -9.19
CA TYR B 178 10.04 18.97 -8.26
C TYR B 178 10.16 19.75 -6.96
N GLY B 179 9.24 19.50 -6.04
CA GLY B 179 9.28 20.12 -4.74
C GLY B 179 8.35 19.40 -3.80
N ILE B 180 8.44 19.76 -2.52
CA ILE B 180 7.64 19.09 -1.50
C ILE B 180 6.25 19.72 -1.42
N PHE B 181 6.19 21.00 -1.07
CA PHE B 181 4.91 21.69 -1.10
C PHE B 181 4.49 22.04 -2.51
N SER B 182 5.42 22.00 -3.45
CA SER B 182 5.14 22.41 -4.82
C SER B 182 4.25 21.39 -5.53
N HIS B 183 4.59 20.11 -5.41
CA HIS B 183 3.80 19.09 -6.09
C HIS B 183 2.51 18.78 -5.34
N LEU B 184 2.36 19.28 -4.12
CA LEU B 184 1.06 19.24 -3.46
C LEU B 184 0.13 20.30 -4.04
N ASP B 185 0.66 21.50 -4.30
CA ASP B 185 -0.14 22.53 -4.95
C ASP B 185 -0.54 22.10 -6.36
N TRP B 186 0.37 21.46 -7.08
CA TRP B 186 0.04 20.94 -8.41
C TRP B 186 -1.12 19.96 -8.33
N THR B 187 -1.10 19.07 -7.34
CA THR B 187 -2.17 18.11 -7.16
C THR B 187 -3.49 18.81 -6.84
N ASN B 188 -3.45 19.80 -5.94
CA ASN B 188 -4.68 20.52 -5.60
C ASN B 188 -5.20 21.31 -6.78
N ASN B 189 -4.32 21.94 -7.54
CA ASN B 189 -4.75 22.75 -8.67
C ASN B 189 -5.17 21.89 -9.86
N PHE B 190 -4.63 20.69 -9.99
CA PHE B 190 -5.03 19.79 -11.08
C PHE B 190 -6.51 19.43 -10.97
N SER B 191 -6.99 19.21 -9.74
CA SER B 191 -8.40 18.91 -9.54
C SER B 191 -9.26 20.12 -9.85
N LEU B 192 -8.85 21.31 -9.42
CA LEU B 192 -9.66 22.50 -9.61
C LEU B 192 -9.79 22.87 -11.08
N VAL B 193 -8.74 22.61 -11.87
CA VAL B 193 -8.78 22.95 -13.28
C VAL B 193 -9.73 22.04 -14.04
N HIS B 194 -9.86 20.79 -13.60
CA HIS B 194 -10.67 19.79 -14.27
C HIS B 194 -11.98 19.52 -13.54
N GLY B 195 -12.39 20.40 -12.64
CA GLY B 195 -13.70 20.31 -12.03
C GLY B 195 -13.93 19.15 -11.09
N ASN B 196 -13.28 19.17 -9.93
CA ASN B 196 -13.55 18.20 -8.87
C ASN B 196 -13.26 16.77 -9.33
N LEU B 197 -11.96 16.47 -9.40
CA LEU B 197 -11.47 15.16 -9.78
C LEU B 197 -12.11 14.01 -9.03
N PHE B 198 -12.81 14.30 -7.93
CA PHE B 198 -13.55 13.26 -7.22
C PHE B 198 -14.51 12.53 -8.13
N TYR B 199 -15.05 13.21 -9.13
CA TYR B 199 -16.04 12.63 -10.03
C TYR B 199 -15.40 11.97 -11.24
N ASN B 200 -14.09 11.84 -11.27
CA ASN B 200 -13.43 11.01 -12.26
C ASN B 200 -13.67 9.55 -11.88
N PRO B 201 -14.27 8.74 -12.74
CA PRO B 201 -14.54 7.34 -12.37
C PRO B 201 -13.29 6.54 -12.07
N PHE B 202 -12.16 6.88 -12.69
CA PHE B 202 -10.95 6.12 -12.46
C PHE B 202 -10.20 6.60 -11.23
N HIS B 203 -10.31 7.88 -10.89
CA HIS B 203 -9.82 8.32 -9.59
C HIS B 203 -10.62 7.64 -8.48
N GLY B 204 -11.93 7.51 -8.67
CA GLY B 204 -12.73 6.76 -7.71
C GLY B 204 -12.32 5.30 -7.60
N LEU B 205 -12.09 4.66 -8.75
CA LEU B 205 -11.61 3.28 -8.73
C LEU B 205 -10.21 3.19 -8.13
N SER B 206 -9.33 4.10 -8.50
CA SER B 206 -7.96 4.09 -7.97
C SER B 206 -7.95 4.17 -6.46
N ILE B 207 -8.87 4.95 -5.88
CA ILE B 207 -9.00 5.04 -4.43
C ILE B 207 -9.56 3.75 -3.86
N ALA B 208 -10.44 3.08 -4.61
CA ALA B 208 -11.00 1.82 -4.15
C ALA B 208 -9.91 0.77 -3.95
N PHE B 209 -8.83 0.85 -4.72
CA PHE B 209 -7.75 -0.11 -4.59
C PHE B 209 -6.65 0.38 -3.66
N LEU B 210 -6.59 1.68 -3.38
CA LEU B 210 -5.69 2.15 -2.34
C LEU B 210 -6.24 1.82 -0.96
N TYR B 211 -7.55 1.97 -0.78
CA TYR B 211 -8.19 1.48 0.43
C TYR B 211 -8.23 -0.04 0.44
N GLY B 212 -8.39 -0.65 -0.73
CA GLY B 212 -8.41 -2.10 -0.80
C GLY B 212 -7.06 -2.71 -0.47
N SER B 213 -5.98 -2.05 -0.89
CA SER B 213 -4.65 -2.51 -0.52
C SER B 213 -4.44 -2.39 0.98
N ALA B 214 -4.87 -1.27 1.56
CA ALA B 214 -4.76 -1.09 3.01
C ALA B 214 -5.63 -2.09 3.76
N LEU B 215 -6.84 -2.33 3.25
CA LEU B 215 -7.69 -3.36 3.82
C LEU B 215 -7.07 -4.73 3.68
N LEU B 216 -6.48 -5.02 2.52
CA LEU B 216 -6.00 -6.37 2.27
C LEU B 216 -4.72 -6.68 3.02
N PHE B 217 -3.83 -5.70 3.18
CA PHE B 217 -2.59 -5.98 3.89
C PHE B 217 -2.80 -6.04 5.39
N ALA B 218 -3.76 -5.27 5.91
CA ALA B 218 -4.12 -5.42 7.31
C ALA B 218 -4.74 -6.79 7.56
N MET B 219 -5.58 -7.26 6.64
CA MET B 219 -6.17 -8.59 6.77
C MET B 219 -5.11 -9.67 6.66
N HIS B 220 -4.27 -9.60 5.62
CA HIS B 220 -3.27 -10.64 5.40
C HIS B 220 -2.19 -10.61 6.45
N GLY B 221 -1.73 -9.42 6.82
CA GLY B 221 -0.70 -9.33 7.85
C GLY B 221 -1.19 -9.78 9.21
N ALA B 222 -2.46 -9.50 9.52
CA ALA B 222 -3.01 -9.95 10.79
C ALA B 222 -3.29 -11.44 10.77
N THR B 223 -3.68 -11.97 9.61
CA THR B 223 -3.95 -13.40 9.50
C THR B 223 -2.69 -14.22 9.72
N ILE B 224 -1.58 -13.80 9.12
CA ILE B 224 -0.34 -14.56 9.22
C ILE B 224 0.22 -14.50 10.64
N LEU B 225 0.20 -13.31 11.25
CA LEU B 225 0.66 -13.22 12.64
C LEU B 225 -0.25 -14.00 13.58
N ALA B 226 -1.52 -14.17 13.21
CA ALA B 226 -2.42 -14.98 14.02
C ALA B 226 -2.07 -16.46 13.93
N VAL B 227 -1.78 -16.95 12.72
CA VAL B 227 -1.42 -18.35 12.53
C VAL B 227 0.10 -18.53 12.47
N SER B 228 0.86 -17.53 12.91
CA SER B 228 2.31 -17.68 13.00
C SER B 228 2.73 -18.70 14.04
N ARG B 229 1.87 -18.97 15.02
CA ARG B 229 2.16 -19.99 16.03
C ARG B 229 2.21 -21.39 15.43
N PHE B 230 1.59 -21.60 14.27
CA PHE B 230 1.63 -22.88 13.58
C PHE B 230 2.63 -22.89 12.44
N GLY B 231 3.64 -22.02 12.50
CA GLY B 231 4.58 -21.88 11.39
C GLY B 231 3.95 -21.31 10.14
N GLY B 232 3.11 -20.29 10.28
CA GLY B 232 2.40 -19.73 9.15
C GLY B 232 3.14 -18.66 8.39
N GLU B 233 4.19 -18.09 9.00
CA GLU B 233 4.94 -17.03 8.33
C GLU B 233 5.67 -17.55 7.10
N ARG B 234 6.16 -18.79 7.15
CA ARG B 234 6.82 -19.39 5.99
C ARG B 234 5.73 -19.83 5.02
N GLU B 235 5.23 -18.86 4.25
CA GLU B 235 4.16 -19.14 3.30
C GLU B 235 4.64 -20.01 2.15
N LEU B 236 5.93 -19.95 1.82
CA LEU B 236 6.44 -20.72 0.69
C LEU B 236 6.35 -22.22 0.95
N GLU B 237 6.66 -22.65 2.16
CA GLU B 237 6.58 -24.08 2.49
C GLU B 237 5.16 -24.51 2.80
N GLN B 238 4.25 -23.57 3.08
CA GLN B 238 2.85 -23.92 3.19
C GLN B 238 2.26 -24.26 1.83
N ILE B 239 2.73 -23.59 0.78
CA ILE B 239 2.26 -23.88 -0.57
C ILE B 239 2.66 -25.28 -0.98
N ALA B 240 3.90 -25.67 -0.68
CA ALA B 240 4.39 -27.00 -1.07
C ALA B 240 3.69 -28.09 -0.27
N ASP B 241 3.56 -27.91 1.04
CA ASP B 241 2.95 -28.92 1.91
C ASP B 241 2.02 -28.19 2.87
N ARG B 242 0.72 -28.21 2.56
CA ARG B 242 -0.25 -27.48 3.35
C ARG B 242 -0.26 -27.97 4.78
N GLY B 243 -0.23 -27.04 5.73
CA GLY B 243 -0.21 -27.37 7.13
C GLY B 243 -1.40 -26.80 7.86
N THR B 244 -1.42 -26.93 9.19
CA THR B 244 -2.56 -26.47 9.96
C THR B 244 -2.66 -24.94 10.01
N ALA B 245 -1.57 -24.23 9.72
CA ALA B 245 -1.64 -22.78 9.64
C ALA B 245 -2.49 -22.33 8.46
N ALA B 246 -2.27 -22.95 7.30
CA ALA B 246 -3.01 -22.55 6.10
C ALA B 246 -4.47 -22.96 6.20
N GLU B 247 -4.75 -24.06 6.90
CA GLU B 247 -6.13 -24.52 7.03
C GLU B 247 -6.91 -23.64 8.01
N ARG B 248 -6.28 -23.24 9.11
CA ARG B 248 -6.94 -22.33 10.04
C ARG B 248 -7.08 -20.94 9.45
N ALA B 249 -6.10 -20.49 8.67
CA ALA B 249 -6.21 -19.18 8.04
C ALA B 249 -7.33 -19.16 7.03
N ALA B 250 -7.45 -20.21 6.21
CA ALA B 250 -8.54 -20.29 5.25
C ALA B 250 -9.88 -20.44 5.94
N LEU B 251 -9.94 -21.26 7.00
CA LEU B 251 -11.23 -21.51 7.64
C LEU B 251 -11.71 -20.33 8.46
N PHE B 252 -10.81 -19.43 8.85
CA PHE B 252 -11.26 -18.20 9.49
C PHE B 252 -12.08 -17.36 8.53
N TRP B 253 -11.55 -17.11 7.34
CA TRP B 253 -12.24 -16.28 6.36
C TRP B 253 -13.36 -17.03 5.67
N ARG B 254 -13.33 -18.37 5.68
CA ARG B 254 -14.46 -19.13 5.17
C ARG B 254 -15.67 -18.98 6.08
N TRP B 255 -15.45 -19.06 7.40
CA TRP B 255 -16.56 -18.93 8.35
C TRP B 255 -16.98 -17.48 8.51
N THR B 256 -16.09 -16.53 8.25
CA THR B 256 -16.41 -15.11 8.41
C THR B 256 -17.11 -14.57 7.17
N MET B 257 -16.45 -14.67 6.02
CA MET B 257 -16.95 -14.07 4.79
C MET B 257 -17.80 -15.01 3.96
N GLY B 258 -17.62 -16.31 4.10
CA GLY B 258 -18.25 -17.28 3.23
C GLY B 258 -17.38 -17.75 2.07
N PHE B 259 -16.25 -17.09 1.85
CA PHE B 259 -15.28 -17.54 0.86
C PHE B 259 -13.89 -17.22 1.38
N ASN B 260 -12.90 -17.94 0.87
CA ASN B 260 -11.54 -17.81 1.36
C ASN B 260 -10.58 -17.86 0.20
N ALA B 261 -9.30 -17.93 0.51
CA ALA B 261 -8.22 -18.02 -0.46
C ALA B 261 -7.27 -19.12 -0.04
N THR B 262 -6.28 -19.40 -0.88
CA THR B 262 -5.22 -20.32 -0.52
C THR B 262 -4.02 -19.52 -0.03
N MET B 263 -2.96 -20.22 0.34
CA MET B 263 -1.74 -19.53 0.77
C MET B 263 -1.03 -18.86 -0.40
N GLU B 264 -1.15 -19.41 -1.60
CA GLU B 264 -0.58 -18.80 -2.80
C GLU B 264 -1.54 -17.83 -3.47
N GLY B 265 -2.83 -18.13 -3.45
CA GLY B 265 -3.80 -17.30 -4.14
C GLY B 265 -4.02 -15.96 -3.48
N ILE B 266 -3.75 -15.84 -2.18
CA ILE B 266 -3.91 -14.55 -1.51
C ILE B 266 -2.87 -13.55 -2.01
N HIS B 267 -1.72 -14.03 -2.48
CA HIS B 267 -0.72 -13.13 -3.01
C HIS B 267 -1.01 -12.73 -4.45
N ARG B 268 -1.97 -13.40 -5.10
CA ARG B 268 -2.46 -12.91 -6.39
C ARG B 268 -3.47 -11.81 -6.19
N TRP B 269 -4.26 -11.89 -5.12
CA TRP B 269 -5.11 -10.77 -4.73
C TRP B 269 -4.26 -9.56 -4.36
N ALA B 270 -3.15 -9.80 -3.65
CA ALA B 270 -2.33 -8.71 -3.15
C ALA B 270 -1.66 -7.97 -4.30
N ILE B 271 -1.07 -8.70 -5.24
CA ILE B 271 -0.36 -8.04 -6.33
C ILE B 271 -1.35 -7.36 -7.27
N TRP B 272 -2.51 -7.96 -7.49
CA TRP B 272 -3.46 -7.38 -8.43
C TRP B 272 -4.19 -6.19 -7.81
N MET B 273 -4.38 -6.20 -6.49
CA MET B 273 -5.00 -5.05 -5.84
C MET B 273 -4.08 -3.84 -5.86
N ALA B 274 -2.78 -4.05 -5.73
CA ALA B 274 -1.84 -2.93 -5.67
C ALA B 274 -1.56 -2.35 -7.06
N VAL B 275 -1.50 -3.20 -8.09
CA VAL B 275 -1.17 -2.67 -9.41
C VAL B 275 -2.34 -1.89 -9.98
N LEU B 276 -3.56 -2.15 -9.54
CA LEU B 276 -4.71 -1.42 -10.05
C LEU B 276 -4.78 -0.01 -9.47
N VAL B 277 -4.03 0.25 -8.40
CA VAL B 277 -3.98 1.59 -7.84
C VAL B 277 -3.39 2.57 -8.84
N THR B 278 -2.28 2.16 -9.48
CA THR B 278 -1.60 3.05 -10.41
C THR B 278 -1.98 2.76 -11.85
N LEU B 279 -2.47 1.56 -12.14
CA LEU B 279 -2.95 1.27 -13.48
C LEU B 279 -4.22 2.05 -13.79
N THR B 280 -5.16 2.06 -12.85
CA THR B 280 -6.38 2.84 -13.02
C THR B 280 -6.10 4.34 -12.91
N GLY B 281 -5.20 4.72 -12.01
CA GLY B 281 -4.88 6.13 -11.86
C GLY B 281 -4.27 6.73 -13.11
N GLY B 282 -3.49 5.96 -13.85
CA GLY B 282 -2.92 6.47 -15.08
C GLY B 282 -3.96 6.81 -16.12
N ILE B 283 -5.00 5.98 -16.24
CA ILE B 283 -6.05 6.26 -17.21
C ILE B 283 -6.86 7.48 -16.80
N GLY B 284 -7.24 7.55 -15.53
CA GLY B 284 -7.99 8.70 -15.05
C GLY B 284 -7.23 10.01 -15.23
N ILE B 285 -5.92 9.98 -15.00
CA ILE B 285 -5.12 11.18 -15.21
C ILE B 285 -4.97 11.47 -16.69
N LEU B 286 -4.78 10.43 -17.51
CA LEU B 286 -4.63 10.64 -18.94
C LEU B 286 -5.93 11.08 -19.60
N LEU B 287 -7.08 10.77 -19.02
CA LEU B 287 -8.36 11.22 -19.53
C LEU B 287 -8.71 12.64 -19.10
N SER B 288 -7.99 13.23 -18.16
CA SER B 288 -8.34 14.53 -17.61
C SER B 288 -7.73 15.62 -18.47
N GLY B 289 -8.57 16.44 -19.09
CA GLY B 289 -8.15 17.49 -20.00
C GLY B 289 -8.06 17.03 -21.44
N THR B 290 -7.56 15.82 -21.66
CA THR B 290 -7.48 15.29 -23.02
C THR B 290 -8.86 14.87 -23.52
N VAL B 291 -9.67 14.25 -22.66
CA VAL B 291 -11.00 13.79 -23.03
C VAL B 291 -12.09 14.52 -22.24
N VAL B 292 -11.88 14.74 -20.95
CA VAL B 292 -12.83 15.45 -20.09
C VAL B 292 -12.12 16.62 -19.45
N ASP B 293 -12.70 17.81 -19.56
CA ASP B 293 -12.17 19.01 -18.93
C ASP B 293 -13.02 19.48 -17.76
N ASN B 294 -14.02 18.71 -17.37
CA ASN B 294 -14.82 19.03 -16.18
C ASN B 294 -15.47 17.73 -15.70
N TRP B 295 -14.99 17.19 -14.59
CA TRP B 295 -15.48 15.90 -14.14
C TRP B 295 -16.80 15.99 -13.39
N TYR B 296 -17.14 17.16 -12.82
CA TYR B 296 -18.45 17.30 -12.19
C TYR B 296 -19.55 17.42 -13.24
N VAL B 297 -19.30 18.15 -14.33
CA VAL B 297 -20.29 18.25 -15.40
C VAL B 297 -20.43 16.93 -16.12
N TRP B 298 -19.31 16.26 -16.41
CA TRP B 298 -19.38 14.93 -17.00
C TRP B 298 -20.11 13.97 -16.09
N GLY B 299 -19.87 14.07 -14.78
CA GLY B 299 -20.60 13.24 -13.84
C GLY B 299 -22.10 13.46 -13.90
N GLN B 300 -22.51 14.73 -14.00
CA GLN B 300 -23.94 15.06 -14.03
C GLN B 300 -24.64 14.39 -15.21
N ASN B 301 -23.95 14.24 -16.34
CA ASN B 301 -24.53 13.59 -17.51
C ASN B 301 -24.47 12.07 -17.43
N HIS B 302 -23.88 11.52 -16.38
CA HIS B 302 -23.64 10.09 -16.25
C HIS B 302 -24.15 9.56 -14.91
N GLY B 303 -25.30 10.04 -14.48
CA GLY B 303 -25.75 9.75 -13.13
C GLY B 303 -24.88 10.52 -12.15
N MET B 304 -24.48 9.89 -11.06
CA MET B 304 -23.35 10.36 -10.25
C MET B 304 -23.57 11.72 -9.59
N ALA B 305 -24.62 12.43 -9.96
CA ALA B 305 -24.77 13.82 -9.52
C ALA B 305 -26.12 14.36 -9.98
N PRO B 306 -26.79 15.15 -9.17
CA PRO B 306 -28.07 15.73 -9.60
C PRO B 306 -27.87 16.79 -10.69
N LEU B 307 -28.89 16.92 -11.52
CA LEU B 307 -28.89 17.95 -12.55
C LEU B 307 -29.20 19.30 -11.93
N MET C 1 -10.22 16.51 -27.89
CA MET C 1 -11.42 15.80 -28.32
C MET C 1 -12.42 15.70 -27.18
N VAL C 2 -12.67 16.83 -26.54
CA VAL C 2 -13.62 16.91 -25.43
C VAL C 2 -15.04 16.94 -25.98
N GLY C 3 -15.91 16.11 -25.42
CA GLY C 3 -17.30 16.09 -25.82
C GLY C 3 -17.62 15.23 -27.04
N VAL C 4 -16.65 14.48 -27.55
CA VAL C 4 -16.89 13.63 -28.71
C VAL C 4 -17.46 12.30 -28.21
N THR C 5 -18.70 12.01 -28.59
CA THR C 5 -19.38 10.80 -28.17
C THR C 5 -19.80 10.01 -29.40
N ALA C 6 -19.51 8.70 -29.38
CA ALA C 6 -19.95 7.84 -30.47
C ALA C 6 -21.47 7.76 -30.54
N PHE C 7 -22.12 7.69 -29.37
CA PHE C 7 -23.58 7.64 -29.31
C PHE C 7 -24.03 8.12 -27.94
N GLY C 8 -25.19 8.78 -27.89
CA GLY C 8 -25.73 9.24 -26.64
C GLY C 8 -24.80 10.16 -25.88
N ASN C 9 -24.25 9.66 -24.77
CA ASN C 9 -23.19 10.35 -24.03
C ASN C 9 -21.97 9.47 -23.88
N PHE C 10 -21.81 8.47 -24.75
CA PHE C 10 -20.76 7.45 -24.64
C PHE C 10 -19.51 7.97 -25.34
N ASP C 11 -18.66 8.64 -24.58
CA ASP C 11 -17.42 9.17 -25.10
C ASP C 11 -16.27 8.24 -24.73
N LEU C 12 -15.04 8.69 -24.97
CA LEU C 12 -13.87 7.87 -24.71
C LEU C 12 -13.73 7.54 -23.22
N ALA C 13 -14.30 8.38 -22.34
CA ALA C 13 -14.26 8.06 -20.92
C ALA C 13 -15.28 6.98 -20.57
N SER C 14 -16.39 6.91 -21.31
CA SER C 14 -17.35 5.84 -21.09
C SER C 14 -16.82 4.51 -21.59
N LEU C 15 -16.13 4.52 -22.74
CA LEU C 15 -15.50 3.31 -23.24
C LEU C 15 -14.48 2.78 -22.26
N ALA C 16 -13.76 3.67 -21.58
CA ALA C 16 -12.75 3.24 -20.62
C ALA C 16 -13.39 2.65 -19.38
N ILE C 17 -14.44 3.30 -18.86
CA ILE C 17 -15.06 2.83 -17.62
C ILE C 17 -15.82 1.53 -17.86
N TYR C 18 -16.38 1.35 -19.05
CA TYR C 18 -17.10 0.11 -19.33
C TYR C 18 -16.14 -1.02 -19.69
N SER C 19 -14.99 -0.69 -20.30
CA SER C 19 -14.00 -1.72 -20.57
C SER C 19 -13.40 -2.25 -19.27
N PHE C 20 -13.35 -1.42 -18.24
CA PHE C 20 -12.78 -1.87 -16.97
C PHE C 20 -13.72 -2.82 -16.24
N TRP C 21 -15.03 -2.60 -16.33
CA TRP C 21 -15.97 -3.52 -15.71
C TRP C 21 -15.82 -4.92 -16.28
N ILE C 22 -15.63 -5.01 -17.59
CA ILE C 22 -15.42 -6.30 -18.22
C ILE C 22 -14.09 -6.90 -17.80
N PHE C 23 -13.03 -6.08 -17.77
CA PHE C 23 -11.73 -6.59 -17.34
C PHE C 23 -11.74 -6.99 -15.88
N LEU C 24 -12.43 -6.23 -15.03
CA LEU C 24 -12.50 -6.58 -13.62
C LEU C 24 -13.27 -7.88 -13.41
N ALA C 25 -14.34 -8.08 -14.16
CA ALA C 25 -15.11 -9.33 -14.05
C ALA C 25 -14.25 -10.52 -14.45
N GLY C 26 -13.46 -10.37 -15.52
CA GLY C 26 -12.56 -11.44 -15.90
C GLY C 26 -11.48 -11.67 -14.88
N LEU C 27 -10.99 -10.61 -14.25
CA LEU C 27 -9.96 -10.75 -13.22
C LEU C 27 -10.51 -11.44 -11.98
N ILE C 28 -11.72 -11.09 -11.57
CA ILE C 28 -12.30 -11.72 -10.37
C ILE C 28 -12.56 -13.19 -10.62
N TYR C 29 -12.98 -13.55 -11.84
CA TYR C 29 -13.10 -14.96 -12.17
C TYR C 29 -11.76 -15.66 -12.07
N TYR C 30 -10.71 -15.04 -12.60
CA TYR C 30 -9.38 -15.66 -12.57
C TYR C 30 -8.87 -15.76 -11.14
N LEU C 31 -8.97 -14.68 -10.36
CA LEU C 31 -8.44 -14.69 -9.01
C LEU C 31 -9.17 -15.69 -8.12
N GLN C 32 -10.48 -15.86 -8.32
CA GLN C 32 -11.23 -16.79 -7.50
C GLN C 32 -10.93 -18.24 -7.87
N THR C 33 -10.85 -18.55 -9.16
CA THR C 33 -10.60 -19.94 -9.57
C THR C 33 -9.17 -20.36 -9.25
N GLU C 34 -8.22 -19.42 -9.21
CA GLU C 34 -6.88 -19.74 -8.76
C GLU C 34 -6.82 -20.00 -7.26
N ASN C 35 -7.91 -19.74 -6.53
CA ASN C 35 -7.99 -20.00 -5.10
C ASN C 35 -8.84 -21.22 -4.79
N MET C 36 -9.19 -22.01 -5.80
CA MET C 36 -9.87 -23.28 -5.62
C MET C 36 -8.92 -24.45 -5.84
N ARG C 37 -7.62 -24.24 -5.64
CA ARG C 37 -6.63 -25.29 -5.81
C ARG C 37 -6.35 -26.05 -4.52
N GLU C 38 -7.00 -25.69 -3.42
CA GLU C 38 -6.88 -26.42 -2.17
C GLU C 38 -8.26 -26.50 -1.53
N GLY C 39 -8.59 -27.68 -0.99
CA GLY C 39 -9.84 -27.86 -0.27
C GLY C 39 -11.06 -28.14 -1.11
N TYR C 40 -10.89 -28.45 -2.39
CA TYR C 40 -12.00 -28.73 -3.29
C TYR C 40 -11.80 -30.09 -3.93
N PRO C 41 -12.89 -30.77 -4.33
CA PRO C 41 -14.29 -30.38 -4.23
C PRO C 41 -14.87 -30.48 -2.81
N LEU C 42 -16.01 -29.80 -2.63
CA LEU C 42 -16.65 -29.74 -1.32
C LEU C 42 -17.22 -31.10 -0.93
N GLU C 43 -17.16 -31.39 0.36
CA GLU C 43 -17.61 -32.64 0.94
C GLU C 43 -18.89 -32.44 1.74
N ASN C 44 -19.56 -33.53 2.04
CA ASN C 44 -20.67 -33.50 2.97
C ASN C 44 -20.12 -33.62 4.40
N GLU C 45 -21.03 -33.62 5.38
CA GLU C 45 -20.60 -33.68 6.77
C GLU C 45 -19.97 -35.00 7.15
N ASP C 46 -20.06 -36.03 6.30
CA ASP C 46 -19.49 -37.33 6.60
C ASP C 46 -18.31 -37.70 5.72
N GLY C 47 -18.17 -37.10 4.55
CA GLY C 47 -17.02 -37.38 3.70
C GLY C 47 -17.34 -37.43 2.22
N THR C 48 -18.62 -37.62 1.88
CA THR C 48 -19.04 -37.72 0.49
C THR C 48 -19.07 -36.36 -0.19
N PRO C 49 -18.85 -36.32 -1.51
CA PRO C 49 -18.93 -35.04 -2.22
C PRO C 49 -20.32 -34.42 -2.13
N ALA C 50 -20.35 -33.10 -1.93
CA ALA C 50 -21.61 -32.40 -1.79
C ALA C 50 -22.31 -32.24 -3.14
N ALA C 51 -23.62 -32.05 -3.08
CA ALA C 51 -24.42 -31.83 -4.28
C ALA C 51 -24.29 -30.42 -4.84
N ASN C 52 -23.68 -29.51 -4.09
CA ASN C 52 -23.46 -28.14 -4.52
C ASN C 52 -21.97 -27.84 -4.51
N GLN C 53 -21.46 -27.34 -5.63
CA GLN C 53 -20.05 -27.05 -5.79
C GLN C 53 -19.75 -25.60 -6.09
N GLY C 54 -20.77 -24.75 -6.23
CA GLY C 54 -20.55 -23.34 -6.41
C GLY C 54 -20.52 -22.89 -7.85
N PRO C 55 -20.71 -21.59 -8.07
CA PRO C 55 -20.71 -21.06 -9.44
C PRO C 55 -19.38 -21.23 -10.17
N PHE C 56 -18.27 -21.22 -9.46
CA PHE C 56 -16.95 -21.18 -10.10
C PHE C 56 -16.46 -22.60 -10.37
N PRO C 57 -16.13 -22.94 -11.61
CA PRO C 57 -15.56 -24.26 -11.89
C PRO C 57 -14.15 -24.38 -11.35
N LEU C 58 -13.73 -25.63 -11.15
CA LEU C 58 -12.37 -25.90 -10.69
C LEU C 58 -11.37 -25.52 -11.77
N PRO C 59 -10.18 -25.08 -11.38
CA PRO C 59 -9.16 -24.69 -12.35
C PRO C 59 -8.45 -25.92 -12.93
N LYS C 60 -7.50 -25.66 -13.80
CA LYS C 60 -6.77 -26.79 -14.33
C LYS C 60 -5.49 -27.03 -13.55
N PRO C 61 -5.07 -28.28 -13.43
CA PRO C 61 -3.94 -28.61 -12.56
C PRO C 61 -2.66 -27.89 -12.97
N LYS C 62 -1.87 -27.52 -11.97
CA LYS C 62 -0.52 -27.00 -12.15
C LYS C 62 0.43 -27.84 -11.33
N THR C 63 1.64 -28.03 -11.82
CA THR C 63 2.64 -28.85 -11.15
C THR C 63 3.69 -27.94 -10.51
N PHE C 64 3.88 -28.11 -9.20
CA PHE C 64 4.97 -27.47 -8.48
C PHE C 64 6.12 -28.45 -8.32
N ILE C 65 7.28 -28.08 -8.81
CA ILE C 65 8.47 -28.90 -8.66
C ILE C 65 9.13 -28.56 -7.34
N LEU C 66 9.62 -29.57 -6.63
CA LEU C 66 10.07 -29.19 -5.30
C LEU C 66 11.59 -29.06 -5.25
N PRO C 67 12.10 -28.12 -4.47
CA PRO C 67 13.46 -27.61 -4.71
C PRO C 67 14.60 -28.55 -4.33
N HIS C 68 14.35 -29.74 -3.77
CA HIS C 68 15.46 -30.62 -3.41
C HIS C 68 15.12 -32.06 -3.71
N GLY C 69 14.57 -32.33 -4.89
CA GLY C 69 14.15 -33.67 -5.23
C GLY C 69 13.06 -34.23 -4.33
N ARG C 70 12.18 -33.36 -3.85
CA ARG C 70 11.10 -33.77 -2.96
C ARG C 70 9.81 -34.11 -3.70
N GLY C 71 9.83 -34.08 -5.02
CA GLY C 71 8.71 -34.55 -5.81
C GLY C 71 7.95 -33.42 -6.48
N THR C 72 6.85 -33.78 -7.12
CA THR C 72 6.01 -32.86 -7.87
C THR C 72 4.64 -32.80 -7.21
N LEU C 73 4.22 -31.61 -6.82
CA LEU C 73 2.90 -31.39 -6.24
C LEU C 73 1.99 -30.82 -7.32
N THR C 74 0.87 -31.49 -7.57
CA THR C 74 -0.10 -31.07 -8.56
C THR C 74 -1.40 -30.70 -7.87
N VAL C 75 -1.88 -29.48 -8.12
CA VAL C 75 -3.09 -28.98 -7.48
C VAL C 75 -4.02 -28.40 -8.55
N PRO C 76 -5.34 -28.61 -8.44
CA PRO C 76 -5.97 -29.45 -7.42
C PRO C 76 -5.86 -30.93 -7.75
N GLY C 77 -5.79 -31.77 -6.72
CA GLY C 77 -5.69 -33.20 -6.90
C GLY C 77 -6.44 -33.97 -5.85
N PRO C 78 -6.24 -35.28 -5.80
CA PRO C 78 -6.87 -36.08 -4.74
C PRO C 78 -6.43 -35.62 -3.36
N GLU C 79 -7.38 -35.56 -2.44
CA GLU C 79 -7.14 -35.05 -1.11
C GLU C 79 -7.75 -35.98 -0.08
N SER C 80 -7.11 -36.06 1.08
CA SER C 80 -7.61 -36.86 2.18
C SER C 80 -6.93 -36.40 3.47
N GLU C 81 -7.73 -36.19 4.51
CA GLU C 81 -7.15 -35.95 5.83
C GLU C 81 -6.59 -37.27 6.34
N ASP C 82 -5.33 -37.55 6.01
CA ASP C 82 -4.72 -38.84 6.28
C ASP C 82 -4.47 -39.02 7.77
N ARG C 83 -5.53 -39.22 8.53
CA ARG C 83 -5.44 -39.36 9.98
C ARG C 83 -6.80 -39.81 10.51
N PRO C 84 -6.86 -40.35 11.73
CA PRO C 84 -8.13 -40.73 12.36
C PRO C 84 -8.86 -39.58 13.06
N ILE C 85 -9.70 -38.88 12.31
CA ILE C 85 -10.52 -37.83 12.89
C ILE C 85 -11.47 -38.46 13.90
N ALA C 86 -11.33 -38.10 15.17
CA ALA C 86 -12.13 -38.67 16.25
C ALA C 86 -13.21 -37.66 16.63
N LEU C 87 -14.31 -37.66 15.87
CA LEU C 87 -15.42 -36.77 16.13
C LEU C 87 -16.73 -37.49 15.84
N ALA C 88 -17.75 -37.15 16.62
CA ALA C 88 -19.10 -37.64 16.41
C ALA C 88 -20.05 -36.46 16.33
N ARG C 89 -20.89 -36.43 15.30
CA ARG C 89 -21.76 -35.28 15.07
C ARG C 89 -22.82 -35.18 16.17
N THR C 90 -23.09 -33.93 16.58
CA THR C 90 -24.08 -33.66 17.60
C THR C 90 -25.51 -33.61 17.05
N ALA C 91 -25.68 -33.61 15.73
CA ALA C 91 -27.00 -33.55 15.14
C ALA C 91 -27.00 -34.31 13.82
N VAL C 92 -28.18 -34.81 13.44
CA VAL C 92 -28.32 -35.46 12.15
C VAL C 92 -28.21 -34.45 11.02
N SER C 93 -28.77 -33.26 11.23
CA SER C 93 -28.73 -32.22 10.22
C SER C 93 -27.33 -31.65 10.08
N GLU C 94 -27.11 -30.94 8.97
CA GLU C 94 -25.83 -30.34 8.68
C GLU C 94 -25.71 -28.96 9.31
N GLY C 95 -24.48 -28.48 9.41
CA GLY C 95 -24.20 -27.17 9.96
C GLY C 95 -24.05 -27.11 11.45
N PHE C 96 -23.99 -28.24 12.13
CA PHE C 96 -23.87 -28.29 13.58
C PHE C 96 -22.50 -28.83 14.00
N PRO C 97 -22.05 -28.50 15.21
CA PRO C 97 -20.70 -28.92 15.63
C PRO C 97 -20.56 -30.43 15.75
N HIS C 98 -19.30 -30.86 15.80
CA HIS C 98 -18.94 -32.26 15.99
C HIS C 98 -18.25 -32.40 17.34
N ALA C 99 -18.79 -33.26 18.19
CA ALA C 99 -18.22 -33.43 19.53
C ALA C 99 -17.10 -34.46 19.52
N PRO C 100 -16.00 -34.20 20.23
CA PRO C 100 -14.93 -35.20 20.29
C PRO C 100 -15.38 -36.45 21.01
N THR C 101 -14.88 -37.59 20.54
CA THR C 101 -15.13 -38.87 21.21
C THR C 101 -14.00 -39.23 22.16
N GLY C 102 -13.65 -38.31 23.06
CA GLY C 102 -12.60 -38.56 24.03
C GLY C 102 -11.75 -37.35 24.34
N ASP C 103 -10.49 -37.58 24.66
CA ASP C 103 -9.56 -36.48 24.93
C ASP C 103 -9.30 -35.72 23.63
N PRO C 104 -9.60 -34.44 23.57
CA PRO C 104 -9.47 -33.72 22.29
C PRO C 104 -8.04 -33.37 21.93
N MET C 105 -7.20 -33.05 22.91
CA MET C 105 -5.83 -32.64 22.63
C MET C 105 -5.00 -33.80 22.09
N LYS C 106 -5.08 -34.96 22.76
CA LYS C 106 -4.35 -36.12 22.27
C LYS C 106 -4.88 -36.59 20.92
N ASP C 107 -6.20 -36.64 20.76
CA ASP C 107 -6.78 -37.15 19.52
C ASP C 107 -6.57 -36.22 18.34
N GLY C 108 -6.19 -34.97 18.58
CA GLY C 108 -5.88 -34.04 17.50
C GLY C 108 -7.10 -33.56 16.74
N VAL C 109 -8.03 -32.91 17.44
CA VAL C 109 -9.23 -32.35 16.83
C VAL C 109 -9.46 -30.97 17.42
N GLY C 110 -10.28 -30.18 16.72
CA GLY C 110 -10.61 -28.84 17.16
C GLY C 110 -9.43 -27.91 17.07
N PRO C 111 -9.35 -26.94 17.98
CA PRO C 111 -8.18 -26.04 17.99
C PRO C 111 -6.87 -26.75 18.29
N ALA C 112 -6.89 -28.05 18.60
CA ALA C 112 -5.70 -28.84 18.82
C ALA C 112 -5.38 -29.75 17.64
N SER C 113 -5.77 -29.33 16.43
CA SER C 113 -5.64 -30.15 15.25
C SER C 113 -4.23 -30.07 14.67
N TRP C 114 -3.90 -31.08 13.87
CA TRP C 114 -2.64 -31.13 13.15
C TRP C 114 -2.89 -31.75 11.80
N VAL C 115 -2.00 -31.45 10.85
CA VAL C 115 -2.10 -31.92 9.48
C VAL C 115 -0.97 -32.90 9.21
N ALA C 116 -1.30 -34.02 8.57
CA ALA C 116 -0.29 -35.02 8.24
C ALA C 116 0.57 -34.56 7.08
N ARG C 117 1.65 -33.84 7.37
CA ARG C 117 2.52 -33.29 6.34
C ARG C 117 3.60 -34.28 5.98
N ARG C 118 4.57 -33.86 5.16
CA ARG C 118 5.71 -34.69 4.85
C ARG C 118 6.58 -34.85 6.09
N ASP C 119 6.92 -36.08 6.42
CA ASP C 119 7.66 -36.37 7.65
C ASP C 119 9.17 -36.26 7.43
N LEU C 120 9.60 -35.12 6.90
CA LEU C 120 10.98 -34.80 6.63
C LEU C 120 11.28 -33.39 7.11
N PRO C 121 12.53 -33.07 7.43
CA PRO C 121 12.85 -31.71 7.85
C PRO C 121 12.74 -30.75 6.69
N GLU C 122 12.50 -29.48 7.03
CA GLU C 122 12.49 -28.43 6.02
C GLU C 122 13.91 -28.00 5.71
N LEU C 123 14.21 -27.83 4.43
CA LEU C 123 15.56 -27.61 3.95
C LEU C 123 15.73 -26.19 3.42
N ASP C 124 16.91 -25.62 3.63
CA ASP C 124 17.27 -24.33 3.07
C ASP C 124 17.73 -24.52 1.63
N GLY C 125 18.20 -23.44 0.99
CA GLY C 125 18.65 -23.55 -0.38
C GLY C 125 19.90 -24.37 -0.55
N HIS C 126 20.68 -24.54 0.51
CA HIS C 126 21.87 -25.38 0.48
C HIS C 126 21.58 -26.84 0.78
N GLY C 127 20.33 -27.18 1.10
CA GLY C 127 19.95 -28.55 1.37
C GLY C 127 20.07 -28.97 2.81
N HIS C 128 20.56 -28.11 3.69
CA HIS C 128 20.71 -28.44 5.10
C HIS C 128 19.37 -28.27 5.81
N ASN C 129 19.38 -28.47 7.13
CA ASN C 129 18.16 -28.35 7.91
C ASN C 129 17.91 -26.89 8.26
N LYS C 130 16.70 -26.42 7.98
CA LYS C 130 16.37 -25.03 8.23
C LYS C 130 16.34 -24.73 9.73
N ILE C 131 15.87 -25.69 10.53
CA ILE C 131 15.79 -25.55 11.98
C ILE C 131 16.70 -26.57 12.62
N LYS C 132 17.53 -26.12 13.55
CA LYS C 132 18.41 -27.00 14.29
C LYS C 132 18.74 -26.32 15.62
N PRO C 133 19.10 -27.09 16.65
CA PRO C 133 19.39 -26.48 17.94
C PRO C 133 20.59 -25.57 17.87
N MET C 134 20.60 -24.56 18.73
CA MET C 134 21.64 -23.53 18.65
C MET C 134 23.01 -24.08 19.00
N LYS C 135 23.09 -25.06 19.90
CA LYS C 135 24.38 -25.66 20.23
C LYS C 135 24.94 -26.51 19.09
N ALA C 136 24.12 -26.85 18.10
CA ALA C 136 24.61 -27.53 16.90
C ALA C 136 24.95 -26.56 15.78
N ALA C 137 24.16 -25.50 15.63
CA ALA C 137 24.49 -24.44 14.69
C ALA C 137 25.74 -23.71 15.17
N ALA C 138 26.63 -23.40 14.24
CA ALA C 138 27.93 -22.83 14.57
C ALA C 138 27.90 -21.33 14.40
N GLY C 139 28.37 -20.61 15.42
CA GLY C 139 28.46 -19.17 15.37
C GLY C 139 27.20 -18.43 15.76
N PHE C 140 26.15 -19.14 16.16
CA PHE C 140 24.90 -18.51 16.55
C PHE C 140 24.91 -18.18 18.03
N TYR C 141 24.58 -16.94 18.36
CA TYR C 141 24.50 -16.49 19.75
C TYR C 141 23.29 -15.59 19.90
N VAL C 142 22.98 -15.23 21.14
CA VAL C 142 21.85 -14.36 21.46
C VAL C 142 22.36 -12.93 21.39
N SER C 143 22.09 -12.25 20.27
CA SER C 143 22.62 -10.92 20.06
C SER C 143 21.93 -9.87 20.92
N ALA C 144 20.64 -10.04 21.20
CA ALA C 144 19.90 -9.07 21.98
C ALA C 144 18.76 -9.76 22.68
N GLY C 145 18.23 -9.10 23.70
CA GLY C 145 17.13 -9.65 24.46
C GLY C 145 17.58 -10.55 25.59
N LYS C 146 16.67 -10.81 26.51
CA LYS C 146 16.95 -11.69 27.63
C LYS C 146 17.19 -13.09 27.11
N ASN C 147 18.39 -13.61 27.34
CA ASN C 147 18.72 -14.97 26.94
C ASN C 147 17.87 -15.93 27.76
N PRO C 148 16.85 -16.57 27.18
CA PRO C 148 15.89 -17.35 27.97
C PRO C 148 16.36 -18.78 28.23
N ILE C 149 17.62 -18.93 28.64
CA ILE C 149 18.21 -20.23 28.88
C ILE C 149 18.50 -20.36 30.36
N GLY C 150 17.97 -21.41 30.98
CA GLY C 150 18.07 -21.60 32.40
C GLY C 150 16.94 -20.99 33.21
N LEU C 151 16.04 -20.25 32.57
CA LEU C 151 14.89 -19.74 33.30
C LEU C 151 13.84 -20.82 33.49
N PRO C 152 13.14 -20.81 34.61
CA PRO C 152 12.04 -21.76 34.80
C PRO C 152 10.88 -21.43 33.87
N VAL C 153 10.12 -22.47 33.52
CA VAL C 153 8.97 -22.35 32.63
C VAL C 153 7.72 -22.52 33.47
N ARG C 154 6.91 -21.47 33.55
CA ARG C 154 5.70 -21.46 34.36
C ARG C 154 4.49 -21.63 33.46
N GLY C 155 3.56 -22.51 33.85
CA GLY C 155 2.37 -22.75 33.07
C GLY C 155 1.26 -21.76 33.39
N CYS C 156 0.11 -21.98 32.76
CA CYS C 156 -1.04 -21.12 32.99
C CYS C 156 -1.64 -21.29 34.37
N ASP C 157 -1.26 -22.34 35.09
CA ASP C 157 -1.70 -22.57 36.46
C ASP C 157 -0.72 -22.01 37.48
N LEU C 158 0.25 -21.20 37.03
CA LEU C 158 1.25 -20.57 37.90
C LEU C 158 2.05 -21.61 38.69
N GLU C 159 2.36 -22.72 38.03
CA GLU C 159 3.22 -23.76 38.60
C GLU C 159 4.34 -24.05 37.61
N ILE C 160 5.55 -24.23 38.15
CA ILE C 160 6.72 -24.44 37.29
C ILE C 160 6.65 -25.80 36.63
N ALA C 161 6.95 -25.84 35.32
CA ALA C 161 6.90 -27.08 34.55
C ALA C 161 8.25 -27.52 34.02
N GLY C 162 9.31 -26.78 34.26
CA GLY C 162 10.62 -27.15 33.76
C GLY C 162 11.49 -25.91 33.60
N LYS C 163 12.58 -26.08 32.86
CA LYS C 163 13.50 -24.98 32.61
C LYS C 163 14.12 -25.16 31.24
N VAL C 164 14.45 -24.04 30.62
CA VAL C 164 14.86 -24.03 29.21
C VAL C 164 16.27 -24.57 29.08
N VAL C 165 16.46 -25.46 28.11
CA VAL C 165 17.75 -26.09 27.88
C VAL C 165 18.46 -25.49 26.67
N ASP C 166 17.74 -25.28 25.57
CA ASP C 166 18.35 -24.80 24.35
C ASP C 166 17.33 -23.99 23.56
N ILE C 167 17.80 -23.35 22.50
CA ILE C 167 16.95 -22.62 21.58
C ILE C 167 17.13 -23.21 20.19
N TRP C 168 16.03 -23.58 19.56
CA TRP C 168 16.05 -24.03 18.17
C TRP C 168 15.91 -22.80 17.28
N VAL C 169 16.85 -22.63 16.36
CA VAL C 169 16.91 -21.42 15.56
C VAL C 169 16.70 -21.77 14.09
N ASP C 170 16.16 -20.81 13.36
CA ASP C 170 15.98 -20.90 11.92
C ASP C 170 17.25 -20.37 11.27
N ILE C 171 18.05 -21.26 10.67
CA ILE C 171 19.39 -20.86 10.24
C ILE C 171 19.37 -19.78 9.17
N PRO C 172 18.63 -19.91 8.05
CA PRO C 172 18.69 -18.84 7.05
C PRO C 172 17.93 -17.60 7.47
N GLU C 173 16.78 -17.75 8.13
CA GLU C 173 16.03 -16.59 8.58
C GLU C 173 16.66 -15.92 9.79
N GLN C 174 17.47 -16.65 10.56
CA GLN C 174 18.13 -16.14 11.77
C GLN C 174 17.13 -15.60 12.77
N MET C 175 16.15 -16.44 13.12
CA MET C 175 15.19 -16.11 14.17
C MET C 175 14.93 -17.37 14.99
N ALA C 176 14.63 -17.17 16.27
CA ALA C 176 14.36 -18.29 17.16
C ALA C 176 13.02 -18.93 16.82
N ARG C 177 12.99 -20.25 16.75
CA ARG C 177 11.77 -20.99 16.43
C ARG C 177 11.13 -21.61 17.65
N PHE C 178 11.87 -22.43 18.39
CA PHE C 178 11.33 -23.17 19.52
C PHE C 178 12.24 -23.00 20.73
N LEU C 179 11.65 -23.22 21.91
CA LEU C 179 12.41 -23.37 23.14
C LEU C 179 12.38 -24.84 23.54
N GLU C 180 13.54 -25.44 23.70
CA GLU C 180 13.65 -26.80 24.20
C GLU C 180 13.66 -26.74 25.72
N VAL C 181 12.65 -27.34 26.35
CA VAL C 181 12.45 -27.24 27.78
C VAL C 181 12.55 -28.65 28.38
N GLU C 182 13.43 -28.81 29.36
CA GLU C 182 13.59 -30.08 30.03
C GLU C 182 12.58 -30.18 31.17
N LEU C 183 11.89 -31.31 31.25
CA LEU C 183 10.87 -31.55 32.24
C LEU C 183 11.50 -32.20 33.47
N LYS C 184 10.73 -32.25 34.56
CA LYS C 184 11.19 -32.96 35.75
C LYS C 184 11.37 -34.45 35.47
N ASP C 185 10.71 -34.97 34.45
CA ASP C 185 10.93 -36.34 34.01
C ASP C 185 12.28 -36.53 33.34
N GLY C 186 13.01 -35.45 33.08
CA GLY C 186 14.30 -35.53 32.43
C GLY C 186 14.28 -35.43 30.93
N SER C 187 13.11 -35.48 30.30
CA SER C 187 13.00 -35.43 28.86
C SER C 187 12.82 -33.98 28.40
N THR C 188 12.89 -33.79 27.08
CA THR C 188 12.84 -32.46 26.48
C THR C 188 11.69 -32.35 25.51
N ARG C 189 11.01 -31.21 25.53
CA ARG C 189 9.92 -30.91 24.62
C ARG C 189 10.19 -29.57 23.93
N LEU C 190 9.58 -29.39 22.77
CA LEU C 190 9.72 -28.15 22.01
C LEU C 190 8.47 -27.30 22.23
N LEU C 191 8.69 -26.02 22.50
CA LEU C 191 7.62 -25.05 22.59
C LEU C 191 7.84 -23.94 21.57
N PRO C 192 6.89 -23.69 20.68
CA PRO C 192 7.08 -22.62 19.69
C PRO C 192 7.26 -21.27 20.37
N MET C 193 8.14 -20.45 19.81
CA MET C 193 8.46 -19.17 20.43
C MET C 193 7.26 -18.23 20.44
N GLN C 194 6.42 -18.30 19.41
CA GLN C 194 5.25 -17.42 19.35
C GLN C 194 4.29 -17.65 20.50
N MET C 195 4.37 -18.80 21.16
CA MET C 195 3.46 -19.18 22.23
C MET C 195 4.03 -18.95 23.61
N VAL C 196 5.25 -18.43 23.72
CA VAL C 196 5.89 -18.20 25.00
C VAL C 196 5.99 -16.71 25.23
N LYS C 197 6.09 -16.33 26.50
CA LYS C 197 6.31 -14.95 26.91
C LYS C 197 7.53 -14.93 27.81
N VAL C 198 8.65 -14.42 27.30
CA VAL C 198 9.92 -14.43 28.02
C VAL C 198 9.96 -13.18 28.89
N GLN C 199 9.81 -13.36 30.20
CA GLN C 199 9.84 -12.26 31.15
C GLN C 199 11.25 -12.12 31.70
N SER C 200 11.42 -11.25 32.71
CA SER C 200 12.76 -10.95 33.21
C SER C 200 13.32 -12.11 34.04
N ASN C 201 12.47 -12.91 34.66
CA ASN C 201 12.94 -13.98 35.53
C ASN C 201 12.35 -15.34 35.22
N ARG C 202 11.57 -15.48 34.15
CA ARG C 202 10.91 -16.74 33.84
C ARG C 202 10.40 -16.69 32.41
N VAL C 203 9.95 -17.83 31.92
CA VAL C 203 9.23 -17.93 30.66
C VAL C 203 7.82 -18.41 30.99
N HIS C 204 6.82 -17.63 30.59
CA HIS C 204 5.43 -17.93 30.90
C HIS C 204 4.73 -18.47 29.67
N VAL C 205 4.09 -19.63 29.81
CA VAL C 205 3.34 -20.27 28.74
C VAL C 205 1.87 -20.19 29.14
N ASN C 206 1.13 -19.27 28.52
CA ASN C 206 -0.28 -19.09 28.84
C ASN C 206 -1.15 -20.22 28.29
N ALA C 207 -0.67 -20.94 27.27
CA ALA C 207 -1.50 -21.95 26.63
C ALA C 207 -1.69 -23.17 27.52
N LEU C 208 -0.59 -23.84 27.87
CA LEU C 208 -0.65 -25.06 28.65
C LEU C 208 -0.52 -24.77 30.14
N SER C 209 -1.10 -25.66 30.94
CA SER C 209 -0.88 -25.65 32.38
C SER C 209 0.31 -26.55 32.71
N SER C 210 0.62 -26.67 34.00
CA SER C 210 1.83 -27.38 34.40
C SER C 210 1.77 -28.86 34.05
N ASP C 211 0.64 -29.51 34.29
CA ASP C 211 0.56 -30.95 34.08
C ASP C 211 0.06 -31.28 32.67
N LEU C 212 0.66 -30.63 31.67
CA LEU C 212 0.45 -30.96 30.27
C LEU C 212 1.72 -30.96 29.45
N PHE C 213 2.85 -30.50 29.99
CA PHE C 213 4.10 -30.52 29.23
C PHE C 213 4.52 -31.93 28.88
N ALA C 214 4.26 -32.89 29.77
CA ALA C 214 4.61 -34.28 29.52
C ALA C 214 3.80 -34.89 28.38
N GLY C 215 2.74 -34.22 27.95
CA GLY C 215 1.93 -34.67 26.83
C GLY C 215 2.26 -34.06 25.49
N ILE C 216 3.18 -33.10 25.43
CA ILE C 216 3.58 -32.52 24.15
C ILE C 216 4.21 -33.62 23.30
N PRO C 217 3.86 -33.72 22.01
CA PRO C 217 4.49 -34.74 21.16
C PRO C 217 6.00 -34.56 21.10
N THR C 218 6.72 -35.68 21.12
CA THR C 218 8.17 -35.67 21.12
C THR C 218 8.72 -35.76 19.70
N ILE C 219 10.04 -35.64 19.58
CA ILE C 219 10.73 -35.62 18.29
C ILE C 219 11.66 -36.82 18.22
N LYS C 220 11.70 -37.45 17.04
CA LYS C 220 12.44 -38.68 16.85
C LYS C 220 13.95 -38.49 16.76
N SER C 221 14.43 -37.25 16.69
CA SER C 221 15.86 -36.98 16.63
C SER C 221 16.16 -35.78 17.51
N PRO C 222 17.19 -35.85 18.35
CA PRO C 222 17.49 -34.73 19.25
C PRO C 222 17.94 -33.46 18.54
N THR C 223 18.36 -33.54 17.27
CA THR C 223 18.88 -32.39 16.54
C THR C 223 18.22 -32.22 15.18
N GLU C 224 16.95 -32.57 15.06
CA GLU C 224 16.26 -32.52 13.79
C GLU C 224 14.77 -32.63 14.01
N VAL C 225 14.02 -31.68 13.46
CA VAL C 225 12.57 -31.63 13.61
C VAL C 225 11.94 -31.60 12.21
N THR C 226 10.88 -32.37 12.03
CA THR C 226 10.23 -32.50 10.74
C THR C 226 8.91 -31.74 10.71
N LEU C 227 8.38 -31.58 9.50
CA LEU C 227 7.13 -30.82 9.33
C LEU C 227 5.97 -31.51 10.05
N LEU C 228 5.95 -32.84 10.07
CA LEU C 228 4.91 -33.54 10.80
C LEU C 228 5.02 -33.29 12.30
N GLU C 229 6.25 -33.31 12.83
CA GLU C 229 6.43 -33.06 14.26
C GLU C 229 6.15 -31.61 14.61
N GLU C 230 6.51 -30.67 13.72
CA GLU C 230 6.21 -29.26 13.97
C GLU C 230 4.71 -29.02 14.05
N ASP C 231 3.94 -29.67 13.17
CA ASP C 231 2.51 -29.44 13.15
C ASP C 231 1.82 -30.06 14.35
N LYS C 232 2.31 -31.20 14.83
CA LYS C 232 1.76 -31.81 16.04
C LYS C 232 2.09 -30.98 17.27
N ILE C 233 3.31 -30.48 17.35
CA ILE C 233 3.72 -29.70 18.52
C ILE C 233 2.99 -28.36 18.54
N CYS C 234 3.00 -27.64 17.42
CA CYS C 234 2.34 -26.34 17.37
C CYS C 234 0.83 -26.47 17.53
N GLY C 235 0.23 -27.49 16.91
CA GLY C 235 -1.20 -27.69 17.04
C GLY C 235 -1.61 -28.08 18.45
N TYR C 236 -0.80 -28.91 19.11
CA TYR C 236 -1.13 -29.36 20.45
C TYR C 236 -1.08 -28.22 21.45
N VAL C 237 -0.02 -27.40 21.40
CA VAL C 237 0.15 -26.34 22.39
C VAL C 237 -0.95 -25.30 22.24
N ALA C 238 -1.17 -24.82 21.01
CA ALA C 238 -2.18 -23.80 20.78
C ALA C 238 -3.60 -24.32 20.98
N GLY C 239 -3.79 -25.63 20.97
CA GLY C 239 -5.08 -26.18 21.29
C GLY C 239 -5.42 -26.19 22.76
N GLY C 240 -4.45 -25.86 23.61
CA GLY C 240 -4.68 -25.80 25.04
C GLY C 240 -5.39 -24.54 25.50
N LEU C 241 -5.42 -23.51 24.65
CA LEU C 241 -6.13 -22.28 25.03
C LEU C 241 -7.62 -22.53 25.19
N MET C 242 -8.15 -23.54 24.52
CA MET C 242 -9.57 -23.86 24.57
C MET C 242 -9.88 -25.11 25.39
N TYR C 243 -9.10 -26.17 25.23
CA TYR C 243 -9.35 -27.44 25.90
C TYR C 243 -8.51 -27.62 27.16
N ALA C 244 -7.69 -26.64 27.53
CA ALA C 244 -6.81 -26.82 28.67
C ALA C 244 -6.73 -25.57 29.53
N ALA C 245 -7.79 -24.75 29.51
CA ALA C 245 -7.91 -23.59 30.40
C ALA C 245 -9.27 -23.62 31.06
N PRO C 246 -9.53 -24.60 31.94
CA PRO C 246 -10.82 -24.71 32.61
C PRO C 246 -10.77 -24.20 34.05
N FME D 1 -50.78 -24.99 21.71
CN FME D 1 -49.58 -25.55 21.70
O1 FME D 1 -49.25 -26.49 20.99
CA FME D 1 -51.12 -23.92 22.64
CB FME D 1 -52.62 -23.58 22.53
CG FME D 1 -52.93 -22.13 22.80
SD FME D 1 -52.56 -21.58 24.48
CE FME D 1 -53.24 -19.93 24.44
C FME D 1 -50.74 -24.33 24.07
O FME D 1 -50.09 -23.53 24.76
N SER D 2 -51.13 -25.54 24.46
CA SER D 2 -50.79 -26.07 25.78
C SER D 2 -49.44 -26.78 25.74
N LYS D 3 -48.85 -26.88 24.55
CA LYS D 3 -47.58 -27.57 24.37
C LYS D 3 -46.44 -26.62 24.05
N PHE D 4 -46.62 -25.32 24.29
CA PHE D 4 -45.54 -24.37 24.10
C PHE D 4 -44.39 -24.62 25.07
N TYR D 5 -44.61 -25.40 26.12
CA TYR D 5 -43.55 -25.67 27.08
C TYR D 5 -42.41 -26.47 26.44
N LYS D 6 -42.69 -27.14 25.33
CA LYS D 6 -41.66 -27.91 24.64
C LYS D 6 -40.67 -27.03 23.91
N ILE D 7 -40.81 -25.71 23.98
CA ILE D 7 -39.78 -24.82 23.47
C ILE D 7 -38.51 -24.93 24.31
N TRP D 8 -38.63 -25.37 25.56
CA TRP D 8 -37.50 -25.52 26.45
C TRP D 8 -36.82 -26.88 26.31
N MET D 9 -37.38 -27.78 25.50
CA MET D 9 -36.69 -29.01 25.14
C MET D 9 -35.85 -28.85 23.88
N ILE D 10 -35.91 -27.69 23.24
CA ILE D 10 -35.17 -27.41 22.02
C ILE D 10 -34.02 -26.44 22.27
N PHE D 11 -34.33 -25.27 22.82
CA PHE D 11 -33.33 -24.27 23.13
C PHE D 11 -32.88 -24.39 24.59
N ASP D 12 -31.67 -23.92 24.85
CA ASP D 12 -31.09 -24.04 26.18
C ASP D 12 -31.69 -22.98 27.10
N PRO D 13 -32.39 -23.36 28.17
CA PRO D 13 -32.99 -22.34 29.05
C PRO D 13 -31.96 -21.41 29.67
N ARG D 14 -30.80 -21.92 30.09
CA ARG D 14 -29.83 -21.08 30.75
C ARG D 14 -29.18 -20.09 29.79
N ARG D 15 -29.31 -20.30 28.49
CA ARG D 15 -28.80 -19.38 27.49
C ARG D 15 -29.87 -18.51 26.87
N VAL D 16 -31.12 -18.99 26.80
CA VAL D 16 -32.21 -18.16 26.28
C VAL D 16 -32.47 -16.99 27.22
N PHE D 17 -32.54 -17.26 28.52
CA PHE D 17 -32.88 -16.22 29.48
C PHE D 17 -31.84 -15.10 29.49
N VAL D 18 -30.57 -15.45 29.34
CA VAL D 18 -29.52 -14.44 29.29
C VAL D 18 -29.71 -13.55 28.07
N ALA D 19 -29.98 -14.16 26.92
CA ALA D 19 -30.18 -13.39 25.70
C ALA D 19 -31.47 -12.59 25.75
N GLN D 20 -32.50 -13.14 26.40
CA GLN D 20 -33.78 -12.44 26.48
C GLN D 20 -33.69 -11.21 27.37
N GLY D 21 -32.78 -11.23 28.35
CA GLY D 21 -32.52 -10.02 29.11
C GLY D 21 -31.90 -8.93 28.26
N VAL D 22 -31.01 -9.32 27.34
CA VAL D 22 -30.40 -8.35 26.42
C VAL D 22 -31.46 -7.76 25.49
N PHE D 23 -32.32 -8.61 24.94
CA PHE D 23 -33.32 -8.14 23.99
C PHE D 23 -34.30 -7.17 24.64
N LEU D 24 -34.77 -7.50 25.84
CA LEU D 24 -35.78 -6.66 26.48
C LEU D 24 -35.21 -5.31 26.90
N PHE D 25 -33.93 -5.27 27.26
CA PHE D 25 -33.33 -3.99 27.63
C PHE D 25 -33.08 -3.11 26.41
N LEU D 26 -32.58 -3.70 25.33
CA LEU D 26 -32.32 -2.92 24.12
C LEU D 26 -33.61 -2.39 23.51
N LEU D 27 -34.68 -3.20 23.56
CA LEU D 27 -35.97 -2.72 23.10
C LEU D 27 -36.46 -1.57 23.96
N ALA D 28 -36.26 -1.66 25.26
CA ALA D 28 -36.65 -0.58 26.16
C ALA D 28 -35.87 0.69 25.88
N VAL D 29 -34.56 0.57 25.64
CA VAL D 29 -33.75 1.74 25.30
C VAL D 29 -34.21 2.35 23.99
N MET D 30 -34.58 1.50 23.03
CA MET D 30 -35.00 2.00 21.72
C MET D 30 -36.24 2.87 21.83
N ILE D 31 -37.23 2.42 22.60
CA ILE D 31 -38.48 3.15 22.69
C ILE D 31 -38.30 4.45 23.48
N HIS D 32 -37.52 4.42 24.56
CA HIS D 32 -37.30 5.63 25.34
C HIS D 32 -36.61 6.70 24.50
N LEU D 33 -35.63 6.31 23.69
CA LEU D 33 -34.96 7.28 22.82
C LEU D 33 -35.94 7.87 21.81
N ILE D 34 -36.83 7.07 21.25
CA ILE D 34 -37.85 7.59 20.34
C ILE D 34 -38.78 8.55 21.07
N LEU D 35 -39.23 8.17 22.27
CA LEU D 35 -40.07 9.05 23.06
C LEU D 35 -39.33 10.32 23.45
N LEU D 36 -38.06 10.18 23.87
CA LEU D 36 -37.27 11.34 24.27
C LEU D 36 -37.06 12.30 23.12
N SER D 37 -37.05 11.80 21.88
CA SER D 37 -36.84 12.67 20.73
C SER D 37 -38.07 13.51 20.43
N THR D 38 -39.26 12.93 20.56
CA THR D 38 -40.47 13.68 20.27
C THR D 38 -40.63 14.81 21.27
N PRO D 39 -40.96 16.03 20.82
CA PRO D 39 -41.12 17.14 21.76
C PRO D 39 -42.24 16.94 22.77
N SER D 40 -43.30 16.22 22.39
CA SER D 40 -44.45 16.08 23.29
C SER D 40 -44.14 15.17 24.46
N TYR D 41 -43.38 14.09 24.24
CA TYR D 41 -43.10 13.11 25.28
C TYR D 41 -41.70 13.23 25.86
N ASN D 42 -40.96 14.27 25.49
CA ASN D 42 -39.65 14.50 26.09
C ASN D 42 -39.85 14.91 27.55
N TRP D 43 -39.60 13.98 28.46
CA TRP D 43 -39.85 14.21 29.87
C TRP D 43 -38.66 14.82 30.60
N LEU D 44 -37.45 14.65 30.09
CA LEU D 44 -36.28 15.22 30.73
C LEU D 44 -36.30 16.74 30.71
N GLU D 45 -37.09 17.35 29.84
CA GLU D 45 -37.23 18.80 29.81
C GLU D 45 -37.99 19.29 31.04
N ASP E 6 -39.00 -36.42 24.70
CA ASP E 6 -39.03 -36.81 23.29
C ASP E 6 -37.77 -36.38 22.55
N LEU E 7 -37.78 -35.15 22.03
CA LEU E 7 -36.65 -34.68 21.24
C LEU E 7 -35.37 -34.64 22.07
N GLY E 8 -35.43 -34.01 23.24
CA GLY E 8 -34.25 -33.91 24.08
C GLY E 8 -33.07 -33.23 23.42
N TYR E 9 -33.31 -32.15 22.68
CA TYR E 9 -32.21 -31.43 22.06
C TYR E 9 -31.29 -30.82 23.11
N THR E 10 -31.86 -30.29 24.19
CA THR E 10 -31.08 -29.66 25.24
C THR E 10 -30.97 -30.50 26.51
N GLY E 11 -31.72 -31.60 26.60
CA GLY E 11 -31.54 -32.51 27.71
C GLY E 11 -32.40 -32.19 28.93
N LEU E 12 -33.68 -31.92 28.70
CA LEU E 12 -34.63 -31.65 29.76
C LEU E 12 -35.76 -32.67 29.67
N THR E 13 -36.18 -33.20 30.83
CA THR E 13 -37.26 -34.15 30.84
C THR E 13 -38.57 -33.44 30.48
N ASP E 14 -39.61 -34.24 30.23
CA ASP E 14 -40.90 -33.67 29.87
C ASP E 14 -41.52 -32.92 31.04
N GLU E 15 -41.33 -33.44 32.25
CA GLU E 15 -41.90 -32.77 33.42
C GLU E 15 -40.98 -31.67 33.93
N GLN E 16 -39.75 -31.60 33.42
CA GLN E 16 -38.88 -30.48 33.76
C GLN E 16 -39.25 -29.24 32.95
N ALA E 17 -39.63 -29.42 31.69
CA ALA E 17 -39.98 -28.27 30.86
C ALA E 17 -41.28 -27.61 31.32
N GLN E 18 -42.24 -28.42 31.77
CA GLN E 18 -43.51 -27.87 32.24
C GLN E 18 -43.31 -27.01 33.49
N GLU E 19 -42.44 -27.46 34.40
CA GLU E 19 -42.20 -26.67 35.60
C GLU E 19 -41.44 -25.40 35.29
N LEU E 20 -40.46 -25.47 34.39
CA LEU E 20 -39.73 -24.27 34.00
C LEU E 20 -40.63 -23.31 33.24
N HIS E 21 -41.45 -23.82 32.32
CA HIS E 21 -42.37 -22.96 31.60
C HIS E 21 -43.37 -22.31 32.54
N SER E 22 -43.86 -23.06 33.54
CA SER E 22 -44.82 -22.52 34.48
C SER E 22 -44.23 -21.35 35.26
N VAL E 23 -42.96 -21.46 35.65
CA VAL E 23 -42.29 -20.35 36.33
C VAL E 23 -42.05 -19.20 35.37
N TYR E 24 -41.58 -19.52 34.16
CA TYR E 24 -41.30 -18.49 33.17
C TYR E 24 -42.57 -17.74 32.77
N MET E 25 -43.67 -18.45 32.55
CA MET E 25 -44.90 -17.78 32.13
C MET E 25 -45.48 -16.92 33.24
N SER E 26 -45.38 -17.36 34.49
CA SER E 26 -45.90 -16.57 35.59
C SER E 26 -45.15 -15.25 35.71
N GLY E 27 -43.83 -15.27 35.53
CA GLY E 27 -43.08 -14.03 35.50
C GLY E 27 -43.43 -13.17 34.30
N LEU E 28 -43.70 -13.81 33.17
CA LEU E 28 -44.05 -13.06 31.96
C LEU E 28 -45.35 -12.29 32.14
N TRP E 29 -46.37 -12.92 32.72
CA TRP E 29 -47.62 -12.21 32.95
C TRP E 29 -47.45 -11.12 34.00
N LEU E 30 -46.70 -11.41 35.06
CA LEU E 30 -46.48 -10.40 36.10
C LEU E 30 -45.66 -9.23 35.56
N PHE E 31 -44.73 -9.50 34.64
CA PHE E 31 -44.00 -8.43 33.98
C PHE E 31 -44.93 -7.59 33.10
N SER E 32 -45.87 -8.23 32.43
CA SER E 32 -46.81 -7.50 31.58
C SER E 32 -47.79 -6.68 32.42
N ALA E 33 -48.12 -7.16 33.63
CA ALA E 33 -48.98 -6.39 34.52
C ALA E 33 -48.33 -5.07 34.91
N VAL E 34 -47.02 -5.09 35.16
CA VAL E 34 -46.32 -3.85 35.47
C VAL E 34 -46.29 -2.93 34.26
N ALA E 35 -46.12 -3.50 33.07
CA ALA E 35 -46.06 -2.72 31.85
C ALA E 35 -47.39 -2.05 31.55
N ILE E 36 -48.49 -2.76 31.74
CA ILE E 36 -49.81 -2.18 31.49
C ILE E 36 -50.11 -1.08 32.49
N VAL E 37 -49.67 -1.25 33.74
CA VAL E 37 -49.81 -0.18 34.72
C VAL E 37 -49.02 1.05 34.28
N ALA E 38 -47.80 0.84 33.79
CA ALA E 38 -46.99 1.96 33.32
C ALA E 38 -47.61 2.63 32.11
N HIS E 39 -48.13 1.83 31.16
CA HIS E 39 -48.77 2.40 29.99
C HIS E 39 -50.06 3.14 30.35
N LEU E 40 -50.79 2.61 31.33
CA LEU E 40 -52.03 3.26 31.76
C LEU E 40 -51.75 4.60 32.43
N ALA E 41 -50.65 4.68 33.20
CA ALA E 41 -50.28 5.94 33.82
C ALA E 41 -49.96 7.00 32.79
N VAL E 42 -49.22 6.64 31.74
CA VAL E 42 -48.86 7.62 30.72
C VAL E 42 -50.08 8.03 29.92
N TYR E 43 -50.98 7.09 29.64
CA TYR E 43 -52.15 7.42 28.84
C TYR E 43 -53.06 8.39 29.56
N ILE E 44 -53.20 8.25 30.88
CA ILE E 44 -53.95 9.23 31.65
C ILE E 44 -53.26 10.59 31.59
N TRP E 45 -51.94 10.61 31.78
CA TRP E 45 -51.20 11.86 31.74
C TRP E 45 -51.23 12.50 30.37
N ARG E 46 -50.96 11.71 29.33
CA ARG E 46 -50.83 12.28 28.00
C ARG E 46 -51.14 11.23 26.94
N PRO E 47 -52.40 11.07 26.58
CA PRO E 47 -52.77 9.99 25.66
C PRO E 47 -52.19 10.19 24.27
N TRP E 48 -51.84 9.08 23.63
CA TRP E 48 -51.23 9.11 22.31
C TRP E 48 -52.19 8.67 21.21
N PHE E 49 -53.49 8.60 21.50
CA PHE E 49 -54.49 8.30 20.48
C PHE E 49 -55.55 9.39 20.45
N FME F 1 -51.56 -29.05 1.45
CN FME F 1 -50.93 -30.02 0.82
O1 FME F 1 -49.97 -30.65 1.27
CA FME F 1 -51.17 -28.56 2.76
CB FME F 1 -51.86 -27.23 3.08
CG FME F 1 -53.37 -27.30 2.95
SD FME F 1 -54.14 -25.69 3.25
CE FME F 1 -55.87 -26.13 3.09
C FME F 1 -51.45 -29.59 3.86
O FME F 1 -51.17 -29.29 5.04
N SER F 2 -51.96 -30.76 3.51
CA SER F 2 -52.20 -31.82 4.47
C SER F 2 -50.88 -32.52 4.82
N LYS F 3 -49.82 -32.16 4.10
CA LYS F 3 -48.50 -32.74 4.34
C LYS F 3 -47.43 -31.65 4.34
N PHE F 4 -47.74 -30.48 4.88
CA PHE F 4 -46.74 -29.47 5.06
C PHE F 4 -45.86 -29.72 6.28
N TYR F 5 -46.27 -30.64 7.16
CA TYR F 5 -45.48 -30.96 8.34
C TYR F 5 -44.13 -31.55 7.98
N LYS F 6 -43.97 -32.03 6.74
CA LYS F 6 -42.72 -32.63 6.32
C LYS F 6 -41.58 -31.63 6.21
N ILE F 7 -41.87 -30.34 6.31
CA ILE F 7 -40.81 -29.33 6.25
C ILE F 7 -39.84 -29.52 7.42
N TRP F 8 -40.34 -30.02 8.56
CA TRP F 8 -39.49 -30.26 9.71
C TRP F 8 -38.67 -31.51 9.58
N MET F 9 -38.95 -32.35 8.58
CA MET F 9 -38.06 -33.43 8.19
C MET F 9 -37.02 -32.97 7.17
N ILE F 10 -36.92 -31.66 6.95
CA ILE F 10 -35.93 -31.08 6.05
C ILE F 10 -35.06 -30.06 6.79
N PHE F 11 -35.68 -29.21 7.60
CA PHE F 11 -34.98 -28.14 8.30
C PHE F 11 -35.00 -28.41 9.80
N ASP F 12 -33.84 -28.24 10.44
CA ASP F 12 -33.74 -28.43 11.88
C ASP F 12 -34.45 -27.29 12.60
N PRO F 13 -35.30 -27.58 13.60
CA PRO F 13 -36.04 -26.50 14.27
C PRO F 13 -35.14 -25.46 14.91
N ARG F 14 -33.96 -25.85 15.39
CA ARG F 14 -33.09 -24.90 16.08
C ARG F 14 -32.64 -23.78 15.17
N ARG F 15 -32.30 -24.09 13.92
CA ARG F 15 -31.88 -23.05 13.00
C ARG F 15 -33.06 -22.32 12.38
N VAL F 16 -34.20 -22.99 12.22
CA VAL F 16 -35.37 -22.32 11.66
C VAL F 16 -35.91 -21.28 12.64
N PHE F 17 -36.11 -21.68 13.90
CA PHE F 17 -36.74 -20.79 14.86
C PHE F 17 -35.90 -19.55 15.09
N VAL F 18 -34.57 -19.69 15.06
CA VAL F 18 -33.68 -18.55 15.19
C VAL F 18 -33.84 -17.62 13.98
N ALA F 19 -33.86 -18.21 12.78
CA ALA F 19 -34.01 -17.40 11.57
C ALA F 19 -35.36 -16.71 11.52
N GLN F 20 -36.42 -17.41 11.90
CA GLN F 20 -37.75 -16.82 11.88
C GLN F 20 -37.89 -15.72 12.93
N GLY F 21 -37.18 -15.85 14.04
CA GLY F 21 -37.21 -14.80 15.05
C GLY F 21 -36.60 -13.50 14.57
N VAL F 22 -35.51 -13.58 13.81
CA VAL F 22 -34.89 -12.38 13.27
C VAL F 22 -35.75 -11.77 12.19
N PHE F 23 -36.38 -12.60 11.37
CA PHE F 23 -37.21 -12.10 10.28
C PHE F 23 -38.44 -11.36 10.80
N LEU F 24 -39.12 -11.94 11.79
CA LEU F 24 -40.35 -11.33 12.29
C LEU F 24 -40.07 -10.01 13.00
N PHE F 25 -38.94 -9.92 13.70
CA PHE F 25 -38.61 -8.67 14.37
C PHE F 25 -38.06 -7.64 13.38
N LEU F 26 -37.36 -8.10 12.35
CA LEU F 26 -36.93 -7.19 11.29
C LEU F 26 -38.14 -6.64 10.54
N LEU F 27 -39.12 -7.49 10.25
CA LEU F 27 -40.31 -7.04 9.55
C LEU F 27 -41.13 -6.07 10.39
N ALA F 28 -41.20 -6.32 11.70
CA ALA F 28 -42.01 -5.47 12.57
C ALA F 28 -41.41 -4.08 12.71
N VAL F 29 -40.10 -4.00 12.96
CA VAL F 29 -39.44 -2.71 13.09
C VAL F 29 -39.47 -1.98 11.75
N MET F 30 -39.38 -2.73 10.65
CA MET F 30 -39.41 -2.12 9.33
C MET F 30 -40.71 -1.37 9.09
N ILE F 31 -41.84 -1.98 9.46
CA ILE F 31 -43.14 -1.34 9.18
C ILE F 31 -43.41 -0.23 10.19
N HIS F 32 -43.14 -0.47 11.47
CA HIS F 32 -43.37 0.57 12.47
C HIS F 32 -42.54 1.80 12.17
N LEU F 33 -41.37 1.63 11.53
CA LEU F 33 -40.56 2.77 11.13
C LEU F 33 -41.10 3.45 9.88
N ILE F 34 -41.70 2.67 8.98
CA ILE F 34 -42.24 3.24 7.75
C ILE F 34 -43.39 4.19 8.05
N LEU F 35 -44.24 3.82 9.00
CA LEU F 35 -45.35 4.70 9.37
C LEU F 35 -44.85 5.96 10.07
N LEU F 36 -43.81 5.84 10.89
CA LEU F 36 -43.27 7.00 11.59
C LEU F 36 -42.70 8.02 10.61
N SER F 37 -42.08 7.55 9.53
CA SER F 37 -41.50 8.48 8.56
C SER F 37 -42.57 9.24 7.79
N THR F 38 -43.68 8.59 7.49
CA THR F 38 -44.74 9.26 6.76
C THR F 38 -45.56 10.13 7.71
N PRO F 39 -45.75 11.42 7.40
CA PRO F 39 -46.51 12.28 8.31
C PRO F 39 -47.96 11.89 8.46
N SER F 40 -48.49 11.09 7.52
CA SER F 40 -49.90 10.74 7.59
C SER F 40 -50.18 9.72 8.69
N TYR F 41 -49.22 8.82 8.95
CA TYR F 41 -49.42 7.74 9.91
C TYR F 41 -48.37 7.75 11.02
N ASN F 42 -47.88 8.93 11.38
CA ASN F 42 -46.98 9.06 12.53
C ASN F 42 -47.84 9.33 13.76
N TRP F 43 -48.16 8.28 14.50
CA TRP F 43 -49.06 8.41 15.65
C TRP F 43 -48.47 9.27 16.75
N LEU F 44 -47.15 9.50 16.75
CA LEU F 44 -46.55 10.32 17.79
C LEU F 44 -46.78 11.81 17.56
N GLU F 45 -46.91 12.23 16.31
CA GLU F 45 -47.21 13.62 16.01
C GLU F 45 -48.68 13.88 15.76
N ILE F 46 -49.46 12.85 15.40
CA ILE F 46 -50.90 13.02 15.28
C ILE F 46 -51.51 13.36 16.62
N SER F 47 -51.03 12.72 17.68
CA SER F 47 -51.45 13.07 19.03
C SER F 47 -50.98 14.48 19.39
N ALA F 48 -49.76 14.83 19.01
CA ALA F 48 -49.22 16.15 19.35
C ALA F 48 -50.04 17.26 18.71
N ALA F 49 -50.43 17.08 17.45
CA ALA F 49 -51.24 18.11 16.79
C ALA F 49 -52.67 18.09 17.30
N LYS F 50 -53.21 16.90 17.60
CA LYS F 50 -54.61 16.78 17.99
C LYS F 50 -54.88 17.52 19.29
N TYR F 51 -53.96 17.47 20.25
CA TYR F 51 -54.13 18.11 21.53
C TYR F 51 -53.46 19.48 21.59
N ASN F 52 -53.11 20.04 20.45
CA ASN F 52 -52.56 21.39 20.34
C ASN F 52 -51.33 21.55 21.24
N ARG F 53 -50.45 20.55 21.20
CA ARG F 53 -49.27 20.55 22.04
C ARG F 53 -48.13 21.36 21.45
N VAL F 54 -48.26 21.85 20.22
CA VAL F 54 -47.23 22.66 19.60
C VAL F 54 -47.74 24.08 19.39
N LEU G 7 -35.60 -37.12 1.99
CA LEU G 7 -36.44 -37.58 3.09
C LEU G 7 -35.62 -37.72 4.37
N GLY G 8 -36.12 -37.14 5.47
CA GLY G 8 -35.48 -37.28 6.76
C GLY G 8 -34.10 -36.68 6.88
N TYR G 9 -33.93 -35.45 6.40
CA TYR G 9 -32.65 -34.78 6.53
C TYR G 9 -32.31 -34.44 7.97
N THR G 10 -33.30 -34.37 8.87
CA THR G 10 -33.07 -33.94 10.23
C THR G 10 -33.20 -35.04 11.27
N GLY G 11 -33.72 -36.21 10.90
CA GLY G 11 -33.81 -37.33 11.81
C GLY G 11 -35.13 -37.48 12.52
N LEU G 12 -35.95 -36.43 12.55
CA LEU G 12 -37.28 -36.55 13.14
C LEU G 12 -38.13 -37.51 12.31
N THR G 13 -38.89 -38.35 13.01
CA THR G 13 -39.80 -39.26 12.35
C THR G 13 -41.11 -38.56 12.01
N ASP G 14 -42.03 -39.28 11.36
CA ASP G 14 -43.30 -38.67 10.97
C ASP G 14 -44.08 -38.21 12.19
N GLU G 15 -44.17 -39.06 13.21
CA GLU G 15 -44.95 -38.71 14.39
C GLU G 15 -44.33 -37.53 15.14
N GLN G 16 -43.02 -37.35 15.00
CA GLN G 16 -42.38 -36.20 15.63
C GLN G 16 -42.60 -34.93 14.82
N ALA G 17 -42.58 -35.04 13.49
CA ALA G 17 -42.82 -33.87 12.65
C ALA G 17 -44.22 -33.32 12.86
N GLN G 18 -45.22 -34.21 12.93
CA GLN G 18 -46.59 -33.76 13.13
C GLN G 18 -46.77 -33.13 14.51
N GLU G 19 -46.14 -33.67 15.54
CA GLU G 19 -46.19 -33.05 16.84
C GLU G 19 -45.46 -31.71 16.85
N LEU G 20 -44.34 -31.64 16.14
CA LEU G 20 -43.62 -30.36 16.02
C LEU G 20 -44.43 -29.35 15.24
N HIS G 21 -45.09 -29.79 14.16
CA HIS G 21 -45.87 -28.88 13.33
C HIS G 21 -47.20 -28.52 13.99
N SER G 22 -47.73 -29.40 14.85
CA SER G 22 -48.95 -29.08 15.57
C SER G 22 -48.74 -27.89 16.50
N VAL G 23 -47.62 -27.88 17.23
CA VAL G 23 -47.33 -26.77 18.13
C VAL G 23 -46.98 -25.51 17.34
N TYR G 24 -46.25 -25.66 16.24
CA TYR G 24 -45.85 -24.49 15.46
C TYR G 24 -47.06 -23.75 14.91
N MET G 25 -48.01 -24.49 14.33
CA MET G 25 -49.18 -23.84 13.77
C MET G 25 -50.05 -23.20 14.85
N SER G 26 -50.07 -23.78 16.04
CA SER G 26 -50.82 -23.16 17.14
C SER G 26 -50.23 -21.81 17.49
N GLY G 27 -48.89 -21.72 17.57
CA GLY G 27 -48.26 -20.44 17.79
C GLY G 27 -48.46 -19.49 16.62
N LEU G 28 -48.54 -20.04 15.40
CA LEU G 28 -48.78 -19.19 14.24
C LEU G 28 -50.19 -18.61 14.26
N TRP G 29 -51.20 -19.46 14.49
CA TRP G 29 -52.57 -18.95 14.53
C TRP G 29 -52.76 -18.00 15.70
N LEU G 30 -52.07 -18.24 16.81
CA LEU G 30 -52.09 -17.29 17.92
C LEU G 30 -51.48 -15.96 17.50
N PHE G 31 -50.33 -16.01 16.82
CA PHE G 31 -49.66 -14.78 16.41
C PHE G 31 -50.51 -13.98 15.43
N SER G 32 -51.13 -14.66 14.46
CA SER G 32 -51.94 -13.97 13.47
C SER G 32 -53.22 -13.42 14.07
N ALA G 33 -53.80 -14.15 15.04
CA ALA G 33 -55.02 -13.67 15.68
C ALA G 33 -54.81 -12.34 16.37
N VAL G 34 -53.69 -12.18 17.08
CA VAL G 34 -53.38 -10.91 17.70
C VAL G 34 -53.18 -9.83 16.65
N ALA G 35 -52.50 -10.17 15.56
CA ALA G 35 -52.26 -9.20 14.49
C ALA G 35 -53.56 -8.84 13.78
N ILE G 36 -54.48 -9.80 13.66
CA ILE G 36 -55.77 -9.51 13.04
C ILE G 36 -56.53 -8.49 13.87
N VAL G 37 -56.56 -8.66 15.19
CA VAL G 37 -57.23 -7.70 16.06
C VAL G 37 -56.52 -6.36 16.02
N ALA G 38 -55.19 -6.37 16.04
CA ALA G 38 -54.42 -5.13 15.98
C ALA G 38 -54.71 -4.37 14.70
N HIS G 39 -54.81 -5.08 13.58
CA HIS G 39 -55.14 -4.43 12.32
C HIS G 39 -56.57 -3.93 12.30
N LEU G 40 -57.51 -4.70 12.87
CA LEU G 40 -58.89 -4.25 12.94
C LEU G 40 -59.02 -2.98 13.77
N ALA G 41 -58.31 -2.92 14.91
CA ALA G 41 -58.35 -1.74 15.74
C ALA G 41 -57.76 -0.53 15.03
N VAL G 42 -56.64 -0.71 14.33
CA VAL G 42 -56.01 0.40 13.64
C VAL G 42 -56.85 0.85 12.45
N TYR G 43 -57.49 -0.09 11.75
CA TYR G 43 -58.37 0.30 10.65
C TYR G 43 -59.60 1.05 11.16
N ILE G 44 -60.03 0.77 12.39
CA ILE G 44 -61.08 1.56 13.00
C ILE G 44 -60.59 2.97 13.30
N TRP G 45 -59.38 3.08 13.84
CA TRP G 45 -58.85 4.37 14.26
C TRP G 45 -58.50 5.25 13.07
N ARG G 46 -57.91 4.67 12.03
CA ARG G 46 -57.43 5.47 10.91
C ARG G 46 -57.31 4.59 9.67
N PRO G 47 -58.41 4.35 8.96
CA PRO G 47 -58.37 3.43 7.81
C PRO G 47 -57.43 3.93 6.73
N TRP G 48 -56.72 2.99 6.11
CA TRP G 48 -55.78 3.32 5.05
C TRP G 48 -56.34 3.03 3.66
N PHE G 49 -57.62 2.67 3.56
CA PHE G 49 -58.25 2.46 2.27
C PHE G 49 -59.40 3.44 2.07
N FME H 1 -43.06 -31.93 -19.07
CN FME H 1 -41.90 -32.47 -18.68
O1 FME H 1 -41.16 -33.14 -19.40
CA FME H 1 -43.93 -31.21 -18.16
CB FME H 1 -45.20 -30.74 -18.90
CG FME H 1 -46.19 -30.02 -17.99
SD FME H 1 -45.47 -28.54 -17.25
CE FME H 1 -45.00 -27.64 -18.72
C FME H 1 -44.30 -32.08 -16.95
O FME H 1 -44.48 -31.53 -15.84
N SER H 2 -44.42 -33.39 -17.15
CA SER H 2 -44.83 -34.31 -16.11
C SER H 2 -43.64 -34.97 -15.45
N LYS H 3 -42.44 -34.51 -15.78
CA LYS H 3 -41.21 -35.05 -15.21
C LYS H 3 -40.34 -33.93 -14.65
N PHE H 4 -40.97 -32.88 -14.14
CA PHE H 4 -40.23 -31.80 -13.49
C PHE H 4 -39.73 -32.19 -12.12
N TYR H 5 -40.23 -33.27 -11.53
CA TYR H 5 -39.82 -33.67 -10.19
C TYR H 5 -38.34 -34.03 -10.15
N LYS H 6 -37.73 -34.32 -11.29
CA LYS H 6 -36.33 -34.70 -11.31
C LYS H 6 -35.40 -33.51 -11.10
N ILE H 7 -35.94 -32.30 -10.95
CA ILE H 7 -35.10 -31.17 -10.55
C ILE H 7 -34.53 -31.40 -9.16
N TRP H 8 -35.24 -32.14 -8.32
CA TRP H 8 -34.79 -32.45 -6.98
C TRP H 8 -33.71 -33.53 -6.96
N MET H 9 -33.54 -34.25 -8.06
CA MET H 9 -32.40 -35.15 -8.21
C MET H 9 -31.15 -34.42 -8.67
N ILE H 10 -31.24 -33.11 -8.89
CA ILE H 10 -30.11 -32.29 -9.29
C ILE H 10 -29.77 -31.23 -8.26
N PHE H 11 -30.77 -30.56 -7.70
CA PHE H 11 -30.57 -29.53 -6.70
C PHE H 11 -31.04 -30.01 -5.33
N ASP H 12 -30.33 -29.62 -4.29
CA ASP H 12 -30.70 -30.01 -2.95
C ASP H 12 -31.86 -29.15 -2.46
N PRO H 13 -32.94 -29.76 -1.97
CA PRO H 13 -34.08 -28.96 -1.50
C PRO H 13 -33.76 -27.98 -0.40
N ARG H 14 -32.77 -28.29 0.45
CA ARG H 14 -32.44 -27.39 1.55
C ARG H 14 -31.86 -26.08 1.05
N ARG H 15 -31.02 -26.14 0.02
CA ARG H 15 -30.46 -24.91 -0.52
C ARG H 15 -31.45 -24.21 -1.46
N VAL H 16 -32.34 -24.98 -2.10
CA VAL H 16 -33.34 -24.39 -2.98
C VAL H 16 -34.38 -23.63 -2.17
N PHE H 17 -34.82 -24.21 -1.05
CA PHE H 17 -35.83 -23.55 -0.23
C PHE H 17 -35.29 -22.28 0.41
N VAL H 18 -34.04 -22.31 0.88
CA VAL H 18 -33.46 -21.14 1.52
C VAL H 18 -33.31 -20.01 0.51
N ALA H 19 -32.81 -20.32 -0.69
CA ALA H 19 -32.67 -19.31 -1.73
C ALA H 19 -34.02 -18.75 -2.15
N GLN H 20 -35.02 -19.62 -2.26
CA GLN H 20 -36.35 -19.19 -2.69
C GLN H 20 -36.99 -18.26 -1.67
N GLY H 21 -36.85 -18.57 -0.38
CA GLY H 21 -37.40 -17.69 0.64
C GLY H 21 -36.75 -16.31 0.63
N VAL H 22 -35.43 -16.28 0.45
CA VAL H 22 -34.73 -15.00 0.36
C VAL H 22 -35.17 -14.24 -0.88
N PHE H 23 -35.30 -14.94 -2.00
CA PHE H 23 -35.65 -14.29 -3.25
C PHE H 23 -37.07 -13.74 -3.22
N LEU H 24 -38.03 -14.54 -2.76
CA LEU H 24 -39.42 -14.09 -2.76
C LEU H 24 -39.64 -12.91 -1.83
N PHE H 25 -39.04 -12.95 -0.64
CA PHE H 25 -39.19 -11.83 0.29
C PHE H 25 -38.56 -10.57 -0.26
N LEU H 26 -37.36 -10.68 -0.85
CA LEU H 26 -36.72 -9.50 -1.41
C LEU H 26 -37.49 -8.97 -2.61
N LEU H 27 -38.04 -9.87 -3.43
CA LEU H 27 -38.89 -9.42 -4.53
C LEU H 27 -40.15 -8.75 -4.01
N ALA H 28 -40.75 -9.29 -2.96
CA ALA H 28 -41.93 -8.69 -2.37
C ALA H 28 -41.63 -7.27 -1.87
N VAL H 29 -40.48 -7.09 -1.22
CA VAL H 29 -40.11 -5.77 -0.71
C VAL H 29 -39.85 -4.81 -1.87
N MET H 30 -39.18 -5.28 -2.92
CA MET H 30 -38.85 -4.43 -4.04
C MET H 30 -40.10 -3.90 -4.74
N ILE H 31 -41.10 -4.77 -4.92
CA ILE H 31 -42.33 -4.34 -5.57
C ILE H 31 -43.14 -3.43 -4.67
N HIS H 32 -43.21 -3.75 -3.37
CA HIS H 32 -43.93 -2.89 -2.44
C HIS H 32 -43.27 -1.52 -2.34
N LEU H 33 -41.94 -1.48 -2.32
CA LEU H 33 -41.24 -0.20 -2.27
C LEU H 33 -41.44 0.59 -3.55
N ILE H 34 -41.48 -0.09 -4.70
CA ILE H 34 -41.70 0.61 -5.97
C ILE H 34 -43.05 1.31 -5.98
N LEU H 35 -44.08 0.65 -5.43
CA LEU H 35 -45.39 1.27 -5.37
C LEU H 35 -45.39 2.51 -4.48
N LEU H 36 -44.80 2.40 -3.29
CA LEU H 36 -44.70 3.56 -2.41
C LEU H 36 -43.90 4.69 -3.06
N SER H 37 -42.97 4.34 -3.95
CA SER H 37 -42.21 5.35 -4.67
C SER H 37 -43.11 6.18 -5.58
N THR H 38 -44.04 5.54 -6.27
CA THR H 38 -44.93 6.26 -7.16
C THR H 38 -45.98 6.99 -6.34
N PRO H 39 -46.22 8.28 -6.60
CA PRO H 39 -47.34 8.96 -5.94
C PRO H 39 -48.69 8.35 -6.27
N SER H 40 -48.85 7.82 -7.48
CA SER H 40 -50.15 7.33 -7.94
C SER H 40 -50.60 6.08 -7.18
N TYR H 41 -49.67 5.33 -6.58
CA TYR H 41 -50.01 4.06 -5.95
C TYR H 41 -49.54 3.95 -4.51
N ASN H 42 -49.15 5.06 -3.89
CA ASN H 42 -48.75 5.06 -2.49
C ASN H 42 -50.02 5.02 -1.65
N TRP H 43 -50.33 3.85 -1.10
CA TRP H 43 -51.60 3.68 -0.39
C TRP H 43 -51.64 4.50 0.89
N LEU H 44 -50.50 4.91 1.42
CA LEU H 44 -50.49 5.76 2.60
C LEU H 44 -50.94 7.18 2.24
N GLU H 45 -50.42 7.72 1.14
CA GLU H 45 -50.79 9.07 0.72
C GLU H 45 -52.19 9.12 0.14
N ILE H 46 -52.64 8.02 -0.47
CA ILE H 46 -53.99 7.99 -1.05
C ILE H 46 -55.04 8.15 0.04
N SER H 47 -54.88 7.43 1.15
CA SER H 47 -55.85 7.57 2.23
C SER H 47 -55.71 8.90 2.94
N ALA H 48 -54.49 9.44 3.01
CA ALA H 48 -54.29 10.76 3.59
C ALA H 48 -55.05 11.82 2.81
N ALA H 49 -55.00 11.75 1.48
CA ALA H 49 -55.73 12.70 0.65
C ALA H 49 -57.23 12.41 0.66
N LYS H 50 -57.61 11.13 0.67
CA LYS H 50 -59.03 10.78 0.61
C LYS H 50 -59.76 11.24 1.85
N TYR H 51 -59.21 10.98 3.03
CA TYR H 51 -59.86 11.30 4.29
C TYR H 51 -59.44 12.65 4.87
N ASN H 52 -58.70 13.45 4.09
CA ASN H 52 -58.35 14.82 4.47
C ASN H 52 -57.61 14.85 5.81
N ARG H 53 -56.44 14.22 5.82
CA ARG H 53 -55.61 14.12 7.02
C ARG H 53 -54.22 14.69 6.79
N VAL H 54 -54.11 15.69 5.94
CA VAL H 54 -52.81 16.27 5.61
C VAL H 54 -52.52 17.47 6.50
N SER I 5 -23.44 -36.93 -12.50
CA SER I 5 -24.39 -38.04 -12.48
C SER I 5 -25.84 -37.56 -12.46
N ASP I 6 -26.46 -37.52 -13.64
CA ASP I 6 -27.85 -37.11 -13.73
C ASP I 6 -28.80 -38.08 -13.03
N LEU I 7 -28.33 -39.27 -12.68
CA LEU I 7 -29.15 -40.23 -11.94
C LEU I 7 -29.28 -39.86 -10.47
N GLY I 8 -29.02 -38.59 -10.14
CA GLY I 8 -29.18 -38.08 -8.80
C GLY I 8 -27.89 -37.54 -8.20
N TYR I 9 -27.80 -36.22 -8.11
CA TYR I 9 -26.68 -35.58 -7.42
C TYR I 9 -26.93 -35.45 -5.92
N THR I 10 -28.18 -35.43 -5.49
CA THR I 10 -28.54 -35.09 -4.12
C THR I 10 -28.86 -36.31 -3.28
N GLY I 11 -28.81 -37.52 -3.84
CA GLY I 11 -29.12 -38.71 -3.09
C GLY I 11 -30.58 -39.05 -2.99
N LEU I 12 -31.47 -38.19 -3.50
CA LEU I 12 -32.88 -38.52 -3.55
C LEU I 12 -33.10 -39.65 -4.55
N THR I 13 -33.97 -40.59 -4.18
CA THR I 13 -34.40 -41.57 -5.16
C THR I 13 -35.52 -40.98 -6.01
N ASP I 14 -35.95 -41.72 -7.03
CA ASP I 14 -36.99 -41.24 -7.91
C ASP I 14 -38.28 -40.99 -7.14
N GLU I 15 -38.68 -41.94 -6.29
CA GLU I 15 -39.94 -41.82 -5.59
C GLU I 15 -39.91 -40.71 -4.54
N GLN I 16 -38.76 -40.50 -3.90
CA GLN I 16 -38.64 -39.43 -2.93
C GLN I 16 -38.78 -38.06 -3.59
N ALA I 17 -38.20 -37.90 -4.79
CA ALA I 17 -38.35 -36.65 -5.51
C ALA I 17 -39.80 -36.39 -5.87
N GLN I 18 -40.53 -37.44 -6.29
CA GLN I 18 -41.94 -37.27 -6.60
C GLN I 18 -42.73 -36.83 -5.37
N GLU I 19 -42.44 -37.44 -4.22
CA GLU I 19 -43.12 -37.05 -2.99
C GLU I 19 -42.75 -35.63 -2.59
N LEU I 20 -41.49 -35.26 -2.71
CA LEU I 20 -41.07 -33.91 -2.37
C LEU I 20 -41.67 -32.89 -3.33
N HIS I 21 -41.78 -33.25 -4.61
CA HIS I 21 -42.29 -32.30 -5.59
C HIS I 21 -43.79 -32.08 -5.42
N SER I 22 -44.53 -33.11 -5.02
CA SER I 22 -45.96 -32.96 -4.84
C SER I 22 -46.27 -32.01 -3.70
N VAL I 23 -45.52 -32.09 -2.60
CA VAL I 23 -45.71 -31.16 -1.50
C VAL I 23 -45.31 -29.75 -1.91
N TYR I 24 -44.24 -29.62 -2.69
CA TYR I 24 -43.75 -28.31 -3.09
C TYR I 24 -44.76 -27.58 -3.97
N MET I 25 -45.28 -28.25 -5.00
CA MET I 25 -46.25 -27.61 -5.88
C MET I 25 -47.53 -27.25 -5.13
N SER I 26 -47.88 -28.02 -4.09
CA SER I 26 -49.06 -27.70 -3.30
C SER I 26 -48.88 -26.35 -2.59
N GLY I 27 -47.69 -26.10 -2.07
CA GLY I 27 -47.41 -24.78 -1.52
C GLY I 27 -47.35 -23.70 -2.58
N LEU I 28 -46.80 -24.04 -3.75
CA LEU I 28 -46.75 -23.08 -4.85
C LEU I 28 -48.14 -22.68 -5.31
N TRP I 29 -49.06 -23.64 -5.42
CA TRP I 29 -50.40 -23.31 -5.85
C TRP I 29 -51.14 -22.51 -4.78
N LEU I 30 -50.91 -22.83 -3.51
CA LEU I 30 -51.51 -22.05 -2.44
C LEU I 30 -50.96 -20.62 -2.42
N PHE I 31 -49.64 -20.48 -2.53
CA PHE I 31 -49.03 -19.15 -2.50
C PHE I 31 -49.47 -18.31 -3.69
N SER I 32 -49.56 -18.92 -4.86
CA SER I 32 -50.02 -18.20 -6.04
C SER I 32 -51.50 -17.85 -5.93
N ALA I 33 -52.29 -18.70 -5.28
CA ALA I 33 -53.72 -18.42 -5.13
C ALA I 33 -53.95 -17.20 -4.24
N VAL I 34 -53.11 -17.00 -3.23
CA VAL I 34 -53.19 -15.78 -2.42
C VAL I 34 -52.85 -14.56 -3.26
N ALA I 35 -51.83 -14.68 -4.11
CA ALA I 35 -51.42 -13.56 -4.94
C ALA I 35 -52.48 -13.22 -5.98
N ILE I 36 -53.18 -14.23 -6.49
CA ILE I 36 -54.24 -13.97 -7.46
C ILE I 36 -55.37 -13.18 -6.80
N VAL I 37 -55.73 -13.54 -5.58
CA VAL I 37 -56.78 -12.80 -4.86
C VAL I 37 -56.28 -11.41 -4.49
N ALA I 38 -55.01 -11.30 -4.12
CA ALA I 38 -54.45 -9.99 -3.78
C ALA I 38 -54.45 -9.05 -4.98
N HIS I 39 -54.08 -9.57 -6.15
CA HIS I 39 -54.13 -8.74 -7.35
C HIS I 39 -55.57 -8.45 -7.77
N LEU I 40 -56.47 -9.42 -7.58
CA LEU I 40 -57.86 -9.20 -7.90
C LEU I 40 -58.47 -8.12 -7.00
N ALA I 41 -58.03 -8.04 -5.75
CA ALA I 41 -58.53 -7.01 -4.85
C ALA I 41 -57.96 -5.65 -5.19
N VAL I 42 -56.66 -5.58 -5.52
CA VAL I 42 -56.06 -4.31 -5.87
C VAL I 42 -56.59 -3.79 -7.19
N TYR I 43 -56.82 -4.70 -8.14
CA TYR I 43 -57.31 -4.27 -9.45
C TYR I 43 -58.73 -3.70 -9.37
N ILE I 44 -59.56 -4.28 -8.52
CA ILE I 44 -60.89 -3.73 -8.29
C ILE I 44 -60.79 -2.42 -7.53
N TRP I 45 -59.86 -2.34 -6.56
CA TRP I 45 -59.69 -1.11 -5.80
C TRP I 45 -59.13 0.01 -6.67
N ARG I 46 -58.07 -0.28 -7.41
CA ARG I 46 -57.36 0.75 -8.17
C ARG I 46 -56.63 0.08 -9.31
N PRO I 47 -57.30 -0.11 -10.45
CA PRO I 47 -56.69 -0.84 -11.55
C PRO I 47 -55.49 -0.11 -12.11
N TRP I 48 -54.50 -0.89 -12.56
CA TRP I 48 -53.31 -0.36 -13.19
C TRP I 48 -53.38 -0.45 -14.70
N PHE I 49 -54.55 -0.77 -15.25
CA PHE I 49 -54.72 -0.87 -16.69
C PHE I 49 -55.98 -0.12 -17.13
N FME J 1 -28.55 -30.50 -35.15
CN FME J 1 -27.50 -31.10 -34.62
O1 FME J 1 -27.26 -31.17 -33.41
CA FME J 1 -29.58 -29.86 -34.36
CB FME J 1 -30.62 -29.19 -35.28
CG FME J 1 -31.66 -28.38 -34.52
SD FME J 1 -33.04 -29.37 -33.93
CE FME J 1 -33.59 -30.13 -35.46
C FME J 1 -30.24 -30.89 -33.42
O FME J 1 -30.49 -30.54 -32.25
N SER J 2 -30.52 -32.09 -33.91
CA SER J 2 -31.09 -33.14 -33.07
C SER J 2 -30.13 -33.50 -31.93
N LYS J 3 -28.83 -33.41 -32.20
CA LYS J 3 -27.82 -33.76 -31.22
C LYS J 3 -27.50 -32.62 -30.27
N PHE J 4 -28.39 -31.63 -30.14
CA PHE J 4 -28.19 -30.59 -29.13
C PHE J 4 -28.29 -31.15 -27.72
N TYR J 5 -28.83 -32.37 -27.57
CA TYR J 5 -28.94 -32.97 -26.25
C TYR J 5 -27.58 -33.23 -25.63
N LYS J 6 -26.53 -33.26 -26.46
CA LYS J 6 -25.19 -33.58 -25.98
C LYS J 6 -24.47 -32.40 -25.36
N ILE J 7 -25.10 -31.23 -25.29
CA ILE J 7 -24.51 -30.13 -24.51
C ILE J 7 -24.43 -30.52 -23.05
N TRP J 8 -25.30 -31.43 -22.60
CA TRP J 8 -25.30 -31.87 -21.22
C TRP J 8 -24.20 -32.88 -20.92
N MET J 9 -23.59 -33.46 -21.94
CA MET J 9 -22.38 -34.24 -21.74
C MET J 9 -21.14 -33.37 -21.66
N ILE J 10 -21.24 -32.08 -22.00
CA ILE J 10 -20.12 -31.16 -21.96
C ILE J 10 -20.17 -30.26 -20.73
N PHE J 11 -21.35 -29.72 -20.44
CA PHE J 11 -21.52 -28.76 -19.35
C PHE J 11 -22.23 -29.41 -18.17
N ASP J 12 -21.78 -29.08 -16.97
CA ASP J 12 -22.38 -29.60 -15.76
C ASP J 12 -23.80 -29.06 -15.61
N PRO J 13 -24.81 -29.93 -15.47
CA PRO J 13 -26.19 -29.43 -15.38
C PRO J 13 -26.42 -28.49 -14.22
N ARG J 14 -25.70 -28.65 -13.11
CA ARG J 14 -25.94 -27.81 -11.95
C ARG J 14 -25.56 -26.36 -12.21
N ARG J 15 -24.38 -26.14 -12.79
CA ARG J 15 -23.92 -24.76 -13.02
C ARG J 15 -24.71 -24.09 -14.11
N VAL J 16 -25.21 -24.85 -15.09
CA VAL J 16 -25.97 -24.25 -16.18
C VAL J 16 -27.27 -23.65 -15.66
N PHE J 17 -27.98 -24.38 -14.81
CA PHE J 17 -29.28 -23.91 -14.35
C PHE J 17 -29.16 -22.72 -13.41
N VAL J 18 -28.13 -22.70 -12.56
CA VAL J 18 -27.91 -21.54 -11.71
C VAL J 18 -27.50 -20.34 -12.54
N ALA J 19 -26.63 -20.56 -13.53
CA ALA J 19 -26.25 -19.47 -14.43
C ALA J 19 -27.43 -19.01 -15.25
N GLN J 20 -28.26 -19.94 -15.72
CA GLN J 20 -29.38 -19.57 -16.57
C GLN J 20 -30.47 -18.86 -15.79
N GLY J 21 -30.79 -19.36 -14.59
CA GLY J 21 -31.83 -18.73 -13.78
C GLY J 21 -31.48 -17.31 -13.40
N VAL J 22 -30.20 -17.08 -13.05
CA VAL J 22 -29.75 -15.72 -12.78
C VAL J 22 -29.82 -14.87 -14.04
N PHE J 23 -29.39 -15.42 -15.17
CA PHE J 23 -29.42 -14.66 -16.41
C PHE J 23 -30.83 -14.26 -16.79
N LEU J 24 -31.79 -15.18 -16.68
CA LEU J 24 -33.16 -14.87 -17.05
C LEU J 24 -33.77 -13.83 -16.13
N PHE J 25 -33.54 -13.95 -14.82
CA PHE J 25 -34.15 -13.02 -13.88
C PHE J 25 -33.53 -11.63 -14.02
N LEU J 26 -32.21 -11.55 -14.15
CA LEU J 26 -31.58 -10.24 -14.33
C LEU J 26 -31.98 -9.61 -15.65
N LEU J 27 -32.13 -10.41 -16.70
CA LEU J 27 -32.62 -9.88 -17.97
C LEU J 27 -34.05 -9.38 -17.85
N ALA J 28 -34.93 -10.17 -17.25
CA ALA J 28 -36.32 -9.76 -17.10
C ALA J 28 -36.44 -8.52 -16.22
N VAL J 29 -35.65 -8.45 -15.16
CA VAL J 29 -35.62 -7.25 -14.34
C VAL J 29 -35.14 -6.05 -15.15
N MET J 30 -34.11 -6.25 -15.98
CA MET J 30 -33.59 -5.17 -16.78
C MET J 30 -34.61 -4.65 -17.78
N ILE J 31 -35.34 -5.54 -18.44
CA ILE J 31 -36.31 -5.10 -19.44
C ILE J 31 -37.49 -4.40 -18.78
N HIS J 32 -37.92 -4.91 -17.62
CA HIS J 32 -38.99 -4.23 -16.89
C HIS J 32 -38.54 -2.85 -16.44
N LEU J 33 -37.23 -2.66 -16.20
CA LEU J 33 -36.73 -1.36 -15.77
C LEU J 33 -36.63 -0.38 -16.93
N ILE J 34 -36.31 -0.86 -18.12
CA ILE J 34 -36.20 0.02 -19.29
C ILE J 34 -37.57 0.59 -19.63
N LEU J 35 -38.62 -0.22 -19.52
CA LEU J 35 -39.98 0.27 -19.74
C LEU J 35 -40.38 1.26 -18.67
N LEU J 36 -40.04 1.00 -17.40
CA LEU J 36 -40.36 1.93 -16.33
C LEU J 36 -39.67 3.27 -16.53
N SER J 37 -38.49 3.27 -17.17
CA SER J 37 -37.79 4.53 -17.40
C SER J 37 -38.52 5.40 -18.41
N THR J 38 -38.98 4.82 -19.52
CA THR J 38 -39.71 5.59 -20.51
C THR J 38 -41.05 6.03 -19.95
N PRO J 39 -41.40 7.31 -20.02
CA PRO J 39 -42.73 7.72 -19.60
C PRO J 39 -43.84 7.14 -20.46
N SER J 40 -43.53 6.71 -21.68
CA SER J 40 -44.55 6.19 -22.59
C SER J 40 -44.87 4.73 -22.35
N TYR J 41 -44.05 4.00 -21.60
CA TYR J 41 -44.36 2.63 -21.24
C TYR J 41 -44.37 2.38 -19.74
N ASN J 42 -44.19 3.41 -18.93
CA ASN J 42 -44.29 3.26 -17.49
C ASN J 42 -45.75 3.02 -17.12
N TRP J 43 -46.14 1.74 -17.02
CA TRP J 43 -47.56 1.41 -16.91
C TRP J 43 -48.18 1.97 -15.64
N LEU J 44 -47.37 2.33 -14.65
CA LEU J 44 -47.92 2.88 -13.41
C LEU J 44 -48.42 4.30 -13.61
N GLU J 45 -47.65 5.13 -14.32
CA GLU J 45 -48.09 6.51 -14.53
C GLU J 45 -48.92 6.67 -15.79
N ILE J 46 -49.00 5.66 -16.64
CA ILE J 46 -50.01 5.64 -17.70
C ILE J 46 -51.39 5.57 -17.08
N SER J 47 -51.54 4.73 -16.05
CA SER J 47 -52.82 4.63 -15.35
C SER J 47 -53.15 5.92 -14.61
N ALA J 48 -52.14 6.57 -14.03
CA ALA J 48 -52.36 7.87 -13.41
C ALA J 48 -52.85 8.90 -14.42
N ALA J 49 -52.23 8.90 -15.61
CA ALA J 49 -52.70 9.79 -16.67
C ALA J 49 -54.11 9.45 -17.10
N LYS J 50 -54.41 8.16 -17.20
CA LYS J 50 -55.73 7.74 -17.68
C LYS J 50 -56.81 8.04 -16.65
N TYR J 51 -56.59 7.67 -15.38
CA TYR J 51 -57.63 7.75 -14.36
C TYR J 51 -57.58 9.03 -13.55
N ASN J 52 -56.68 9.96 -13.86
CA ASN J 52 -56.59 11.25 -13.19
C ASN J 52 -56.36 11.06 -11.68
N ARG J 53 -55.23 10.43 -11.37
CA ARG J 53 -54.85 10.16 -9.99
C ARG J 53 -53.80 11.12 -9.46
N VAL J 54 -53.56 12.22 -10.17
CA VAL J 54 -52.59 13.21 -9.74
C VAL J 54 -53.28 14.53 -9.40
N LEU K 7 -16.83 -35.65 -26.12
CA LEU K 7 -16.01 -36.42 -25.20
C LEU K 7 -16.83 -36.89 -24.00
N GLY K 8 -17.41 -35.92 -23.31
CA GLY K 8 -18.08 -36.17 -22.05
C GLY K 8 -17.19 -35.77 -20.89
N TYR K 9 -17.38 -34.56 -20.40
CA TYR K 9 -16.62 -34.05 -19.27
C TYR K 9 -17.38 -34.12 -17.96
N THR K 10 -18.71 -34.24 -18.03
CA THR K 10 -19.54 -34.23 -16.82
C THR K 10 -19.64 -35.62 -16.21
N GLY K 11 -19.98 -36.63 -17.01
CA GLY K 11 -20.15 -37.96 -16.50
C GLY K 11 -21.48 -38.57 -16.90
N LEU K 12 -22.36 -37.75 -17.47
CA LEU K 12 -23.67 -38.23 -17.89
C LEU K 12 -23.54 -39.17 -19.08
N THR K 13 -24.23 -40.30 -18.99
CA THR K 13 -24.31 -41.21 -20.11
C THR K 13 -25.25 -40.65 -21.18
N ASP K 14 -25.24 -41.29 -22.35
CA ASP K 14 -25.98 -40.75 -23.49
C ASP K 14 -27.47 -40.69 -23.21
N GLU K 15 -28.02 -41.74 -22.59
CA GLU K 15 -29.46 -41.74 -22.33
C GLU K 15 -29.83 -40.74 -21.25
N GLN K 16 -28.93 -40.45 -20.31
CA GLN K 16 -29.19 -39.42 -19.32
C GLN K 16 -29.22 -38.04 -19.96
N ALA K 17 -28.34 -37.79 -20.92
CA ALA K 17 -28.40 -36.54 -21.66
C ALA K 17 -29.69 -36.41 -22.45
N GLN K 18 -30.18 -37.53 -23.00
CA GLN K 18 -31.46 -37.52 -23.71
C GLN K 18 -32.61 -37.13 -22.78
N GLU K 19 -32.61 -37.69 -21.58
CA GLU K 19 -33.71 -37.43 -20.64
C GLU K 19 -33.61 -36.04 -20.02
N LEU K 20 -32.39 -35.61 -19.67
CA LEU K 20 -32.21 -34.29 -19.10
C LEU K 20 -32.60 -33.20 -20.09
N HIS K 21 -32.28 -33.40 -21.36
CA HIS K 21 -32.67 -32.44 -22.38
C HIS K 21 -34.18 -32.46 -22.61
N SER K 22 -34.79 -33.64 -22.53
CA SER K 22 -36.23 -33.75 -22.77
C SER K 22 -37.03 -32.97 -21.75
N VAL K 23 -36.65 -33.05 -20.48
CA VAL K 23 -37.32 -32.27 -19.45
C VAL K 23 -36.99 -30.80 -19.59
N TYR K 24 -35.73 -30.47 -19.85
CA TYR K 24 -35.32 -29.07 -19.98
C TYR K 24 -36.05 -28.39 -21.14
N MET K 25 -36.11 -29.05 -22.29
CA MET K 25 -36.81 -28.45 -23.42
C MET K 25 -38.31 -28.38 -23.17
N SER K 26 -38.85 -29.31 -22.39
CA SER K 26 -40.27 -29.25 -22.05
C SER K 26 -40.57 -28.02 -21.19
N GLY K 27 -39.64 -27.67 -20.29
CA GLY K 27 -39.80 -26.45 -19.53
C GLY K 27 -39.40 -25.22 -20.31
N LEU K 28 -38.51 -25.39 -21.29
CA LEU K 28 -38.12 -24.26 -22.14
C LEU K 28 -39.28 -23.77 -22.97
N TRP K 29 -40.09 -24.70 -23.50
CA TRP K 29 -41.26 -24.29 -24.27
C TRP K 29 -42.32 -23.67 -23.38
N LEU K 30 -42.48 -24.19 -22.16
CA LEU K 30 -43.49 -23.64 -21.25
C LEU K 30 -43.18 -22.19 -20.90
N PHE K 31 -41.91 -21.89 -20.62
CA PHE K 31 -41.53 -20.52 -20.30
C PHE K 31 -41.71 -19.60 -21.49
N SER K 32 -41.34 -20.07 -22.69
CA SER K 32 -41.48 -19.26 -23.88
C SER K 32 -42.93 -19.17 -24.33
N ALA K 33 -43.74 -20.17 -24.00
CA ALA K 33 -45.17 -20.09 -24.30
C ALA K 33 -45.85 -18.98 -23.52
N VAL K 34 -45.51 -18.85 -22.23
CA VAL K 34 -46.12 -17.82 -21.40
C VAL K 34 -45.65 -16.44 -21.86
N ALA K 35 -44.38 -16.33 -22.26
CA ALA K 35 -43.87 -15.05 -22.72
C ALA K 35 -44.49 -14.63 -24.04
N ILE K 36 -44.83 -15.60 -24.90
CA ILE K 36 -45.51 -15.29 -26.15
C ILE K 36 -46.88 -14.69 -25.87
N VAL K 37 -47.62 -15.28 -24.92
CA VAL K 37 -48.94 -14.77 -24.58
C VAL K 37 -48.82 -13.38 -23.95
N ALA K 38 -47.83 -13.20 -23.09
CA ALA K 38 -47.61 -11.89 -22.48
C ALA K 38 -47.27 -10.84 -23.54
N HIS K 39 -46.42 -11.19 -24.51
CA HIS K 39 -46.08 -10.24 -25.57
C HIS K 39 -47.29 -9.96 -26.45
N LEU K 40 -48.09 -10.98 -26.75
CA LEU K 40 -49.28 -10.77 -27.56
C LEU K 40 -50.30 -9.92 -26.82
N ALA K 41 -50.37 -10.06 -25.50
CA ALA K 41 -51.29 -9.24 -24.71
C ALA K 41 -50.82 -7.79 -24.63
N VAL K 42 -49.53 -7.57 -24.41
CA VAL K 42 -49.01 -6.21 -24.30
C VAL K 42 -49.06 -5.52 -25.66
N TYR K 43 -48.85 -6.27 -26.75
CA TYR K 43 -48.87 -5.64 -28.07
C TYR K 43 -50.24 -5.10 -28.41
N ILE K 44 -51.30 -5.82 -28.05
CA ILE K 44 -52.65 -5.32 -28.29
C ILE K 44 -52.92 -4.08 -27.45
N TRP K 45 -52.54 -4.11 -26.18
CA TRP K 45 -52.82 -2.98 -25.30
C TRP K 45 -52.06 -1.73 -25.71
N ARG K 46 -50.80 -1.88 -26.12
CA ARG K 46 -49.96 -0.74 -26.42
C ARG K 46 -48.82 -1.16 -27.33
N PRO K 47 -49.04 -1.20 -28.65
CA PRO K 47 -48.02 -1.73 -29.56
C PRO K 47 -46.79 -0.87 -29.62
N TRP K 48 -45.63 -1.54 -29.79
CA TRP K 48 -44.36 -0.85 -29.94
C TRP K 48 -43.91 -0.79 -31.41
N PHE K 49 -44.80 -1.10 -32.34
CA PHE K 49 -44.48 -0.95 -33.75
C PHE K 49 -45.58 -0.19 -34.49
N FME L 1 -11.39 -25.07 -45.00
CN FME L 1 -10.42 -25.63 -44.29
O1 FME L 1 -9.25 -25.72 -44.64
CA FME L 1 -12.78 -25.14 -44.57
CB FME L 1 -13.71 -24.53 -45.63
CG FME L 1 -13.42 -23.07 -45.90
SD FME L 1 -14.49 -22.39 -47.20
CE FME L 1 -13.83 -20.73 -47.32
C FME L 1 -13.18 -26.61 -44.30
O FME L 1 -13.75 -26.87 -43.23
N SER L 2 -12.85 -27.50 -45.22
CA SER L 2 -13.15 -28.91 -45.09
C SER L 2 -12.57 -29.51 -43.80
N LYS L 3 -11.52 -28.88 -43.29
CA LYS L 3 -10.85 -29.33 -42.08
C LYS L 3 -10.88 -28.26 -40.99
N PHE L 4 -12.01 -27.57 -40.86
CA PHE L 4 -12.18 -26.60 -39.77
C PHE L 4 -12.48 -27.28 -38.45
N TYR L 5 -12.90 -28.54 -38.47
CA TYR L 5 -13.31 -29.23 -37.25
C TYR L 5 -12.15 -29.46 -36.29
N LYS L 6 -10.92 -29.25 -36.75
CA LYS L 6 -9.76 -29.44 -35.88
C LYS L 6 -9.66 -28.39 -34.80
N ILE L 7 -10.46 -27.32 -34.89
CA ILE L 7 -10.41 -26.24 -33.91
C ILE L 7 -10.64 -26.75 -32.51
N TRP L 8 -11.40 -27.84 -32.37
CA TRP L 8 -11.77 -28.36 -31.06
C TRP L 8 -10.71 -29.29 -30.49
N MET L 9 -9.65 -29.57 -31.22
CA MET L 9 -8.49 -30.27 -30.68
C MET L 9 -7.41 -29.32 -30.20
N ILE L 10 -7.56 -28.02 -30.46
CA ILE L 10 -6.65 -27.01 -29.94
C ILE L 10 -7.17 -26.40 -28.65
N PHE L 11 -8.47 -26.10 -28.61
CA PHE L 11 -9.08 -25.40 -27.50
C PHE L 11 -10.08 -26.28 -26.78
N ASP L 12 -10.22 -26.06 -25.49
CA ASP L 12 -11.23 -26.74 -24.70
C ASP L 12 -12.61 -26.34 -25.20
N PRO L 13 -13.49 -27.28 -25.50
CA PRO L 13 -14.87 -26.90 -25.86
C PRO L 13 -15.59 -26.17 -24.75
N ARG L 14 -15.35 -26.55 -23.49
CA ARG L 14 -16.06 -25.93 -22.38
C ARG L 14 -15.66 -24.47 -22.22
N ARG L 15 -14.41 -24.13 -22.53
CA ARG L 15 -13.97 -22.75 -22.38
C ARG L 15 -14.34 -21.91 -23.60
N VAL L 16 -14.38 -22.52 -24.79
CA VAL L 16 -14.78 -21.79 -25.98
C VAL L 16 -16.24 -21.36 -25.88
N PHE L 17 -17.12 -22.28 -25.47
CA PHE L 17 -18.55 -21.99 -25.46
C PHE L 17 -18.88 -20.89 -24.46
N VAL L 18 -18.26 -20.92 -23.27
CA VAL L 18 -18.50 -19.86 -22.30
C VAL L 18 -17.93 -18.55 -22.79
N ALA L 19 -16.78 -18.59 -23.44
CA ALA L 19 -16.20 -17.38 -24.00
C ALA L 19 -17.09 -16.79 -25.08
N GLN L 20 -17.64 -17.63 -25.95
CA GLN L 20 -18.50 -17.15 -27.02
C GLN L 20 -19.86 -16.72 -26.50
N GLY L 21 -20.41 -17.44 -25.53
CA GLY L 21 -21.71 -17.10 -25.00
C GLY L 21 -21.73 -15.73 -24.33
N VAL L 22 -20.70 -15.42 -23.55
CA VAL L 22 -20.62 -14.11 -22.93
C VAL L 22 -20.40 -13.04 -23.99
N PHE L 23 -19.56 -13.34 -24.98
CA PHE L 23 -19.29 -12.38 -26.05
C PHE L 23 -20.56 -12.03 -26.82
N LEU L 24 -21.34 -13.05 -27.19
CA LEU L 24 -22.54 -12.81 -27.98
C LEU L 24 -23.57 -12.01 -27.20
N PHE L 25 -23.68 -12.26 -25.89
CA PHE L 25 -24.66 -11.55 -25.09
C PHE L 25 -24.29 -10.08 -24.95
N LEU L 26 -23.04 -9.80 -24.59
CA LEU L 26 -22.61 -8.42 -24.40
C LEU L 26 -22.67 -7.62 -25.69
N LEU L 27 -22.33 -8.27 -26.82
CA LEU L 27 -22.39 -7.58 -28.10
C LEU L 27 -23.83 -7.22 -28.46
N ALA L 28 -24.77 -8.14 -28.24
CA ALA L 28 -26.17 -7.85 -28.54
C ALA L 28 -26.74 -6.79 -27.62
N VAL L 29 -26.31 -6.77 -26.35
CA VAL L 29 -26.76 -5.73 -25.43
C VAL L 29 -26.15 -4.39 -25.82
N MET L 30 -24.89 -4.39 -26.27
CA MET L 30 -24.26 -3.15 -26.70
C MET L 30 -24.97 -2.56 -27.90
N ILE L 31 -25.28 -3.39 -28.90
CA ILE L 31 -25.93 -2.88 -30.11
C ILE L 31 -27.35 -2.43 -29.80
N HIS L 32 -28.06 -3.16 -28.94
CA HIS L 32 -29.41 -2.76 -28.58
C HIS L 32 -29.40 -1.44 -27.82
N LEU L 33 -28.42 -1.22 -26.95
CA LEU L 33 -28.32 0.03 -26.21
C LEU L 33 -27.80 1.17 -27.08
N ILE L 34 -27.08 0.85 -28.16
CA ILE L 34 -26.66 1.89 -29.11
C ILE L 34 -27.86 2.43 -29.85
N LEU L 35 -28.80 1.57 -30.24
CA LEU L 35 -30.00 2.03 -30.93
C LEU L 35 -30.94 2.77 -30.00
N LEU L 36 -30.98 2.38 -28.72
CA LEU L 36 -31.82 3.09 -27.78
C LEU L 36 -31.31 4.51 -27.53
N SER L 37 -29.99 4.70 -27.61
CA SER L 37 -29.42 6.03 -27.42
C SER L 37 -29.52 6.90 -28.66
N THR L 38 -29.90 6.33 -29.81
CA THR L 38 -30.16 7.12 -31.00
C THR L 38 -31.66 7.34 -31.13
N PRO L 39 -32.14 8.58 -31.12
CA PRO L 39 -33.58 8.80 -31.25
C PRO L 39 -34.15 8.37 -32.58
N SER L 40 -33.30 8.16 -33.58
CA SER L 40 -33.75 7.72 -34.89
C SER L 40 -34.15 6.25 -34.92
N TYR L 41 -33.63 5.45 -33.99
CA TYR L 41 -33.92 4.02 -33.95
C TYR L 41 -34.46 3.56 -32.61
N ASN L 42 -34.75 4.47 -31.68
CA ASN L 42 -35.30 4.10 -30.39
C ASN L 42 -36.74 3.64 -30.62
N TRP L 43 -36.94 2.32 -30.68
CA TRP L 43 -38.25 1.80 -31.06
C TRP L 43 -39.32 2.13 -30.02
N LEU L 44 -38.92 2.42 -28.79
CA LEU L 44 -39.90 2.77 -27.76
C LEU L 44 -40.46 4.17 -28.00
N GLU L 45 -39.59 5.12 -28.31
CA GLU L 45 -40.04 6.49 -28.55
C GLU L 45 -40.60 6.68 -29.95
N ILE L 46 -40.20 5.86 -30.91
CA ILE L 46 -40.77 5.94 -32.26
C ILE L 46 -42.25 5.63 -32.20
N SER L 47 -42.63 4.58 -31.48
CA SER L 47 -44.05 4.28 -31.30
C SER L 47 -44.75 5.38 -30.53
N ALA L 48 -44.09 5.94 -29.52
CA ALA L 48 -44.70 7.02 -28.75
C ALA L 48 -44.96 8.24 -29.62
N ALA L 49 -43.99 8.58 -30.47
CA ALA L 49 -44.13 9.73 -31.36
C ALA L 49 -45.03 9.45 -32.55
N LYS L 50 -45.36 8.19 -32.81
CA LYS L 50 -46.23 7.82 -33.92
C LYS L 50 -47.69 7.67 -33.50
N TYR L 51 -47.93 7.08 -32.34
CA TYR L 51 -49.27 6.88 -31.82
C TYR L 51 -49.75 8.05 -30.96
N ASN L 52 -48.98 9.13 -30.90
CA ASN L 52 -49.32 10.30 -30.10
C ASN L 52 -49.55 9.92 -28.64
N ARG L 53 -48.67 9.08 -28.11
CA ARG L 53 -48.81 8.66 -26.72
C ARG L 53 -48.61 9.82 -25.75
N VAL L 54 -47.60 10.65 -26.00
CA VAL L 54 -47.30 11.75 -25.10
C VAL L 54 -48.35 12.85 -25.20
N LEU M 7 -0.85 -30.08 -31.75
CA LEU M 7 -2.13 -30.77 -31.69
C LEU M 7 -2.24 -31.59 -30.41
N GLY M 8 -3.41 -32.18 -30.21
CA GLY M 8 -3.63 -33.02 -29.05
C GLY M 8 -3.51 -32.29 -27.73
N TYR M 9 -4.07 -31.09 -27.65
CA TYR M 9 -3.98 -30.31 -26.42
C TYR M 9 -5.13 -30.60 -25.46
N THR M 10 -6.35 -30.70 -25.98
CA THR M 10 -7.53 -30.91 -25.15
C THR M 10 -7.93 -32.37 -25.03
N GLY M 11 -7.17 -33.28 -25.62
CA GLY M 11 -7.50 -34.69 -25.53
C GLY M 11 -8.81 -35.05 -26.20
N LEU M 12 -9.01 -34.56 -27.42
CA LEU M 12 -10.16 -34.93 -28.24
C LEU M 12 -9.68 -35.62 -29.49
N THR M 13 -10.26 -36.79 -29.77
CA THR M 13 -9.92 -37.51 -30.99
C THR M 13 -10.60 -36.85 -32.18
N ASP M 14 -10.37 -37.40 -33.38
CA ASP M 14 -10.93 -36.81 -34.58
C ASP M 14 -12.42 -37.03 -34.68
N GLU M 15 -12.90 -38.25 -34.40
CA GLU M 15 -14.33 -38.52 -34.51
C GLU M 15 -15.11 -37.72 -33.48
N GLN M 16 -14.51 -37.45 -32.32
CA GLN M 16 -15.16 -36.58 -31.34
C GLN M 16 -15.15 -35.13 -31.82
N ALA M 17 -14.05 -34.70 -32.45
CA ALA M 17 -13.98 -33.33 -32.94
C ALA M 17 -14.96 -33.10 -34.09
N GLN M 18 -15.17 -34.11 -34.93
CA GLN M 18 -16.08 -33.94 -36.06
C GLN M 18 -17.52 -33.83 -35.61
N GLU M 19 -17.97 -34.72 -34.73
CA GLU M 19 -19.36 -34.68 -34.29
C GLU M 19 -19.64 -33.43 -33.47
N LEU M 20 -18.69 -33.04 -32.61
CA LEU M 20 -18.87 -31.82 -31.83
C LEU M 20 -18.97 -30.59 -32.72
N HIS M 21 -18.11 -30.50 -33.73
CA HIS M 21 -18.16 -29.39 -34.66
C HIS M 21 -19.47 -29.39 -35.46
N SER M 22 -19.91 -30.57 -35.90
CA SER M 22 -21.12 -30.63 -36.71
C SER M 22 -22.35 -30.19 -35.92
N VAL M 23 -22.40 -30.56 -34.63
CA VAL M 23 -23.49 -30.07 -33.78
C VAL M 23 -23.36 -28.58 -33.56
N TYR M 24 -22.13 -28.10 -33.36
CA TYR M 24 -21.90 -26.68 -33.13
C TYR M 24 -22.31 -25.84 -34.33
N MET M 25 -21.86 -26.22 -35.53
CA MET M 25 -22.21 -25.46 -36.72
C MET M 25 -23.70 -25.50 -37.00
N SER M 26 -24.40 -26.52 -36.53
CA SER M 26 -25.86 -26.53 -36.62
C SER M 26 -26.44 -25.38 -35.81
N GLY M 27 -25.90 -25.16 -34.60
CA GLY M 27 -26.32 -24.01 -33.82
C GLY M 27 -25.91 -22.69 -34.46
N LEU M 28 -24.74 -22.66 -35.10
CA LEU M 28 -24.27 -21.42 -35.70
C LEU M 28 -25.17 -20.98 -36.85
N TRP M 29 -25.59 -21.91 -37.70
CA TRP M 29 -26.44 -21.54 -38.82
C TRP M 29 -27.85 -21.20 -38.35
N LEU M 30 -28.35 -21.91 -37.34
CA LEU M 30 -29.66 -21.59 -36.79
C LEU M 30 -29.66 -20.19 -36.18
N PHE M 31 -28.59 -19.85 -35.46
CA PHE M 31 -28.49 -18.51 -34.88
C PHE M 31 -28.37 -17.46 -35.96
N SER M 32 -27.60 -17.74 -37.02
CA SER M 32 -27.44 -16.78 -38.11
C SER M 32 -28.71 -16.64 -38.92
N ALA M 33 -29.43 -17.75 -39.12
CA ALA M 33 -30.67 -17.69 -39.89
C ALA M 33 -31.69 -16.79 -39.20
N VAL M 34 -31.77 -16.85 -37.87
CA VAL M 34 -32.69 -15.99 -37.14
C VAL M 34 -32.25 -14.53 -37.21
N ALA M 35 -30.93 -14.30 -37.19
CA ALA M 35 -30.43 -12.94 -37.29
C ALA M 35 -30.67 -12.34 -38.66
N ILE M 36 -30.51 -13.13 -39.72
CA ILE M 36 -30.76 -12.64 -41.08
C ILE M 36 -32.22 -12.27 -41.24
N VAL M 37 -33.12 -13.12 -40.75
CA VAL M 37 -34.54 -12.79 -40.80
C VAL M 37 -34.83 -11.55 -39.96
N ALA M 38 -34.22 -11.46 -38.78
CA ALA M 38 -34.42 -10.29 -37.94
C ALA M 38 -33.91 -9.03 -38.62
N HIS M 39 -32.73 -9.10 -39.24
CA HIS M 39 -32.18 -7.94 -39.93
C HIS M 39 -33.04 -7.55 -41.13
N LEU M 40 -33.54 -8.54 -41.87
CA LEU M 40 -34.38 -8.25 -43.01
C LEU M 40 -35.66 -7.55 -42.60
N ALA M 41 -36.23 -7.95 -41.46
CA ALA M 41 -37.44 -7.30 -40.98
C ALA M 41 -37.16 -5.87 -40.54
N VAL M 42 -36.05 -5.64 -39.83
CA VAL M 42 -35.71 -4.29 -39.39
C VAL M 42 -35.43 -3.39 -40.58
N TYR M 43 -34.73 -3.91 -41.59
CA TYR M 43 -34.40 -3.10 -42.76
C TYR M 43 -35.65 -2.71 -43.54
N ILE M 44 -36.58 -3.65 -43.73
CA ILE M 44 -37.83 -3.33 -44.43
C ILE M 44 -38.61 -2.26 -43.67
N TRP M 45 -38.66 -2.38 -42.34
CA TRP M 45 -39.36 -1.41 -41.52
C TRP M 45 -38.65 -0.05 -41.53
N ARG M 46 -37.33 -0.06 -41.41
CA ARG M 46 -36.59 1.19 -41.23
C ARG M 46 -35.14 1.02 -41.66
N PRO M 47 -34.82 1.28 -42.92
CA PRO M 47 -33.45 1.04 -43.41
C PRO M 47 -32.45 2.01 -42.82
N TRP M 48 -31.19 1.57 -42.78
CA TRP M 48 -30.08 2.39 -42.32
C TRP M 48 -29.08 2.67 -43.44
N PHE M 49 -29.51 2.54 -44.69
CA PHE M 49 -28.64 2.79 -45.82
C PHE M 49 -29.36 3.62 -46.89
N FME N 1 7.52 -17.59 -48.47
CN FME N 1 8.64 -17.86 -47.82
O1 FME N 1 9.78 -17.53 -48.17
CA FME N 1 6.22 -18.05 -48.02
CB FME N 1 5.10 -17.34 -48.79
CG FME N 1 5.35 -17.30 -50.27
SD FME N 1 6.77 -16.25 -50.69
CE FME N 1 6.24 -14.68 -50.00
C FME N 1 6.07 -19.57 -48.16
O FME N 1 5.05 -20.12 -47.68
N SER N 2 7.03 -20.24 -48.80
CA SER N 2 7.02 -21.69 -48.89
C SER N 2 7.20 -22.32 -47.52
N LYS N 3 8.04 -21.69 -46.70
CA LYS N 3 8.36 -22.19 -45.36
C LYS N 3 7.73 -21.36 -44.27
N PHE N 4 6.65 -20.63 -44.56
CA PHE N 4 5.95 -19.89 -43.53
C PHE N 4 5.30 -20.82 -42.51
N TYR N 5 5.03 -22.07 -42.89
CA TYR N 5 4.29 -22.97 -42.02
C TYR N 5 5.06 -23.32 -40.76
N LYS N 6 6.36 -23.04 -40.72
CA LYS N 6 7.14 -23.35 -39.53
C LYS N 6 7.07 -22.25 -38.47
N ILE N 7 6.23 -21.24 -38.67
CA ILE N 7 5.99 -20.27 -37.60
C ILE N 7 5.40 -20.98 -36.40
N TRP N 8 4.64 -22.06 -36.63
CA TRP N 8 3.94 -22.73 -35.54
C TRP N 8 4.85 -23.59 -34.70
N MET N 9 6.02 -23.97 -35.20
CA MET N 9 7.01 -24.65 -34.37
C MET N 9 7.53 -23.76 -33.26
N ILE N 10 7.40 -22.44 -33.42
CA ILE N 10 7.96 -21.49 -32.49
C ILE N 10 6.93 -21.07 -31.44
N PHE N 11 5.66 -20.93 -31.82
CA PHE N 11 4.63 -20.44 -30.93
C PHE N 11 3.51 -21.45 -30.75
N ASP N 12 2.96 -21.48 -29.55
CA ASP N 12 1.78 -22.30 -29.30
C ASP N 12 0.63 -21.80 -30.17
N PRO N 13 -0.09 -22.69 -30.85
CA PRO N 13 -1.33 -22.27 -31.51
C PRO N 13 -2.37 -21.72 -30.54
N ARG N 14 -2.42 -22.23 -29.30
CA ARG N 14 -3.37 -21.71 -28.33
C ARG N 14 -3.08 -20.25 -28.00
N ARG N 15 -1.81 -19.93 -27.74
CA ARG N 15 -1.47 -18.58 -27.31
C ARG N 15 -1.60 -17.58 -28.46
N VAL N 16 -1.34 -18.03 -29.69
CA VAL N 16 -1.42 -17.13 -30.83
C VAL N 16 -2.86 -16.76 -31.15
N PHE N 17 -3.76 -17.76 -31.15
CA PHE N 17 -5.13 -17.50 -31.61
C PHE N 17 -5.91 -16.66 -30.63
N VAL N 18 -5.70 -16.87 -29.33
CA VAL N 18 -6.30 -15.99 -28.33
C VAL N 18 -5.80 -14.57 -28.50
N ALA N 19 -4.48 -14.42 -28.70
CA ALA N 19 -3.91 -13.10 -28.92
C ALA N 19 -4.47 -12.47 -30.20
N GLN N 20 -4.63 -13.28 -31.24
CA GLN N 20 -5.20 -12.77 -32.49
C GLN N 20 -6.69 -12.51 -32.34
N GLY N 21 -7.40 -13.35 -31.59
CA GLY N 21 -8.83 -13.14 -31.41
C GLY N 21 -9.14 -11.87 -30.65
N VAL N 22 -8.36 -11.58 -29.61
CA VAL N 22 -8.58 -10.36 -28.84
C VAL N 22 -8.17 -9.15 -29.66
N PHE N 23 -7.06 -9.26 -30.39
CA PHE N 23 -6.55 -8.13 -31.17
C PHE N 23 -7.51 -7.73 -32.28
N LEU N 24 -8.04 -8.71 -33.02
CA LEU N 24 -8.92 -8.40 -34.14
C LEU N 24 -10.21 -7.75 -33.66
N PHE N 25 -10.78 -8.25 -32.57
CA PHE N 25 -12.04 -7.68 -32.08
C PHE N 25 -11.83 -6.27 -31.54
N LEU N 26 -10.73 -6.05 -30.83
CA LEU N 26 -10.47 -4.71 -30.29
C LEU N 26 -10.16 -3.72 -31.40
N LEU N 27 -9.44 -4.15 -32.43
CA LEU N 27 -9.22 -3.27 -33.58
C LEU N 27 -10.53 -2.98 -34.29
N ALA N 28 -11.38 -3.98 -34.48
CA ALA N 28 -12.64 -3.78 -35.19
C ALA N 28 -13.57 -2.86 -34.43
N VAL N 29 -13.70 -3.08 -33.12
CA VAL N 29 -14.57 -2.23 -32.31
C VAL N 29 -14.07 -0.80 -32.31
N MET N 30 -12.76 -0.61 -32.21
CA MET N 30 -12.20 0.74 -32.19
C MET N 30 -12.51 1.49 -33.47
N ILE N 31 -12.36 0.83 -34.62
CA ILE N 31 -12.59 1.50 -35.89
C ILE N 31 -14.07 1.82 -36.06
N HIS N 32 -14.95 0.93 -35.62
CA HIS N 32 -16.39 1.21 -35.70
C HIS N 32 -16.76 2.40 -34.83
N LEU N 33 -16.15 2.54 -33.66
CA LEU N 33 -16.43 3.68 -32.80
C LEU N 33 -15.84 4.97 -33.35
N ILE N 34 -14.65 4.90 -33.94
CA ILE N 34 -14.06 6.07 -34.57
C ILE N 34 -14.96 6.58 -35.68
N LEU N 35 -15.58 5.68 -36.44
CA LEU N 35 -16.49 6.09 -37.50
C LEU N 35 -17.76 6.72 -36.93
N LEU N 36 -18.30 6.14 -35.84
CA LEU N 36 -19.49 6.71 -35.23
C LEU N 36 -19.20 8.09 -34.64
N SER N 37 -17.99 8.29 -34.12
CA SER N 37 -17.62 9.58 -33.54
C SER N 37 -17.63 10.67 -34.59
N THR N 38 -17.13 10.38 -35.79
CA THR N 38 -17.14 11.37 -36.86
C THR N 38 -18.56 11.53 -37.38
N PRO N 39 -19.10 12.75 -37.45
CA PRO N 39 -20.45 12.94 -37.97
C PRO N 39 -20.59 12.58 -39.44
N SER N 40 -19.48 12.60 -40.20
CA SER N 40 -19.55 12.34 -41.62
C SER N 40 -19.72 10.86 -41.95
N TYR N 41 -19.39 9.97 -41.01
CA TYR N 41 -19.45 8.54 -41.26
C TYR N 41 -20.33 7.80 -40.25
N ASN N 42 -21.06 8.51 -39.40
CA ASN N 42 -22.05 7.88 -38.55
C ASN N 42 -23.22 7.45 -39.42
N TRP N 43 -23.31 6.15 -39.70
CA TRP N 43 -24.34 5.65 -40.61
C TRP N 43 -25.74 5.73 -40.03
N LEU N 44 -25.88 6.03 -38.74
CA LEU N 44 -27.18 6.20 -38.12
C LEU N 44 -27.66 7.65 -38.17
N GLU N 45 -26.73 8.60 -38.10
CA GLU N 45 -27.09 10.01 -38.25
C GLU N 45 -27.28 10.38 -39.71
N ILE N 46 -26.58 9.71 -40.62
CA ILE N 46 -26.78 9.93 -42.04
C ILE N 46 -28.19 9.52 -42.45
N SER N 47 -28.61 8.34 -42.01
CA SER N 47 -29.93 7.83 -42.37
C SER N 47 -31.03 8.72 -41.83
N ALA N 48 -30.90 9.20 -40.60
CA ALA N 48 -31.90 10.11 -40.04
C ALA N 48 -31.99 11.39 -40.87
N ALA N 49 -30.85 11.94 -41.26
CA ALA N 49 -30.85 13.15 -42.08
C ALA N 49 -31.40 12.87 -43.47
N LYS N 50 -31.20 11.65 -43.98
CA LYS N 50 -31.67 11.33 -45.32
C LYS N 50 -33.18 11.12 -45.35
N TYR N 51 -33.73 10.51 -44.30
CA TYR N 51 -35.13 10.13 -44.27
C TYR N 51 -35.99 11.04 -43.41
N ASN N 52 -35.43 12.14 -42.91
CA ASN N 52 -36.14 13.08 -42.05
C ASN N 52 -36.73 12.37 -40.83
N ARG N 53 -35.86 11.72 -40.07
CA ARG N 53 -36.26 10.95 -38.90
C ARG N 53 -36.03 11.71 -37.61
N VAL N 54 -35.69 12.99 -37.67
CA VAL N 54 -35.51 13.80 -36.47
C VAL N 54 -36.48 14.96 -36.48
N LEU O 7 14.19 -27.66 -33.99
CA LEU O 7 13.17 -26.67 -33.65
C LEU O 7 11.95 -27.34 -33.03
N GLY O 8 11.93 -27.36 -31.70
CA GLY O 8 10.87 -28.00 -30.95
C GLY O 8 10.32 -27.15 -29.82
N TYR O 9 10.15 -25.85 -30.07
CA TYR O 9 9.62 -24.98 -29.04
C TYR O 9 8.22 -25.38 -28.60
N THR O 10 7.45 -26.04 -29.47
CA THR O 10 6.12 -26.50 -29.12
C THR O 10 5.87 -27.98 -29.34
N GLY O 11 6.65 -28.65 -30.18
CA GLY O 11 6.51 -30.07 -30.41
C GLY O 11 5.78 -30.47 -31.66
N LEU O 12 5.27 -29.51 -32.43
CA LEU O 12 4.62 -29.85 -33.69
C LEU O 12 5.63 -30.50 -34.64
N THR O 13 5.23 -31.59 -35.28
CA THR O 13 6.14 -32.48 -35.97
C THR O 13 6.20 -32.23 -37.47
N ASP O 14 6.07 -30.98 -37.90
CA ASP O 14 6.31 -30.58 -39.29
C ASP O 14 5.24 -31.14 -40.22
N GLU O 15 4.39 -32.02 -39.71
CA GLU O 15 3.22 -32.50 -40.44
C GLU O 15 1.94 -31.93 -39.85
N GLN O 16 1.89 -31.78 -38.53
CA GLN O 16 0.81 -31.01 -37.91
C GLN O 16 0.94 -29.53 -38.24
N ALA O 17 2.16 -29.00 -38.27
CA ALA O 17 2.35 -27.59 -38.59
C ALA O 17 1.92 -27.27 -40.02
N GLN O 18 2.28 -28.11 -40.99
CA GLN O 18 1.78 -27.91 -42.35
C GLN O 18 0.27 -28.04 -42.39
N GLU O 19 -0.28 -29.04 -41.69
CA GLU O 19 -1.73 -29.20 -41.65
C GLU O 19 -2.39 -28.05 -40.91
N LEU O 20 -1.80 -27.62 -39.78
CA LEU O 20 -2.36 -26.51 -39.04
C LEU O 20 -2.27 -25.21 -39.84
N HIS O 21 -1.15 -24.98 -40.53
CA HIS O 21 -1.00 -23.73 -41.27
C HIS O 21 -1.90 -23.69 -42.49
N SER O 22 -2.21 -24.84 -43.10
CA SER O 22 -3.13 -24.86 -44.22
C SER O 22 -4.52 -24.41 -43.80
N VAL O 23 -4.98 -24.89 -42.65
CA VAL O 23 -6.30 -24.53 -42.16
C VAL O 23 -6.35 -23.08 -41.75
N TYR O 24 -5.28 -22.59 -41.11
CA TYR O 24 -5.23 -21.19 -40.70
C TYR O 24 -5.30 -20.25 -41.89
N MET O 25 -4.55 -20.56 -42.95
CA MET O 25 -4.58 -19.73 -44.14
C MET O 25 -5.93 -19.80 -44.84
N SER O 26 -6.60 -20.94 -44.75
CA SER O 26 -7.95 -21.05 -45.31
C SER O 26 -8.90 -20.09 -44.60
N GLY O 27 -8.83 -20.03 -43.27
CA GLY O 27 -9.63 -19.07 -42.53
C GLY O 27 -9.15 -17.65 -42.76
N LEU O 28 -7.84 -17.46 -42.91
CA LEU O 28 -7.29 -16.12 -43.11
C LEU O 28 -7.77 -15.52 -44.43
N TRP O 29 -7.77 -16.31 -45.50
CA TRP O 29 -8.22 -15.77 -46.79
C TRP O 29 -9.71 -15.51 -46.79
N LEU O 30 -10.49 -16.35 -46.10
CA LEU O 30 -11.92 -16.13 -46.01
C LEU O 30 -12.25 -14.83 -45.30
N PHE O 31 -11.57 -14.57 -44.17
CA PHE O 31 -11.80 -13.34 -43.42
C PHE O 31 -11.37 -12.12 -44.23
N SER O 32 -10.25 -12.23 -44.95
CA SER O 32 -9.82 -11.16 -45.82
C SER O 32 -10.78 -10.95 -46.98
N ALA O 33 -11.37 -12.04 -47.48
CA ALA O 33 -12.29 -11.92 -48.61
C ALA O 33 -13.54 -11.14 -48.22
N VAL O 34 -14.06 -11.38 -47.01
CA VAL O 34 -15.24 -10.65 -46.56
C VAL O 34 -14.89 -9.18 -46.30
N ALA O 35 -13.69 -8.93 -45.78
CA ALA O 35 -13.27 -7.55 -45.53
C ALA O 35 -13.15 -6.76 -46.83
N ILE O 36 -12.62 -7.38 -47.87
CA ILE O 36 -12.49 -6.69 -49.16
C ILE O 36 -13.86 -6.33 -49.71
N VAL O 37 -14.83 -7.25 -49.62
CA VAL O 37 -16.17 -6.95 -50.10
C VAL O 37 -16.77 -5.80 -49.30
N ALA O 38 -16.57 -5.81 -47.99
CA ALA O 38 -17.12 -4.74 -47.13
C ALA O 38 -16.51 -3.39 -47.47
N HIS O 39 -15.20 -3.34 -47.69
CA HIS O 39 -14.54 -2.07 -48.03
C HIS O 39 -14.96 -1.59 -49.41
N LEU O 40 -15.13 -2.51 -50.35
CA LEU O 40 -15.64 -2.13 -51.67
C LEU O 40 -17.08 -1.63 -51.58
N ALA O 41 -17.85 -2.18 -50.65
CA ALA O 41 -19.22 -1.71 -50.47
C ALA O 41 -19.25 -0.32 -49.83
N VAL O 42 -18.41 -0.11 -48.82
CA VAL O 42 -18.37 1.19 -48.15
C VAL O 42 -17.78 2.24 -49.09
N TYR O 43 -16.78 1.87 -49.89
CA TYR O 43 -16.16 2.85 -50.76
C TYR O 43 -17.13 3.35 -51.84
N ILE O 44 -17.91 2.44 -52.43
CA ILE O 44 -18.93 2.87 -53.37
C ILE O 44 -20.01 3.67 -52.66
N TRP O 45 -20.32 3.33 -51.41
CA TRP O 45 -21.32 4.07 -50.65
C TRP O 45 -20.90 5.52 -50.47
N ARG O 46 -19.81 5.76 -49.74
CA ARG O 46 -19.21 7.08 -49.70
C ARG O 46 -17.70 6.96 -49.53
N PRO O 47 -16.94 7.21 -50.59
CA PRO O 47 -15.49 7.00 -50.52
C PRO O 47 -14.81 7.95 -49.56
N TRP O 48 -13.76 7.48 -48.92
CA TRP O 48 -13.01 8.28 -47.97
C TRP O 48 -11.77 8.93 -48.58
N PHE O 49 -11.58 8.78 -49.88
CA PHE O 49 -10.46 9.42 -50.56
C PHE O 49 -10.94 10.41 -51.60
N FME P 1 27.11 -8.04 -44.88
CN FME P 1 28.02 -8.86 -44.34
O1 FME P 1 27.78 -9.85 -43.68
CA FME P 1 25.68 -8.28 -44.73
CB FME P 1 24.88 -7.06 -45.24
CG FME P 1 25.36 -6.54 -46.58
SD FME P 1 24.35 -5.16 -47.18
CE FME P 1 22.75 -5.95 -47.32
C FME P 1 25.24 -9.55 -45.48
O FME P 1 24.38 -9.45 -46.37
N SER P 2 25.81 -10.69 -45.12
CA SER P 2 25.42 -11.98 -45.66
C SER P 2 25.41 -12.99 -44.53
N LYS P 3 26.06 -12.61 -43.44
CA LYS P 3 26.17 -13.42 -42.24
C LYS P 3 25.16 -13.03 -41.18
N PHE P 4 24.16 -12.23 -41.52
CA PHE P 4 23.17 -11.82 -40.54
C PHE P 4 22.34 -12.99 -40.04
N TYR P 5 22.39 -14.13 -40.72
CA TYR P 5 21.62 -15.28 -40.27
C TYR P 5 22.11 -15.79 -38.93
N LYS P 6 23.34 -15.43 -38.54
CA LYS P 6 23.89 -15.89 -37.28
C LYS P 6 23.34 -15.14 -36.08
N ILE P 7 22.52 -14.10 -36.28
CA ILE P 7 21.89 -13.43 -35.14
C ILE P 7 20.94 -14.36 -34.42
N TRP P 8 20.41 -15.37 -35.11
CA TRP P 8 19.49 -16.32 -34.50
C TRP P 8 20.21 -17.38 -33.68
N MET P 9 21.53 -17.46 -33.79
CA MET P 9 22.36 -18.27 -32.90
C MET P 9 22.71 -17.50 -31.63
N ILE P 10 22.13 -16.31 -31.45
CA ILE P 10 22.33 -15.51 -30.26
C ILE P 10 21.03 -15.25 -29.52
N PHE P 11 19.97 -14.89 -30.25
CA PHE P 11 18.71 -14.46 -29.67
C PHE P 11 17.62 -15.48 -29.96
N ASP P 12 16.83 -15.78 -28.93
CA ASP P 12 15.76 -16.75 -29.08
C ASP P 12 14.73 -16.22 -30.07
N PRO P 13 14.31 -17.01 -31.06
CA PRO P 13 13.30 -16.53 -32.01
C PRO P 13 11.99 -16.15 -31.35
N ARG P 14 11.58 -16.85 -30.29
CA ARG P 14 10.30 -16.55 -29.66
C ARG P 14 10.30 -15.15 -29.07
N ARG P 15 11.40 -14.76 -28.42
CA ARG P 15 11.44 -13.46 -27.75
C ARG P 15 11.58 -12.34 -28.75
N VAL P 16 12.32 -12.57 -29.84
CA VAL P 16 12.51 -11.53 -30.85
C VAL P 16 11.19 -11.23 -31.56
N PHE P 17 10.48 -12.28 -32.00
CA PHE P 17 9.26 -12.08 -32.78
C PHE P 17 8.18 -11.38 -31.96
N VAL P 18 8.02 -11.78 -30.70
CA VAL P 18 7.03 -11.12 -29.84
C VAL P 18 7.42 -9.67 -29.60
N ALA P 19 8.71 -9.41 -29.39
CA ALA P 19 9.17 -8.04 -29.17
C ALA P 19 8.93 -7.17 -30.39
N GLN P 20 9.17 -7.70 -31.59
CA GLN P 20 8.91 -6.95 -32.81
C GLN P 20 7.42 -6.71 -33.01
N GLY P 21 6.59 -7.72 -32.73
CA GLY P 21 5.16 -7.56 -32.90
C GLY P 21 4.59 -6.46 -32.04
N VAL P 22 5.03 -6.40 -30.78
CA VAL P 22 4.63 -5.30 -29.91
C VAL P 22 5.18 -3.98 -30.44
N PHE P 23 6.44 -3.98 -30.88
CA PHE P 23 7.04 -2.74 -31.35
C PHE P 23 6.41 -2.28 -32.66
N LEU P 24 6.26 -3.18 -33.63
CA LEU P 24 5.74 -2.79 -34.94
C LEU P 24 4.29 -2.33 -34.85
N PHE P 25 3.47 -3.00 -34.03
CA PHE P 25 2.08 -2.61 -33.90
C PHE P 25 1.95 -1.27 -33.17
N LEU P 26 2.69 -1.10 -32.07
CA LEU P 26 2.61 0.15 -31.33
C LEU P 26 3.14 1.30 -32.15
N LEU P 27 4.17 1.06 -32.96
CA LEU P 27 4.69 2.10 -33.84
C LEU P 27 3.63 2.54 -34.84
N ALA P 28 2.95 1.59 -35.47
CA ALA P 28 1.95 1.93 -36.49
C ALA P 28 0.75 2.63 -35.89
N VAL P 29 0.31 2.17 -34.72
CA VAL P 29 -0.82 2.82 -34.05
C VAL P 29 -0.43 4.23 -33.59
N MET P 30 0.81 4.41 -33.15
CA MET P 30 1.26 5.75 -32.79
C MET P 30 1.24 6.69 -33.98
N ILE P 31 1.79 6.25 -35.12
CA ILE P 31 1.84 7.12 -36.29
C ILE P 31 0.45 7.40 -36.83
N HIS P 32 -0.43 6.40 -36.78
CA HIS P 32 -1.80 6.61 -37.24
C HIS P 32 -2.55 7.60 -36.35
N LEU P 33 -2.29 7.57 -35.05
CA LEU P 33 -2.92 8.55 -34.16
C LEU P 33 -2.28 9.92 -34.30
N ILE P 34 -0.98 9.97 -34.61
CA ILE P 34 -0.33 11.24 -34.84
C ILE P 34 -0.89 11.92 -36.07
N LEU P 35 -1.17 11.14 -37.12
CA LEU P 35 -1.79 11.71 -38.32
C LEU P 35 -3.23 12.11 -38.07
N LEU P 36 -3.97 11.29 -37.30
CA LEU P 36 -5.36 11.57 -37.02
C LEU P 36 -5.52 12.85 -36.20
N SER P 37 -4.50 13.20 -35.42
CA SER P 37 -4.57 14.44 -34.65
C SER P 37 -4.35 15.67 -35.53
N THR P 38 -3.41 15.62 -36.45
CA THR P 38 -3.10 16.78 -37.27
C THR P 38 -4.22 17.01 -38.27
N PRO P 39 -4.86 18.19 -38.28
CA PRO P 39 -6.01 18.39 -39.17
C PRO P 39 -5.66 18.34 -40.64
N SER P 40 -4.38 18.56 -40.99
CA SER P 40 -3.99 18.55 -42.38
C SER P 40 -4.04 17.16 -42.99
N TYR P 41 -3.65 16.14 -42.22
CA TYR P 41 -3.56 14.78 -42.72
C TYR P 41 -4.66 13.87 -42.20
N ASN P 42 -5.68 14.42 -41.54
CA ASN P 42 -6.78 13.62 -41.03
C ASN P 42 -7.68 13.21 -42.19
N TRP P 43 -7.54 11.96 -42.64
CA TRP P 43 -8.20 11.54 -43.88
C TRP P 43 -9.71 11.46 -43.74
N LEU P 44 -10.22 11.36 -42.52
CA LEU P 44 -11.67 11.36 -42.33
C LEU P 44 -12.26 12.75 -42.52
N GLU P 45 -11.53 13.78 -42.09
CA GLU P 45 -12.00 15.14 -42.28
C GLU P 45 -11.80 15.61 -43.71
N ILE P 46 -10.72 15.16 -44.36
CA ILE P 46 -10.44 15.59 -45.73
C ILE P 46 -11.54 15.14 -46.66
N SER P 47 -12.01 13.89 -46.49
CA SER P 47 -13.10 13.38 -47.31
C SER P 47 -14.37 14.19 -47.10
N ALA P 48 -14.66 14.56 -45.85
CA ALA P 48 -15.86 15.34 -45.57
C ALA P 48 -15.81 16.70 -46.25
N ALA P 49 -14.65 17.37 -46.20
CA ALA P 49 -14.54 18.67 -46.84
C ALA P 49 -14.54 18.55 -48.35
N LYS P 50 -13.90 17.53 -48.89
CA LYS P 50 -13.84 17.35 -50.34
C LYS P 50 -15.22 17.07 -50.91
N TYR P 51 -16.01 16.24 -50.24
CA TYR P 51 -17.31 15.81 -50.73
C TYR P 51 -18.47 16.59 -50.12
N ASN P 52 -18.20 17.59 -49.28
CA ASN P 52 -19.22 18.45 -48.68
C ASN P 52 -20.26 17.62 -47.94
N ARG P 53 -19.78 16.84 -46.98
CA ARG P 53 -20.64 15.96 -46.20
C ARG P 53 -21.11 16.59 -44.90
N VAL P 54 -20.75 17.83 -44.64
CA VAL P 54 -21.19 18.52 -43.42
C VAL P 54 -22.08 19.70 -43.78
N LEU Q 7 29.60 -18.39 -28.47
CA LEU Q 7 28.44 -18.35 -29.36
C LEU Q 7 27.51 -19.54 -29.14
N GLY Q 8 26.49 -19.65 -29.99
CA GLY Q 8 25.54 -20.73 -29.90
C GLY Q 8 24.75 -20.74 -28.59
N TYR Q 9 24.25 -19.58 -28.18
CA TYR Q 9 23.54 -19.48 -26.91
C TYR Q 9 22.07 -19.82 -27.02
N THR Q 10 21.57 -20.14 -28.22
CA THR Q 10 20.15 -20.43 -28.40
C THR Q 10 19.85 -21.91 -28.64
N GLY Q 11 20.85 -22.71 -28.97
CA GLY Q 11 20.64 -24.11 -29.28
C GLY Q 11 20.36 -24.40 -30.73
N LEU Q 12 20.13 -23.37 -31.55
CA LEU Q 12 19.93 -23.60 -32.98
C LEU Q 12 21.25 -23.98 -33.64
N THR Q 13 21.18 -24.92 -34.57
CA THR Q 13 22.35 -25.30 -35.34
C THR Q 13 22.58 -24.30 -36.47
N ASP Q 14 23.66 -24.50 -37.22
CA ASP Q 14 23.98 -23.56 -38.29
C ASP Q 14 22.93 -23.60 -39.40
N GLU Q 15 22.48 -24.80 -39.78
CA GLU Q 15 21.48 -24.88 -40.83
C GLU Q 15 20.14 -24.32 -40.38
N GLN Q 16 19.82 -24.48 -39.09
CA GLN Q 16 18.56 -23.95 -38.58
C GLN Q 16 18.53 -22.43 -38.62
N ALA Q 17 19.66 -21.79 -38.32
CA ALA Q 17 19.73 -20.33 -38.44
C ALA Q 17 19.61 -19.89 -39.89
N GLN Q 18 20.19 -20.64 -40.81
CA GLN Q 18 19.97 -20.39 -42.23
C GLN Q 18 18.51 -20.60 -42.59
N GLU Q 19 17.90 -21.65 -42.05
CA GLU Q 19 16.50 -21.94 -42.35
C GLU Q 19 15.59 -20.86 -41.80
N LEU Q 20 15.86 -20.40 -40.58
CA LEU Q 20 15.00 -19.40 -39.96
C LEU Q 20 15.17 -18.03 -40.62
N HIS Q 21 16.41 -17.65 -40.92
CA HIS Q 21 16.65 -16.32 -41.48
C HIS Q 21 16.02 -16.17 -42.85
N SER Q 22 16.12 -17.19 -43.70
CA SER Q 22 15.57 -17.10 -45.05
C SER Q 22 14.07 -16.86 -45.00
N VAL Q 23 13.39 -17.42 -44.01
CA VAL Q 23 11.97 -17.17 -43.84
C VAL Q 23 11.73 -15.78 -43.25
N TYR Q 24 12.55 -15.37 -42.28
CA TYR Q 24 12.40 -14.06 -41.68
C TYR Q 24 12.63 -12.95 -42.70
N MET Q 25 13.62 -13.10 -43.56
CA MET Q 25 13.88 -12.09 -44.57
C MET Q 25 12.77 -12.05 -45.61
N SER Q 26 12.17 -13.20 -45.91
CA SER Q 26 11.06 -13.22 -46.86
C SER Q 26 9.88 -12.41 -46.34
N GLY Q 27 9.54 -12.58 -45.07
CA GLY Q 27 8.48 -11.77 -44.49
C GLY Q 27 8.84 -10.31 -44.39
N LEU Q 28 10.11 -10.02 -44.09
CA LEU Q 28 10.55 -8.65 -43.96
C LEU Q 28 10.46 -7.89 -45.28
N TRP Q 29 10.87 -8.53 -46.38
CA TRP Q 29 10.74 -7.87 -47.68
C TRP Q 29 9.29 -7.79 -48.10
N LEU Q 30 8.50 -8.81 -47.79
CA LEU Q 30 7.07 -8.77 -48.10
C LEU Q 30 6.36 -7.68 -47.29
N PHE Q 31 6.75 -7.53 -46.02
CA PHE Q 31 6.16 -6.48 -45.20
C PHE Q 31 6.63 -5.09 -45.63
N SER Q 32 7.89 -5.00 -46.07
CA SER Q 32 8.42 -3.71 -46.50
C SER Q 32 7.91 -3.32 -47.88
N ALA Q 33 7.67 -4.31 -48.75
CA ALA Q 33 7.18 -4.00 -50.09
C ALA Q 33 5.81 -3.34 -50.05
N VAL Q 34 4.93 -3.83 -49.18
CA VAL Q 34 3.64 -3.19 -49.00
C VAL Q 34 3.81 -1.80 -48.42
N ALA Q 35 4.75 -1.65 -47.48
CA ALA Q 35 4.96 -0.36 -46.84
C ALA Q 35 5.43 0.69 -47.84
N ILE Q 36 6.28 0.29 -48.79
CA ILE Q 36 6.75 1.23 -49.79
C ILE Q 36 5.62 1.63 -50.73
N VAL Q 37 4.79 0.68 -51.15
CA VAL Q 37 3.63 1.02 -51.98
C VAL Q 37 2.65 1.87 -51.18
N ALA Q 38 2.49 1.57 -49.89
CA ALA Q 38 1.60 2.37 -49.06
C ALA Q 38 2.11 3.82 -48.97
N HIS Q 39 3.41 4.01 -48.81
CA HIS Q 39 3.98 5.35 -48.80
C HIS Q 39 3.91 5.99 -50.17
N LEU Q 40 4.11 5.20 -51.22
CA LEU Q 40 4.05 5.74 -52.58
C LEU Q 40 2.67 6.28 -52.91
N ALA Q 41 1.63 5.57 -52.48
CA ALA Q 41 0.27 6.04 -52.71
C ALA Q 41 -0.01 7.33 -51.94
N VAL Q 42 0.43 7.38 -50.68
CA VAL Q 42 0.12 8.53 -49.83
C VAL Q 42 0.87 9.77 -50.30
N TYR Q 43 2.12 9.60 -50.73
CA TYR Q 43 2.88 10.76 -51.21
C TYR Q 43 2.29 11.33 -52.48
N ILE Q 44 1.74 10.48 -53.35
CA ILE Q 44 1.08 10.97 -54.55
C ILE Q 44 -0.20 11.70 -54.20
N TRP Q 45 -1.00 11.12 -53.29
CA TRP Q 45 -2.26 11.75 -52.91
C TRP Q 45 -2.04 13.06 -52.15
N ARG Q 46 -1.04 13.10 -51.29
CA ARG Q 46 -0.85 14.23 -50.40
C ARG Q 46 0.58 14.28 -49.89
N PRO Q 47 1.52 14.84 -50.65
CA PRO Q 47 2.92 14.81 -50.24
C PRO Q 47 3.15 15.59 -48.96
N TRP Q 48 4.03 15.06 -48.10
CA TRP Q 48 4.40 15.72 -46.87
C TRP Q 48 5.71 16.47 -46.97
N PHE Q 49 6.30 16.53 -48.16
CA PHE Q 49 7.50 17.33 -48.37
C PHE Q 49 7.27 18.37 -49.46
N FME R 1 44.36 0.25 -33.55
CN FME R 1 44.79 -0.03 -32.32
O1 FME R 1 45.94 -0.40 -32.04
CA FME R 1 43.01 0.72 -33.79
CB FME R 1 43.02 2.08 -34.51
C FME R 1 42.22 -0.31 -34.63
O FME R 1 41.03 -0.06 -34.90
N SER R 2 42.86 -1.41 -35.01
CA SER R 2 42.19 -2.47 -35.73
C SER R 2 42.12 -3.72 -34.86
N LYS R 3 42.10 -3.50 -33.54
CA LYS R 3 41.93 -4.57 -32.57
C LYS R 3 40.67 -4.41 -31.75
N PHE R 4 39.70 -3.62 -32.24
CA PHE R 4 38.45 -3.44 -31.53
C PHE R 4 37.62 -4.71 -31.50
N TYR R 5 37.99 -5.72 -32.30
CA TYR R 5 37.27 -6.99 -32.26
C TYR R 5 37.43 -7.67 -30.91
N LYS R 6 38.44 -7.29 -30.14
CA LYS R 6 38.68 -7.93 -28.85
C LYS R 6 37.68 -7.47 -27.79
N ILE R 7 36.83 -6.50 -28.10
CA ILE R 7 35.80 -6.10 -27.15
C ILE R 7 34.78 -7.21 -26.98
N TRP R 8 34.68 -8.12 -27.94
CA TRP R 8 33.69 -9.20 -27.85
C TRP R 8 34.16 -10.36 -26.99
N MET R 9 35.43 -10.39 -26.62
CA MET R 9 35.94 -11.34 -25.65
C MET R 9 35.80 -10.81 -24.23
N ILE R 10 35.28 -9.60 -24.06
CA ILE R 10 35.01 -9.02 -22.76
C ILE R 10 33.51 -8.94 -22.49
N PHE R 11 32.76 -8.29 -23.38
CA PHE R 11 31.34 -8.08 -23.20
C PHE R 11 30.55 -9.17 -23.92
N ASP R 12 29.51 -9.65 -23.26
CA ASP R 12 28.69 -10.70 -23.83
C ASP R 12 27.87 -10.13 -25.00
N PRO R 13 27.90 -10.78 -26.16
CA PRO R 13 27.12 -10.25 -27.30
C PRO R 13 25.64 -10.14 -27.03
N ARG R 14 25.06 -11.05 -26.24
CA ARG R 14 23.63 -10.97 -25.99
C ARG R 14 23.27 -9.71 -25.20
N ARG R 15 24.20 -9.19 -24.41
CA ARG R 15 23.92 -8.00 -23.61
C ARG R 15 24.19 -6.71 -24.38
N VAL R 16 25.21 -6.70 -25.24
CA VAL R 16 25.55 -5.49 -25.98
C VAL R 16 24.44 -5.12 -26.95
N PHE R 17 23.94 -6.10 -27.71
CA PHE R 17 22.92 -5.81 -28.71
C PHE R 17 21.65 -5.28 -28.08
N VAL R 18 21.23 -5.87 -26.94
CA VAL R 18 20.03 -5.37 -26.26
C VAL R 18 20.26 -3.96 -25.76
N ALA R 19 21.42 -3.72 -25.14
CA ALA R 19 21.74 -2.36 -24.69
C ALA R 19 21.83 -1.40 -25.86
N GLN R 20 22.42 -1.83 -26.98
CA GLN R 20 22.54 -0.95 -28.13
C GLN R 20 21.19 -0.73 -28.81
N GLY R 21 20.37 -1.78 -28.92
CA GLY R 21 19.10 -1.64 -29.61
C GLY R 21 18.14 -0.73 -28.87
N VAL R 22 18.11 -0.84 -27.54
CA VAL R 22 17.28 0.06 -26.74
C VAL R 22 17.75 1.50 -26.89
N PHE R 23 19.07 1.71 -26.88
CA PHE R 23 19.61 3.07 -26.95
C PHE R 23 19.30 3.72 -28.28
N LEU R 24 19.45 2.99 -29.39
CA LEU R 24 19.27 3.58 -30.70
C LEU R 24 17.81 3.94 -30.95
N PHE R 25 16.87 3.13 -30.46
CA PHE R 25 15.46 3.46 -30.61
C PHE R 25 15.11 4.72 -29.84
N LEU R 26 15.55 4.81 -28.58
CA LEU R 26 15.19 5.96 -27.76
C LEU R 26 15.90 7.21 -28.20
N LEU R 27 17.10 7.07 -28.78
CA LEU R 27 17.77 8.22 -29.36
C LEU R 27 17.04 8.73 -30.58
N ALA R 28 16.57 7.82 -31.45
CA ALA R 28 15.83 8.22 -32.63
C ALA R 28 14.52 8.90 -32.26
N VAL R 29 13.81 8.34 -31.28
CA VAL R 29 12.56 8.94 -30.84
C VAL R 29 12.81 10.31 -30.21
N MET R 30 13.89 10.41 -29.42
CA MET R 30 14.19 11.66 -28.75
C MET R 30 14.48 12.78 -29.74
N ILE R 31 15.24 12.48 -30.80
CA ILE R 31 15.53 13.50 -31.80
C ILE R 31 14.31 13.81 -32.64
N HIS R 32 13.52 12.79 -32.98
CA HIS R 32 12.30 13.04 -33.73
C HIS R 32 11.32 13.89 -32.92
N LEU R 33 11.27 13.65 -31.60
CA LEU R 33 10.40 14.44 -30.74
C LEU R 33 10.83 15.89 -30.69
N ILE R 34 12.14 16.16 -30.62
CA ILE R 34 12.61 17.54 -30.60
C ILE R 34 12.25 18.26 -31.89
N LEU R 35 12.41 17.59 -33.03
CA LEU R 35 12.09 18.22 -34.30
C LEU R 35 10.60 18.54 -34.41
N LEU R 36 9.74 17.63 -33.96
CA LEU R 36 8.30 17.91 -33.99
C LEU R 36 7.91 19.01 -33.01
N SER R 37 8.58 19.09 -31.86
CA SER R 37 8.24 20.09 -30.86
C SER R 37 8.48 21.50 -31.37
N THR R 38 9.59 21.72 -32.08
CA THR R 38 9.91 23.04 -32.59
C THR R 38 9.11 23.31 -33.87
N PRO R 39 8.31 24.37 -33.92
CA PRO R 39 7.48 24.61 -35.11
C PRO R 39 8.26 24.88 -36.38
N SER R 40 9.54 25.23 -36.28
CA SER R 40 10.34 25.46 -37.48
C SER R 40 10.63 24.16 -38.21
N TYR R 41 10.78 23.06 -37.49
CA TYR R 41 11.14 21.77 -38.08
C TYR R 41 10.01 20.73 -37.99
N ASN R 42 8.82 21.14 -37.58
CA ASN R 42 7.67 20.24 -37.57
C ASN R 42 7.23 20.03 -39.01
N TRP R 43 7.60 18.89 -39.59
CA TRP R 43 7.38 18.70 -41.03
C TRP R 43 5.90 18.51 -41.35
N LEU R 44 5.09 18.08 -40.38
CA LEU R 44 3.66 17.97 -40.61
C LEU R 44 3.04 19.35 -40.80
N GLU R 45 3.55 20.34 -40.05
CA GLU R 45 3.07 21.71 -40.21
C GLU R 45 3.68 22.38 -41.43
N ILE R 46 4.91 22.01 -41.81
CA ILE R 46 5.56 22.66 -42.95
C ILE R 46 4.80 22.38 -44.24
N SER R 47 4.39 21.13 -44.43
CA SER R 47 3.61 20.80 -45.62
C SER R 47 2.20 21.34 -45.53
N ALA R 48 1.66 21.45 -44.31
CA ALA R 48 0.30 21.97 -44.15
C ALA R 48 0.20 23.39 -44.65
N ALA R 49 1.21 24.22 -44.38
CA ALA R 49 1.20 25.60 -44.84
C ALA R 49 1.73 25.75 -46.25
N LYS R 50 2.63 24.86 -46.68
CA LYS R 50 3.22 24.97 -48.00
C LYS R 50 2.17 24.79 -49.09
N TYR R 51 1.30 23.81 -48.94
CA TYR R 51 0.26 23.54 -49.93
C TYR R 51 -1.07 24.21 -49.59
N ASN R 52 -1.08 25.06 -48.56
CA ASN R 52 -2.28 25.77 -48.13
C ASN R 52 -3.43 24.79 -47.84
N ARG R 53 -3.19 23.92 -46.86
CA ARG R 53 -4.16 22.89 -46.51
C ARG R 53 -5.07 23.30 -45.36
N VAL R 54 -4.58 24.12 -44.44
CA VAL R 54 -5.41 24.59 -43.34
C VAL R 54 -5.63 26.10 -43.45
N LEU S 7 41.62 -16.29 -21.51
CA LEU S 7 41.61 -15.85 -22.90
C LEU S 7 40.49 -14.84 -23.14
N GLY S 8 39.61 -14.71 -22.17
CA GLY S 8 38.50 -13.77 -22.29
C GLY S 8 37.64 -13.79 -21.06
N TYR S 9 36.62 -12.94 -21.08
CA TYR S 9 35.64 -12.85 -20.00
C TYR S 9 34.31 -13.50 -20.34
N THR S 10 34.11 -13.89 -21.61
CA THR S 10 32.80 -14.30 -22.09
C THR S 10 32.81 -15.69 -22.71
N GLY S 11 33.93 -16.40 -22.65
CA GLY S 11 34.00 -17.72 -23.26
C GLY S 11 33.86 -17.70 -24.76
N LEU S 12 34.51 -16.75 -25.43
CA LEU S 12 34.45 -16.61 -26.88
C LEU S 12 35.85 -16.67 -27.43
N THR S 13 36.10 -17.61 -28.34
CA THR S 13 37.43 -17.75 -28.91
C THR S 13 37.75 -16.56 -29.80
N ASP S 14 39.03 -16.34 -30.02
CA ASP S 14 39.47 -15.17 -30.77
C ASP S 14 38.92 -15.20 -32.20
N GLU S 15 38.95 -16.36 -32.85
CA GLU S 15 38.39 -16.45 -34.19
C GLU S 15 36.88 -16.26 -34.18
N GLN S 16 36.21 -16.69 -33.10
CA GLN S 16 34.80 -16.39 -32.94
C GLN S 16 34.56 -14.90 -32.78
N ALA S 17 35.42 -14.22 -32.01
CA ALA S 17 35.32 -12.77 -31.86
C ALA S 17 35.63 -12.06 -33.17
N GLN S 18 36.59 -12.58 -33.93
CA GLN S 18 36.94 -11.97 -35.21
C GLN S 18 35.76 -12.00 -36.17
N GLU S 19 35.04 -13.11 -36.21
CA GLU S 19 33.88 -13.22 -37.10
C GLU S 19 32.74 -12.35 -36.61
N LEU S 20 32.45 -12.37 -35.31
CA LEU S 20 31.32 -11.62 -34.79
C LEU S 20 31.50 -10.12 -35.00
N HIS S 21 32.72 -9.62 -34.78
CA HIS S 21 32.96 -8.20 -34.99
C HIS S 21 32.83 -7.81 -36.45
N SER S 22 33.23 -8.71 -37.35
CA SER S 22 33.12 -8.40 -38.78
C SER S 22 31.66 -8.29 -39.21
N VAL S 23 30.80 -9.14 -38.66
CA VAL S 23 29.37 -9.03 -38.95
C VAL S 23 28.81 -7.74 -38.35
N TYR S 24 29.24 -7.40 -37.15
CA TYR S 24 28.75 -6.19 -36.49
C TYR S 24 29.12 -4.94 -37.29
N MET S 25 30.41 -4.79 -37.60
CA MET S 25 30.83 -3.59 -38.33
C MET S 25 30.17 -3.49 -39.69
N SER S 26 29.79 -4.63 -40.27
CA SER S 26 29.06 -4.61 -41.54
C SER S 26 27.69 -3.97 -41.35
N GLY S 27 27.00 -4.31 -40.26
CA GLY S 27 25.72 -3.70 -39.99
C GLY S 27 25.84 -2.26 -39.54
N LEU S 28 26.99 -1.89 -38.97
CA LEU S 28 27.18 -0.52 -38.51
C LEU S 28 27.46 0.41 -39.69
N TRP S 29 28.26 -0.03 -40.67
CA TRP S 29 28.44 0.76 -41.87
C TRP S 29 27.13 0.92 -42.62
N LEU S 30 26.32 -0.14 -42.66
CA LEU S 30 25.03 -0.07 -43.33
C LEU S 30 24.10 0.92 -42.64
N PHE S 31 24.03 0.85 -41.32
CA PHE S 31 23.21 1.80 -40.57
C PHE S 31 23.74 3.22 -40.71
N SER S 32 25.06 3.37 -40.67
CA SER S 32 25.66 4.71 -40.76
C SER S 32 25.49 5.29 -42.15
N ALA S 33 25.67 4.47 -43.19
CA ALA S 33 25.56 4.98 -44.56
C ALA S 33 24.14 5.43 -44.86
N VAL S 34 23.14 4.71 -44.36
CA VAL S 34 21.75 5.11 -44.56
C VAL S 34 21.45 6.40 -43.81
N ALA S 35 22.04 6.55 -42.61
CA ALA S 35 21.86 7.78 -41.86
C ALA S 35 22.46 8.98 -42.58
N ILE S 36 23.63 8.80 -43.18
CA ILE S 36 24.28 9.91 -43.89
C ILE S 36 23.43 10.35 -45.07
N VAL S 37 22.77 9.41 -45.75
CA VAL S 37 21.84 9.78 -46.80
C VAL S 37 20.67 10.56 -46.22
N ALA S 38 20.15 10.13 -45.08
CA ALA S 38 19.02 10.82 -44.47
C ALA S 38 19.38 12.25 -44.10
N HIS S 39 20.54 12.46 -43.47
CA HIS S 39 20.95 13.81 -43.13
C HIS S 39 21.25 14.64 -44.36
N LEU S 40 21.90 14.04 -45.36
CA LEU S 40 22.21 14.76 -46.58
C LEU S 40 20.94 15.19 -47.32
N ALA S 41 19.92 14.33 -47.33
CA ALA S 41 18.65 14.71 -47.95
C ALA S 41 17.93 15.78 -47.15
N VAL S 42 17.94 15.65 -45.81
CA VAL S 42 17.25 16.64 -44.98
C VAL S 42 17.98 17.98 -45.04
N TYR S 43 19.30 17.97 -45.05
CA TYR S 43 20.05 19.22 -45.09
C TYR S 43 19.79 19.98 -46.39
N ILE S 44 19.73 19.27 -47.51
CA ILE S 44 19.42 19.93 -48.78
C ILE S 44 17.98 20.43 -48.77
N TRP S 45 17.05 19.64 -48.24
CA TRP S 45 15.67 20.07 -48.15
C TRP S 45 15.52 21.30 -47.28
N ARG S 46 16.12 21.30 -46.10
CA ARG S 46 15.95 22.37 -45.14
C ARG S 46 17.13 22.42 -44.20
N PRO S 47 18.17 23.19 -44.52
CA PRO S 47 19.38 23.19 -43.70
C PRO S 47 19.14 23.75 -42.31
N TRP S 48 19.89 23.22 -41.34
CA TRP S 48 19.85 23.68 -39.96
C TRP S 48 21.03 24.55 -39.61
N PHE S 49 21.74 25.07 -40.61
CA PHE S 49 22.90 25.91 -40.39
C PHE S 49 22.81 27.19 -41.19
N FME T 1 55.09 8.50 -16.44
CN FME T 1 55.55 9.27 -15.47
O1 FME T 1 54.92 10.14 -14.86
CA FME T 1 53.75 8.60 -17.00
CB FME T 1 53.49 10.01 -17.56
CG FME T 1 52.04 10.24 -17.97
SD FME T 1 51.82 11.78 -18.86
CE FME T 1 53.00 11.55 -20.20
C FME T 1 53.55 7.54 -18.10
O FME T 1 53.46 7.92 -19.28
N SER T 2 53.50 6.26 -17.73
CA SER T 2 53.45 5.20 -18.73
C SER T 2 52.90 3.91 -18.16
N LYS T 3 53.03 3.74 -16.84
CA LYS T 3 52.59 2.53 -16.16
C LYS T 3 51.09 2.52 -15.91
N PHE T 4 50.33 3.36 -16.60
CA PHE T 4 48.89 3.39 -16.42
C PHE T 4 48.22 2.12 -16.92
N TYR T 5 48.89 1.35 -17.77
CA TYR T 5 48.33 0.07 -18.22
C TYR T 5 48.11 -0.88 -17.06
N LYS T 6 48.81 -0.67 -15.94
CA LYS T 6 48.60 -1.51 -14.77
C LYS T 6 47.22 -1.30 -14.16
N ILE T 7 46.53 -0.22 -14.50
CA ILE T 7 45.22 0.05 -13.90
C ILE T 7 44.23 -1.04 -14.29
N TRP T 8 44.46 -1.72 -15.40
CA TRP T 8 43.61 -2.84 -15.78
C TRP T 8 43.96 -4.10 -15.02
N MET T 9 45.01 -4.07 -14.22
CA MET T 9 45.32 -5.13 -13.27
C MET T 9 44.65 -4.91 -11.92
N ILE T 10 44.00 -3.78 -11.72
CA ILE T 10 43.30 -3.45 -10.48
C ILE T 10 41.79 -3.33 -10.71
N PHE T 11 41.40 -2.63 -11.77
CA PHE T 11 40.00 -2.34 -12.04
C PHE T 11 39.43 -3.31 -13.06
N ASP T 12 38.23 -3.81 -12.78
CA ASP T 12 37.55 -4.72 -13.67
C ASP T 12 37.30 -4.00 -15.00
N PRO T 13 37.77 -4.56 -16.13
CA PRO T 13 37.55 -3.87 -17.41
C PRO T 13 36.09 -3.69 -17.75
N ARG T 14 35.23 -4.63 -17.37
CA ARG T 14 33.82 -4.54 -17.72
C ARG T 14 33.14 -3.38 -17.00
N ARG T 15 33.39 -3.25 -15.70
CA ARG T 15 32.80 -2.16 -14.94
C ARG T 15 33.30 -0.81 -15.42
N VAL T 16 34.59 -0.70 -15.72
CA VAL T 16 35.18 0.59 -16.09
C VAL T 16 34.60 1.07 -17.42
N PHE T 17 34.49 0.18 -18.40
CA PHE T 17 33.96 0.59 -19.70
C PHE T 17 32.49 0.97 -19.59
N VAL T 18 31.73 0.30 -18.72
CA VAL T 18 30.32 0.62 -18.56
C VAL T 18 30.15 1.97 -17.88
N ALA T 19 30.89 2.20 -16.79
CA ALA T 19 30.79 3.47 -16.08
C ALA T 19 31.23 4.63 -16.97
N GLN T 20 32.31 4.43 -17.73
CA GLN T 20 32.77 5.48 -18.63
C GLN T 20 31.76 5.73 -19.74
N GLY T 21 31.15 4.68 -20.27
CA GLY T 21 30.14 4.85 -21.30
C GLY T 21 28.88 5.53 -20.79
N VAL T 22 28.47 5.19 -19.57
CA VAL T 22 27.34 5.86 -18.96
C VAL T 22 27.64 7.34 -18.75
N PHE T 23 28.85 7.64 -18.27
CA PHE T 23 29.22 9.01 -17.95
C PHE T 23 29.19 9.90 -19.19
N LEU T 24 29.75 9.42 -20.30
CA LEU T 24 29.80 10.24 -21.52
C LEU T 24 28.41 10.48 -22.08
N PHE T 25 27.53 9.47 -22.03
CA PHE T 25 26.18 9.65 -22.54
C PHE T 25 25.44 10.70 -21.75
N LEU T 26 25.47 10.61 -20.42
CA LEU T 26 24.78 11.59 -19.59
C LEU T 26 25.39 12.97 -19.74
N LEU T 27 26.72 13.03 -19.84
CA LEU T 27 27.39 14.32 -19.99
C LEU T 27 27.06 14.97 -21.32
N ALA T 28 27.06 14.19 -22.40
CA ALA T 28 26.80 14.74 -23.72
C ALA T 28 25.40 15.31 -23.84
N VAL T 29 24.40 14.60 -23.31
CA VAL T 29 23.03 15.06 -23.42
C VAL T 29 22.83 16.34 -22.60
N MET T 30 23.43 16.38 -21.41
CA MET T 30 23.26 17.55 -20.55
C MET T 30 23.83 18.80 -21.21
N ILE T 31 24.98 18.69 -21.86
CA ILE T 31 25.56 19.84 -22.54
C ILE T 31 24.73 20.22 -23.76
N HIS T 32 24.28 19.24 -24.53
CA HIS T 32 23.41 19.53 -25.66
C HIS T 32 22.11 20.19 -25.21
N LEU T 33 21.54 19.71 -24.10
CA LEU T 33 20.30 20.29 -23.59
C LEU T 33 20.53 21.70 -23.05
N ILE T 34 21.71 21.96 -22.48
CA ILE T 34 22.04 23.32 -22.04
C ILE T 34 22.09 24.27 -23.23
N LEU T 35 22.70 23.84 -24.33
CA LEU T 35 22.81 24.70 -25.51
C LEU T 35 21.45 25.01 -26.11
N LEU T 36 20.54 24.04 -26.10
CA LEU T 36 19.16 24.31 -26.53
C LEU T 36 18.48 25.31 -25.60
N SER T 37 18.73 25.21 -24.30
CA SER T 37 18.11 26.12 -23.35
C SER T 37 18.57 27.56 -23.56
N THR T 38 19.86 27.75 -23.84
CA THR T 38 20.36 29.09 -24.12
C THR T 38 19.89 29.55 -25.49
N PRO T 39 19.13 30.64 -25.58
CA PRO T 39 18.61 31.06 -26.90
C PRO T 39 19.68 31.53 -27.86
N SER T 40 20.88 31.82 -27.38
CA SER T 40 21.96 32.27 -28.25
C SER T 40 22.68 31.12 -28.94
N TYR T 41 22.48 29.88 -28.51
CA TYR T 41 23.14 28.74 -29.10
C TYR T 41 22.19 27.65 -29.58
N ASN T 42 20.88 27.84 -29.45
CA ASN T 42 19.92 26.87 -29.97
C ASN T 42 20.02 26.86 -31.48
N TRP T 43 20.64 25.81 -32.03
CA TRP T 43 20.91 25.78 -33.46
C TRP T 43 19.64 25.59 -34.28
N LEU T 44 18.57 25.10 -33.66
CA LEU T 44 17.29 24.99 -34.36
C LEU T 44 16.62 26.36 -34.51
N GLU T 45 16.68 27.18 -33.46
CA GLU T 45 16.09 28.50 -33.51
C GLU T 45 16.97 29.47 -34.28
N ILE T 46 18.29 29.26 -34.22
CA ILE T 46 19.23 30.13 -34.94
C ILE T 46 18.96 30.06 -36.44
N SER T 47 18.76 28.86 -36.96
CA SER T 47 18.49 28.69 -38.39
C SER T 47 17.11 29.23 -38.76
N ALA T 48 16.15 29.15 -37.83
CA ALA T 48 14.82 29.68 -38.11
C ALA T 48 14.86 31.19 -38.35
N ALA T 49 15.58 31.91 -37.49
CA ALA T 49 15.71 33.35 -37.68
C ALA T 49 16.52 33.67 -38.94
N LYS T 50 17.57 32.89 -39.20
CA LYS T 50 18.44 33.17 -40.34
C LYS T 50 17.72 32.96 -41.66
N TYR T 51 16.96 31.88 -41.78
CA TYR T 51 16.33 31.50 -43.05
C TYR T 51 14.86 31.91 -43.13
N ASN T 52 14.38 32.71 -42.17
CA ASN T 52 13.02 33.24 -42.19
C ASN T 52 11.98 32.12 -42.20
N ARG T 53 11.97 31.36 -41.12
CA ARG T 53 11.00 30.30 -40.91
C ARG T 53 10.09 30.67 -39.74
N VAL T 54 9.28 29.71 -39.32
CA VAL T 54 8.33 29.93 -38.23
C VAL T 54 9.04 30.41 -36.97
N LEU U 7 48.19 -6.11 -5.44
CA LEU U 7 47.46 -6.14 -6.70
C LEU U 7 46.80 -7.50 -6.91
N GLY U 8 46.64 -7.89 -8.18
CA GLY U 8 45.96 -9.13 -8.50
C GLY U 8 44.49 -9.13 -8.17
N TYR U 9 43.78 -8.04 -8.47
CA TYR U 9 42.36 -7.96 -8.20
C TYR U 9 41.50 -8.56 -9.31
N THR U 10 42.02 -8.61 -10.55
CA THR U 10 41.25 -9.10 -11.67
C THR U 10 41.90 -10.25 -12.42
N GLY U 11 43.19 -10.51 -12.21
CA GLY U 11 43.85 -11.63 -12.85
C GLY U 11 44.35 -11.36 -14.26
N LEU U 12 44.12 -10.18 -14.81
CA LEU U 12 44.67 -9.87 -16.11
C LEU U 12 46.19 -9.72 -16.01
N THR U 13 46.90 -10.40 -16.89
CA THR U 13 48.36 -10.40 -16.87
C THR U 13 48.88 -9.07 -17.40
N ASP U 14 50.21 -8.91 -17.38
CA ASP U 14 50.82 -7.76 -18.02
C ASP U 14 50.61 -7.79 -19.53
N GLU U 15 50.69 -8.97 -20.14
CA GLU U 15 50.38 -9.09 -21.56
C GLU U 15 48.93 -8.67 -21.83
N GLN U 16 48.01 -9.10 -20.97
CA GLN U 16 46.61 -8.72 -21.13
C GLN U 16 46.40 -7.23 -20.82
N ALA U 17 47.08 -6.72 -19.78
CA ALA U 17 46.90 -5.32 -19.41
C ALA U 17 47.46 -4.39 -20.48
N GLN U 18 48.64 -4.70 -21.02
CA GLN U 18 49.21 -3.89 -22.08
C GLN U 18 48.32 -3.95 -23.33
N GLU U 19 47.81 -5.13 -23.65
CA GLU U 19 46.95 -5.27 -24.82
C GLU U 19 45.59 -4.63 -24.60
N LEU U 20 45.10 -4.61 -23.35
CA LEU U 20 43.86 -3.91 -23.07
C LEU U 20 44.04 -2.41 -23.12
N HIS U 21 45.11 -1.90 -22.49
CA HIS U 21 45.34 -0.46 -22.47
C HIS U 21 45.59 0.08 -23.87
N SER U 22 46.31 -0.67 -24.70
CA SER U 22 46.66 -0.17 -26.03
C SER U 22 45.41 0.00 -26.89
N VAL U 23 44.47 -0.93 -26.79
CA VAL U 23 43.21 -0.79 -27.51
C VAL U 23 42.38 0.35 -26.95
N TYR U 24 42.27 0.43 -25.62
CA TYR U 24 41.46 1.47 -25.00
C TYR U 24 41.99 2.85 -25.29
N MET U 25 43.31 3.04 -25.14
CA MET U 25 43.88 4.35 -25.43
C MET U 25 43.80 4.70 -26.90
N SER U 26 43.71 3.69 -27.78
CA SER U 26 43.50 3.98 -29.19
C SER U 26 42.14 4.61 -29.43
N GLY U 27 41.11 4.09 -28.75
CA GLY U 27 39.79 4.67 -28.90
C GLY U 27 39.66 6.02 -28.22
N LEU U 28 40.45 6.23 -27.16
CA LEU U 28 40.42 7.52 -26.48
C LEU U 28 40.88 8.65 -27.40
N TRP U 29 41.93 8.42 -28.17
CA TRP U 29 42.39 9.47 -29.09
C TRP U 29 41.46 9.58 -30.29
N LEU U 30 40.82 8.48 -30.67
CA LEU U 30 39.83 8.54 -31.75
C LEU U 30 38.60 9.34 -31.32
N PHE U 31 38.18 9.18 -30.06
CA PHE U 31 37.07 9.95 -29.54
C PHE U 31 37.47 11.39 -29.29
N SER U 32 38.69 11.61 -28.81
CA SER U 32 39.15 12.97 -28.51
C SER U 32 39.38 13.77 -29.78
N ALA U 33 39.82 13.11 -30.85
CA ALA U 33 40.05 13.81 -32.11
C ALA U 33 38.75 14.29 -32.73
N VAL U 34 37.70 13.46 -32.67
CA VAL U 34 36.40 13.86 -33.20
C VAL U 34 35.84 15.03 -32.39
N ALA U 35 36.00 15.00 -31.07
CA ALA U 35 35.53 16.09 -30.24
C ALA U 35 36.29 17.38 -30.52
N ILE U 36 37.60 17.27 -30.75
CA ILE U 36 38.40 18.47 -31.02
C ILE U 36 37.96 19.11 -32.33
N VAL U 37 37.74 18.30 -33.36
CA VAL U 37 37.27 18.82 -34.64
C VAL U 37 35.89 19.48 -34.49
N ALA U 38 35.01 18.84 -33.73
CA ALA U 38 33.68 19.41 -33.51
C ALA U 38 33.76 20.75 -32.80
N HIS U 39 34.61 20.86 -31.77
CA HIS U 39 34.75 22.13 -31.07
C HIS U 39 35.35 23.19 -31.98
N LEU U 40 36.34 22.83 -32.78
CA LEU U 40 36.92 23.78 -33.72
C LEU U 40 35.90 24.22 -34.75
N ALA U 41 35.07 23.30 -35.24
CA ALA U 41 34.05 23.66 -36.21
C ALA U 41 33.04 24.62 -35.61
N VAL U 42 32.60 24.35 -34.39
CA VAL U 42 31.60 25.21 -33.75
C VAL U 42 32.21 26.57 -33.45
N TYR U 43 33.48 26.62 -33.05
CA TYR U 43 34.10 27.89 -32.72
C TYR U 43 34.18 28.80 -33.94
N ILE U 44 34.49 28.24 -35.11
CA ILE U 44 34.51 29.04 -36.33
C ILE U 44 33.12 29.58 -36.62
N TRP U 45 32.10 28.73 -36.49
CA TRP U 45 30.72 29.13 -36.77
C TRP U 45 30.22 30.14 -35.76
N ARG U 46 30.48 29.91 -34.47
CA ARG U 46 29.91 30.74 -33.43
C ARG U 46 30.76 30.67 -32.16
N PRO U 47 31.74 31.54 -32.00
CA PRO U 47 32.61 31.47 -30.83
C PRO U 47 31.88 31.84 -29.55
N TRP U 48 32.42 31.35 -28.43
CA TRP U 48 31.84 31.64 -27.12
C TRP U 48 32.77 32.45 -26.22
N PHE U 49 33.97 32.80 -26.69
CA PHE U 49 34.87 33.60 -25.88
C PHE U 49 35.09 34.98 -26.48
N FME V 1 55.76 12.58 4.16
CN FME V 1 55.48 11.35 4.60
O1 FME V 1 55.85 10.89 5.68
CA FME V 1 55.38 13.00 2.81
CB FME V 1 56.00 14.37 2.49
CG FME V 1 55.59 14.88 1.12
SD FME V 1 56.35 16.47 0.72
CE FME V 1 55.82 17.46 2.12
C FME V 1 55.81 11.96 1.77
O FME V 1 54.97 11.59 0.93
N SER V 2 57.04 11.48 1.85
CA SER V 2 57.53 10.43 0.96
C SER V 2 56.92 9.09 1.34
N LYS V 3 56.31 9.02 2.52
CA LYS V 3 55.66 7.81 3.01
C LYS V 3 54.16 7.82 2.79
N PHE V 4 53.65 8.74 1.96
CA PHE V 4 52.23 8.76 1.65
C PHE V 4 51.78 7.53 0.89
N TYR V 5 52.71 6.74 0.35
CA TYR V 5 52.35 5.57 -0.44
C TYR V 5 51.67 4.49 0.37
N LYS V 6 51.66 4.60 1.70
CA LYS V 6 51.04 3.58 2.54
C LYS V 6 49.54 3.79 2.73
N ILE V 7 48.96 4.85 2.16
CA ILE V 7 47.51 5.02 2.24
C ILE V 7 46.82 3.88 1.52
N TRP V 8 47.40 3.40 0.42
CA TRP V 8 46.79 2.32 -0.32
C TRP V 8 46.83 1.01 0.46
N MET V 9 47.82 0.85 1.33
CA MET V 9 47.85 -0.31 2.21
C MET V 9 46.73 -0.30 3.24
N ILE V 10 46.05 0.83 3.40
CA ILE V 10 44.91 0.94 4.31
C ILE V 10 43.60 0.92 3.56
N PHE V 11 43.47 1.74 2.53
CA PHE V 11 42.23 1.91 1.79
C PHE V 11 42.24 1.08 0.52
N ASP V 12 41.10 0.48 0.20
CA ASP V 12 40.94 -0.25 -1.04
C ASP V 12 41.13 0.70 -2.21
N PRO V 13 42.05 0.42 -3.14
CA PRO V 13 42.16 1.28 -4.32
C PRO V 13 40.88 1.36 -5.13
N ARG V 14 40.13 0.26 -5.20
CA ARG V 14 38.90 0.25 -5.97
C ARG V 14 37.85 1.18 -5.35
N ARG V 15 37.76 1.20 -4.03
CA ARG V 15 36.74 2.03 -3.39
C ARG V 15 37.13 3.50 -3.40
N VAL V 16 38.42 3.81 -3.23
CA VAL V 16 38.85 5.21 -3.20
C VAL V 16 38.63 5.87 -4.55
N PHE V 17 38.94 5.17 -5.64
CA PHE V 17 38.82 5.79 -6.95
C PHE V 17 37.37 6.03 -7.32
N VAL V 18 36.46 5.13 -6.92
CA VAL V 18 35.05 5.33 -7.17
C VAL V 18 34.54 6.55 -6.40
N ALA V 19 34.87 6.62 -5.12
CA ALA V 19 34.44 7.74 -4.29
C ALA V 19 35.03 9.05 -4.79
N GLN V 20 36.29 9.01 -5.23
CA GLN V 20 36.93 10.23 -5.71
C GLN V 20 36.37 10.66 -7.06
N GLY V 21 36.10 9.71 -7.95
CA GLY V 21 35.57 10.06 -9.27
C GLY V 21 34.20 10.70 -9.20
N VAL V 22 33.32 10.14 -8.37
CA VAL V 22 32.00 10.76 -8.19
C VAL V 22 32.14 12.10 -7.49
N PHE V 23 33.11 12.21 -6.58
CA PHE V 23 33.32 13.46 -5.86
C PHE V 23 33.72 14.59 -6.78
N LEU V 24 34.73 14.35 -7.63
CA LEU V 24 35.26 15.44 -8.46
C LEU V 24 34.23 15.91 -9.49
N PHE V 25 33.51 14.97 -10.09
CA PHE V 25 32.53 15.36 -11.11
C PHE V 25 31.42 16.20 -10.53
N LEU V 26 30.92 15.83 -9.35
CA LEU V 26 29.87 16.63 -8.72
C LEU V 26 30.43 17.95 -8.20
N LEU V 27 31.69 17.96 -7.77
CA LEU V 27 32.33 19.23 -7.42
C LEU V 27 32.48 20.12 -8.64
N ALA V 28 32.90 19.55 -9.76
CA ALA V 28 33.10 20.34 -10.98
C ALA V 28 31.77 20.79 -11.57
N VAL V 29 30.75 19.92 -11.54
CA VAL V 29 29.43 20.31 -12.04
C VAL V 29 28.85 21.40 -11.16
N MET V 30 29.08 21.34 -9.85
CA MET V 30 28.60 22.37 -8.96
C MET V 30 29.24 23.71 -9.26
N ILE V 31 30.56 23.73 -9.50
CA ILE V 31 31.24 25.01 -9.69
C ILE V 31 30.84 25.65 -11.01
N HIS V 32 30.72 24.86 -12.07
CA HIS V 32 30.25 25.40 -13.35
C HIS V 32 28.85 25.97 -13.21
N LEU V 33 27.98 25.28 -12.48
CA LEU V 33 26.59 25.73 -12.34
C LEU V 33 26.50 27.00 -11.49
N ILE V 34 27.46 27.22 -10.60
CA ILE V 34 27.49 28.47 -9.84
C ILE V 34 27.89 29.62 -10.75
N LEU V 35 28.92 29.42 -11.58
CA LEU V 35 29.31 30.45 -12.54
C LEU V 35 28.21 30.68 -13.56
N LEU V 36 27.53 29.62 -13.98
CA LEU V 36 26.43 29.77 -14.93
C LEU V 36 25.31 30.60 -14.32
N SER V 37 25.00 30.39 -13.05
CA SER V 37 23.93 31.15 -12.40
C SER V 37 24.28 32.62 -12.27
N THR V 38 25.54 32.92 -11.97
CA THR V 38 25.95 34.31 -11.78
C THR V 38 26.07 35.01 -13.13
N PRO V 39 25.38 36.13 -13.34
CA PRO V 39 25.44 36.79 -14.66
C PRO V 39 26.83 37.28 -15.03
N SER V 40 27.71 37.49 -14.05
CA SER V 40 29.04 38.02 -14.34
C SER V 40 29.96 36.99 -14.97
N TYR V 41 29.61 35.71 -14.92
CA TYR V 41 30.47 34.65 -15.43
C TYR V 41 29.73 33.66 -16.31
N ASN V 42 28.48 33.94 -16.66
CA ASN V 42 27.77 33.06 -17.59
C ASN V 42 28.36 33.26 -18.98
N TRP V 43 29.34 32.44 -19.33
CA TRP V 43 30.07 32.65 -20.58
C TRP V 43 29.17 32.52 -21.80
N LEU V 44 28.08 31.77 -21.68
CA LEU V 44 27.13 31.68 -22.78
C LEU V 44 26.45 33.01 -23.03
N GLU V 45 26.06 33.71 -21.97
CA GLU V 45 25.42 35.01 -22.13
C GLU V 45 26.43 36.13 -22.36
N ILE V 46 27.66 35.99 -21.84
CA ILE V 46 28.68 37.01 -22.06
C ILE V 46 29.04 37.10 -23.53
N SER V 47 29.15 35.95 -24.19
CA SER V 47 29.44 35.94 -25.62
C SER V 47 28.28 36.51 -26.42
N ALA V 48 27.05 36.24 -26.01
CA ALA V 48 25.88 36.76 -26.72
C ALA V 48 25.84 38.28 -26.68
N ALA V 49 26.13 38.87 -25.51
CA ALA V 49 26.18 40.32 -25.40
C ALA V 49 27.29 40.89 -26.26
N LYS V 50 28.44 40.22 -26.31
CA LYS V 50 29.58 40.72 -27.05
C LYS V 50 29.33 40.72 -28.55
N TYR V 51 28.73 39.66 -29.08
CA TYR V 51 28.55 39.52 -30.52
C TYR V 51 27.14 39.87 -30.97
N ASN V 52 26.31 40.43 -30.09
CA ASN V 52 24.96 40.88 -30.44
C ASN V 52 24.13 39.75 -31.04
N ARG V 53 23.94 38.70 -30.24
CA ARG V 53 23.20 37.52 -30.65
C ARG V 53 21.80 37.46 -30.07
N VAL V 54 21.37 38.52 -29.37
CA VAL V 54 20.07 38.49 -28.71
C VAL V 54 19.39 39.85 -28.80
N LEU W 7 48.24 -4.43 9.54
CA LEU W 7 48.03 -3.61 8.35
C LEU W 7 47.72 -4.47 7.14
N GLY W 8 47.87 -3.89 5.95
CA GLY W 8 47.57 -4.61 4.73
C GLY W 8 46.10 -4.98 4.62
N TYR W 9 45.22 -4.02 4.90
CA TYR W 9 43.79 -4.28 4.81
C TYR W 9 43.39 -4.66 3.39
N THR W 10 44.03 -4.06 2.39
CA THR W 10 43.67 -4.29 0.99
C THR W 10 44.43 -5.44 0.36
N GLY W 11 45.42 -6.01 1.04
CA GLY W 11 46.20 -7.09 0.47
C GLY W 11 47.38 -6.64 -0.37
N LEU W 12 47.53 -5.34 -0.61
CA LEU W 12 48.67 -4.86 -1.37
C LEU W 12 49.94 -4.95 -0.54
N THR W 13 51.01 -5.43 -1.16
CA THR W 13 52.30 -5.46 -0.50
C THR W 13 52.91 -4.06 -0.53
N ASP W 14 54.00 -3.89 0.22
CA ASP W 14 54.68 -2.59 0.24
C ASP W 14 55.21 -2.22 -1.14
N GLU W 15 55.77 -3.19 -1.86
CA GLU W 15 56.27 -2.91 -3.20
C GLU W 15 55.12 -2.58 -4.16
N GLN W 16 53.99 -3.25 -4.01
CA GLN W 16 52.85 -2.98 -4.89
C GLN W 16 52.21 -1.63 -4.59
N ALA W 17 52.20 -1.22 -3.32
CA ALA W 17 51.63 0.07 -2.95
C ALA W 17 52.44 1.21 -3.55
N GLN W 18 53.77 1.10 -3.55
CA GLN W 18 54.58 2.16 -4.14
C GLN W 18 54.30 2.31 -5.63
N GLU W 19 54.14 1.19 -6.33
CA GLU W 19 53.81 1.25 -7.75
C GLU W 19 52.45 1.91 -7.98
N LEU W 20 51.48 1.60 -7.12
CA LEU W 20 50.16 2.21 -7.26
C LEU W 20 50.21 3.71 -6.96
N HIS W 21 50.86 4.09 -5.87
CA HIS W 21 50.90 5.50 -5.49
C HIS W 21 51.69 6.32 -6.49
N SER W 22 52.78 5.76 -7.02
CA SER W 22 53.61 6.52 -7.96
C SER W 22 52.83 6.86 -9.22
N VAL W 23 52.05 5.91 -9.73
CA VAL W 23 51.23 6.18 -10.91
C VAL W 23 50.05 7.08 -10.55
N TYR W 24 49.50 6.93 -9.36
CA TYR W 24 48.39 7.77 -8.94
C TYR W 24 48.79 9.24 -8.89
N MET W 25 49.97 9.53 -8.35
CA MET W 25 50.43 10.90 -8.30
C MET W 25 50.69 11.45 -9.69
N SER W 26 51.14 10.58 -10.61
CA SER W 26 51.40 11.02 -11.97
C SER W 26 50.14 11.54 -12.62
N GLY W 27 49.01 10.84 -12.42
CA GLY W 27 47.74 11.35 -12.91
C GLY W 27 47.28 12.58 -12.17
N LEU W 28 47.55 12.64 -10.86
CA LEU W 28 47.16 13.80 -10.08
C LEU W 28 47.87 15.06 -10.57
N TRP W 29 49.19 14.97 -10.77
CA TRP W 29 49.91 16.14 -11.24
C TRP W 29 49.49 16.53 -12.65
N LEU W 30 49.21 15.54 -13.49
CA LEU W 30 48.70 15.83 -14.83
C LEU W 30 47.34 16.52 -14.77
N PHE W 31 46.47 16.07 -13.86
CA PHE W 31 45.17 16.69 -13.71
C PHE W 31 45.28 18.14 -13.24
N SER W 32 46.16 18.40 -12.27
CA SER W 32 46.29 19.76 -11.75
C SER W 32 46.96 20.69 -12.76
N ALA W 33 47.91 20.18 -13.55
CA ALA W 33 48.56 21.02 -14.54
C ALA W 33 47.55 21.57 -15.54
N VAL W 34 46.59 20.74 -15.97
CA VAL W 34 45.49 21.22 -16.79
C VAL W 34 44.65 22.23 -16.02
N ALA W 35 44.44 21.97 -14.73
CA ALA W 35 43.67 22.91 -13.91
C ALA W 35 44.38 24.24 -13.75
N ILE W 36 45.71 24.23 -13.59
CA ILE W 36 46.45 25.48 -13.45
C ILE W 36 46.38 26.28 -14.74
N VAL W 37 46.56 25.62 -15.88
CA VAL W 37 46.45 26.31 -17.16
C VAL W 37 45.03 26.82 -17.38
N ALA W 38 44.04 26.02 -16.99
CA ALA W 38 42.65 26.45 -17.14
C ALA W 38 42.34 27.65 -16.26
N HIS W 39 42.79 27.64 -15.01
CA HIS W 39 42.55 28.78 -14.13
C HIS W 39 43.33 30.00 -14.59
N LEU W 40 44.54 29.81 -15.09
CA LEU W 40 45.33 30.92 -15.59
C LEU W 40 44.68 31.55 -16.82
N ALA W 41 44.11 30.73 -17.69
CA ALA W 41 43.40 31.25 -18.86
C ALA W 41 42.19 32.07 -18.43
N VAL W 42 41.46 31.61 -17.42
CA VAL W 42 40.26 32.32 -16.99
C VAL W 42 40.61 33.63 -16.30
N TYR W 43 41.68 33.63 -15.49
CA TYR W 43 42.04 34.85 -14.78
C TYR W 43 42.51 35.93 -15.75
N ILE W 44 43.27 35.56 -16.78
CA ILE W 44 43.62 36.53 -17.81
C ILE W 44 42.38 37.03 -18.52
N TRP W 45 41.43 36.12 -18.76
CA TRP W 45 40.20 36.49 -19.46
C TRP W 45 39.30 37.36 -18.60
N ARG W 46 38.80 36.79 -17.51
CA ARG W 46 37.90 37.51 -16.60
C ARG W 46 38.35 37.26 -15.16
N PRO W 47 39.26 38.08 -14.66
CA PRO W 47 39.76 37.89 -13.29
C PRO W 47 38.65 38.05 -12.26
N TRP W 48 38.75 37.28 -11.18
CA TRP W 48 37.79 37.35 -10.10
C TRP W 48 38.35 38.01 -8.84
N PHE W 49 39.60 38.42 -8.87
CA PHE W 49 40.20 39.09 -7.72
C PHE W 49 40.65 40.50 -8.07
N FME X 1 52.28 14.64 25.66
CN FME X 1 51.93 13.40 25.94
O1 FME X 1 51.24 12.67 25.21
CA FME X 1 51.92 15.28 24.41
CB FME X 1 52.35 16.75 24.40
CG FME X 1 51.76 17.52 23.24
SD FME X 1 52.11 19.30 23.38
CE FME X 1 51.47 19.63 25.01
C FME X 1 52.56 14.52 23.22
O FME X 1 51.85 14.25 22.24
N SER X 2 53.84 14.17 23.33
CA SER X 2 54.51 13.39 22.30
C SER X 2 54.19 11.91 22.44
N LYS X 3 52.91 11.60 22.69
CA LYS X 3 52.44 10.23 22.81
C LYS X 3 51.07 10.07 22.17
N PHE X 4 50.75 10.90 21.18
CA PHE X 4 49.43 10.86 20.57
C PHE X 4 49.28 9.74 19.55
N TYR X 5 50.37 9.05 19.20
CA TYR X 5 50.25 7.95 18.25
C TYR X 5 49.40 6.82 18.80
N LYS X 6 49.20 6.78 20.12
CA LYS X 6 48.44 5.71 20.75
C LYS X 6 46.94 5.83 20.51
N ILE X 7 46.47 6.92 19.90
CA ILE X 7 45.08 6.99 19.49
C ILE X 7 44.78 5.94 18.43
N TRP X 8 45.78 5.57 17.64
CA TRP X 8 45.61 4.59 16.58
C TRP X 8 45.68 3.16 17.08
N MET X 9 45.95 2.96 18.36
CA MET X 9 45.73 1.67 19.02
C MET X 9 44.34 1.59 19.63
N ILE X 10 43.49 2.59 19.38
CA ILE X 10 42.13 2.61 19.86
C ILE X 10 41.13 2.67 18.71
N PHE X 11 41.39 3.50 17.72
CA PHE X 11 40.46 3.75 16.63
C PHE X 11 40.96 3.12 15.34
N ASP X 12 40.06 2.47 14.62
CA ASP X 12 40.40 1.92 13.32
C ASP X 12 40.76 3.06 12.37
N PRO X 13 41.93 3.01 11.72
CA PRO X 13 42.28 4.09 10.78
C PRO X 13 41.31 4.25 9.62
N ARG X 14 40.62 3.19 9.22
CA ARG X 14 39.73 3.30 8.06
C ARG X 14 38.49 4.14 8.40
N ARG X 15 37.92 3.95 9.58
CA ARG X 15 36.72 4.69 9.92
C ARG X 15 37.04 6.14 10.27
N VAL X 16 38.22 6.39 10.82
CA VAL X 16 38.63 7.77 11.10
C VAL X 16 38.92 8.53 9.81
N PHE X 17 39.64 7.89 8.89
CA PHE X 17 40.00 8.56 7.64
C PHE X 17 38.75 8.87 6.81
N VAL X 18 37.76 7.99 6.84
CA VAL X 18 36.52 8.26 6.13
C VAL X 18 35.73 9.36 6.83
N ALA X 19 35.61 9.26 8.16
CA ALA X 19 34.82 10.25 8.89
C ALA X 19 35.46 11.63 8.84
N GLN X 20 36.79 11.70 8.93
CA GLN X 20 37.48 12.98 8.85
C GLN X 20 37.30 13.62 7.48
N GLY X 21 37.43 12.84 6.41
CA GLY X 21 37.29 13.41 5.08
C GLY X 21 35.90 13.95 4.82
N VAL X 22 34.89 13.23 5.30
CA VAL X 22 33.52 13.73 5.22
C VAL X 22 33.36 15.01 6.04
N PHE X 23 33.91 15.02 7.24
CA PHE X 23 33.77 16.17 8.12
C PHE X 23 34.43 17.41 7.52
N LEU X 24 35.68 17.28 7.06
CA LEU X 24 36.41 18.46 6.60
C LEU X 24 35.77 19.05 5.35
N PHE X 25 35.40 18.21 4.38
CA PHE X 25 34.77 18.75 3.18
C PHE X 25 33.42 19.38 3.49
N LEU X 26 32.64 18.76 4.37
CA LEU X 26 31.38 19.37 4.78
C LEU X 26 31.62 20.68 5.51
N LEU X 27 32.66 20.73 6.34
CA LEU X 27 33.01 21.97 7.02
C LEU X 27 33.45 23.04 6.02
N ALA X 28 34.26 22.66 5.04
CA ALA X 28 34.81 23.63 4.09
C ALA X 28 33.74 24.20 3.18
N VAL X 29 32.85 23.35 2.66
CA VAL X 29 31.77 23.84 1.80
C VAL X 29 30.83 24.73 2.60
N MET X 30 30.60 24.38 3.87
CA MET X 30 29.72 25.19 4.70
C MET X 30 30.26 26.59 4.88
N ILE X 31 31.58 26.73 5.08
CA ILE X 31 32.17 28.06 5.22
C ILE X 31 32.13 28.82 3.91
N HIS X 32 32.38 28.13 2.79
CA HIS X 32 32.31 28.80 1.49
C HIS X 32 30.89 29.25 1.18
N LEU X 33 29.89 28.52 1.67
CA LEU X 33 28.50 28.92 1.45
C LEU X 33 28.11 30.07 2.38
N ILE X 34 28.72 30.15 3.55
CA ILE X 34 28.50 31.29 4.43
C ILE X 34 29.06 32.56 3.81
N LEU X 35 30.18 32.45 3.12
CA LEU X 35 30.80 33.62 2.51
C LEU X 35 30.07 34.06 1.24
N LEU X 36 29.54 33.10 0.48
CA LEU X 36 28.75 33.47 -0.69
C LEU X 36 27.47 34.18 -0.29
N SER X 37 26.84 33.74 0.80
CA SER X 37 25.61 34.37 1.26
C SER X 37 25.85 35.78 1.77
N THR X 38 26.94 36.00 2.50
CA THR X 38 27.24 37.35 2.98
C THR X 38 27.73 38.20 1.82
N PRO X 39 27.04 39.29 1.49
CA PRO X 39 27.37 40.02 0.25
C PRO X 39 28.67 40.80 0.32
N SER X 40 29.25 40.98 1.50
CA SER X 40 30.52 41.68 1.64
C SER X 40 31.72 40.77 1.41
N TYR X 41 31.50 39.47 1.21
CA TYR X 41 32.57 38.54 0.88
C TYR X 41 32.26 37.70 -0.36
N ASN X 42 31.15 37.99 -1.05
CA ASN X 42 30.81 37.26 -2.26
C ASN X 42 31.79 37.65 -3.35
N TRP X 43 32.88 36.88 -3.49
CA TRP X 43 33.95 37.26 -4.40
C TRP X 43 33.50 37.24 -5.84
N LEU X 44 32.41 36.53 -6.16
CA LEU X 44 31.85 36.60 -7.50
C LEU X 44 31.15 37.95 -7.72
N GLU X 45 30.45 38.44 -6.71
CA GLU X 45 29.73 39.70 -6.86
C GLU X 45 30.60 40.89 -6.50
N ILE X 46 31.62 40.68 -5.66
CA ILE X 46 32.59 41.75 -5.39
C ILE X 46 33.33 42.13 -6.67
N SER X 47 33.71 41.12 -7.46
CA SER X 47 34.46 41.39 -8.68
C SER X 47 33.59 42.07 -9.73
N ALA X 48 32.29 41.79 -9.73
CA ALA X 48 31.39 42.44 -10.68
C ALA X 48 31.34 43.94 -10.43
N ALA X 49 31.26 44.35 -9.16
CA ALA X 49 31.23 45.77 -8.87
C ALA X 49 32.56 46.44 -9.19
N LYS X 50 33.67 45.76 -8.92
CA LYS X 50 34.97 46.39 -9.08
C LYS X 50 35.29 46.67 -10.55
N TYR X 51 34.98 45.74 -11.43
CA TYR X 51 35.23 45.91 -12.85
C TYR X 51 33.99 46.38 -13.60
N ASN X 52 32.94 46.76 -12.88
CA ASN X 52 31.66 47.22 -13.44
C ASN X 52 31.25 46.37 -14.65
N ARG X 53 31.04 45.09 -14.39
CA ARG X 53 30.56 44.15 -15.39
C ARG X 53 29.04 44.12 -15.50
N VAL X 54 28.33 44.82 -14.62
CA VAL X 54 26.87 44.83 -14.65
C VAL X 54 26.36 46.26 -14.66
N GLY Y 8 44.35 -2.25 21.87
CA GLY Y 8 44.47 -3.39 20.98
C GLY Y 8 43.18 -3.70 20.25
N TYR Y 9 42.25 -2.75 20.30
CA TYR Y 9 40.96 -2.95 19.65
C TYR Y 9 41.10 -3.04 18.14
N THR Y 10 41.99 -2.23 17.56
CA THR Y 10 42.18 -2.23 16.11
C THR Y 10 43.19 -3.26 15.64
N GLY Y 11 43.89 -3.94 16.55
CA GLY Y 11 44.80 -4.99 16.14
C GLY Y 11 46.14 -4.53 15.64
N LEU Y 12 46.50 -3.26 15.85
CA LEU Y 12 47.82 -2.79 15.48
C LEU Y 12 48.83 -3.09 16.57
N THR Y 13 50.11 -3.06 16.19
CA THR Y 13 51.19 -3.14 17.16
C THR Y 13 51.53 -1.73 17.62
N ASP Y 14 52.49 -1.63 18.53
CA ASP Y 14 52.88 -0.33 19.06
C ASP Y 14 53.71 0.46 18.04
N GLU Y 15 54.60 -0.23 17.31
CA GLU Y 15 55.42 0.48 16.32
C GLU Y 15 54.62 0.79 15.06
N GLN Y 16 53.60 -0.02 14.76
CA GLN Y 16 52.75 0.28 13.61
C GLN Y 16 51.99 1.58 13.81
N ALA Y 17 51.54 1.84 15.05
CA ALA Y 17 50.88 3.11 15.35
C ALA Y 17 51.86 4.26 15.29
N GLN Y 18 53.11 4.04 15.73
CA GLN Y 18 54.12 5.08 15.64
C GLN Y 18 54.40 5.45 14.18
N GLU Y 19 54.53 4.43 13.32
CA GLU Y 19 54.79 4.70 11.91
C GLU Y 19 53.62 5.40 11.26
N LEU Y 20 52.40 4.93 11.52
CA LEU Y 20 51.22 5.50 10.89
C LEU Y 20 50.99 6.94 11.32
N HIS Y 21 51.10 7.21 12.63
CA HIS Y 21 50.86 8.55 13.13
C HIS Y 21 51.89 9.55 12.62
N SER Y 22 53.11 9.09 12.34
CA SER Y 22 54.13 9.98 11.80
C SER Y 22 53.72 10.49 10.43
N VAL Y 23 53.15 9.62 9.60
CA VAL Y 23 52.67 10.05 8.30
C VAL Y 23 51.41 10.89 8.44
N TYR Y 24 50.51 10.51 9.35
CA TYR Y 24 49.27 11.26 9.51
C TYR Y 24 49.54 12.70 9.93
N MET Y 25 50.53 12.92 10.79
CA MET Y 25 50.91 14.28 11.12
C MET Y 25 51.60 14.96 9.96
N SER Y 26 52.33 14.21 9.15
CA SER Y 26 53.01 14.79 8.00
C SER Y 26 52.00 15.39 7.03
N GLY Y 27 50.91 14.67 6.78
CA GLY Y 27 49.84 15.23 5.97
C GLY Y 27 49.12 16.37 6.67
N LEU Y 28 48.95 16.27 7.99
CA LEU Y 28 48.23 17.29 8.74
C LEU Y 28 48.94 18.64 8.67
N TRP Y 29 50.26 18.64 8.83
CA TRP Y 29 51.00 19.90 8.73
C TRP Y 29 51.04 20.41 7.30
N LEU Y 30 50.97 19.50 6.33
CA LEU Y 30 50.85 19.92 4.94
C LEU Y 30 49.54 20.63 4.69
N PHE Y 31 48.45 20.10 5.25
CA PHE Y 31 47.13 20.73 5.08
C PHE Y 31 47.09 22.09 5.75
N SER Y 32 47.63 22.20 6.96
CA SER Y 32 47.60 23.47 7.69
C SER Y 32 48.48 24.51 7.03
N ALA Y 33 49.60 24.09 6.43
CA ALA Y 33 50.47 25.02 5.74
C ALA Y 33 49.75 25.69 4.57
N VAL Y 34 48.95 24.91 3.83
CA VAL Y 34 48.16 25.50 2.76
C VAL Y 34 47.06 26.38 3.35
N ALA Y 35 46.46 25.95 4.46
CA ALA Y 35 45.39 26.73 5.08
C ALA Y 35 45.90 28.08 5.58
N ILE Y 36 47.09 28.09 6.19
CA ILE Y 36 47.66 29.35 6.65
C ILE Y 36 47.93 30.29 5.48
N VAL Y 37 48.52 29.75 4.40
CA VAL Y 37 48.77 30.56 3.21
C VAL Y 37 47.45 31.04 2.61
N ALA Y 38 46.45 30.16 2.58
CA ALA Y 38 45.13 30.56 2.10
C ALA Y 38 44.53 31.66 2.95
N HIS Y 39 44.67 31.56 4.28
CA HIS Y 39 44.10 32.58 5.16
C HIS Y 39 44.91 33.85 5.12
N LEU Y 40 46.23 33.76 4.93
CA LEU Y 40 47.04 34.96 4.81
C LEU Y 40 46.71 35.70 3.52
N ALA Y 41 46.51 34.97 2.42
CA ALA Y 41 46.21 35.61 1.15
C ALA Y 41 44.90 36.37 1.21
N VAL Y 42 43.89 35.80 1.88
CA VAL Y 42 42.59 36.46 1.95
C VAL Y 42 42.66 37.69 2.85
N TYR Y 43 43.42 37.62 3.95
CA TYR Y 43 43.48 38.75 4.87
C TYR Y 43 44.10 39.97 4.20
N ILE Y 44 45.10 39.78 3.36
CA ILE Y 44 45.64 40.89 2.59
C ILE Y 44 44.60 41.43 1.63
N TRP Y 45 43.90 40.54 0.92
CA TRP Y 45 42.90 40.97 -0.06
C TRP Y 45 41.73 41.66 0.64
N ARG Y 46 41.26 41.11 1.73
CA ARG Y 46 40.07 41.63 2.40
C ARG Y 46 40.04 41.17 3.85
N PRO Y 47 40.57 41.95 4.78
CA PRO Y 47 40.61 41.53 6.18
C PRO Y 47 39.22 41.42 6.79
N TRP Y 48 39.09 40.48 7.73
CA TRP Y 48 37.87 40.34 8.51
C TRP Y 48 38.04 40.82 9.94
N PHE Y 49 39.20 41.35 10.30
CA PHE Y 49 39.42 41.90 11.63
C PHE Y 49 39.86 43.35 11.55
N FME Z 1 41.67 12.75 43.94
CN FME Z 1 41.01 11.61 43.84
O1 FME Z 1 40.60 11.11 42.79
CA FME Z 1 42.03 13.55 42.77
CB FME Z 1 42.77 14.82 43.19
CG FME Z 1 43.29 15.63 42.02
SD FME Z 1 41.96 16.11 40.89
CE FME Z 1 40.86 16.96 42.02
C FME Z 1 42.90 12.74 41.80
O FME Z 1 42.52 12.63 40.61
N SER Z 2 44.00 12.17 42.28
CA SER Z 2 44.90 11.38 41.45
C SER Z 2 44.28 10.08 40.97
N LYS Z 3 43.06 9.79 41.45
CA LYS Z 3 42.38 8.54 41.14
C LYS Z 3 41.43 8.66 39.96
N PHE Z 4 41.38 9.82 39.29
CA PHE Z 4 40.45 10.00 38.19
C PHE Z 4 40.78 9.09 37.01
N TYR Z 5 42.01 8.58 36.94
CA TYR Z 5 42.40 7.76 35.81
C TYR Z 5 41.55 6.50 35.71
N LYS Z 6 40.93 6.08 36.81
CA LYS Z 6 40.19 4.82 36.84
C LYS Z 6 38.85 4.90 36.13
N ILE Z 7 38.44 6.09 35.67
CA ILE Z 7 37.24 6.17 34.86
C ILE Z 7 37.43 5.41 33.55
N TRP Z 8 38.67 5.35 33.05
CA TRP Z 8 38.94 4.61 31.82
C TRP Z 8 38.76 3.10 32.02
N MET Z 9 38.76 2.62 33.25
CA MET Z 9 38.34 1.26 33.50
C MET Z 9 36.82 1.10 33.39
N ILE Z 10 36.07 2.08 33.91
CA ILE Z 10 34.61 1.97 33.88
C ILE Z 10 34.07 2.28 32.49
N PHE Z 11 34.57 3.35 31.88
CA PHE Z 11 34.05 3.83 30.60
C PHE Z 11 34.93 3.36 29.45
N ASP Z 12 34.30 2.81 28.42
CA ASP Z 12 35.02 2.39 27.23
C ASP Z 12 35.64 3.61 26.55
N PRO Z 13 36.95 3.60 26.27
CA PRO Z 13 37.55 4.76 25.57
C PRO Z 13 36.94 5.04 24.21
N ARG Z 14 36.53 4.01 23.48
CA ARG Z 14 36.07 4.22 22.11
C ARG Z 14 34.77 4.99 22.07
N ARG Z 15 33.78 4.61 22.88
CA ARG Z 15 32.52 5.31 22.89
C ARG Z 15 32.63 6.68 23.54
N VAL Z 16 33.51 6.80 24.54
CA VAL Z 16 33.70 8.10 25.20
C VAL Z 16 34.31 9.10 24.23
N PHE Z 17 35.35 8.68 23.49
CA PHE Z 17 36.03 9.61 22.61
C PHE Z 17 35.13 10.07 21.46
N VAL Z 18 34.35 9.15 20.89
CA VAL Z 18 33.43 9.53 19.82
C VAL Z 18 32.35 10.46 20.35
N ALA Z 19 31.79 10.13 21.53
CA ALA Z 19 30.74 10.97 22.10
C ALA Z 19 31.29 12.32 22.54
N GLN Z 20 32.53 12.36 23.01
CA GLN Z 20 33.12 13.63 23.44
C GLN Z 20 33.32 14.58 22.26
N GLY Z 21 33.96 14.09 21.20
CA GLY Z 21 34.25 14.95 20.07
C GLY Z 21 33.00 15.50 19.41
N VAL Z 22 31.94 14.68 19.35
CA VAL Z 22 30.66 15.17 18.84
C VAL Z 22 30.11 16.26 19.74
N PHE Z 23 30.28 16.09 21.06
CA PHE Z 23 29.83 17.11 22.00
C PHE Z 23 30.58 18.43 21.80
N LEU Z 24 31.90 18.35 21.62
CA LEU Z 24 32.69 19.57 21.52
C LEU Z 24 32.45 20.30 20.20
N PHE Z 25 32.32 19.56 19.10
CA PHE Z 25 32.09 20.21 17.81
C PHE Z 25 30.74 20.92 17.78
N LEU Z 26 29.70 20.29 18.33
CA LEU Z 26 28.40 20.95 18.41
C LEU Z 26 28.47 22.16 19.33
N LEU Z 27 29.20 22.05 20.44
CA LEU Z 27 29.35 23.18 21.35
C LEU Z 27 30.06 24.35 20.68
N ALA Z 28 31.10 24.05 19.89
CA ALA Z 28 31.80 25.11 19.17
C ALA Z 28 30.91 25.75 18.12
N VAL Z 29 30.18 24.93 17.37
CA VAL Z 29 29.24 25.45 16.37
C VAL Z 29 28.15 26.26 17.06
N MET Z 30 27.64 25.77 18.19
CA MET Z 30 26.57 26.48 18.89
C MET Z 30 27.02 27.85 19.38
N ILE Z 31 28.23 27.94 19.93
CA ILE Z 31 28.72 29.22 20.43
C ILE Z 31 29.04 30.16 19.27
N HIS Z 32 29.66 29.65 18.22
CA HIS Z 32 29.95 30.48 17.05
C HIS Z 32 28.67 31.02 16.42
N LEU Z 33 27.62 30.20 16.38
CA LEU Z 33 26.34 30.64 15.82
C LEU Z 33 25.71 31.74 16.66
N ILE Z 34 25.82 31.65 17.99
CA ILE Z 34 25.26 32.69 18.85
C ILE Z 34 25.95 34.02 18.60
N LEU Z 35 27.27 34.00 18.46
CA LEU Z 35 28.00 35.23 18.20
C LEU Z 35 27.66 35.80 16.83
N LEU Z 36 27.45 34.95 15.83
CA LEU Z 36 27.06 35.43 14.52
C LEU Z 36 25.71 36.13 14.56
N SER Z 37 24.81 35.65 15.43
CA SER Z 37 23.47 36.23 15.50
C SER Z 37 23.48 37.58 16.18
N THR Z 38 24.29 37.75 17.23
CA THR Z 38 24.36 39.04 17.91
C THR Z 38 25.08 40.02 17.00
N PRO Z 39 24.44 41.14 16.62
CA PRO Z 39 25.12 42.09 15.72
C PRO Z 39 26.35 42.71 16.34
N SER Z 40 26.45 42.73 17.66
CA SER Z 40 27.63 43.31 18.31
C SER Z 40 28.87 42.48 18.06
N TYR Z 41 28.71 41.16 17.94
CA TYR Z 41 29.84 40.25 17.83
C TYR Z 41 29.88 39.50 16.50
N ASN Z 42 28.99 39.82 15.58
CA ASN Z 42 29.00 39.18 14.26
C ASN Z 42 30.17 39.75 13.45
N TRP Z 43 31.29 39.03 13.45
CA TRP Z 43 32.55 39.59 12.95
C TRP Z 43 32.49 39.89 11.46
N LEU Z 44 31.63 39.20 10.71
CA LEU Z 44 31.54 39.45 9.28
C LEU Z 44 30.90 40.80 8.99
N GLU Z 45 29.90 41.18 9.79
CA GLU Z 45 29.26 42.49 9.60
C GLU Z 45 30.13 43.60 10.17
N ILE Z 46 30.89 43.32 11.23
CA ILE Z 46 31.75 44.33 11.82
C ILE Z 46 32.81 44.79 10.82
N SER Z 47 33.38 43.83 10.09
CA SER Z 47 34.36 44.17 9.07
C SER Z 47 33.73 44.97 7.94
N ALA Z 48 32.52 44.60 7.53
CA ALA Z 48 31.87 45.29 6.43
C ALA Z 48 31.57 46.74 6.79
N ALA Z 49 31.07 46.98 8.00
CA ALA Z 49 30.79 48.35 8.42
C ALA Z 49 32.08 49.14 8.61
N LYS Z 50 33.11 48.51 9.19
CA LYS Z 50 34.36 49.20 9.46
C LYS Z 50 35.07 49.62 8.18
N TYR Z 51 35.12 48.73 7.19
CA TYR Z 51 35.84 49.00 5.95
C TYR Z 51 34.95 49.54 4.85
N ASN Z 52 33.67 49.80 5.13
CA ASN Z 52 32.74 50.40 4.18
C ASN Z 52 32.64 49.57 2.89
N ARG Z 53 32.13 48.35 3.05
CA ARG Z 53 32.03 47.43 1.93
C ARG Z 53 30.61 47.26 1.40
N VAL Z 54 29.59 47.59 2.17
CA VAL Z 54 28.22 47.47 1.71
C VAL Z 54 27.52 48.82 1.82
N LEU AA 7 38.99 -2.53 38.39
CA LEU AA 7 37.60 -2.84 38.69
C LEU AA 7 36.99 -3.69 37.59
N GLY AA 8 37.48 -3.51 36.36
CA GLY AA 8 36.97 -4.24 35.23
C GLY AA 8 36.07 -3.42 34.35
N TYR AA 9 35.03 -4.06 33.81
CA TYR AA 9 33.99 -3.46 32.96
C TYR AA 9 34.45 -3.13 31.56
N THR AA 10 35.76 -3.15 31.31
CA THR AA 10 36.25 -2.95 29.94
C THR AA 10 37.41 -3.86 29.54
N GLY AA 11 38.16 -4.41 30.47
CA GLY AA 11 39.37 -5.14 30.15
C GLY AA 11 40.65 -4.33 30.24
N LEU AA 12 40.60 -3.14 30.82
CA LEU AA 12 41.80 -2.37 31.05
C LEU AA 12 42.48 -2.79 32.35
N THR AA 13 43.69 -2.28 32.55
CA THR AA 13 44.49 -2.57 33.73
C THR AA 13 44.90 -1.26 34.40
N ASP AA 14 45.55 -1.37 35.56
CA ASP AA 14 46.01 -0.19 36.27
C ASP AA 14 47.03 0.57 35.44
N GLU AA 15 47.98 -0.13 34.82
CA GLU AA 15 48.94 0.52 33.96
C GLU AA 15 48.29 1.05 32.69
N GLN AA 16 47.33 0.31 32.14
CA GLN AA 16 46.67 0.73 30.91
C GLN AA 16 45.82 1.97 31.13
N ALA AA 17 45.16 2.08 32.29
CA ALA AA 17 44.33 3.25 32.55
C ALA AA 17 45.19 4.46 32.89
N GLN AA 18 46.33 4.26 33.54
CA GLN AA 18 47.15 5.40 33.93
C GLN AA 18 47.80 6.05 32.71
N GLU AA 19 48.32 5.25 31.79
CA GLU AA 19 48.93 5.83 30.59
C GLU AA 19 47.87 6.34 29.63
N LEU AA 20 46.67 5.76 29.68
CA LEU AA 20 45.56 6.30 28.90
C LEU AA 20 45.14 7.67 29.42
N HIS AA 21 45.16 7.84 30.75
CA HIS AA 21 44.83 9.14 31.33
C HIS AA 21 45.95 10.15 31.09
N SER AA 22 47.21 9.70 31.14
CA SER AA 22 48.32 10.61 30.96
C SER AA 22 48.32 11.22 29.57
N VAL AA 23 48.08 10.39 28.55
CA VAL AA 23 48.04 10.90 27.19
C VAL AA 23 46.78 11.74 26.96
N TYR AA 24 45.64 11.26 27.46
CA TYR AA 24 44.38 11.99 27.28
C TYR AA 24 44.43 13.35 27.97
N MET AA 25 44.83 13.38 29.24
CA MET AA 25 44.86 14.65 29.97
C MET AA 25 45.85 15.63 29.35
N SER AA 26 46.95 15.13 28.81
CA SER AA 26 47.89 16.02 28.13
C SER AA 26 47.24 16.66 26.91
N GLY AA 27 46.42 15.89 26.18
CA GLY AA 27 45.65 16.47 25.09
C GLY AA 27 44.64 17.48 25.57
N LEU AA 28 44.08 17.26 26.76
CA LEU AA 28 43.12 18.22 27.32
C LEU AA 28 43.79 19.57 27.61
N TRP AA 29 45.02 19.55 28.12
CA TRP AA 29 45.72 20.81 28.35
C TRP AA 29 46.15 21.46 27.04
N LEU AA 30 46.49 20.64 26.05
CA LEU AA 30 46.86 21.19 24.75
C LEU AA 30 45.67 21.89 24.09
N PHE AA 31 44.48 21.30 24.20
CA PHE AA 31 43.28 21.94 23.68
C PHE AA 31 42.96 23.22 24.44
N SER AA 32 43.11 23.20 25.76
CA SER AA 32 42.85 24.39 26.56
C SER AA 32 43.92 25.45 26.34
N ALA AA 33 45.14 25.03 25.96
CA ALA AA 33 46.17 26.00 25.62
C ALA AA 33 45.77 26.85 24.43
N VAL AA 34 45.17 26.22 23.42
CA VAL AA 34 44.67 26.99 22.28
C VAL AA 34 43.47 27.83 22.68
N ALA AA 35 42.61 27.29 23.54
CA ALA AA 35 41.40 27.99 23.94
C ALA AA 35 41.71 29.28 24.69
N ILE AA 36 42.68 29.23 25.62
CA ILE AA 36 43.04 30.42 26.37
C ILE AA 36 43.60 31.49 25.43
N VAL AA 37 44.48 31.09 24.51
CA VAL AA 37 45.07 32.04 23.58
C VAL AA 37 44.00 32.67 22.71
N ALA AA 38 43.09 31.86 22.18
CA ALA AA 38 42.03 32.37 21.32
C ALA AA 38 41.13 33.34 22.08
N HIS AA 39 40.75 32.99 23.31
CA HIS AA 39 39.93 33.89 24.11
C HIS AA 39 40.66 35.19 24.41
N LEU AA 40 41.96 35.09 24.71
CA LEU AA 40 42.74 36.28 25.03
C LEU AA 40 42.82 37.23 23.84
N ALA AA 41 43.02 36.70 22.63
CA ALA AA 41 43.06 37.55 21.45
C ALA AA 41 41.69 38.18 21.19
N VAL AA 42 40.61 37.43 21.37
CA VAL AA 42 39.27 37.98 21.20
C VAL AA 42 39.00 39.05 22.24
N TYR AA 43 39.48 38.84 23.48
CA TYR AA 43 39.24 39.82 24.53
C TYR AA 43 40.01 41.11 24.26
N ILE AA 44 41.21 41.01 23.71
CA ILE AA 44 41.93 42.22 23.31
C ILE AA 44 41.17 42.94 22.20
N TRP AA 45 40.67 42.18 21.22
CA TRP AA 45 40.01 42.75 20.06
C TRP AA 45 38.66 43.35 20.42
N ARG AA 46 37.77 42.54 20.99
CA ARG AA 46 36.42 42.98 21.34
C ARG AA 46 36.06 42.42 22.71
N PRO AA 47 36.50 43.07 23.79
CA PRO AA 47 36.24 42.53 25.13
C PRO AA 47 34.77 42.53 25.48
N TRP AA 48 34.33 41.46 26.13
CA TRP AA 48 32.94 41.31 26.57
C TRP AA 48 32.75 41.62 28.04
N PHE AA 49 33.78 42.08 28.73
CA PHE AA 49 33.68 42.37 30.16
C PHE AA 49 34.12 43.79 30.46
N SER BA 2 27.97 8.61 57.21
CA SER BA 2 28.24 8.37 55.80
C SER BA 2 27.39 7.23 55.27
N LYS BA 3 28.05 6.09 55.00
CA LYS BA 3 27.44 4.90 54.45
C LYS BA 3 26.78 5.17 53.09
N PHE BA 4 27.15 6.26 52.43
CA PHE BA 4 26.55 6.62 51.16
C PHE BA 4 27.13 5.84 49.99
N TYR BA 5 28.23 5.10 50.21
CA TYR BA 5 28.85 4.37 49.12
C TYR BA 5 28.07 3.14 48.71
N LYS BA 6 27.04 2.77 49.48
CA LYS BA 6 26.24 1.61 49.11
C LYS BA 6 25.45 1.82 47.84
N ILE BA 7 25.34 3.08 47.37
CA ILE BA 7 24.53 3.37 46.20
C ILE BA 7 25.08 2.72 44.94
N TRP BA 8 26.38 2.43 44.90
CA TRP BA 8 26.98 1.81 43.73
C TRP BA 8 26.83 0.30 43.70
N MET BA 9 26.21 -0.28 44.74
CA MET BA 9 25.95 -1.71 44.77
C MET BA 9 24.56 -2.05 44.25
N ILE BA 10 23.77 -1.06 43.84
CA ILE BA 10 22.49 -1.28 43.18
C ILE BA 10 22.46 -0.67 41.78
N PHE BA 11 22.84 0.60 41.67
CA PHE BA 11 22.87 1.30 40.40
C PHE BA 11 24.18 1.01 39.68
N ASP BA 12 24.07 0.59 38.41
CA ASP BA 12 25.26 0.36 37.60
C ASP BA 12 26.02 1.67 37.42
N PRO BA 13 27.31 1.72 37.73
CA PRO BA 13 28.04 2.99 37.63
C PRO BA 13 28.05 3.60 36.24
N ARG BA 14 28.08 2.78 35.18
CA ARG BA 14 28.19 3.33 33.83
C ARG BA 14 26.98 4.18 33.48
N ARG BA 15 25.78 3.71 33.81
CA ARG BA 15 24.58 4.48 33.49
C ARG BA 15 24.46 5.71 34.39
N VAL BA 16 24.88 5.59 35.64
CA VAL BA 16 24.78 6.72 36.57
C VAL BA 16 25.65 7.87 36.09
N PHE BA 17 26.88 7.58 35.66
CA PHE BA 17 27.77 8.64 35.21
C PHE BA 17 27.31 9.24 33.89
N VAL BA 18 26.74 8.41 33.00
CA VAL BA 18 26.21 8.93 31.75
C VAL BA 18 24.95 9.76 32.00
N ALA BA 19 24.06 9.25 32.85
CA ALA BA 19 22.84 10.00 33.16
C ALA BA 19 23.16 11.32 33.85
N GLN BA 20 24.17 11.31 34.73
CA GLN BA 20 24.55 12.53 35.41
C GLN BA 20 25.16 13.55 34.44
N GLY BA 21 25.92 13.07 33.45
CA GLY BA 21 26.54 13.99 32.51
C GLY BA 21 25.54 14.74 31.66
N VAL BA 22 24.54 14.04 31.13
CA VAL BA 22 23.53 14.69 30.31
C VAL BA 22 22.68 15.62 31.16
N PHE BA 23 22.38 15.21 32.40
CA PHE BA 23 21.64 16.08 33.30
C PHE BA 23 22.43 17.35 33.62
N LEU BA 24 23.73 17.22 33.86
CA LEU BA 24 24.53 18.38 34.24
C LEU BA 24 24.65 19.39 33.11
N PHE BA 25 24.87 18.91 31.89
CA PHE BA 25 25.03 19.81 30.76
C PHE BA 25 23.73 20.57 30.47
N LEU BA 26 22.60 19.87 30.47
CA LEU BA 26 21.32 20.53 30.18
C LEU BA 26 20.97 21.54 31.24
N LEU BA 27 21.25 21.23 32.51
CA LEU BA 27 20.97 22.16 33.59
C LEU BA 27 21.81 23.43 33.45
N ALA BA 28 23.05 23.28 32.96
CA ALA BA 28 23.92 24.45 32.81
C ALA BA 28 23.49 25.31 31.64
N VAL BA 29 23.18 24.69 30.50
CA VAL BA 29 22.74 25.45 29.33
C VAL BA 29 21.46 26.20 29.63
N MET BA 30 20.54 25.56 30.35
CA MET BA 30 19.27 26.20 30.67
C MET BA 30 19.47 27.47 31.48
N ILE BA 31 20.39 27.43 32.46
CA ILE BA 31 20.70 28.64 33.22
C ILE BA 31 21.38 29.67 32.33
N HIS BA 32 22.31 29.24 31.47
CA HIS BA 32 22.93 30.16 30.54
C HIS BA 32 21.92 30.73 29.56
N LEU BA 33 21.00 29.89 29.07
CA LEU BA 33 19.97 30.36 28.14
C LEU BA 33 19.00 31.32 28.83
N ILE BA 34 18.65 31.06 30.09
CA ILE BA 34 17.74 31.94 30.81
C ILE BA 34 18.38 33.30 31.06
N LEU BA 35 19.67 33.31 31.41
CA LEU BA 35 20.36 34.58 31.59
C LEU BA 35 20.38 35.39 30.30
N LEU BA 36 20.61 34.72 29.16
CA LEU BA 36 20.61 35.43 27.89
C LEU BA 36 19.24 35.99 27.56
N SER BA 37 18.18 35.27 27.94
CA SER BA 37 16.83 35.74 27.65
C SER BA 37 16.50 37.03 28.41
N THR BA 38 16.94 37.13 29.66
CA THR BA 38 16.69 38.35 30.43
C THR BA 38 17.62 39.45 29.95
N PRO BA 39 17.09 40.61 29.53
CA PRO BA 39 17.98 41.69 29.07
C PRO BA 39 18.86 42.26 30.16
N SER BA 40 18.56 41.96 31.42
CA SER BA 40 19.36 42.47 32.53
C SER BA 40 20.69 41.74 32.66
N TYR BA 41 20.83 40.54 32.07
CA TYR BA 41 22.01 39.72 32.24
C TYR BA 41 22.55 39.17 30.93
N ASN BA 42 22.07 39.64 29.78
CA ASN BA 42 22.61 39.20 28.50
C ASN BA 42 23.99 39.83 28.33
N TRP BA 43 25.03 39.11 28.75
CA TRP BA 43 26.36 39.71 28.86
C TRP BA 43 26.90 40.15 27.50
N LEU BA 44 26.46 39.53 26.42
CA LEU BA 44 26.92 39.94 25.10
C LEU BA 44 26.41 41.33 24.75
N GLU BA 45 25.10 41.56 24.94
CA GLU BA 45 24.54 42.87 24.61
C GLU BA 45 24.85 43.91 25.67
N ILE BA 46 25.05 43.49 26.92
CA ILE BA 46 25.42 44.43 27.97
C ILE BA 46 26.76 45.08 27.66
N SER BA 47 27.72 44.28 27.18
CA SER BA 47 29.01 44.83 26.79
C SER BA 47 28.87 45.76 25.59
N ALA BA 48 27.86 45.53 24.75
CA ALA BA 48 27.64 46.40 23.60
C ALA BA 48 27.29 47.81 24.03
N ALA BA 49 26.42 47.94 25.04
CA ALA BA 49 26.03 49.26 25.51
C ALA BA 49 27.15 49.94 26.27
N LYS BA 50 27.86 49.19 27.13
CA LYS BA 50 28.92 49.77 27.94
C LYS BA 50 30.05 50.31 27.08
N TYR BA 51 30.43 49.58 26.04
CA TYR BA 51 31.55 49.94 25.19
C TYR BA 51 31.15 50.76 23.98
N ASN BA 52 29.88 51.18 23.90
CA ASN BA 52 29.37 51.98 22.78
C ASN BA 52 29.58 51.25 21.46
N ARG BA 53 29.00 50.05 21.37
CA ARG BA 53 29.19 49.17 20.23
C ARG BA 53 28.02 49.18 19.26
N VAL BA 54 26.82 48.92 19.77
CA VAL BA 54 25.64 48.86 18.92
C VAL BA 54 25.24 50.27 18.50
N GLY CA 8 26.07 -7.91 46.78
CA GLY CA 8 26.25 -7.07 45.61
C GLY CA 8 25.49 -7.57 44.41
N TYR CA 9 24.34 -6.96 44.15
CA TYR CA 9 23.45 -7.36 43.06
C TYR CA 9 23.82 -6.72 41.73
N THR CA 10 24.83 -5.84 41.70
CA THR CA 10 25.28 -5.24 40.46
C THR CA 10 26.70 -5.65 40.08
N GLY CA 11 27.37 -6.45 40.90
CA GLY CA 11 28.71 -6.91 40.62
C GLY CA 11 29.81 -6.21 41.39
N LEU CA 12 29.51 -5.07 42.01
CA LEU CA 12 30.51 -4.35 42.80
C LEU CA 12 30.61 -4.94 44.20
N THR CA 13 31.84 -5.08 44.67
CA THR CA 13 32.07 -5.51 46.05
C THR CA 13 31.91 -4.30 46.98
N ASP CA 14 32.08 -4.53 48.27
CA ASP CA 14 32.00 -3.45 49.24
C ASP CA 14 33.24 -2.57 49.21
N GLU CA 15 34.42 -3.17 49.13
CA GLU CA 15 35.66 -2.40 49.12
C GLU CA 15 35.78 -1.60 47.83
N GLN CA 16 35.30 -2.14 46.71
CA GLN CA 16 35.26 -1.38 45.47
C GLN CA 16 34.32 -0.19 45.57
N ALA CA 17 33.19 -0.36 46.26
CA ALA CA 17 32.23 0.73 46.38
C ALA CA 17 32.82 1.92 47.13
N GLN CA 18 33.59 1.65 48.20
CA GLN CA 18 34.17 2.74 48.97
C GLN CA 18 35.18 3.51 48.14
N GLU CA 19 36.01 2.81 47.35
CA GLU CA 19 36.96 3.50 46.50
C GLU CA 19 36.26 4.29 45.41
N LEU CA 20 35.19 3.73 44.83
CA LEU CA 20 34.46 4.42 43.77
C LEU CA 20 33.79 5.67 44.31
N HIS CA 21 33.16 5.59 45.48
CA HIS CA 21 32.50 6.76 46.03
C HIS CA 21 33.50 7.80 46.51
N SER CA 22 34.71 7.38 46.86
CA SER CA 22 35.74 8.34 47.22
C SER CA 22 36.17 9.17 46.02
N VAL CA 23 36.32 8.53 44.86
CA VAL CA 23 36.65 9.26 43.64
C VAL CA 23 35.46 10.08 43.16
N TYR CA 24 34.26 9.54 43.27
CA TYR CA 24 33.08 10.25 42.79
C TYR CA 24 32.86 11.55 43.56
N MET CA 25 33.06 11.53 44.87
CA MET CA 25 32.94 12.76 45.64
C MET CA 25 34.11 13.69 45.39
N SER CA 26 35.29 13.14 45.10
CA SER CA 26 36.44 13.99 44.80
C SER CA 26 36.18 14.85 43.58
N GLY CA 27 35.59 14.26 42.54
CA GLY CA 27 35.14 15.05 41.41
C GLY CA 27 33.98 15.97 41.77
N LEU CA 28 33.08 15.49 42.62
CA LEU CA 28 31.91 16.28 42.98
C LEU CA 28 32.30 17.56 43.69
N TRP CA 29 33.22 17.47 44.66
CA TRP CA 29 33.65 18.69 45.37
C TRP CA 29 34.50 19.57 44.46
N LEU CA 30 35.35 18.97 43.64
CA LEU CA 30 36.17 19.75 42.71
C LEU CA 30 35.30 20.53 41.74
N PHE CA 31 34.28 19.88 41.18
CA PHE CA 31 33.35 20.57 40.29
C PHE CA 31 32.59 21.67 41.02
N SER CA 32 32.14 21.38 42.25
CA SER CA 32 31.43 22.38 43.02
C SER CA 32 32.34 23.55 43.41
N ALA CA 33 33.62 23.26 43.67
CA ALA CA 33 34.56 24.31 44.04
C ALA CA 33 34.75 25.32 42.92
N VAL CA 34 34.88 24.85 41.68
CA VAL CA 34 35.02 25.76 40.55
C VAL CA 34 33.75 26.58 40.36
N ALA CA 35 32.59 25.97 40.63
CA ALA CA 35 31.33 26.70 40.52
C ALA CA 35 31.23 27.82 41.54
N ILE CA 36 31.68 27.56 42.77
CA ILE CA 36 31.63 28.58 43.82
C ILE CA 36 32.49 29.77 43.44
N VAL CA 37 33.68 29.52 42.90
CA VAL CA 37 34.54 30.62 42.46
C VAL CA 37 33.87 31.43 41.37
N ALA CA 38 33.21 30.75 40.42
CA ALA CA 38 32.52 31.44 39.35
C ALA CA 38 31.40 32.33 39.88
N HIS CA 39 30.61 31.83 40.83
CA HIS CA 39 29.52 32.63 41.38
C HIS CA 39 30.05 33.84 42.15
N LEU CA 40 31.17 33.68 42.84
CA LEU CA 40 31.76 34.82 43.53
C LEU CA 40 32.19 35.89 42.54
N ALA CA 41 32.79 35.49 41.42
CA ALA CA 41 33.19 36.46 40.41
C ALA CA 41 31.99 37.19 39.83
N VAL CA 42 30.92 36.45 39.54
CA VAL CA 42 29.71 37.09 39.01
C VAL CA 42 29.08 38.00 40.05
N TYR CA 43 29.09 37.58 41.32
CA TYR CA 43 28.55 38.44 42.38
C TYR CA 43 29.37 39.71 42.54
N ILE CA 44 30.69 39.59 42.44
CA ILE CA 44 31.54 40.79 42.43
C ILE CA 44 31.24 41.64 41.21
N TRP CA 45 31.06 41.00 40.05
CA TRP CA 45 30.78 41.73 38.82
C TRP CA 45 29.47 42.52 38.94
N ARG CA 46 28.35 41.81 39.10
CA ARG CA 46 27.09 42.47 39.38
C ARG CA 46 26.19 41.58 40.22
N PRO CA 47 25.99 41.92 41.49
CA PRO CA 47 25.19 41.06 42.36
C PRO CA 47 23.74 40.92 41.90
N TRP CA 48 23.18 39.74 42.11
CA TRP CA 48 21.81 39.44 41.72
C TRP CA 48 20.86 39.44 42.90
N PHE CA 49 21.23 40.09 44.00
CA PHE CA 49 20.36 40.18 45.16
C PHE CA 49 20.18 41.64 45.59
N PHE DA 4 6.78 0.82 56.22
CA PHE DA 4 7.71 1.64 55.45
C PHE DA 4 8.97 0.84 55.12
N TYR DA 5 9.20 -0.23 55.88
CA TYR DA 5 10.38 -1.06 55.66
C TYR DA 5 10.31 -1.78 54.32
N LYS DA 6 9.14 -2.30 53.96
CA LYS DA 6 8.98 -3.14 52.78
C LYS DA 6 8.76 -2.35 51.50
N ILE DA 7 8.90 -1.02 51.55
CA ILE DA 7 8.77 -0.21 50.33
C ILE DA 7 9.84 -0.61 49.33
N TRP DA 8 11.03 -0.94 49.80
CA TRP DA 8 12.13 -1.36 48.93
C TRP DA 8 12.04 -2.82 48.54
N MET DA 9 11.08 -3.57 49.08
CA MET DA 9 10.79 -4.94 48.65
C MET DA 9 9.63 -4.99 47.66
N ILE DA 10 8.53 -4.31 47.98
CA ILE DA 10 7.38 -4.29 47.08
C ILE DA 10 7.75 -3.69 45.73
N PHE DA 11 8.53 -2.61 45.75
CA PHE DA 11 9.01 -1.96 44.55
C PHE DA 11 10.49 -2.24 44.35
N ASP DA 12 10.91 -2.25 43.08
CA ASP DA 12 12.32 -2.43 42.77
C ASP DA 12 13.11 -1.24 43.31
N PRO DA 13 14.21 -1.46 44.03
CA PRO DA 13 15.00 -0.32 44.50
C PRO DA 13 15.52 0.56 43.38
N ARG DA 14 15.78 0.00 42.21
CA ARG DA 14 16.15 0.81 41.05
C ARG DA 14 15.01 1.71 40.61
N ARG DA 15 13.79 1.17 40.63
CA ARG DA 15 12.64 1.92 40.10
C ARG DA 15 12.27 3.10 40.98
N VAL DA 16 12.35 2.92 42.31
CA VAL DA 16 11.94 3.99 43.21
C VAL DA 16 12.87 5.19 43.07
N PHE DA 17 14.17 4.94 43.04
CA PHE DA 17 15.13 6.04 42.99
C PHE DA 17 15.02 6.83 41.69
N VAL DA 18 14.82 6.15 40.57
CA VAL DA 18 14.59 6.85 39.31
C VAL DA 18 13.26 7.61 39.36
N ALA DA 19 12.22 6.96 39.85
CA ALA DA 19 10.91 7.60 39.89
C ALA DA 19 10.89 8.75 40.89
N GLN DA 20 11.49 8.55 42.07
CA GLN DA 20 11.50 9.61 43.08
C GLN DA 20 12.40 10.76 42.64
N GLY DA 21 13.60 10.45 42.14
CA GLY DA 21 14.53 11.50 41.78
C GLY DA 21 14.06 12.34 40.60
N VAL DA 22 13.57 11.68 39.54
CA VAL DA 22 13.16 12.42 38.35
C VAL DA 22 11.99 13.34 38.65
N PHE DA 23 11.01 12.84 39.41
CA PHE DA 23 9.88 13.69 39.80
C PHE DA 23 10.33 14.85 40.66
N LEU DA 24 11.26 14.61 41.59
CA LEU DA 24 11.74 15.69 42.44
C LEU DA 24 12.41 16.79 41.63
N PHE DA 25 13.25 16.40 40.66
CA PHE DA 25 13.92 17.40 39.83
C PHE DA 25 12.92 18.19 38.99
N LEU DA 26 11.95 17.51 38.38
CA LEU DA 26 10.95 18.21 37.58
C LEU DA 26 10.09 19.12 38.45
N LEU DA 27 9.72 18.65 39.64
CA LEU DA 27 8.95 19.50 40.54
C LEU DA 27 9.73 20.72 40.95
N ALA DA 28 11.04 20.59 41.09
CA ALA DA 28 11.88 21.72 41.48
C ALA DA 28 11.93 22.77 40.38
N VAL DA 29 12.20 22.34 39.14
CA VAL DA 29 12.35 23.31 38.06
C VAL DA 29 11.02 23.98 37.75
N MET DA 30 9.90 23.25 37.86
CA MET DA 30 8.60 23.88 37.64
C MET DA 30 8.32 24.93 38.70
N ILE DA 31 8.52 24.60 39.98
CA ILE DA 31 8.29 25.57 41.05
C ILE DA 31 9.19 26.78 40.87
N HIS DA 32 10.44 26.55 40.43
CA HIS DA 32 11.34 27.65 40.12
C HIS DA 32 10.84 28.46 38.93
N LEU DA 33 10.35 27.78 37.89
CA LEU DA 33 9.91 28.49 36.68
C LEU DA 33 8.68 29.33 36.96
N ILE DA 34 7.81 28.88 37.86
CA ILE DA 34 6.64 29.68 38.22
C ILE DA 34 7.08 30.97 38.89
N LEU DA 35 8.10 30.90 39.75
CA LEU DA 35 8.60 32.11 40.40
C LEU DA 35 9.16 33.09 39.39
N LEU DA 36 9.83 32.59 38.34
CA LEU DA 36 10.20 33.46 37.24
C LEU DA 36 8.97 34.00 36.52
N SER DA 37 7.97 33.15 36.31
CA SER DA 37 6.80 33.56 35.54
C SER DA 37 6.05 34.69 36.22
N THR DA 38 5.89 34.62 37.53
CA THR DA 38 5.29 35.73 38.26
C THR DA 38 6.24 36.93 38.27
N PRO DA 39 5.73 38.14 38.09
CA PRO DA 39 6.59 39.33 38.06
C PRO DA 39 7.03 39.83 39.43
N SER DA 40 6.77 39.07 40.49
CA SER DA 40 7.10 39.50 41.85
C SER DA 40 8.22 38.69 42.49
N TYR DA 41 8.56 37.52 41.95
CA TYR DA 41 9.64 36.72 42.50
C TYR DA 41 10.70 36.39 41.45
N ASN DA 42 10.75 37.16 40.37
CA ASN DA 42 11.83 37.03 39.40
C ASN DA 42 13.03 37.77 39.99
N TRP DA 43 13.87 37.03 40.70
CA TRP DA 43 14.99 37.63 41.41
C TRP DA 43 15.94 38.36 40.48
N LEU DA 44 15.94 38.02 39.19
CA LEU DA 44 16.73 38.76 38.22
C LEU DA 44 16.14 40.15 37.98
N GLU DA 45 14.82 40.20 37.75
CA GLU DA 45 14.17 41.48 37.48
C GLU DA 45 14.09 42.34 38.73
N ILE DA 46 13.94 41.71 39.90
CA ILE DA 46 13.91 42.47 41.16
C ILE DA 46 15.22 43.18 41.38
N SER DA 47 16.34 42.49 41.16
CA SER DA 47 17.64 43.14 41.31
C SER DA 47 17.88 44.14 40.20
N ALA DA 48 17.38 43.85 38.99
CA ALA DA 48 17.57 44.77 37.87
C ALA DA 48 16.90 46.10 38.14
N ALA DA 49 15.74 46.08 38.82
CA ALA DA 49 15.10 47.34 39.22
C ALA DA 49 15.79 47.94 40.43
N LYS DA 50 16.27 47.10 41.34
CA LYS DA 50 16.92 47.61 42.55
C LYS DA 50 18.22 48.32 42.21
N TYR DA 51 19.01 47.77 41.29
CA TYR DA 51 20.31 48.32 40.95
C TYR DA 51 20.28 49.26 39.75
N ASN DA 52 19.08 49.55 39.21
CA ASN DA 52 18.92 50.49 38.10
C ASN DA 52 19.71 50.05 36.87
N ARG DA 53 19.82 48.74 36.68
CA ARG DA 53 20.56 48.18 35.55
C ARG DA 53 19.66 47.79 34.38
N VAL DA 54 18.36 48.05 34.47
CA VAL DA 54 17.46 47.68 33.39
C VAL DA 54 16.96 48.94 32.67
N LEU EA 12 15.26 -9.66 48.44
CA LEU EA 12 15.70 -8.53 49.23
C LEU EA 12 15.88 -8.93 50.69
N THR EA 13 17.13 -9.13 51.09
CA THR EA 13 17.43 -9.49 52.46
C THR EA 13 16.99 -8.38 53.42
N ASP EA 14 16.45 -8.78 54.57
CA ASP EA 14 15.98 -7.80 55.53
C ASP EA 14 17.12 -6.92 56.03
N GLU EA 15 18.28 -7.53 56.29
CA GLU EA 15 19.46 -6.73 56.62
C GLU EA 15 19.84 -5.82 55.47
N GLN EA 16 19.76 -6.34 54.24
CA GLN EA 16 19.98 -5.48 53.06
C GLN EA 16 18.89 -4.44 52.93
N ALA EA 17 17.64 -4.81 53.20
CA ALA EA 17 16.55 -3.85 53.10
C ALA EA 17 16.57 -2.86 54.26
N GLN EA 18 17.04 -3.29 55.43
CA GLN EA 18 17.17 -2.36 56.56
C GLN EA 18 18.21 -1.30 56.27
N GLU EA 19 19.34 -1.69 55.68
CA GLU EA 19 20.38 -0.72 55.36
C GLU EA 19 19.89 0.31 54.35
N LEU EA 20 19.17 -0.13 53.32
CA LEU EA 20 18.72 0.79 52.29
C LEU EA 20 17.76 1.83 52.86
N HIS EA 21 16.79 1.40 53.66
CA HIS EA 21 15.84 2.36 54.24
C HIS EA 21 16.54 3.34 55.15
N SER EA 22 17.50 2.87 55.94
CA SER EA 22 18.21 3.77 56.84
C SER EA 22 19.03 4.79 56.06
N VAL EA 23 19.76 4.36 55.04
CA VAL EA 23 20.55 5.30 54.24
C VAL EA 23 19.64 6.23 53.45
N TYR EA 24 18.51 5.73 52.96
CA TYR EA 24 17.57 6.59 52.26
C TYR EA 24 17.06 7.70 53.17
N MET EA 25 16.65 7.36 54.40
CA MET EA 25 16.17 8.36 55.33
C MET EA 25 17.27 9.34 55.71
N SER EA 26 18.51 8.86 55.75
CA SER EA 26 19.66 9.75 56.00
C SER EA 26 19.76 10.80 54.91
N GLY EA 27 19.56 10.41 53.65
CA GLY EA 27 19.59 11.37 52.57
C GLY EA 27 18.41 12.32 52.60
N LEU EA 28 17.23 11.82 52.96
CA LEU EA 28 16.04 12.65 52.97
C LEU EA 28 16.14 13.77 54.01
N TRP EA 29 16.68 13.46 55.20
CA TRP EA 29 16.82 14.48 56.21
C TRP EA 29 17.83 15.55 55.81
N LEU EA 30 18.94 15.14 55.20
CA LEU EA 30 19.95 16.10 54.77
C LEU EA 30 19.39 17.04 53.70
N PHE EA 31 18.67 16.50 52.73
CA PHE EA 31 18.08 17.34 51.69
C PHE EA 31 17.02 18.26 52.26
N SER EA 32 16.17 17.74 53.16
CA SER EA 32 15.09 18.55 53.72
C SER EA 32 15.64 19.62 54.66
N ALA EA 33 16.76 19.33 55.34
CA ALA EA 33 17.35 20.30 56.25
C ALA EA 33 17.82 21.54 55.51
N VAL EA 34 18.46 21.36 54.35
CA VAL EA 34 18.94 22.49 53.58
C VAL EA 34 17.77 23.29 53.02
N ALA EA 35 16.71 22.60 52.61
CA ALA EA 35 15.52 23.30 52.11
C ALA EA 35 14.87 24.13 53.20
N ILE EA 36 14.94 23.68 54.45
CA ILE EA 36 14.41 24.47 55.56
C ILE EA 36 15.15 25.80 55.66
N VAL EA 37 16.48 25.77 55.54
CA VAL EA 37 17.24 27.01 55.51
C VAL EA 37 16.88 27.83 54.27
N ALA EA 38 16.76 27.16 53.12
CA ALA EA 38 16.48 27.88 51.88
C ALA EA 38 15.14 28.60 51.95
N HIS EA 39 14.09 27.92 52.44
CA HIS EA 39 12.81 28.58 52.64
C HIS EA 39 12.92 29.68 53.69
N LEU EA 40 13.69 29.43 54.74
CA LEU EA 40 13.87 30.44 55.79
C LEU EA 40 14.55 31.69 55.25
N ALA EA 41 15.54 31.50 54.36
CA ALA EA 41 16.24 32.64 53.78
C ALA EA 41 15.31 33.48 52.92
N VAL EA 42 14.47 32.84 52.11
CA VAL EA 42 13.58 33.58 51.22
C VAL EA 42 12.54 34.36 52.01
N TYR EA 43 12.06 33.78 53.11
CA TYR EA 43 11.12 34.50 53.96
C TYR EA 43 11.73 35.79 54.49
N ILE EA 44 13.01 35.75 54.88
CA ILE EA 44 13.69 36.97 55.29
C ILE EA 44 13.81 37.93 54.11
N TRP EA 45 14.31 37.41 52.98
CA TRP EA 45 14.52 38.27 51.81
C TRP EA 45 13.20 38.78 51.25
N ARG EA 46 12.16 37.94 51.21
CA ARG EA 46 10.86 38.39 50.77
C ARG EA 46 9.76 37.52 51.37
N PRO EA 47 9.06 38.01 52.39
CA PRO EA 47 8.01 37.20 53.02
C PRO EA 47 6.77 37.15 52.13
N TRP EA 48 6.38 35.93 51.75
CA TRP EA 48 5.20 35.73 50.92
C TRP EA 48 3.92 35.62 51.73
N PHE EA 49 4.02 35.58 53.06
CA PHE EA 49 2.84 35.53 53.92
C PHE EA 49 3.10 36.27 55.22
N THR FA 17 -38.70 -21.83 45.22
CA THR FA 17 -38.58 -20.43 44.81
C THR FA 17 -37.14 -20.12 44.43
N ASN FA 18 -36.31 -21.16 44.35
CA ASN FA 18 -34.98 -21.00 43.77
C ASN FA 18 -35.06 -20.81 42.27
N LEU FA 19 -35.95 -21.56 41.60
CA LEU FA 19 -36.10 -21.44 40.16
C LEU FA 19 -36.57 -20.04 39.76
N ARG FA 20 -37.48 -19.45 40.56
CA ARG FA 20 -37.93 -18.10 40.28
C ARG FA 20 -36.78 -17.11 40.38
N LEU FA 21 -35.93 -17.27 41.40
CA LEU FA 21 -34.76 -16.42 41.52
C LEU FA 21 -33.70 -16.78 40.48
N TRP FA 22 -33.68 -18.03 40.02
CA TRP FA 22 -32.70 -18.44 39.03
C TRP FA 22 -32.99 -17.79 37.68
N VAL FA 23 -34.24 -17.84 37.23
CA VAL FA 23 -34.60 -17.25 35.95
C VAL FA 23 -34.40 -15.74 35.99
N ALA FA 24 -34.75 -15.11 37.11
CA ALA FA 24 -34.58 -13.66 37.23
C ALA FA 24 -33.11 -13.26 37.17
N PHE FA 25 -32.23 -14.05 37.78
CA PHE FA 25 -30.81 -13.71 37.77
C PHE FA 25 -30.19 -13.97 36.41
N GLN FA 26 -30.71 -14.96 35.67
CA GLN FA 26 -30.25 -15.15 34.30
C GLN FA 26 -30.61 -13.96 33.42
N MET FA 27 -31.82 -13.43 33.58
CA MET FA 27 -32.24 -12.29 32.79
C MET FA 27 -31.58 -11.01 33.26
N MET FA 28 -31.47 -10.83 34.58
CA MET FA 28 -30.81 -9.63 35.10
C MET FA 28 -29.32 -9.62 34.73
N LYS FA 29 -28.73 -10.80 34.54
CA LYS FA 29 -27.35 -10.86 34.04
C LYS FA 29 -27.28 -10.45 32.57
N GLY FA 30 -28.29 -10.84 31.78
CA GLY FA 30 -28.34 -10.37 30.40
C GLY FA 30 -28.59 -8.87 30.30
N ALA FA 31 -29.53 -8.36 31.09
CA ALA FA 31 -29.85 -6.93 31.03
C ALA FA 31 -28.74 -6.09 31.65
N GLY FA 32 -28.00 -6.63 32.61
CA GLY FA 32 -26.89 -5.89 33.19
C GLY FA 32 -25.80 -5.58 32.18
N TRP FA 33 -25.45 -6.56 31.36
CA TRP FA 33 -24.44 -6.33 30.32
C TRP FA 33 -24.94 -5.34 29.27
N ALA FA 34 -26.20 -5.46 28.86
CA ALA FA 34 -26.74 -4.50 27.91
C ALA FA 34 -26.72 -3.09 28.49
N GLY FA 35 -27.07 -2.95 29.75
CA GLY FA 35 -26.96 -1.66 30.40
C GLY FA 35 -25.52 -1.21 30.59
N GLY FA 36 -24.64 -2.14 30.97
CA GLY FA 36 -23.25 -1.78 31.18
C GLY FA 36 -22.57 -1.33 29.91
N VAL FA 37 -22.83 -2.00 28.80
CA VAL FA 37 -22.27 -1.59 27.52
C VAL FA 37 -22.91 -0.28 27.06
N PHE FA 38 -24.22 -0.14 27.25
CA PHE FA 38 -24.91 1.05 26.75
C PHE FA 38 -24.47 2.31 27.50
N PHE FA 39 -24.49 2.27 28.83
CA PHE FA 39 -24.07 3.43 29.60
C PHE FA 39 -22.56 3.62 29.58
N GLY FA 40 -21.81 2.61 29.14
CA GLY FA 40 -20.40 2.81 28.85
C GLY FA 40 -20.18 3.70 27.64
N THR FA 41 -21.05 3.58 26.62
CA THR FA 41 -20.92 4.43 25.44
C THR FA 41 -21.32 5.87 25.75
N LEU FA 42 -22.34 6.05 26.60
CA LEU FA 42 -22.79 7.40 26.92
C LEU FA 42 -21.70 8.19 27.62
N LEU FA 43 -20.88 7.52 28.43
CA LEU FA 43 -19.73 8.20 29.02
C LEU FA 43 -18.73 8.61 27.95
N LEU FA 44 -18.50 7.75 26.97
CA LEU FA 44 -17.61 8.10 25.87
C LEU FA 44 -18.17 9.27 25.06
N ILE FA 45 -19.46 9.25 24.75
CA ILE FA 45 -20.09 10.40 24.12
C ILE FA 45 -20.02 11.60 25.05
N GLY FA 46 -20.30 11.39 26.34
CA GLY FA 46 -20.21 12.47 27.30
C GLY FA 46 -18.80 13.03 27.44
N PHE FA 47 -17.79 12.18 27.22
CA PHE FA 47 -16.41 12.65 27.29
C PHE FA 47 -16.10 13.62 26.18
N PHE FA 48 -16.41 13.26 24.93
CA PHE FA 48 -16.17 14.16 23.82
C PHE FA 48 -17.06 15.39 23.90
N ARG FA 49 -18.24 15.24 24.53
CA ARG FA 49 -19.09 16.39 24.75
C ARG FA 49 -18.45 17.40 25.70
N VAL FA 50 -17.84 16.92 26.78
CA VAL FA 50 -17.18 17.82 27.72
C VAL FA 50 -15.95 18.44 27.09
N VAL FA 51 -15.10 17.62 26.44
CA VAL FA 51 -13.90 18.15 25.80
C VAL FA 51 -14.27 19.13 24.69
N GLY FA 52 -15.44 18.94 24.08
CA GLY FA 52 -15.89 19.88 23.08
C GLY FA 52 -16.18 21.26 23.64
N ARG FA 53 -16.74 21.31 24.85
CA ARG FA 53 -17.13 22.59 25.44
C ARG FA 53 -16.02 23.26 26.24
N MET FA 54 -14.87 22.61 26.38
CA MET FA 54 -13.69 23.25 26.97
C MET FA 54 -12.69 23.68 25.92
N LEU FA 55 -13.01 23.55 24.65
CA LEU FA 55 -12.18 23.95 23.53
C LEU FA 55 -12.76 25.18 22.85
N PRO FA 56 -11.99 25.85 22.00
CA PRO FA 56 -12.47 27.12 21.41
C PRO FA 56 -13.54 26.95 20.34
N ILE FA 57 -14.17 25.77 20.25
CA ILE FA 57 -15.34 25.64 19.40
C ILE FA 57 -16.47 26.49 19.98
N ASP FA 58 -17.52 26.68 19.15
CA ASP FA 58 -18.66 27.55 19.46
C ASP FA 58 -18.25 29.02 19.39
N GLU FA 59 -16.96 29.28 19.25
CA GLU FA 59 -16.46 30.58 18.83
C GLU FA 59 -15.86 30.53 17.43
N ASN FA 60 -15.62 29.33 16.90
CA ASN FA 60 -15.22 29.13 15.51
C ASN FA 60 -16.10 28.04 14.91
N PRO FA 61 -17.39 28.31 14.73
CA PRO FA 61 -18.29 27.26 14.21
C PRO FA 61 -18.05 27.02 12.73
N ALA FA 62 -17.69 25.78 12.40
CA ALA FA 62 -17.44 25.42 11.02
C ALA FA 62 -18.73 25.47 10.22
N PRO FA 63 -18.64 25.75 8.92
CA PRO FA 63 -19.84 25.70 8.08
C PRO FA 63 -20.34 24.28 7.91
N ALA FA 64 -21.58 24.16 7.47
CA ALA FA 64 -22.18 22.87 7.22
C ALA FA 64 -21.47 22.19 6.06
N PRO FA 65 -20.95 20.97 6.23
CA PRO FA 65 -20.21 20.34 5.13
C PRO FA 65 -21.11 19.82 4.02
N ASN FA 66 -22.33 19.42 4.36
CA ASN FA 66 -23.24 18.83 3.40
C ASN FA 66 -24.55 19.60 3.41
N ILE FA 67 -25.23 19.64 2.27
CA ILE FA 67 -26.53 20.30 2.22
C ILE FA 67 -27.46 19.62 3.22
N THR FA 68 -28.32 20.42 3.85
CA THR FA 68 -29.04 19.94 5.03
C THR FA 68 -29.89 18.71 4.71
N GLY FA 69 -30.34 18.57 3.47
CA GLY FA 69 -31.11 17.42 3.08
C GLY FA 69 -32.60 17.57 3.27
N PRO GA 2 5.10 -5.16 40.82
CA PRO GA 2 3.91 -4.58 40.19
C PRO GA 2 3.66 -5.16 38.80
N GLU GA 3 4.53 -6.07 38.38
CA GLU GA 3 4.47 -6.72 37.07
C GLU GA 3 4.40 -5.67 35.95
N VAL GA 4 5.49 -4.91 35.85
CA VAL GA 4 5.68 -3.93 34.78
C VAL GA 4 7.06 -4.18 34.17
N SER GA 5 7.09 -4.39 32.86
CA SER GA 5 8.36 -4.67 32.20
C SER GA 5 9.26 -3.46 32.24
N GLU GA 6 10.58 -3.72 32.21
CA GLU GA 6 11.55 -2.63 32.25
C GLU GA 6 11.41 -1.74 31.04
N PHE GA 7 11.17 -2.32 29.86
CA PHE GA 7 10.91 -1.50 28.68
C PHE GA 7 9.66 -0.66 28.87
N ALA GA 8 8.60 -1.25 29.42
CA ALA GA 8 7.37 -0.50 29.64
C ALA GA 8 7.56 0.58 30.70
N PHE GA 9 8.29 0.28 31.77
CA PHE GA 9 8.53 1.29 32.79
C PHE GA 9 9.37 2.43 32.25
N ARG GA 10 10.34 2.12 31.39
CA ARG GA 10 11.13 3.17 30.75
C ARG GA 10 10.27 4.07 29.88
N LEU GA 11 9.30 3.49 29.18
CA LEU GA 11 8.41 4.29 28.35
C LEU GA 11 7.54 5.21 29.19
N MET GA 12 7.11 4.76 30.36
CA MET GA 12 6.39 5.64 31.27
C MET GA 12 7.28 6.77 31.76
N MET GA 13 8.50 6.44 32.13
CA MET GA 13 9.40 7.43 32.71
C MET GA 13 9.95 8.38 31.66
N ALA GA 14 10.16 7.90 30.43
CA ALA GA 14 10.54 8.79 29.34
C ALA GA 14 9.43 9.78 29.01
N ALA GA 15 8.18 9.32 29.03
CA ALA GA 15 7.06 10.19 28.69
C ALA GA 15 6.97 11.38 29.63
N VAL GA 16 7.25 11.15 30.93
CA VAL GA 16 7.32 12.26 31.87
C VAL GA 16 8.49 13.18 31.51
N ILE GA 17 9.65 12.58 31.22
CA ILE GA 17 10.84 13.36 30.89
C ILE GA 17 10.63 14.18 29.63
N PHE GA 18 10.04 13.57 28.60
CA PHE GA 18 9.78 14.29 27.36
C PHE GA 18 8.85 15.48 27.60
N VAL GA 19 7.80 15.28 28.40
CA VAL GA 19 6.93 16.38 28.75
C VAL GA 19 7.63 17.35 29.70
N GLY GA 20 8.37 16.82 30.67
CA GLY GA 20 9.02 17.67 31.63
C GLY GA 20 10.11 18.54 31.03
N VAL GA 21 11.15 17.90 30.48
CA VAL GA 21 12.29 18.64 29.94
C VAL GA 21 11.86 19.50 28.75
N GLY GA 22 10.78 19.11 28.08
CA GLY GA 22 10.25 19.95 27.02
C GLY GA 22 9.77 21.30 27.52
N ILE GA 23 9.19 21.33 28.71
CA ILE GA 23 8.67 22.59 29.26
C ILE GA 23 9.81 23.51 29.67
N MET GA 24 10.88 22.95 30.23
CA MET GA 24 11.95 23.79 30.77
C MET GA 24 12.78 24.40 29.65
N PHE GA 25 12.95 23.70 28.54
CA PHE GA 25 13.75 24.22 27.44
C PHE GA 25 12.92 25.05 26.47
N ALA GA 26 11.61 24.85 26.42
CA ALA GA 26 10.75 25.79 25.72
C ALA GA 26 10.79 27.16 26.40
N PHE GA 27 10.83 27.17 27.74
CA PHE GA 27 10.98 28.42 28.46
C PHE GA 27 12.33 29.07 28.19
N ALA GA 28 13.41 28.29 28.31
CA ALA GA 28 14.74 28.84 28.12
C ALA GA 28 15.02 29.12 26.64
N GLY GA 29 14.52 28.26 25.75
CA GLY GA 29 14.80 28.43 24.34
C GLY GA 29 14.07 29.56 23.67
N GLY GA 30 13.05 30.11 24.30
CA GLY GA 30 12.26 31.16 23.71
C GLY GA 30 11.26 30.69 22.67
N HIS GA 31 11.07 29.39 22.53
CA HIS GA 31 10.16 28.81 21.55
C HIS GA 31 9.90 27.37 21.95
N TRP GA 32 8.68 26.91 21.71
CA TRP GA 32 8.32 25.56 22.11
C TRP GA 32 9.07 24.49 21.30
N PHE GA 33 9.64 24.85 20.15
CA PHE GA 33 10.34 23.88 19.33
C PHE GA 33 11.70 23.52 19.93
N VAL GA 34 12.33 24.47 20.62
CA VAL GA 34 13.54 24.14 21.36
C VAL GA 34 13.24 23.11 22.43
N GLY GA 35 12.12 23.30 23.14
CA GLY GA 35 11.72 22.32 24.14
C GLY GA 35 11.43 20.96 23.51
N LEU GA 36 10.88 20.95 22.30
CA LEU GA 36 10.54 19.69 21.65
C LEU GA 36 11.79 18.90 21.29
N VAL GA 37 12.77 19.55 20.67
CA VAL GA 37 13.97 18.86 20.22
C VAL GA 37 14.78 18.37 21.42
N VAL GA 38 15.01 19.26 22.39
CA VAL GA 38 15.79 18.87 23.55
C VAL GA 38 15.02 17.87 24.40
N GLY GA 39 13.73 18.10 24.59
CA GLY GA 39 12.92 17.16 25.33
C GLY GA 39 12.74 15.83 24.61
N GLY GA 40 12.62 15.88 23.28
CA GLY GA 40 12.45 14.66 22.51
C GLY GA 40 13.74 13.85 22.40
N LEU GA 41 14.85 14.52 22.12
CA LEU GA 41 16.12 13.81 21.94
C LEU GA 41 16.54 13.08 23.22
N VAL GA 42 16.37 13.73 24.36
CA VAL GA 42 16.74 13.10 25.63
C VAL GA 42 15.84 11.91 25.92
N ALA GA 43 14.53 12.06 25.70
CA ALA GA 43 13.61 10.93 25.92
C ALA GA 43 13.88 9.81 24.93
N ALA GA 44 14.22 10.14 23.69
CA ALA GA 44 14.62 9.11 22.74
C ALA GA 44 15.88 8.39 23.19
N PHE GA 45 16.80 9.12 23.83
CA PHE GA 45 17.99 8.49 24.41
C PHE GA 45 17.67 7.77 25.71
N PHE GA 46 16.71 8.29 26.48
CA PHE GA 46 16.36 7.67 27.76
C PHE GA 46 15.62 6.36 27.55
N ALA GA 47 14.61 6.36 26.67
CA ALA GA 47 13.79 5.18 26.47
C ALA GA 47 14.49 4.07 25.71
N ALA GA 48 15.60 4.36 25.04
CA ALA GA 48 16.30 3.36 24.25
C ALA GA 48 17.42 2.65 25.00
N THR GA 49 17.64 2.99 26.27
CA THR GA 49 18.71 2.39 27.07
C THR GA 49 18.17 1.93 28.41
N PRO GA 50 17.40 0.82 28.44
CA PRO GA 50 16.94 0.28 29.72
C PRO GA 50 17.94 -0.70 30.31
N ASN GA 51 17.62 -1.27 31.46
CA ASN GA 51 18.51 -2.23 32.10
C ASN GA 51 18.41 -3.59 31.44
MG BCL HA . -7.37 13.32 2.21
CHA BCL HA . -9.24 11.70 4.59
CHB BCL HA . -5.69 10.42 1.72
CHC BCL HA . -6.13 14.61 -0.65
CHD BCL HA . -9.52 16.06 2.43
NA BCL HA . -7.28 11.53 3.11
C1A BCL HA . -8.06 11.03 4.02
C2A BCL HA . -7.65 9.67 4.49
C3A BCL HA . -6.28 9.56 3.91
C4A BCL HA . -6.39 10.58 2.84
CMA BCL HA . -5.23 10.00 4.92
CAA BCL HA . -8.58 8.59 3.94
CBA BCL HA . -8.26 7.20 4.50
CGA BCL HA . -9.11 6.89 5.70
O1A BCL HA . -9.60 7.81 6.34
O2A BCL HA . -9.40 5.54 6.13
NB BCL HA . -6.12 12.62 0.74
C1B BCL HA . -5.49 11.43 0.69
C2B BCL HA . -4.62 11.18 -0.48
C3B BCL HA . -4.76 12.46 -1.21
C4B BCL HA . -5.68 13.25 -0.35
CMB BCL HA . -3.85 9.91 -0.76
CAB BCL HA . -4.14 12.90 -2.50
OBB BCL HA . -4.43 13.98 -2.96
CBB BCL HA . -3.18 12.03 -3.24
NC BCL HA . -7.73 14.96 1.10
C1C BCL HA . -7.10 15.29 -0.03
C2C BCL HA . -7.59 16.55 -0.66
C3C BCL HA . -8.78 16.85 0.19
C4C BCL HA . -8.62 15.86 1.29
CMC BCL HA . -6.58 17.67 -0.53
CAC BCL HA . -10.07 16.61 -0.57
CBC BCL HA . -10.72 17.91 -0.97
ND BCL HA . -9.06 13.87 3.21
C1D BCL HA . -9.85 14.96 3.29
C2D BCL HA . -10.98 14.80 4.27
C3D BCL HA . -10.68 13.46 4.76
C4D BCL HA . -9.59 13.03 4.14
CMD BCL HA . -12.16 15.58 4.78
CAD BCL HA . -11.15 12.42 5.70
OBD BCL HA . -12.17 12.53 6.47
CBD BCL HA . -10.24 11.25 5.62
CGD BCL HA . -9.67 10.99 6.97
O1D BCL HA . -8.49 11.08 7.18
O2D BCL HA . -10.58 10.62 8.03
CED BCL HA . -10.26 9.56 8.91
C1 BCL HA . -10.41 5.34 7.10
C2 BCL HA . -11.39 4.28 6.62
C3 BCL HA . -12.64 4.18 7.10
C4 BCL HA . -13.15 5.13 8.13
C5 BCL HA . -13.56 3.11 6.57
C6 BCL HA . -14.45 2.56 7.67
C7 BCL HA . -14.51 1.04 7.58
C8 BCL HA . -15.81 0.50 8.14
C9 BCL HA . -15.71 0.25 9.63
C10 BCL HA . -16.20 -0.77 7.40
C11 BCL HA . -17.60 -0.62 6.83
C12 BCL HA . -18.02 -1.80 5.98
C13 BCL HA . -18.91 -1.32 4.84
C14 BCL HA . -20.35 -1.09 5.30
C15 BCL HA . -18.83 -2.29 3.67
C16 BCL HA . -19.93 -3.33 3.68
C17 BCL HA . -20.37 -3.59 2.25
C18 BCL HA . -20.49 -5.08 1.93
C19 BCL HA . -19.48 -5.91 2.69
C20 BCL HA . -20.35 -5.30 0.43
O1D BPH IA . -14.28 -9.22 7.43
CGD BPH IA . -13.67 -8.23 7.17
O2D BPH IA . -13.18 -7.95 5.97
CED BPH IA . -13.49 -8.90 4.92
CBD BPH IA . -13.40 -7.12 8.14
CHA BPH IA . -13.28 -5.78 7.43
C4D BPH IA . -11.97 -5.27 7.73
C3D BPH IA . -11.23 -6.14 8.52
CAD BPH IA . -12.04 -7.33 8.80
OBD BPH IA . -11.73 -8.32 9.43
C2D BPH IA . -9.98 -5.52 8.74
CMD BPH IA . -8.82 -6.07 9.52
C1D BPH IA . -10.01 -4.30 8.08
ND BPH IA . -11.23 -4.16 7.48
CHD BPH IA . -9.04 -3.30 7.97
C4C BPH IA . -9.14 -2.09 7.28
C3C BPH IA . -8.01 -1.09 7.11
CAC BPH IA . -7.16 -0.90 8.36
CBC BPH IA . -7.95 -0.46 9.57
C2C BPH IA . -8.77 0.16 6.63
CMC BPH IA . -8.05 0.99 5.57
C1C BPH IA . -10.09 -0.42 6.16
NC BPH IA . -10.29 -1.69 6.64
CHC BPH IA . -11.00 0.27 5.36
C4B BPH IA . -12.26 -0.14 4.78
C3B BPH IA . -13.14 0.58 3.91
CAB BPH IA . -12.98 1.94 3.35
CBB BPH IA . -11.69 2.68 3.49
OBB BPH IA . -13.91 2.49 2.77
C2B BPH IA . -14.23 -0.28 3.64
CMB BPH IA . -15.43 -0.01 2.78
C1B BPH IA . -14.03 -1.49 4.35
NB BPH IA . -12.84 -1.37 5.03
CHB BPH IA . -14.88 -2.56 4.34
C4A BPH IA . -14.83 -3.73 5.10
C3A BPH IA . -15.79 -4.89 4.93
CMA BPH IA . -15.49 -5.60 3.60
C2A BPH IA . -15.53 -5.71 6.19
C1A BPH IA . -14.19 -5.18 6.61
NA BPH IA . -13.92 -3.96 6.08
CAA BPH IA . -16.56 -5.51 7.30
CBA BPH IA . -17.93 -6.05 6.90
CGA BPH IA . -18.98 -5.73 7.93
O1A BPH IA . -18.94 -4.81 8.69
O2A BPH IA . -19.97 -6.61 7.90
C1 BPH IA . -21.12 -6.30 8.72
C2 BPH IA . -21.88 -5.17 8.10
C3 BPH IA . -22.51 -5.23 6.94
C4 BPH IA . -22.76 -6.51 6.21
C5 BPH IA . -22.99 -3.99 6.24
C6 BPH IA . -23.78 -3.08 7.11
C7 BPH IA . -24.41 -1.94 6.34
C8 BPH IA . -25.12 -0.87 7.17
C9 BPH IA . -26.15 -1.47 8.12
C10 BPH IA . -25.74 0.19 6.26
C11 BPH IA . -24.77 1.00 5.45
C12 BPH IA . -23.88 1.86 6.32
C13 BPH IA . -22.72 2.55 5.60
C14 BPH IA . -21.97 3.47 6.54
C15 BPH IA . -23.19 3.28 4.34
C16 BPH IA . -22.09 3.89 3.51
C17 BPH IA . -22.61 4.83 2.45
C18 BPH IA . -21.54 5.51 1.60
C19 BPH IA . -21.01 4.58 0.55
C20 BPH IA . -20.41 6.05 2.47
C1 U10 JA . 9.36 -8.04 0.93
C2 U10 JA . 8.58 -9.25 1.12
C3 U10 JA . 9.10 -10.38 1.75
C4 U10 JA . 10.42 -10.32 2.26
C5 U10 JA . 11.11 -9.09 2.21
C6 U10 JA . 10.63 -8.00 1.44
C1M U10 JA . 8.77 -6.91 0.17
C3M U10 JA . 8.63 -12.67 2.22
C4M U10 JA . 12.12 -11.93 2.06
C7 U10 JA . 11.55 -6.83 1.17
C8 U10 JA . 11.26 -5.60 1.99
C9 U10 JA . 12.03 -4.53 2.07
C10 U10 JA . 13.49 -4.56 1.76
C11 U10 JA . 11.48 -3.19 2.44
C12 U10 JA . 10.77 -3.11 3.77
C13 U10 JA . 10.38 -1.70 4.09
C14 U10 JA . 9.46 -0.93 3.49
C15 U10 JA . 8.54 -1.43 2.41
C16 U10 JA . 9.28 0.50 3.88
C17 U10 JA . 8.98 0.67 5.35
C18 U10 JA . 8.52 2.05 5.71
C19 U10 JA . 8.15 2.50 6.90
C20 U10 JA . 8.34 1.74 8.18
C21 U10 JA . 7.48 3.84 7.05
C22 U10 JA . 8.19 4.78 8.00
C23 U10 JA . 7.52 6.11 8.11
C24 U10 JA . 7.40 7.06 7.18
C25 U10 JA . 8.10 7.03 5.86
C26 U10 JA . 6.52 8.26 7.41
C27 U10 JA . 6.95 9.10 8.59
C28 U10 JA . 6.14 10.36 8.71
O2 U10 JA . 7.43 -9.30 0.70
O3 U10 JA . 8.19 -11.39 1.78
O4 U10 JA . 11.10 -11.33 2.86
O5 U10 JA . 12.18 -8.99 2.81
C1 U10 KA . 12.69 20.83 7.03
C2 U10 KA . 11.67 21.78 6.64
C3 U10 KA . 10.41 21.79 7.26
C4 U10 KA . 10.16 20.87 8.32
C5 U10 KA . 11.17 19.94 8.68
C6 U10 KA . 12.39 19.87 7.96
C1M U10 KA . 14.03 20.93 6.40
C3M U10 KA . 8.48 23.17 7.46
C4M U10 KA . 8.95 21.15 10.35
C7 U10 KA . 13.38 18.77 8.26
C8 U10 KA . 13.43 17.68 7.22
C9 U10 KA . 12.55 16.73 6.98
C10 U10 KA . 11.25 16.61 7.72
C11 U10 KA . 12.81 15.66 5.95
C12 U10 KA . 11.68 14.68 5.73
C13 U10 KA . 10.65 15.11 4.74
C14 U10 KA . 10.16 14.43 3.71
C15 U10 KA . 9.10 14.96 2.79
C16 U10 KA . 10.65 13.04 3.40
C17 U10 KA . 9.57 11.99 3.56
C18 U10 KA . 8.82 12.15 4.85
C19 U10 KA . 7.51 12.34 5.01
C20 U10 KA . 6.52 12.18 3.89
C21 U10 KA . 6.93 12.79 6.31
C22 U10 KA . 6.19 14.10 6.16
C23 U10 KA . 5.69 14.68 7.45
C24 U10 KA . 6.05 15.82 8.02
C25 U10 KA . 7.30 16.55 7.66
C26 U10 KA . 5.19 16.50 9.06
C27 U10 KA . 5.93 16.91 10.30
C28 U10 KA . 6.52 15.75 11.04
O2 U10 KA . 11.88 22.59 5.75
O3 U10 KA . 9.60 22.73 6.69
O4 U10 KA . 8.97 20.74 8.97
O5 U10 KA . 10.97 19.17 9.61
P PGV LA . -32.87 6.25 -13.38
C01 PGV LA . -29.04 2.96 -13.56
C02 PGV LA . -30.53 3.13 -13.37
C03 PGV LA . -30.89 4.58 -13.59
C04 PGV LA . -34.18 7.98 -11.95
C05 PGV LA . -34.44 8.38 -10.52
C06 PGV LA . -35.93 8.29 -10.24
O01 PGV LA . -30.87 2.73 -12.03
O02 PGV LA . -33.07 2.16 -12.46
O03 PGV LA . -28.73 1.58 -13.43
O04 PGV LA . -26.60 2.03 -12.67
O05 PGV LA . -34.01 9.73 -10.33
O06 PGV LA . -36.37 6.93 -10.36
O11 PGV LA . -32.14 4.87 -12.98
O12 PGV LA . -33.62 6.68 -12.02
O13 PGV LA . -33.91 5.94 -14.43
O14 PGV LA . -31.79 7.26 -13.64
C1 PGV LA . -32.00 1.82 -12.00
C2 PGV LA . -31.82 0.45 -11.38
C3 PGV LA . -31.56 0.57 -9.89
C4 PGV LA . -30.96 -0.74 -9.36
C5 PGV LA . -31.52 -1.11 -8.00
C6 PGV LA . -31.07 -0.16 -6.90
C7 PGV LA . -31.65 -0.57 -5.55
C8 PGV LA . -31.05 0.25 -4.42
C9 PGV LA . -31.87 0.09 -3.16
C10 PGV LA . -31.20 0.73 -1.96
C11 PGV LA . -30.54 -0.35 -1.14
C12 PGV LA . -29.26 -0.29 -0.85
C19 PGV LA . -27.43 1.17 -12.94
C20 PGV LA . -27.12 -0.29 -12.77
C21 PGV LA . -27.95 -0.82 -11.61
C22 PGV LA . -27.12 -1.67 -10.66
C23 PGV LA . -26.54 -2.89 -11.35
C24 PGV LA . -25.03 -2.78 -11.50
C25 PGV LA . -24.47 -3.94 -12.33
C26 PGV LA . -24.51 -5.24 -11.55
C27 PGV LA . -23.66 -5.14 -10.30
C28 PGV LA . -23.63 -6.46 -9.54
P PGV MA . 1.45 28.84 15.45
C01 PGV MA . 1.81 26.03 19.59
C02 PGV MA . 1.81 26.14 18.07
C03 PGV MA . 1.09 27.39 17.59
C04 PGV MA . 1.57 29.27 12.86
C05 PGV MA . 1.54 30.79 12.98
C06 PGV MA . 1.53 31.41 11.59
O01 PGV MA . 1.19 24.97 17.53
O02 PGV MA . 2.79 24.94 15.88
O03 PGV MA . 2.25 24.71 19.94
O04 PGV MA . 1.71 25.02 22.15
O05 PGV MA . 2.70 31.24 13.68
O06 PGV MA . 0.36 30.97 10.88
O11 PGV MA . 1.08 27.45 16.16
O12 PGV MA . 0.87 28.69 13.95
O13 PGV MA . 2.95 28.93 15.34
O14 PGV MA . 0.69 29.96 16.11
C1 PGV MA . 2.07 24.29 16.62
C2 PGV MA . 2.07 22.79 16.58
C3 PGV MA . 1.75 22.26 17.97
C4 PGV MA . 2.73 21.17 18.37
C5 PGV MA . 2.91 20.17 17.25
C6 PGV MA . 3.82 19.03 17.68
C7 PGV MA . 3.82 17.94 16.62
C8 PGV MA . 4.30 18.49 15.28
C9 PGV MA . 5.82 18.57 15.23
C10 PGV MA . 6.29 18.58 13.79
C11 PGV MA . 7.69 18.00 13.72
C19 PGV MA . 2.08 24.23 21.30
C20 PGV MA . 2.34 22.80 21.66
C21 PGV MA . 3.82 22.46 21.51
C22 PGV MA . 4.16 21.16 22.24
C23 PGV MA . 3.38 19.96 21.71
N1 LDA NA . -11.57 -13.26 25.87
O1 LDA NA . -12.43 -12.40 26.15
CM1 LDA NA . -12.22 -14.58 25.73
CM2 LDA NA . -10.58 -13.34 26.94
C1 LDA NA . -10.92 -12.93 24.60
C2 LDA NA . -10.71 -11.42 24.51
C3 LDA NA . -9.71 -11.11 23.41
C4 LDA NA . -9.58 -9.61 23.19
C5 LDA NA . -10.31 -9.16 21.95
C6 LDA NA . -9.34 -8.57 20.92
C7 LDA NA . -10.09 -7.80 19.83
C8 LDA NA . -10.85 -6.63 20.43
C9 LDA NA . -11.29 -5.63 19.36
C10 LDA NA . -12.40 -6.21 18.49
C11 LDA NA . -13.69 -6.39 19.26
C12 LDA NA . -14.43 -5.08 19.44
MG BCL OA . -15.83 6.13 1.00
CHA BCL OA . -14.98 5.81 -2.28
CHB BCL OA . -17.73 3.38 0.81
CHC BCL OA . -16.08 6.21 4.38
CHD BCL OA . -13.69 8.92 1.27
NA BCL OA . -16.33 4.85 -0.46
C1A BCL OA . -15.91 4.83 -1.67
C2A BCL OA . -16.38 3.67 -2.48
C3A BCL OA . -17.46 3.11 -1.59
C4A BCL OA . -17.18 3.83 -0.31
CMA BCL OA . -18.82 3.47 -2.12
CAA BCL OA . -15.26 2.66 -2.70
CBA BCL OA . -14.37 2.52 -1.46
CGA BCL OA . -13.69 1.17 -1.47
O1A BCL OA . -13.77 0.46 -2.45
O2A BCL OA . -12.96 0.72 -0.30
NB BCL OA . -16.74 4.96 2.40
C1B BCL OA . -17.50 3.88 2.17
C2B BCL OA . -18.08 3.21 3.35
C3B BCL OA . -17.57 4.07 4.44
C4B BCL OA . -16.78 5.10 3.73
CMB BCL OA . -18.93 1.97 3.32
CAB BCL OA . -17.77 3.99 5.93
OBB BCL OA . -17.38 4.91 6.63
CBB BCL OA . -18.45 2.82 6.53
NC BCL OA . -15.22 7.35 2.47
C1C BCL OA . -15.58 7.26 3.76
C2C BCL OA . -15.25 8.46 4.56
C3C BCL OA . -14.24 9.12 3.68
C4C BCL OA . -14.42 8.36 2.41
CMC BCL OA . -16.46 9.38 4.67
CAC BCL OA . -12.83 9.01 4.22
CBC BCL OA . -12.36 7.59 4.44
ND BCL OA . -14.53 7.20 -0.14
C1D BCL OA . -13.75 8.28 -0.03
C2D BCL OA . -13.04 8.64 -1.29
C3D BCL OA . -13.57 7.60 -2.17
C4D BCL OA . -14.40 6.85 -1.45
CMD BCL OA . -12.07 9.67 -1.77
CAD BCL OA . -13.53 7.08 -3.56
OBD BCL OA . -12.83 7.56 -4.51
CBD BCL OA . -14.41 5.89 -3.66
CGD BCL OA . -15.43 6.10 -4.73
O1D BCL OA . -15.17 5.81 -5.88
O2D BCL OA . -16.73 6.65 -4.46
CED BCL OA . -17.64 6.74 -5.54
C1 BCL OA . -11.99 -0.32 -0.39
C2 BCL OA . -12.61 -1.59 0.12
C3 BCL OA . -12.84 -2.59 -0.74
C4 BCL OA . -12.45 -2.47 -2.18
C5 BCL OA . -13.49 -3.86 -0.24
C6 BCL OA . -14.88 -3.95 -0.84
C7 BCL OA . -15.67 -2.67 -0.66
C8 BCL OA . -17.09 -2.82 -1.16
C9 BCL OA . -17.11 -2.85 -2.68
C10 BCL OA . -17.94 -1.69 -0.58
C11 BCL OA . -18.92 -1.12 -1.59
C12 BCL OA . -20.08 -0.43 -0.88
C13 BCL OA . -21.29 -0.30 -1.80
C14 BCL OA . -21.09 0.77 -2.86
C15 BCL OA . -22.55 -0.02 -0.98
C16 BCL OA . -22.32 1.06 0.08
C17 BCL OA . -22.54 0.49 1.47
C18 BCL OA . -23.79 -0.39 1.52
C19 BCL OA . -25.06 0.45 1.57
C20 BCL OA . -23.72 -1.37 2.68
MG BCL PA . 4.02 12.85 -3.77
CHA BCL PA . 3.68 12.97 -0.38
CHB BCL PA . 7.27 12.22 -3.45
CHC BCL PA . 3.96 11.64 -6.92
CHD BCL PA . 0.61 13.57 -4.14
NA BCL PA . 5.27 12.63 -2.23
C1A BCL PA . 5.00 12.65 -0.97
C2A BCL PA . 6.14 12.30 -0.08
C3A BCL PA . 7.30 12.38 -1.03
C4A BCL PA . 6.59 12.41 -2.34
CMA BCL PA . 8.05 13.68 -0.84
CAA BCL PA . 5.99 10.89 0.48
CBA BCL PA . 5.29 9.96 -0.49
CGA BCL PA . 5.22 8.56 0.07
O1A BCL PA . 4.21 8.17 0.60
O2A BCL PA . 6.37 7.67 -0.02
NB BCL PA . 5.42 12.01 -5.01
C1B BCL PA . 6.71 11.83 -4.75
C2B BCL PA . 7.54 11.24 -5.83
C3B BCL PA . 6.52 11.07 -6.88
C4B BCL PA . 5.28 11.59 -6.26
CMB BCL PA . 9.01 10.92 -5.76
CAB BCL PA . 6.63 10.52 -8.26
OBB BCL PA . 5.66 10.05 -8.80
CBB BCL PA . 7.95 10.58 -8.96
NC BCL PA . 2.70 12.84 -5.28
C1C BCL PA . 2.95 12.39 -6.52
C2C BCL PA . 1.88 12.71 -7.50
C3C BCL PA . 0.86 13.36 -6.63
C4C BCL PA . 1.47 13.24 -5.27
CMC BCL PA . 2.41 13.69 -8.54
CAC BCL PA . -0.47 12.62 -6.68
CBC BCL PA . -0.33 11.14 -6.38
ND BCL PA . 2.38 13.18 -2.60
C1D BCL PA . 1.10 13.49 -2.76
C2D BCL PA . 0.36 13.68 -1.48
C3D BCL PA . 1.46 13.45 -0.53
C4D BCL PA . 2.55 13.20 -1.25
CMD BCL PA . -1.04 14.00 -1.03
CAD BCL PA . 1.80 13.41 0.91
OBD BCL PA . 1.01 13.61 1.89
CBD BCL PA . 3.25 13.09 1.04
CGD BCL PA . 3.94 14.21 1.75
O1D BCL PA . 4.23 14.13 2.92
O2D BCL PA . 4.28 15.43 1.05
CED BCL PA . 4.64 16.58 1.80
C1 BCL PA . 6.21 6.27 0.18
C2 BCL PA . 7.08 5.50 -0.77
C3 BCL PA . 8.38 5.29 -0.52
C4 BCL PA . 9.24 4.53 -1.47
C5 BCL PA . 9.02 5.85 0.73
C6 BCL PA . 10.44 6.31 0.39
C7 BCL PA . 10.47 7.73 -0.16
C8 BCL PA . 10.53 8.74 0.98
C9 BCL PA . 9.15 9.32 1.28
C10 BCL PA . 11.51 9.85 0.65
C11 BCL PA . 11.14 10.62 -0.61
C12 BCL PA . 12.26 11.59 -0.97
C13 BCL PA . 11.77 12.77 -1.81
C14 BCL PA . 11.39 12.31 -3.20
C15 BCL PA . 12.87 13.82 -1.89
C16 BCL PA . 13.44 14.20 -0.52
C17 BCL PA . 14.86 14.70 -0.68
C18 BCL PA . 15.17 15.95 0.15
C19 BCL PA . 16.10 15.60 1.32
C20 BCL PA . 13.91 16.64 0.64
P PGV QA . -21.32 -22.71 -0.45
C01 PGV QA . -23.37 -18.08 0.21
C02 PGV QA . -23.41 -19.37 -0.59
C03 PGV QA . -22.62 -20.47 0.11
O01 PGV QA . -22.84 -19.11 -1.87
O02 PGV QA . -25.04 -18.95 -2.57
O03 PGV QA . -24.05 -17.09 -0.56
O04 PGV QA . -23.87 -15.44 1.05
O11 PGV QA . -22.37 -21.54 -0.79
O12 PGV QA . -21.08 -23.38 -1.88
O13 PGV QA . -21.99 -23.72 0.45
O14 PGV QA . -20.03 -22.07 0.00
C1 PGV QA . -23.87 -19.00 -2.90
C2 PGV QA . -23.47 -18.97 -4.35
C3 PGV QA . -22.44 -17.87 -4.57
C4 PGV QA . -22.92 -16.54 -3.99
C5 PGV QA . -22.18 -15.38 -4.65
C6 PGV QA . -22.54 -15.31 -6.13
C7 PGV QA . -21.29 -15.23 -7.00
C8 PGV QA . -20.42 -14.04 -6.61
C9 PGV QA . -21.05 -12.71 -7.03
C10 PGV QA . -19.97 -11.64 -7.14
C11 PGV QA . -18.91 -12.10 -8.11
C12 PGV QA . -18.72 -11.46 -9.26
C13 PGV QA . -17.65 -11.93 -10.22
C14 PGV QA . -18.29 -12.41 -11.52
C15 PGV QA . -17.31 -13.27 -12.31
C16 PGV QA . -18.05 -14.22 -13.24
C17 PGV QA . -18.82 -13.43 -14.29
C19 PGV QA . -24.36 -15.78 -0.01
C20 PGV QA . -25.30 -14.87 -0.74
C21 PGV QA . -24.55 -13.62 -1.18
C22 PGV QA . -24.49 -12.60 -0.06
C23 PGV QA . -23.82 -11.31 -0.53
C24 PGV QA . -23.76 -10.30 0.62
C25 PGV QA . -23.74 -8.89 0.06
C26 PGV QA . -23.84 -7.87 1.20
C27 PGV QA . -25.11 -8.07 2.00
C28 PGV QA . -25.14 -7.13 3.19
C29 PGV QA . -26.56 -6.98 3.73
C30 PGV QA . -27.08 -8.30 4.29
C31 PGV QA . -28.56 -8.17 4.59
C32 PGV QA . -29.30 -7.64 3.36
C33 PGV QA . -30.79 -7.49 3.64
C34 PGV QA . -31.48 -6.71 2.54
N1 LDA RA . -19.84 -15.62 32.25
O1 LDA RA . -18.91 -15.56 33.10
CM1 LDA RA . -21.13 -15.35 32.90
CM2 LDA RA . -19.86 -16.97 31.66
C1 LDA RA . -19.60 -14.61 31.22
C2 LDA RA . -18.40 -14.99 30.35
C3 LDA RA . -18.29 -14.07 29.13
C4 LDA RA . -18.09 -12.61 29.55
C5 LDA RA . -17.72 -11.77 28.34
C6 LDA RA . -18.83 -11.75 27.29
C7 LDA RA . -18.33 -11.21 25.96
C8 LDA RA . -18.22 -9.69 25.97
C9 LDA RA . -19.57 -9.07 25.64
C10 LDA RA . -19.41 -7.58 25.38
C11 LDA RA . -20.45 -7.09 24.38
C12 LDA RA . -20.19 -5.64 24.01
P PGV SA . -23.58 5.87 -18.08
C01 PGV SA . -20.16 5.93 -14.43
C02 PGV SA . -20.73 5.05 -15.53
C03 PGV SA . -21.36 5.90 -16.63
C04 PGV SA . -25.17 5.83 -16.03
C05 PGV SA . -26.22 4.99 -15.34
C06 PGV SA . -27.58 5.32 -15.95
O01 PGV SA . -21.68 4.17 -14.97
O02 PGV SA . -20.37 2.46 -15.81
O03 PGV SA . -20.24 5.21 -13.21
O04 PGV SA . -18.01 5.54 -12.85
O05 PGV SA . -26.23 5.27 -13.95
O06 PGV SA . -27.79 6.73 -15.90
O11 PGV SA . -22.42 5.16 -17.24
O12 PGV SA . -24.86 5.29 -17.31
O13 PGV SA . -23.55 5.33 -19.48
O14 PGV SA . -23.57 7.35 -17.81
C1 PGV SA . -21.48 2.80 -15.42
C2 PGV SA . -22.61 1.80 -15.40
C3 PGV SA . -22.52 0.97 -14.14
C4 PGV SA . -23.07 1.72 -12.94
C5 PGV SA . -22.37 1.27 -11.67
C6 PGV SA . -23.24 1.55 -10.45
C7 PGV SA . -22.42 1.42 -9.17
C8 PGV SA . -23.29 1.65 -7.95
C9 PGV SA . -24.13 0.42 -7.59
C10 PGV SA . -24.60 0.55 -6.15
C11 PGV SA . -25.79 -0.35 -5.87
C12 PGV SA . -26.11 -0.62 -4.61
C13 PGV SA . -25.31 -0.02 -3.49
C14 PGV SA . -26.22 0.54 -2.41
C15 PGV SA . -26.97 1.78 -2.88
C16 PGV SA . -26.26 3.06 -2.44
C17 PGV SA . -26.12 3.11 -0.92
C18 PGV SA . -25.61 4.45 -0.47
C19 PGV SA . -19.03 5.06 -12.42
C20 PGV SA . -19.02 4.32 -11.11
C21 PGV SA . -17.60 4.39 -10.57
C22 PGV SA . -17.49 3.75 -9.20
C23 PGV SA . -16.03 3.78 -8.73
C24 PGV SA . -15.87 3.11 -7.38
C25 PGV SA . -16.50 1.72 -7.38
C26 PGV SA . -16.22 1.00 -6.07
C27 PGV SA . -16.79 -0.41 -6.09
C28 PGV SA . -16.06 -1.30 -7.09
C29 PGV SA . -14.71 -1.74 -6.55
C30 PGV SA . -14.26 -3.05 -7.19
N1 LDA TA . -6.24 -14.15 25.96
O1 LDA TA . -6.98 -14.44 25.00
CM1 LDA TA . -5.22 -15.19 26.11
CM2 LDA TA . -7.03 -14.05 27.19
C1 LDA TA . -5.62 -12.84 25.70
C2 LDA TA . -6.71 -11.80 25.53
C3 LDA TA . -6.13 -10.46 25.09
C4 LDA TA . -5.41 -10.59 23.76
C5 LDA TA . -5.26 -9.21 23.13
C6 LDA TA . -4.79 -9.32 21.68
C7 LDA TA . -4.94 -7.99 20.97
C8 LDA TA . -4.44 -8.09 19.53
C9 LDA TA . -2.92 -7.99 19.49
C10 LDA TA . -2.44 -7.55 18.11
C11 LDA TA . -2.13 -6.05 18.11
C12 LDA TA . -1.90 -5.55 16.69
MG BCL UA . -6.39 11.74 -5.33
CHA BCL UA . -4.15 10.48 -7.56
CHB BCL UA . -6.01 9.03 -3.41
CHC BCL UA . -8.59 13.10 -3.17
CHD BCL UA . -6.06 14.91 -6.83
NA BCL UA . -5.47 9.98 -5.55
C1A BCL UA . -4.70 9.60 -6.51
C2A BCL UA . -4.23 8.17 -6.39
C3A BCL UA . -4.89 7.73 -5.12
C4A BCL UA . -5.52 8.99 -4.65
CMA BCL UA . -5.89 6.63 -5.36
CAA BCL UA . -2.74 8.09 -6.14
CBA BCL UA . -2.20 6.69 -6.43
CGA BCL UA . -0.73 6.68 -6.05
O1A BCL UA . -0.32 5.96 -5.15
O2A BCL UA . 0.21 7.50 -6.78
NB BCL UA . -7.18 11.17 -3.54
C1B BCL UA . -6.95 10.01 -2.88
C2B BCL UA . -7.65 9.83 -1.60
C3B BCL UA . -8.44 11.07 -1.52
C4B BCL UA . -8.07 11.79 -2.77
CMB BCL UA . -7.52 8.64 -0.69
CAB BCL UA . -9.41 11.56 -0.48
OBB BCL UA . -9.97 12.63 -0.63
CBB BCL UA . -9.68 10.76 0.75
NC BCL UA . -7.19 13.56 -5.06
C1C BCL UA . -8.10 13.87 -4.13
C2C BCL UA . -8.62 15.27 -4.22
C3C BCL UA . -7.74 15.84 -5.28
C4C BCL UA . -6.96 14.65 -5.72
CMC BCL UA . -10.04 15.24 -4.74
CAC BCL UA . -6.79 16.91 -4.75
CBC BCL UA . -7.54 18.02 -4.07
ND BCL UA . -5.34 12.65 -6.83
C1D BCL UA . -5.27 13.85 -7.42
C2D BCL UA . -4.32 13.90 -8.59
C3D BCL UA . -3.90 12.50 -8.59
C4D BCL UA . -4.53 11.87 -7.60
CMD BCL UA . -3.80 14.90 -9.57
CAD BCL UA . -3.03 11.55 -9.29
OBD BCL UA . -2.28 11.80 -10.30
CBD BCL UA . -3.19 10.21 -8.66
CGD BCL UA . -3.93 9.34 -9.63
O1D BCL UA . -3.35 8.70 -10.48
O2D BCL UA . -5.36 9.25 -9.56
CED BCL UA . -6.16 9.25 -10.75
C1 BCL UA . 1.55 7.67 -6.30
C2 BCL UA . 2.50 6.79 -7.08
C3 BCL UA . 3.13 7.22 -8.19
C4 BCL UA . 2.87 8.61 -8.69
C5 BCL UA . 4.07 6.30 -8.92
C6 BCL UA . 5.50 6.57 -8.49
C7 BCL UA . 6.47 5.48 -8.95
C8 BCL UA . 7.76 6.04 -9.51
C9 BCL UA . 8.13 5.37 -10.83
C10 BCL UA . 8.88 5.86 -8.50
C11 BCL UA . 9.85 7.04 -8.52
C12 BCL UA . 10.75 7.04 -7.30
C13 BCL UA . 11.44 8.39 -7.15
C14 BCL UA . 12.52 8.56 -8.20
C15 BCL UA . 12.02 8.54 -5.75
C16 BCL UA . 13.21 7.61 -5.54
C17 BCL UA . 13.70 7.69 -4.09
C18 BCL UA . 14.77 6.65 -3.78
C19 BCL UA . 14.57 5.36 -4.57
C20 BCL UA . 14.83 6.34 -2.28
O1D BPH VA . 12.75 -1.29 -6.20
CGD BPH VA . 11.56 -1.22 -6.05
O2D BPH VA . 10.93 -1.45 -4.91
CED BPH VA . 11.79 -1.69 -3.75
CBD BPH VA . 10.61 -0.85 -7.14
CHA BPH VA . 9.74 0.34 -6.76
C4D BPH VA . 8.38 -0.08 -6.84
C3D BPH VA . 8.25 -1.43 -7.18
CAD BPH VA . 9.60 -1.99 -7.39
OBD BPH VA . 9.91 -3.11 -7.72
C2D BPH VA . 6.88 -1.71 -7.21
CMD BPH VA . 6.23 -3.03 -7.53
C1D BPH VA . 6.20 -0.54 -6.88
ND BPH VA . 7.14 0.44 -6.66
CHD BPH VA . 4.84 -0.32 -6.76
C4C BPH VA . 4.19 0.86 -6.37
C3C BPH VA . 2.68 1.01 -6.21
CAC BPH VA . 1.84 0.65 -7.43
CBC BPH VA . 1.77 -0.83 -7.72
C2C BPH VA . 2.54 2.49 -5.82
CMC BPH VA . 1.67 2.76 -4.59
C1C BPH VA . 3.97 2.96 -5.66
NC BPH VA . 4.88 2.00 -6.03
CHC BPH VA . 4.33 4.24 -5.24
C4B BPH VA . 5.63 4.82 -5.01
C3B BPH VA . 5.96 6.14 -4.57
CAB BPH VA . 5.05 7.25 -4.23
CBB BPH VA . 3.70 6.96 -3.65
OBB BPH VA . 5.38 8.41 -4.42
C2B BPH VA . 7.36 6.23 -4.50
CMB BPH VA . 8.19 7.41 -4.09
C1B BPH VA . 7.89 4.99 -4.90
NB BPH VA . 6.82 4.16 -5.20
CHB BPH VA . 9.23 4.68 -4.96
C4A BPH VA . 9.86 3.53 -5.42
C3A BPH VA . 11.35 3.27 -5.26
CMA BPH VA . 11.69 2.99 -3.80
C2A BPH VA . 11.55 2.09 -6.21
C1A BPH VA . 10.15 1.58 -6.36
NA BPH VA . 9.20 2.51 -6.04
CAA BPH VA . 12.17 2.53 -7.54
CBA BPH VA . 13.50 3.20 -7.23
CGA BPH VA . 14.20 3.80 -8.42
O1A BPH VA . 13.85 3.72 -9.56
O2A BPH VA . 15.29 4.46 -8.02
C1 BPH VA . 15.98 5.25 -9.00
C2 BPH VA . 16.87 6.19 -8.25
C3 BPH VA . 16.66 7.50 -8.20
C4 BPH VA . 15.90 8.24 -9.27
C5 BPH VA . 17.08 8.33 -7.03
C6 BPH VA . 18.42 7.98 -6.48
C7 BPH VA . 18.87 8.93 -5.39
C8 BPH VA . 20.25 8.66 -4.79
C9 BPH VA . 20.71 9.81 -3.91
C10 BPH VA . 21.28 8.33 -5.87
C11 BPH VA . 22.73 8.31 -5.43
C12 BPH VA . 23.12 7.25 -4.43
C13 BPH VA . 24.60 7.26 -4.03
C14 BPH VA . 25.52 7.03 -5.22
C15 BPH VA . 24.89 6.30 -2.88
C16 BPH VA . 26.33 6.29 -2.42
C17 BPH VA . 26.60 5.49 -1.17
C18 BPH VA . 28.06 5.51 -0.70
C19 BPH VA . 28.22 4.77 0.62
C20 BPH VA . 28.59 6.92 -0.59
FE FE WA . 2.29 -13.28 2.75
C1 U10 XA . -6.41 -13.78 3.82
C2 U10 XA . -5.25 -14.53 4.26
C3 U10 XA . -5.16 -15.92 4.07
C4 U10 XA . -6.22 -16.58 3.37
C5 U10 XA . -7.37 -15.84 3.04
C6 U10 XA . -7.46 -14.44 3.26
C1M U10 XA . -6.40 -12.30 4.03
C3M U10 XA . -2.86 -16.40 3.85
C4M U10 XA . -5.39 -18.80 3.45
C7 U10 XA . -8.74 -13.71 2.90
C8 U10 XA . -8.66 -12.97 1.59
C9 U10 XA . -9.41 -13.14 0.53
C10 U10 XA . -10.50 -14.17 0.43
C11 U10 XA . -9.20 -12.31 -0.71
C12 U10 XA . -10.42 -11.50 -1.10
C13 U10 XA . -10.78 -10.48 -0.07
C14 U10 XA . -10.99 -9.19 -0.26
C15 U10 XA . -10.80 -8.49 -1.57
C16 U10 XA . -11.47 -8.30 0.86
C17 U10 XA . -12.85 -7.71 0.64
C18 U10 XA . -13.94 -8.73 0.76
C19 U10 XA . -15.25 -8.54 0.58
C20 U10 XA . -15.84 -7.31 -0.02
C21 U10 XA . -16.25 -9.58 1.01
C22 U10 XA . -17.13 -9.12 2.15
C23 U10 XA . -18.17 -10.13 2.53
C24 U10 XA . -19.01 -10.10 3.55
C25 U10 XA . -19.08 -8.98 4.54
C26 U10 XA . -19.95 -11.24 3.82
C27 U10 XA . -21.40 -10.83 3.97
C28 U10 XA . -22.02 -11.33 5.25
C29 U10 XA . -23.08 -12.11 5.41
C30 U10 XA . -23.87 -12.69 4.27
C31 U10 XA . -23.59 -12.47 6.78
C32 U10 XA . -23.51 -13.95 7.07
C33 U10 XA . -24.30 -14.37 8.26
C34 U10 XA . -25.35 -15.19 8.29
C35 U10 XA . -25.97 -15.78 7.07
C36 U10 XA . -26.01 -15.58 9.59
C37 U10 XA . -27.50 -15.31 9.58
C38 U10 XA . -28.22 -15.94 10.72
C39 U10 XA . -29.22 -16.82 10.66
C40 U10 XA . -29.85 -17.29 9.38
C41 U10 XA . -29.81 -17.42 11.91
O2 U10 XA . -4.32 -13.96 4.83
O3 U10 XA . -4.07 -16.52 4.61
O4 U10 XA . -6.35 -17.86 2.97
O5 U10 XA . -8.31 -16.45 2.54
CM1 SPO YA . 22.17 19.84 0.44
O1 SPO YA . 21.46 19.04 -0.51
C1 SPO YA . 22.10 18.53 -1.67
C2 SPO YA . 22.40 19.66 -2.64
C3 SPO YA . 23.39 17.84 -1.27
C4 SPO YA . 21.15 17.50 -2.29
C5 SPO YA . 19.72 17.89 -2.03
C6 SPO YA . 18.79 17.55 -2.92
C7 SPO YA . 17.38 17.91 -2.71
C8 SPO YA . 17.01 18.92 -1.66
C9 SPO YA . 16.46 17.30 -3.48
C10 SPO YA . 15.02 17.52 -3.42
C11 SPO YA . 14.30 16.74 -4.20
C12 SPO YA . 12.82 16.76 -4.30
C13 SPO YA . 12.00 17.63 -3.42
C14 SPO YA . 12.26 15.96 -5.22
C15 SPO YA . 10.82 15.89 -5.42
C16 SPO YA . 10.39 15.17 -6.45
C17 SPO YA . 8.95 15.01 -6.74
C18 SPO YA . 7.94 15.47 -5.73
C19 SPO YA . 8.57 14.43 -7.89
C20 SPO YA . 7.17 14.23 -8.22
C21 SPO YA . 6.78 13.94 -9.47
C22 SPO YA . 7.74 13.88 -10.57
C23 SPO YA . 7.41 13.31 -11.75
C24 SPO YA . 6.06 12.73 -11.95
C25 SPO YA . 8.41 13.28 -12.84
C26 SPO YA . 8.15 12.70 -14.01
C27 SPO YA . 9.13 12.68 -15.08
C28 SPO YA . 8.97 11.87 -16.14
C29 SPO YA . 7.81 10.94 -16.21
C30 SPO YA . 9.97 11.85 -17.27
C31 SPO YA . 10.30 13.30 -17.62
C32 SPO YA . 11.04 13.44 -18.92
C33 SPO YA . 10.73 14.48 -19.71
C34 SPO YA . 9.67 15.43 -19.27
C35 SPO YA . 11.43 14.71 -21.03
C36 SPO YA . 12.93 14.57 -20.91
C37 SPO YA . 13.51 14.35 -22.28
C38 SPO YA . 14.44 15.18 -22.78
C39 SPO YA . 15.00 14.92 -24.16
C40 SPO YA . 14.95 16.34 -21.99
C1B LMT ZA . -5.39 22.87 -26.03
C2B LMT ZA . -4.65 23.88 -25.16
O1B LMT ZA . -5.45 21.62 -25.35
O5B LMT ZA . -6.70 23.33 -26.29
C1' LMT ZA . -6.02 17.70 -26.54
C2' LMT ZA . -5.02 18.51 -27.36
C3' LMT ZA . -4.59 19.75 -26.58
C4' LMT ZA . -5.83 20.54 -26.20
C5' LMT ZA . -6.83 19.66 -25.46
C6' LMT ZA . -8.11 20.43 -25.19
O1' LMT ZA . -6.42 16.57 -27.32
O2' LMT ZA . -3.86 17.71 -27.64
O3' LMT ZA . -3.73 20.54 -27.41
O5' LMT ZA . -7.15 18.49 -26.22
O6' LMT ZA . -8.67 20.90 -26.42
C1 LMT ZA . -6.08 15.32 -26.74
C2 LMT ZA . -6.35 14.26 -27.80
C3 LMT ZA . -5.81 12.89 -27.41
C4 LMT ZA . -6.73 12.20 -26.43
C5 LMT ZA . -6.15 10.85 -26.02
C6 LMT ZA . -7.04 10.16 -25.00
C7 LMT ZA . -6.44 8.84 -24.54
C8 LMT ZA . -7.41 8.10 -23.64
C9 LMT ZA . -6.77 6.84 -23.07
C10 LMT ZA . -7.86 5.88 -22.59
C11 LMT ZA . -8.74 5.47 -23.76
C12 LMT ZA . -9.88 4.61 -23.30
C1B LMT AB . 13.81 -5.55 25.91
C2B LMT AB . 14.27 -6.97 26.10
C3B LMT AB . 13.39 -7.94 25.34
C4B LMT AB . 11.92 -7.70 25.65
C5B LMT AB . 11.57 -6.22 25.50
C6B LMT AB . 10.15 -5.99 25.99
O1B LMT AB . 13.97 -5.15 24.55
O2B LMT AB . 15.62 -7.09 25.65
O3B LMT AB . 13.73 -9.29 25.70
O4' LMT AB . 11.10 -8.47 24.76
O5B LMT AB . 12.44 -5.43 26.30
O6B LMT AB . 10.06 -6.46 27.33
C1' LMT AB . 15.26 -1.55 22.91
C2' LMT AB . 15.92 -1.96 24.22
C3' LMT AB . 15.69 -3.44 24.46
C4' LMT AB . 14.19 -3.75 24.41
C5' LMT AB . 13.62 -3.26 23.09
C6' LMT AB . 12.12 -3.49 22.99
O1' LMT AB . 15.39 -0.14 22.76
O2' LMT AB . 17.32 -1.69 24.17
O3' LMT AB . 16.29 -3.79 25.72
O5' LMT AB . 13.88 -1.87 22.94
O6' LMT AB . 11.86 -4.78 22.43
C1 LMT AB . 15.35 0.25 21.40
C2 LMT AB . 14.27 1.31 21.21
C3 LMT AB . 12.90 0.64 21.14
C4 LMT AB . 12.94 -0.47 20.11
C5 LMT AB . 11.62 -1.24 20.05
C6 LMT AB . 11.36 -1.75 18.65
C7 LMT AB . 11.18 -0.59 17.69
C8 LMT AB . 12.20 -0.64 16.55
C9 LMT AB . 11.76 -1.60 15.46
C10 LMT AB . 12.31 -1.19 14.10
C11 LMT AB . 11.82 0.20 13.73
C12 LMT AB . 10.30 0.26 13.66
C1B LMT BB . 6.29 -5.20 25.41
C2B LMT BB . 6.65 -5.24 26.88
C3B LMT BB . 5.35 -5.05 27.65
C4B LMT BB . 4.86 -3.65 27.39
C5B LMT BB . 4.61 -3.49 25.89
C6B LMT BB . 4.29 -2.04 25.55
O1B LMT BB . 5.37 -6.27 25.15
O2B LMT BB . 7.23 -6.51 27.21
O3B LMT BB . 5.55 -5.28 29.05
O4' LMT BB . 3.66 -3.40 28.12
O5B LMT BB . 5.73 -3.91 25.11
O6B LMT BB . 5.40 -1.22 25.91
C1' LMT BB . 3.55 -6.87 21.45
C2' LMT BB . 4.94 -7.51 21.60
C3' LMT BB . 5.70 -7.14 22.88
C4' LMT BB . 4.83 -6.32 23.82
C5' LMT BB . 3.47 -7.01 23.89
C6' LMT BB . 2.60 -6.48 25.03
O1' LMT BB . 3.62 -5.54 20.94
O2' LMT BB . 4.73 -8.92 21.57
O3' LMT BB . 6.89 -6.40 22.55
O5' LMT BB . 2.77 -6.82 22.65
O6' LMT BB . 1.37 -7.19 25.07
C1 LMT BB . 2.30 -4.98 20.91
C2 LMT BB . 2.34 -3.55 21.44
C3 LMT BB . 3.19 -2.65 20.58
C4 LMT BB . 2.56 -2.47 19.20
C5 LMT BB . 2.62 -1.00 18.78
C6 LMT BB . 4.03 -0.46 18.91
C7 LMT BB . 4.15 0.92 18.27
C8 LMT BB . 4.25 0.80 16.76
C9 LMT BB . 4.48 2.17 16.13
C10 LMT BB . 4.50 2.09 14.62
C1 CDL CB . 5.48 -18.15 -14.76
O1 CDL CB . 5.08 -18.34 -16.12
CA2 CDL CB . 4.25 -18.11 -13.86
OA2 CDL CB . 3.52 -16.91 -14.06
PA1 CDL CB . 2.07 -16.72 -13.37
OA3 CDL CB . 1.25 -17.95 -13.59
OA4 CDL CB . 2.27 -16.20 -11.97
OA5 CDL CB . 1.45 -15.53 -14.25
CA3 CDL CB . 0.11 -15.66 -14.72
CA4 CDL CB . -0.56 -14.29 -14.79
OA6 CDL CB . -1.93 -14.49 -15.13
CA5 CDL CB . -2.75 -13.36 -14.75
OA7 CDL CB . -2.32 -12.54 -13.96
C11 CDL CB . -4.13 -13.21 -15.34
C12 CDL CB . -4.66 -11.84 -14.92
C13 CDL CB . -6.16 -11.76 -15.16
C14 CDL CB . -6.47 -12.15 -16.60
C15 CDL CB . -7.96 -12.25 -16.80
C16 CDL CB . -8.53 -10.89 -17.17
C17 CDL CB . -9.59 -11.10 -18.24
C18 CDL CB . -10.12 -9.78 -18.78
C19 CDL CB . -11.51 -9.98 -19.36
C20 CDL CB . -11.58 -11.33 -20.08
C21 CDL CB . -13.02 -11.78 -20.21
C22 CDL CB . -13.84 -10.69 -20.90
CA6 CDL CB . 0.14 -13.43 -15.84
OA8 CDL CB . -0.80 -12.76 -16.67
CA7 CDL CB . -0.72 -11.32 -16.89
OA9 CDL CB . 0.36 -10.77 -16.79
C31 CDL CB . -1.94 -10.53 -17.26
C32 CDL CB . -1.53 -9.10 -17.54
C33 CDL CB . -2.73 -8.23 -17.85
C34 CDL CB . -2.31 -6.78 -18.10
C35 CDL CB . -3.52 -5.87 -18.19
C36 CDL CB . -3.09 -4.46 -18.55
C37 CDL CB . -4.17 -3.45 -18.21
C38 CDL CB . -5.45 -3.73 -18.99
C39 CDL CB . -6.58 -2.82 -18.48
C40 CDL CB . -7.77 -2.89 -19.43
C41 CDL CB . -8.53 -1.56 -19.42
C42 CDL CB . -9.04 -1.21 -18.04
CB2 CDL CB . 6.30 -16.86 -14.66
OB2 CDL CB . 5.64 -15.83 -15.39
PB2 CDL CB . 6.29 -14.36 -15.50
OB3 CDL CB . 6.84 -14.19 -16.90
OB4 CDL CB . 7.20 -14.13 -14.33
OB5 CDL CB . 5.01 -13.41 -15.35
CB3 CDL CB . 5.04 -12.29 -14.47
CB4 CDL CB . 3.72 -11.54 -14.56
OB6 CDL CB . 2.81 -12.03 -13.58
CB5 CDL CB . 1.86 -11.06 -13.08
OB7 CDL CB . 0.84 -11.45 -12.54
C51 CDL CB . 2.09 -9.57 -13.22
C52 CDL CB . 0.87 -8.87 -12.63
C53 CDL CB . 0.94 -7.36 -12.80
C54 CDL CB . 0.75 -6.94 -14.26
C55 CDL CB . 0.84 -5.43 -14.35
C56 CDL CB . 0.68 -4.95 -15.78
C57 CDL CB . 0.96 -3.46 -15.86
C58 CDL CB . 0.99 -3.00 -17.31
C59 CDL CB . 1.54 -1.59 -17.42
C60 CDL CB . 0.56 -0.59 -16.82
C61 CDL CB . -0.69 -0.51 -17.68
C62 CDL CB . -0.37 -0.03 -19.09
C63 CDL CB . -1.54 0.79 -19.65
C64 CDL CB . -2.85 0.05 -19.53
C65 CDL CB . -4.01 0.93 -19.96
C66 CDL CB . -3.76 1.51 -21.35
C67 CDL CB . -4.81 2.56 -21.70
CB6 CDL CB . 3.17 -11.73 -15.96
OB8 CDL CB . 3.77 -10.81 -16.87
CB7 CDL CB . 3.14 -10.54 -18.15
OB9 CDL CB . 2.44 -11.40 -18.64
C71 CDL CB . 3.36 -9.22 -18.84
C72 CDL CB . 2.68 -8.12 -18.04
C73 CDL CB . 2.78 -6.78 -18.77
C74 CDL CB . 2.20 -6.87 -20.18
C75 CDL CB . 2.15 -5.51 -20.85
C76 CDL CB . 0.87 -4.76 -20.49
P PGV DB . 17.00 -3.66 -20.45
C01 PGV DB . 17.35 1.00 -19.43
C02 PGV DB . 17.47 -0.25 -20.28
C03 PGV DB . 16.27 -1.17 -20.10
C04 PGV DB . 16.24 -6.15 -20.46
C05 PGV DB . 15.02 -6.97 -20.09
C06 PGV DB . 14.77 -8.01 -21.16
O01 PGV DB . 18.71 -0.91 -19.98
O02 PGV DB . 20.05 -2.13 -21.40
O03 PGV DB . 16.53 1.92 -20.12
O04 PGV DB . 17.56 3.72 -19.14
O05 PGV DB . 13.90 -6.09 -19.97
O06 PGV DB . 15.90 -8.89 -21.27
O11 PGV DB . 16.66 -2.40 -19.50
O12 PGV DB . 16.17 -4.88 -19.82
O13 PGV DB . 18.45 -3.99 -20.32
O14 PGV DB . 16.39 -3.39 -21.81
C1 PGV DB . 19.56 -1.04 -21.15
C2 PGV DB . 19.85 0.15 -22.04
C3 PGV DB . 20.98 0.96 -21.43
C4 PGV DB . 22.05 1.24 -22.47
C5 PGV DB . 21.79 2.57 -23.17
C6 PGV DB . 22.10 3.72 -22.22
C7 PGV DB . 21.13 4.86 -22.43
C8 PGV DB . 19.70 4.43 -22.14
C9 PGV DB . 18.76 5.03 -23.18
C10 PGV DB . 18.58 6.51 -22.97
C11 PGV DB . 17.94 7.11 -24.20
C12 PGV DB . 16.89 7.92 -24.08
C19 PGV DB . 16.79 3.34 -20.00
C20 PGV DB . 16.16 4.33 -20.95
C21 PGV DB . 14.64 4.32 -20.88
C22 PGV DB . 13.99 3.04 -21.42
C23 PGV DB . 12.55 3.31 -21.80
C24 PGV DB . 11.88 2.08 -22.41
C25 PGV DB . 10.38 2.30 -22.47
C26 PGV DB . 10.06 3.68 -23.05
C27 PGV DB . 8.56 3.95 -23.03
C1B LMT EB . -28.34 7.25 -22.07
C2B LMT EB . -28.82 8.47 -22.84
C3B LMT EB . -28.30 9.75 -22.22
C4B LMT EB . -28.59 9.79 -20.72
C5B LMT EB . -28.14 8.50 -20.06
C6B LMT EB . -28.52 8.48 -18.59
O1B LMT EB . -26.92 7.23 -22.17
O2B LMT EB . -28.35 8.41 -24.19
O3B LMT EB . -28.93 10.87 -22.84
O4' LMT EB . -27.90 10.90 -20.13
O5B LMT EB . -28.75 7.38 -20.71
O6B LMT EB . -29.95 8.51 -18.47
C1' LMT EB . -25.52 3.25 -22.44
C2' LMT EB . -25.98 3.73 -21.07
C3' LMT EB . -26.92 4.92 -21.17
C4' LMT EB . -26.23 5.99 -22.01
C5' LMT EB . -25.90 5.41 -23.37
C6' LMT EB . -25.26 6.45 -24.28
O1' LMT EB . -24.49 2.28 -22.33
O2' LMT EB . -26.65 2.65 -20.40
O3' LMT EB . -27.20 5.40 -19.85
O5' LMT EB . -24.98 4.34 -23.19
O6' LMT EB . -25.74 7.74 -23.92
C1 LMT EB . -24.25 1.69 -23.61
C2 LMT EB . -22.82 1.22 -23.71
C3 LMT EB . -22.62 -0.14 -23.06
C4 LMT EB . -21.27 -0.71 -23.45
C5 LMT EB . -20.98 -2.00 -22.69
C6 LMT EB . -22.00 -3.07 -23.04
C7 LMT EB . -22.04 -4.16 -21.98
C8 LMT EB . -22.75 -3.68 -20.73
C9 LMT EB . -21.77 -3.49 -19.57
C10 LMT EB . -21.07 -4.80 -19.22
C11 LMT EB . -20.45 -4.72 -17.84
C12 LMT EB . -21.50 -4.54 -16.78
C1B LMT FB . -15.71 15.60 -35.48
C2B LMT FB . -14.91 16.87 -35.84
C3B LMT FB . -15.85 18.07 -35.79
C4B LMT FB . -16.85 17.98 -34.64
C5B LMT FB . -16.47 16.94 -33.59
C6B LMT FB . -17.53 16.85 -32.50
O1B LMT FB . -14.99 14.37 -35.70
O2B LMT FB . -13.79 17.12 -34.97
O3B LMT FB . -16.56 18.13 -37.02
O4' LMT FB . -16.95 19.27 -34.02
O5B LMT FB . -16.33 15.65 -34.19
O6B LMT FB . -17.50 18.03 -31.68
C1' LMT FB . -12.56 11.86 -33.84
C2' LMT FB . -12.70 13.13 -33.03
C3' LMT FB . -13.82 13.97 -33.60
C4' LMT FB . -13.70 14.15 -35.11
C5' LMT FB . -13.05 12.98 -35.86
C6' LMT FB . -12.42 13.48 -37.15
O1' LMT FB . -11.65 11.00 -33.18
O2' LMT FB . -12.97 12.79 -31.66
O3' LMT FB . -13.74 15.27 -32.99
O5' LMT FB . -12.06 12.28 -35.11
O6' LMT FB . -11.58 12.45 -37.70
C1 LMT FB . -11.83 9.65 -33.59
C2 LMT FB . -11.49 8.74 -32.42
C3 LMT FB . -12.70 8.54 -31.51
C4 LMT FB . -12.46 7.35 -30.59
C5 LMT FB . -13.77 6.75 -30.06
C6 LMT FB . -14.46 7.69 -29.07
C7 LMT FB . -15.38 6.89 -28.16
P PGV GB . -17.47 -20.22 -3.21
C01 PGV GB . -20.18 -16.42 -1.44
C02 PGV GB . -19.44 -17.00 -2.63
C03 PGV GB . -19.35 -18.52 -2.52
O01 PGV GB . -18.13 -16.46 -2.63
O02 PGV GB . -18.52 -15.90 -4.83
O03 PGV GB . -20.35 -15.03 -1.66
O04 PGV GB . -19.90 -14.50 0.54
O11 PGV GB . -18.49 -19.03 -3.54
O12 PGV GB . -17.00 -20.76 -4.66
O13 PGV GB . -18.25 -21.32 -2.52
O14 PGV GB . -16.26 -19.64 -2.54
C1 PGV GB . -17.69 -16.07 -3.96
C2 PGV GB . -16.22 -15.88 -4.23
C3 PGV GB . -15.97 -14.65 -5.08
C4 PGV GB . -16.12 -13.36 -4.27
C5 PGV GB . -15.36 -12.22 -4.94
C6 PGV GB . -15.79 -10.87 -4.40
C7 PGV GB . -14.75 -9.80 -4.75
C8 PGV GB . -15.35 -8.40 -4.65
C9 PGV GB . -14.27 -7.34 -4.46
C10 PGV GB . -13.16 -7.42 -5.51
C11 PGV GB . -12.51 -6.07 -5.64
C12 PGV GB . -11.21 -5.93 -5.88
C13 PGV GB . -10.29 -7.11 -6.04
C14 PGV GB . -9.40 -6.90 -7.26
C19 PGV GB . -20.12 -14.08 -0.59
C20 PGV GB . -20.13 -12.60 -0.87
C21 PGV GB . -19.21 -12.31 -2.06
C22 PGV GB . -19.10 -10.81 -2.32
C23 PGV GB . -20.48 -10.16 -2.32
C24 PGV GB . -20.43 -8.74 -2.87
C25 PGV GB . -19.30 -7.94 -2.22
C26 PGV GB . -19.20 -6.55 -2.85
C1 CDL HB . -15.31 -24.70 -18.32
O1 CDL HB . -13.94 -25.14 -18.30
CA2 CDL HB . -15.37 -23.26 -17.85
OA2 CDL HB . -14.56 -22.47 -18.71
PA1 CDL HB . -13.83 -21.16 -18.15
OA3 CDL HB . -14.87 -20.38 -17.36
OA4 CDL HB . -12.55 -21.60 -17.48
OA5 CDL HB . -13.49 -20.33 -19.46
CA3 CDL HB . -12.61 -19.22 -19.41
CA4 CDL HB . -13.42 -17.93 -19.54
OA6 CDL HB . -14.74 -18.24 -19.12
CA5 CDL HB . -15.58 -17.07 -18.91
OA7 CDL HB . -16.26 -16.65 -19.83
C11 CDL HB . -15.56 -16.35 -17.58
C12 CDL HB . -16.30 -15.04 -17.73
C13 CDL HB . -15.84 -14.05 -16.67
C14 CDL HB . -16.41 -12.66 -16.92
C15 CDL HB . -15.98 -12.13 -18.28
C16 CDL HB . -16.60 -10.77 -18.55
C17 CDL HB . -18.11 -10.83 -18.33
C18 CDL HB . -18.69 -9.44 -18.19
C19 CDL HB . -19.87 -9.46 -17.23
C20 CDL HB . -20.06 -8.09 -16.59
C21 CDL HB . -20.96 -8.18 -15.37
CA6 CDL HB . -13.39 -17.41 -20.97
OA8 CDL HB . -13.83 -16.06 -20.96
CA7 CDL HB . -13.95 -15.26 -22.17
OA9 CDL HB . -13.12 -15.38 -23.07
C31 CDL HB . -15.08 -14.27 -22.29
C32 CDL HB . -14.79 -13.18 -23.32
C33 CDL HB . -15.96 -12.20 -23.36
C34 CDL HB . -15.60 -10.87 -24.01
C35 CDL HB . -16.85 -10.03 -24.21
C36 CDL HB . -16.55 -8.68 -24.85
C37 CDL HB . -17.82 -8.05 -25.39
C38 CDL HB . -17.64 -6.58 -25.72
C39 CDL HB . -18.77 -6.04 -26.59
CB2 CDL HB . -16.15 -25.57 -17.41
OB2 CDL HB . -17.46 -25.03 -17.37
PB2 CDL HB . -18.60 -25.63 -16.40
OB3 CDL HB . -17.94 -26.08 -15.13
OB4 CDL HB . -19.46 -26.58 -17.18
OB5 CDL HB . -19.42 -24.28 -16.12
CB3 CDL HB . -20.71 -24.05 -16.68
CB4 CDL HB . -20.91 -22.54 -16.79
OB6 CDL HB . -21.15 -22.01 -15.49
CB5 CDL HB . -20.68 -20.64 -15.31
OB7 CDL HB . -20.14 -20.08 -16.23
C51 CDL HB . -20.86 -19.95 -13.98
C52 CDL HB . -20.61 -18.45 -14.15
C53 CDL HB . -19.32 -17.99 -13.48
C54 CDL HB . -19.58 -17.52 -12.05
C55 CDL HB . -20.73 -16.51 -12.01
C56 CDL HB . -20.97 -16.00 -10.60
CB6 CDL HB . -22.11 -22.28 -17.70
OB8 CDL HB . -22.15 -20.89 -18.03
CB7 CDL HB . -22.68 -20.46 -19.30
OB9 CDL HB . -23.18 -21.27 -20.07
C71 CDL HB . -22.60 -19.00 -19.69
C72 CDL HB . -23.08 -18.83 -21.13
C73 CDL HB . -23.31 -17.36 -21.45
OA2 CDL IB . -0.68 -19.62 -15.57
PA1 CDL IB . -1.81 -19.54 -16.72
OA3 CDL IB . -1.25 -20.20 -17.96
OA4 CDL IB . -3.12 -20.02 -16.13
OA5 CDL IB . -1.95 -17.97 -16.98
CA3 CDL IB . -2.39 -17.50 -18.26
CA4 CDL IB . -3.47 -16.45 -18.06
OA6 CDL IB . -4.66 -17.14 -17.72
CA5 CDL IB . -5.85 -16.36 -17.39
OA7 CDL IB . -5.85 -15.15 -17.48
C11 CDL IB . -7.10 -17.07 -16.93
C12 CDL IB . -8.27 -16.09 -16.93
C13 CDL IB . -9.54 -16.75 -16.39
CA6 CDL IB . -3.60 -15.68 -19.37
OA8 CDL IB . -3.78 -14.29 -19.06
CA7 CDL IB . -3.99 -13.29 -20.08
OA9 CDL IB . -3.61 -13.49 -21.22
C31 CDL IB . -4.68 -11.99 -19.70
C32 CDL IB . -5.06 -11.19 -20.94
C33 CDL IB . -5.88 -9.98 -20.54
C34 CDL IB . -6.11 -9.04 -21.72
C35 CDL IB . -6.83 -7.77 -21.28
C36 CDL IB . -7.01 -6.80 -22.44
OB2 CDL IB . 4.65 -16.16 -22.99
PB2 CDL IB . 4.29 -15.36 -21.64
OB3 CDL IB . 4.96 -14.01 -21.68
OB4 CDL IB . 4.51 -16.30 -20.48
OB5 CDL IB . 2.70 -15.13 -21.78
CB3 CDL IB . 2.09 -14.04 -21.10
CB4 CDL IB . 0.64 -14.01 -21.55
OB6 CDL IB . 0.59 -14.10 -22.97
CB6 CDL IB . 0.01 -12.69 -21.10
OB8 CDL IB . 0.54 -11.63 -21.89
CB7 CDL IB . -0.07 -10.33 -21.79
OB9 CDL IB . -1.04 -10.19 -21.06
C71 CDL IB . 0.47 -9.16 -22.59
C72 CDL IB . -0.50 -7.99 -22.49
P PGV JB . -26.64 -24.54 -4.86
C01 PGV JB . -27.82 -20.36 -5.72
C02 PGV JB . -28.89 -21.46 -5.80
C03 PGV JB . -28.19 -22.78 -6.09
C04 PGV JB . -25.90 -25.17 -7.33
C05 PGV JB . -24.65 -25.18 -8.21
C06 PGV JB . -23.70 -26.28 -7.74
O01 PGV JB . -29.80 -21.21 -6.86
O02 PGV JB . -31.25 -22.60 -5.71
O03 PGV JB . -28.28 -19.10 -6.20
O04 PGV JB . -26.23 -18.13 -5.81
O05 PGV JB . -23.99 -23.93 -8.08
O06 PGV JB . -22.56 -26.32 -8.60
O11 PGV JB . -27.41 -23.13 -4.95
O12 PGV JB . -25.59 -24.56 -6.08
O13 PGV JB . -25.83 -24.46 -3.59
O14 PGV JB . -27.63 -25.67 -5.05
C1 PGV JB . -30.91 -22.15 -6.79
C2 PGV JB . -31.65 -22.56 -8.05
C3 PGV JB . -32.50 -21.40 -8.55
C4 PGV JB . -31.99 -20.88 -9.89
C5 PGV JB . -30.73 -20.05 -9.71
C6 PGV JB . -30.97 -18.92 -8.70
C7 PGV JB . -31.91 -17.87 -9.27
C8 PGV JB . -32.56 -17.07 -8.15
C9 PGV JB . -33.25 -15.84 -8.72
C10 PGV JB . -32.28 -14.69 -8.96
C11 PGV JB . -31.84 -14.10 -7.64
C12 PGV JB . -30.84 -13.22 -7.58
C13 PGV JB . -30.12 -12.79 -8.83
C19 PGV JB . -27.32 -18.01 -6.34
C20 PGV JB . -27.65 -16.77 -7.13
C21 PGV JB . -27.85 -15.57 -6.19
C22 PGV JB . -26.55 -14.82 -5.96
C23 PGV JB . -26.06 -14.14 -7.23
C24 PGV JB . -26.70 -12.78 -7.40
C25 PGV JB . -26.42 -12.21 -8.79
C26 PGV JB . -24.92 -12.22 -9.10
C27 PGV JB . -24.65 -11.80 -10.54
C28 PGV JB . -23.26 -12.24 -10.98
P PGV KB . -27.62 -26.72 4.70
C01 PGV KB . -29.49 -22.95 6.44
C02 PGV KB . -29.23 -23.30 4.98
C03 PGV KB . -29.38 -24.81 4.82
C04 PGV KB . -26.43 -28.61 3.30
C05 PGV KB . -25.85 -28.75 1.90
C06 PGV KB . -25.26 -30.15 1.71
O01 PGV KB . -27.90 -22.93 4.64
O02 PGV KB . -28.23 -23.02 2.35
O03 PGV KB . -30.87 -22.70 6.62
O04 PGV KB . -30.56 -21.75 8.70
O05 PGV KB . -24.81 -27.78 1.73
O06 PGV KB . -24.91 -30.30 0.32
O11 PGV KB . -28.21 -25.31 4.19
O12 PGV KB . -27.17 -27.40 3.32
O13 PGV KB . -28.76 -27.50 5.29
O14 PGV KB . -26.40 -26.43 5.54
C1 PGV KB . -27.83 -22.37 3.29
C2 PGV KB . -27.22 -21.00 3.09
C3 PGV KB . -26.85 -20.79 1.63
C4 PGV KB . -28.05 -20.27 0.83
C5 PGV KB . -27.63 -19.98 -0.60
C6 PGV KB . -28.81 -19.47 -1.41
C7 PGV KB . -29.24 -18.08 -0.97
C8 PGV KB . -28.70 -17.03 -1.94
C9 PGV KB . -29.35 -15.67 -1.73
C10 PGV KB . -28.56 -14.61 -2.48
C11 PGV KB . -29.25 -13.28 -2.42
C12 PGV KB . -28.57 -12.21 -2.00
C13 PGV KB . -29.25 -10.85 -1.94
C14 PGV KB . -28.96 -10.21 -0.60
C15 PGV KB . -29.43 -8.76 -0.58
C19 PGV KB . -31.31 -21.91 7.77
C20 PGV KB . -32.68 -21.29 7.77
C21 PGV KB . -33.73 -22.39 7.70
C22 PGV KB . -35.08 -21.79 7.30
C23 PGV KB . -34.96 -21.07 5.97
C24 PGV KB . -36.33 -20.73 5.40
C25 PGV KB . -36.25 -19.52 4.47
C26 PGV KB . -35.74 -18.30 5.22
C27 PGV KB . -35.80 -17.06 4.34
C28 PGV KB . -35.32 -15.83 5.10
C29 PGV KB . -35.23 -14.62 4.18
C30 PGV KB . -34.60 -13.45 4.94
C31 PGV KB . -34.34 -12.27 4.02
C32 PGV KB . -33.84 -11.07 4.82
C33 PGV KB . -33.37 -9.97 3.90
C1B LMT LB . -35.15 20.03 21.43
C2B LMT LB . -35.82 20.79 22.57
C3B LMT LB . -36.57 21.99 22.03
C4B LMT LB . -37.59 21.57 20.99
C5B LMT LB . -36.99 20.56 20.01
C6B LMT LB . -37.32 20.92 18.57
O1B LMT LB . -35.47 18.64 21.53
O2B LMT LB . -36.73 19.91 23.24
O3B LMT LB . -35.63 22.89 21.44
O4' LMT LB . -38.74 21.01 21.64
O5B LMT LB . -35.56 20.53 20.16
O6B LMT LB . -38.74 20.99 18.39
C1' LMT LB . -33.37 15.22 22.46
C2' LMT LB . -32.98 16.44 23.26
C3' LMT LB . -33.93 17.60 23.05
C4' LMT LB . -34.33 17.80 21.60
C5' LMT LB . -34.64 16.47 20.93
C6' LMT LB . -34.89 16.64 19.44
O1' LMT LB . -32.29 14.29 22.57
O2' LMT LB . -32.95 16.10 24.65
O3' LMT LB . -33.28 18.78 23.53
O5' LMT LB . -33.54 15.58 21.09
O6' LMT LB . -36.06 17.44 19.24
C1 LMT LB . -32.47 13.15 21.74
C2 LMT LB . -31.60 12.04 22.31
C3 LMT LB . -31.58 10.86 21.37
C4 LMT LB . -30.89 11.24 20.07
C5 LMT LB . -30.97 10.09 19.09
C6 LMT LB . -29.93 10.25 17.99
C7 LMT LB . -28.62 9.57 18.38
C8 LMT LB . -27.86 9.23 17.11
C9 LMT LB . -26.52 8.58 17.42
C10 LMT LB . -25.73 8.31 16.16
C11 LMT LB . -24.37 7.72 16.49
C12 LMT LB . -24.49 6.49 17.36
C1B LMT MB . -40.76 17.24 14.00
C2B LMT MB . -40.04 18.56 14.26
C3B LMT MB . -41.02 19.72 14.38
C4B LMT MB . -42.26 19.30 15.16
C5B LMT MB . -42.93 18.10 14.47
C6B LMT MB . -44.23 18.54 13.80
O1B LMT MB . -40.85 16.44 15.19
O2B LMT MB . -39.27 18.47 15.46
O3B LMT MB . -41.41 20.18 13.08
O4' LMT MB . -41.90 18.94 16.49
O5B LMT MB . -42.07 17.51 13.50
O6B LMT MB . -45.16 18.98 14.78
C1' LMT MB . -38.79 12.87 16.08
C2' LMT MB . -38.01 14.17 16.05
C3' LMT MB . -38.92 15.39 16.13
C4' LMT MB . -40.02 15.29 15.09
C5' LMT MB . -40.78 13.99 15.35
C6' LMT MB . -41.97 13.82 14.41
O1' LMT MB . -37.89 11.82 15.70
O2' LMT MB . -37.09 14.23 17.14
O3' LMT MB . -38.14 16.57 15.92
O5' LMT MB . -39.88 12.90 15.16
O6' LMT MB . -42.94 14.83 14.68
C1 LMT MB . -38.28 10.53 16.17
C2 LMT MB . -37.12 9.58 15.95
C3 LMT MB . -35.80 10.28 16.26
C4 LMT MB . -34.59 9.39 16.01
C5 LMT MB . -34.60 8.16 16.90
C6 LMT MB . -33.19 7.74 17.29
C7 LMT MB . -33.21 6.37 17.96
C8 LMT MB . -33.28 5.26 16.93
C9 LMT MB . -33.85 3.98 17.52
C10 LMT MB . -33.12 3.56 18.78
C11 LMT MB . -31.79 2.89 18.46
C12 LMT MB . -31.09 2.45 19.72
MG BCL NB . -39.63 3.74 31.65
CHA BCL NB . -40.99 0.61 31.41
CHB BCL NB . -36.82 2.50 32.80
CHC BCL NB . -39.04 6.77 33.04
CHD BCL NB . -42.49 5.12 30.18
NA BCL NB . -39.01 1.89 32.10
C1A BCL NB . -39.66 0.77 32.02
C2A BCL NB . -38.96 -0.37 32.73
C3A BCL NB . -37.64 0.25 33.14
C4A BCL NB . -37.81 1.64 32.65
CMA BCL NB . -37.49 0.28 34.65
CAA BCL NB . -38.75 -1.66 31.93
CBA BCL NB . -37.74 -1.55 30.80
CGA BCL NB . -36.70 -2.63 30.92
O1A BCL NB . -35.52 -2.32 30.96
O2A BCL NB . -37.04 -4.05 30.99
NB BCL NB . -38.14 4.54 32.80
C1B BCL NB . -37.02 3.90 33.19
C2B BCL NB . -36.05 4.70 33.99
C3B BCL NB . -36.76 5.99 34.05
C4B BCL NB . -37.99 5.78 33.27
CMB BCL NB . -34.73 4.30 34.59
CAB BCL NB . -36.31 7.25 34.72
OBB BCL NB . -36.13 8.25 34.05
CBB BCL NB . -36.13 7.21 36.21
NC BCL NB . -40.39 5.58 31.46
C1C BCL NB . -39.88 6.69 32.00
C2C BCL NB . -40.43 7.95 31.43
C3C BCL NB . -41.71 7.42 30.85
C4C BCL NB . -41.46 5.94 30.85
CMC BCL NB . -40.69 8.94 32.54
CAC BCL NB . -41.98 7.93 29.46
CBC BCL NB . -42.58 9.32 29.50
ND BCL NB . -41.44 3.13 30.95
C1D BCL NB . -42.51 3.68 30.36
C2D BCL NB . -43.56 2.68 29.99
C3D BCL NB . -42.90 1.45 30.44
C4D BCL NB . -41.71 1.79 30.94
CMD BCL NB . -44.93 2.65 29.37
CAD BCL NB . -43.07 -0.01 30.53
OBD BCL NB . -44.09 -0.67 30.14
CBD BCL NB . -41.85 -0.60 31.15
CGD BCL NB . -42.18 -1.39 32.38
O1D BCL NB . -42.81 -0.91 33.30
O2D BCL NB . -41.75 -2.77 32.45
CED BCL NB . -41.85 -3.47 33.68
C1 BCL NB . -35.98 -5.01 30.91
C2 BCL NB . -35.93 -5.87 32.15
C3 BCL NB . -35.45 -7.12 32.13
C4 BCL NB . -34.94 -7.70 30.85
C5 BCL NB . -35.41 -7.95 33.38
C6 BCL NB . -36.82 -8.28 33.85
C7 BCL NB . -36.93 -8.05 35.35
C8 BCL NB . -37.39 -9.29 36.10
C9 BCL NB . -36.25 -10.28 36.25
C10 BCL NB . -38.57 -9.93 35.38
C11 BCL NB . -39.80 -9.97 36.28
C12 BCL NB . -40.40 -8.57 36.46
C13 BCL NB . -41.02 -8.42 37.84
C14 BCL NB . -39.96 -8.44 38.93
C15 BCL NB . -42.05 -9.52 38.07
C1B LMT OB . -49.58 -20.56 28.47
C2B LMT OB . -49.03 -21.99 28.45
C3B LMT OB . -49.91 -22.94 29.27
C4B LMT OB . -51.39 -22.76 28.96
C5B LMT OB . -51.79 -21.29 28.92
C6B LMT OB . -53.00 -21.04 29.83
O1B LMT OB . -49.94 -20.18 27.15
O2B LMT OB . -48.95 -22.44 27.09
O3B LMT OB . -49.67 -22.70 30.66
O4' LMT OB . -51.72 -23.37 27.72
O5B LMT OB . -50.70 -20.47 29.35
O6B LMT OB . -53.60 -19.78 29.48
C1' LMT OB . -48.86 -16.81 24.92
C2' LMT OB . -47.72 -17.64 25.47
C3' LMT OB . -48.21 -19.02 25.90
C4' LMT OB . -49.43 -18.89 26.82
C5' LMT OB . -50.49 -18.06 26.12
C6' LMT OB . -51.72 -17.88 27.00
O1' LMT OB . -48.40 -15.47 24.73
O2' LMT OB . -46.72 -17.81 24.47
O3' LMT OB . -47.14 -19.69 26.58
O5' LMT OB . -49.96 -16.78 25.84
O6' LMT OB . -52.77 -17.26 26.26
C1 LMT OB . -49.39 -14.66 24.10
C2 LMT OB . -48.94 -13.21 24.10
C3 LMT OB . -49.70 -12.40 23.06
C4 LMT OB . -49.49 -12.99 21.66
MG BCL PB . -45.28 0.65 24.81
CHA BCL PB . -42.65 -0.85 26.43
CHB BCL PB . -45.98 -2.31 23.37
CHC BCL PB . -47.76 2.18 23.14
CHD BCL PB . -43.82 3.78 25.38
NA BCL PB . -44.65 -1.24 25.07
C1A BCL PB . -43.73 -1.69 25.85
C2A BCL PB . -43.72 -3.18 26.01
C3A BCL PB . -44.50 -3.59 24.79
C4A BCL PB . -45.11 -2.30 24.38
CMA BCL PB . -43.58 -4.09 23.69
CAA BCL PB . -44.42 -3.62 27.27
CBA BCL PB . -43.64 -4.72 27.99
CGA BCL PB . -43.43 -5.92 27.10
O1A BCL PB . -42.34 -6.43 27.00
O2A BCL PB . -44.54 -6.49 26.35
NB BCL PB . -46.66 0.02 23.43
C1B BCL PB . -46.85 -1.21 22.95
C2B BCL PB . -47.95 -1.38 21.97
C3B BCL PB . -48.47 -0.01 21.91
C4B BCL PB . -47.62 0.75 22.85
CMB BCL PB . -48.38 -2.64 21.26
CAB BCL PB . -49.61 0.57 21.13
OBB BCL PB . -50.23 1.51 21.58
CBB BCL PB . -49.97 -0.02 19.80
NC BCL PB . -45.75 2.55 24.38
C1C BCL PB . -46.84 2.95 23.71
C2C BCL PB . -46.97 4.43 23.61
C3C BCL PB . -45.66 4.89 24.15
C4C BCL PB . -45.07 3.61 24.65
CMC BCL PB . -47.14 4.82 22.15
CAC BCL PB . -45.80 5.84 25.32
CBC BCL PB . -46.34 7.18 24.90
ND BCL PB . -43.60 1.42 25.66
C1D BCL PB . -43.10 2.64 25.90
C2D BCL PB . -41.81 2.62 26.63
C3D BCL PB . -41.67 1.16 26.83
C4D BCL PB . -42.72 0.58 26.27
CMD BCL PB . -40.81 3.62 27.13
CAD BCL PB . -40.78 0.12 27.41
OBD BCL PB . -39.69 0.34 28.04
CBD BCL PB . -41.41 -1.22 27.19
CGD BCL PB . -40.44 -2.14 26.52
O1D BCL PB . -39.99 -1.90 25.41
O2D BCL PB . -40.00 -3.33 27.22
CED BCL PB . -39.18 -4.28 26.55
C1 BCL PB . -44.47 -7.84 25.90
C2 BCL PB . -45.67 -8.56 26.45
C3 BCL PB . -46.79 -8.60 25.72
C4 BCL PB . -46.81 -7.94 24.37
C5 BCL PB . -48.01 -9.29 26.25
C6 BCL PB . -49.12 -8.25 26.44
C7 BCL PB . -48.64 -7.06 27.26
C8 BCL PB . -49.52 -5.81 27.12
C9 BCL PB . -50.83 -6.11 26.39
C10 BCL PB . -48.72 -4.71 26.43
C11 BCL PB . -49.36 -3.32 26.60
C12 BCL PB . -49.96 -2.84 25.28
C13 BCL PB . -50.56 -1.44 25.40
C14 BCL PB . -51.50 -1.36 26.60
C15 BCL PB . -51.29 -1.11 24.10
C16 BCL PB . -52.09 0.19 24.26
C17 BCL PB . -53.18 0.33 23.21
C18 BCL PB . -54.37 1.10 23.79
C19 BCL PB . -55.64 0.87 22.99
C20 BCL PB . -54.07 2.59 23.91
MG BCL QB . -47.77 -1.85 17.27
CHA BCL QB . -48.08 -5.07 16.17
CHB BCL QB . -45.42 -2.77 19.46
CHC BCL QB . -47.19 1.45 17.88
CHD BCL QB . -50.17 -0.83 14.91
NA BCL QB . -46.92 -3.60 17.77
C1A BCL QB . -47.13 -4.77 17.27
C2A BCL QB . -46.33 -5.86 17.92
C3A BCL QB . -45.58 -5.12 18.99
C4A BCL QB . -45.99 -3.73 18.74
CMA BCL QB . -46.01 -5.54 20.39
CAA BCL QB . -45.33 -6.53 16.99
CBA BCL QB . -44.72 -7.74 17.71
CGA BCL QB . -43.82 -8.52 16.80
O1A BCL QB . -43.72 -8.21 15.63
O2A BCL QB . -43.06 -9.64 17.28
NB BCL QB . -46.49 -0.80 18.47
C1B BCL QB . -45.59 -1.32 19.33
C2B BCL QB . -44.78 -0.37 20.12
C3B BCL QB . -45.32 0.91 19.64
C4B BCL QB . -46.35 0.53 18.65
CMB BCL QB . -43.71 -0.73 21.12
CAB BCL QB . -44.94 2.32 20.03
OBB BCL QB . -45.71 3.23 19.76
CBB BCL QB . -43.66 2.60 20.73
NC BCL QB . -48.56 -0.10 16.68
C1C BCL QB . -48.19 1.12 17.09
C2C BCL QB . -49.02 2.24 16.55
C3C BCL QB . -49.97 1.49 15.67
C4C BCL QB . -49.50 0.09 15.81
CMC BCL QB . -49.76 2.96 17.65
CAC BCL QB . -49.85 1.87 14.20
CBC BCL QB . -50.08 3.35 13.97
ND BCL QB . -48.91 -2.65 15.79
C1D BCL QB . -49.84 -2.25 14.91
C2D BCL QB . -50.39 -3.34 14.05
C3D BCL QB . -49.63 -4.46 14.62
C4D BCL QB . -48.85 -4.00 15.58
CMD BCL QB . -51.38 -3.51 12.94
CAD BCL QB . -49.44 -5.92 14.47
OBD BCL QB . -50.03 -6.69 13.64
CBD BCL QB . -48.41 -6.36 15.46
CGD BCL QB . -48.93 -7.46 16.32
O1D BCL QB . -49.69 -7.23 17.23
O2D BCL QB . -48.57 -8.82 16.03
CED BCL QB . -48.75 -9.82 17.03
C1 BCL QB . -42.06 -10.24 16.46
C2 BCL QB . -40.72 -10.18 17.16
C3 BCL QB . -40.14 -11.29 17.63
C4 BCL QB . -40.81 -12.62 17.44
C5 BCL QB . -38.80 -11.21 18.32
C6 BCL QB . -38.97 -11.31 19.83
C7 BCL QB . -38.32 -12.58 20.37
C8 BCL QB . -38.82 -12.92 21.77
C9 BCL QB . -37.70 -12.74 22.79
C10 BCL QB . -39.40 -14.32 21.77
C11 BCL QB . -39.17 -15.09 23.07
C12 BCL QB . -38.69 -16.51 22.79
C13 BCL QB . -38.35 -17.26 24.07
C14 BCL QB . -37.74 -18.60 23.75
C15 BCL QB . -39.59 -17.43 24.93
C16 BCL QB . -40.62 -18.34 24.25
C17 BCL QB . -41.69 -18.78 25.23
C18 BCL QB . -43.06 -18.83 24.56
C19 BCL QB . -43.05 -19.79 23.37
C20 BCL QB . -43.52 -17.45 24.14
CM1 SPO RB . -41.64 -2.22 1.90
O1 SPO RB . -42.61 -3.25 1.97
C1 SPO RB . -43.43 -3.40 3.13
C2 SPO RB . -42.55 -3.80 4.30
C3 SPO RB . -44.15 -2.09 3.41
C4 SPO RB . -44.43 -4.49 2.84
C5 SPO RB . -43.75 -5.83 2.72
C6 SPO RB . -44.26 -6.84 3.42
C7 SPO RB . -43.72 -8.20 3.40
C8 SPO RB . -42.67 -8.61 2.43
C9 SPO RB . -44.25 -9.06 4.28
C10 SPO RB . -43.87 -10.45 4.43
C11 SPO RB . -44.58 -11.09 5.35
C12 SPO RB . -44.41 -12.50 5.71
C13 SPO RB . -43.73 -13.47 4.79
C14 SPO RB . -44.89 -12.88 6.90
C15 SPO RB . -44.80 -14.23 7.41
C16 SPO RB . -45.14 -14.39 8.68
C17 SPO RB . -45.09 -15.68 9.36
C18 SPO RB . -44.84 -16.94 8.58
C19 SPO RB . -45.25 -15.71 10.69
C20 SPO RB . -45.19 -16.94 11.44
C21 SPO RB . -45.29 -16.91 12.76
C22 SPO RB . -45.20 -18.17 13.49
C23 SPO RB . -45.01 -18.20 14.82
C24 SPO RB . -44.89 -16.93 15.61
C25 SPO RB . -44.92 -19.52 15.46
C26 SPO RB . -44.58 -19.71 16.72
C27 SPO RB . -44.53 -21.10 17.15
C28 SPO RB . -44.36 -21.51 18.40
C29 SPO RB . -44.20 -20.55 19.55
C30 SPO RB . -44.35 -22.99 18.64
C31 SPO RB . -43.24 -23.36 19.61
C32 SPO RB . -42.52 -24.59 19.10
C33 SPO RB . -42.27 -25.60 19.93
C34 SPO RB . -42.71 -25.53 21.36
C35 SPO RB . -41.54 -26.83 19.44
C36 SPO RB . -42.39 -28.07 19.69
C37 SPO RB . -41.46 -29.26 19.80
C38 SPO RB . -41.97 -30.50 19.92
C39 SPO RB . -43.45 -30.71 19.91
C40 SPO RB . -41.04 -31.66 20.05
C1B LMT SB . -52.74 -27.65 8.86
C2B LMT SB . -51.79 -28.84 8.86
C3B LMT SB . -52.46 -30.04 9.51
C4B LMT SB . -53.72 -30.42 8.76
C5B LMT SB . -54.53 -29.17 8.39
C6B LMT SB . -56.01 -29.41 8.68
O1B LMT SB . -52.70 -26.98 7.60
O2B LMT SB . -51.40 -29.15 7.52
O3B LMT SB . -52.79 -29.72 10.87
O4' LMT SB . -53.41 -31.16 7.58
O5B LMT SB . -54.07 -28.06 9.15
O6B LMT SB . -56.39 -30.70 8.18
C1' LMT SB . -51.26 -23.25 6.40
C2' LMT SB . -50.23 -24.25 6.92
C3' LMT SB . -50.79 -25.66 7.00
C4' LMT SB . -52.13 -25.67 7.73
C5' LMT SB . -53.07 -24.62 7.15
C6' LMT SB . -54.37 -24.54 7.94
O1' LMT SB . -50.69 -21.95 6.54
O2' LMT SB . -49.08 -24.23 6.06
O3' LMT SB . -49.86 -26.49 7.71
O5' LMT SB . -52.45 -23.34 7.19
O6' LMT SB . -55.11 -25.77 7.83
C1 LMT SB . -51.57 -20.90 6.15
C2 LMT SB . -50.82 -19.58 6.22
C3 LMT SB . -49.57 -19.62 5.35
C4 LMT SB . -49.91 -19.82 3.88
CM1 SPO TB . -62.14 10.98 20.90
O1 SPO TB . -61.88 9.56 20.92
C1 SPO TB . -60.73 9.04 21.57
C2 SPO TB . -59.51 9.35 20.72
C3 SPO TB . -60.59 9.70 22.95
C4 SPO TB . -60.93 7.54 21.73
C5 SPO TB . -60.24 6.76 20.63
C6 SPO TB . -59.61 5.63 20.94
C7 SPO TB . -58.93 4.85 19.90
C8 SPO TB . -59.04 5.24 18.46
C9 SPO TB . -58.20 3.77 20.25
C10 SPO TB . -57.48 2.97 19.27
C11 SPO TB . -56.66 2.04 19.74
C12 SPO TB . -55.83 1.17 18.89
C13 SPO TB . -55.88 1.28 17.39
C14 SPO TB . -55.03 0.29 19.51
C15 SPO TB . -54.12 -0.63 18.83
C16 SPO TB . -53.47 -1.47 19.62
C17 SPO TB . -52.49 -2.46 19.14
C18 SPO TB . -51.93 -2.36 17.75
C19 SPO TB . -52.10 -3.44 19.98
C20 SPO TB . -51.14 -4.46 19.59
C21 SPO TB . -50.68 -5.31 20.51
C22 SPO TB . -49.69 -6.31 20.11
C23 SPO TB . -49.24 -7.30 20.90
C24 SPO TB . -49.74 -7.46 22.30
C25 SPO TB . -48.24 -8.22 20.32
C26 SPO TB . -47.49 -9.08 21.00
C27 SPO TB . -46.58 -9.88 20.19
C28 SPO TB . -45.66 -10.71 20.69
C29 SPO TB . -45.50 -10.90 22.16
C30 SPO TB . -44.76 -11.45 19.72
C31 SPO TB . -44.35 -12.81 20.28
C32 SPO TB . -43.83 -13.69 19.16
C33 SPO TB . -43.12 -14.79 19.43
C34 SPO TB . -42.85 -15.17 20.85
C35 SPO TB . -42.61 -15.66 18.31
C36 SPO TB . -41.15 -16.02 18.50
C37 SPO TB . -41.03 -17.51 18.72
C38 SPO TB . -40.55 -18.32 17.75
C39 SPO TB . -40.13 -17.75 16.44
C40 SPO TB . -40.44 -19.78 18.00
MG BCL UB . -49.81 -4.79 8.48
CHA BCL UB . -47.66 -6.31 10.68
CHB BCL UB . -49.70 -7.56 6.60
CHC BCL UB . -51.81 -3.22 6.28
CHD BCL UB . -48.92 -1.68 9.80
NA BCL UB . -49.12 -6.67 8.74
C1A BCL UB . -48.42 -7.13 9.71
C2A BCL UB . -48.27 -8.62 9.69
C3A BCL UB . -48.84 -8.98 8.35
C4A BCL UB . -49.28 -7.66 7.85
CMA BCL UB . -47.75 -9.50 7.42
CAA BCL UB . -49.00 -9.31 10.82
CBA BCL UB . -48.24 -10.59 11.13
CGA BCL UB . -49.11 -11.79 10.84
O1A BCL UB . -50.25 -11.83 11.27
O2A BCL UB . -48.57 -12.89 10.07
NB BCL UB . -50.62 -5.31 6.67
C1B BCL UB . -50.51 -6.48 6.03
C2B BCL UB . -51.22 -6.61 4.74
C3B BCL UB . -51.85 -5.29 4.65
C4B BCL UB . -51.43 -4.58 5.89
CMB BCL UB . -51.22 -7.82 3.84
CAB BCL UB . -52.74 -4.71 3.59
OBB BCL UB . -53.45 -3.77 3.85
CBB BCL UB . -52.72 -5.29 2.20
NC BCL UB . -50.35 -2.90 8.15
C1C BCL UB . -51.22 -2.49 7.22
C2C BCL UB . -51.56 -1.03 7.30
C3C BCL UB . -50.57 -0.56 8.33
C4C BCL UB . -49.93 -1.83 8.76
CMC BCL UB . -51.28 -0.36 5.98
CAC BCL UB . -51.21 0.07 9.56
CBC BCL UB . -51.82 1.41 9.22
ND BCL UB . -48.56 -4.02 9.90
C1D BCL UB . -48.27 -2.83 10.39
C2D BCL UB . -47.27 -2.87 11.50
C3D BCL UB . -47.05 -4.31 11.58
C4D BCL UB . -47.83 -4.88 10.66
CMD BCL UB . -46.57 -1.90 12.40
CAD BCL UB . -46.30 -5.35 12.31
OBD BCL UB . -45.47 -5.15 13.26
CBD BCL UB . -46.68 -6.68 11.76
CGD BCL UB . -45.45 -7.41 11.36
O1D BCL UB . -44.78 -7.06 10.41
O2D BCL UB . -45.04 -8.56 12.14
CED BCL UB . -44.11 -9.49 11.60
C1 BCL UB . -49.36 -14.05 9.73
C2 BCL UB . -50.55 -13.58 8.91
C3 BCL UB . -50.43 -13.23 7.62
C4 BCL UB . -49.10 -13.29 6.93
C5 BCL UB . -51.66 -12.75 6.88
C6 BCL UB . -51.87 -11.25 7.13
C7 BCL UB . -52.54 -10.95 8.47
C8 BCL UB . -53.01 -9.51 8.59
C9 BCL UB . -54.35 -9.46 9.30
C10 BCL UB . -53.11 -8.87 7.21
C11 BCL UB . -54.02 -7.65 7.19
C12 BCL UB . -54.74 -7.55 5.85
C13 BCL UB . -55.40 -6.19 5.70
C14 BCL UB . -56.17 -5.84 6.96
C15 BCL UB . -56.33 -6.22 4.49
C16 BCL UB . -57.20 -4.97 4.42
C17 BCL UB . -58.60 -5.33 3.93
C18 BCL UB . -59.65 -4.31 4.31
C19 BCL UB . -60.21 -3.61 3.07
C20 BCL UB . -59.13 -3.29 5.31
C1B LMT VB . -39.68 6.44 -13.16
C2B LMT VB . -39.43 7.55 -14.19
C3B LMT VB . -40.16 8.83 -13.78
C4B LMT VB . -39.74 9.32 -12.39
C5B LMT VB . -39.27 8.17 -11.50
C6B LMT VB . -39.53 8.46 -10.04
O1B LMT VB . -38.57 5.54 -13.11
O2B LMT VB . -38.03 7.79 -14.37
O3B LMT VB . -41.57 8.61 -13.79
O4' LMT VB . -38.69 10.30 -12.51
O5B LMT VB . -39.97 6.98 -11.86
O6B LMT VB . -39.38 7.26 -9.27
C1' LMT VB . -38.17 1.93 -11.08
C2' LMT VB . -39.41 2.72 -10.70
C3' LMT VB . -39.72 3.81 -11.72
C4' LMT VB . -38.47 4.66 -11.99
C5' LMT VB . -37.27 3.74 -12.25
C6' LMT VB . -35.99 4.53 -12.45
O1' LMT VB . -37.94 1.00 -10.03
O2' LMT VB . -40.53 1.84 -10.56
O3' LMT VB . -40.78 4.58 -11.13
O5' LMT VB . -37.09 2.84 -11.18
C1 LMT VB . -36.57 0.66 -9.86
C2 LMT VB . -36.47 -0.43 -8.81
C3 LMT VB . -35.05 -0.60 -8.32
C4 LMT VB . -35.03 -1.07 -6.87
MG BCL WB . -49.42 -6.42 0.39
CHA BCL WB . -48.69 -9.44 -1.08
CHB BCL WB . -47.72 -7.36 3.13
CHC BCL WB . -49.65 -3.23 1.52
CHD BCL WB . -50.79 -5.30 -2.64
NA BCL WB . -48.51 -8.10 1.00
C1A BCL WB . -48.34 -9.20 0.34
C2A BCL WB . -47.73 -10.30 1.15
C3A BCL WB . -47.58 -9.67 2.52
C4A BCL WB . -47.97 -8.27 2.21
CMA BCL WB . -48.52 -10.26 3.55
CAA BCL WB . -46.37 -10.73 0.64
CBA BCL WB . -46.14 -12.19 0.97
CGA BCL WB . -44.79 -12.61 0.48
O1A BCL WB . -44.23 -11.96 -0.38
O2A BCL WB . -44.12 -13.78 1.00
NB BCL WB . -48.77 -5.42 2.05
C1B BCL WB . -48.10 -5.95 3.10
C2B BCL WB . -47.75 -5.03 4.21
C3B BCL WB . -48.34 -3.77 3.72
C4B BCL WB . -48.94 -4.15 2.40
CMB BCL WB . -47.00 -5.40 5.45
CAB BCL WB . -48.37 -2.41 4.34
OBB BCL WB . -48.73 -1.44 3.71
CBB BCL WB . -47.96 -2.23 5.77
NC BCL WB . -50.20 -4.70 -0.29
C1C BCL WB . -50.23 -3.54 0.37
C2C BCL WB . -50.99 -2.46 -0.32
C3C BCL WB . -51.37 -3.12 -1.60
C4C BCL WB . -50.74 -4.46 -1.44
CMC BCL WB . -52.23 -2.10 0.48
CAC BCL WB . -50.73 -2.45 -2.81
CBC BCL WB . -51.32 -1.09 -3.09
ND BCL WB . -49.70 -7.09 -1.51
C1D BCL WB . -50.26 -6.65 -2.65
C2D BCL WB . -50.22 -7.63 -3.77
C3D BCL WB . -49.56 -8.75 -3.08
C4D BCL WB . -49.34 -8.37 -1.82
CMD BCL WB . -50.63 -7.70 -5.21
CAD BCL WB . -49.09 -10.13 -3.29
OBD BCL WB . -49.16 -10.81 -4.37
CBD BCL WB . -48.49 -10.60 -2.00
CGD BCL WB . -49.10 -11.91 -1.60
O1D BCL WB . -50.23 -11.99 -1.15
O2D BCL WB . -48.32 -13.12 -1.76
CED BCL WB . -48.75 -14.36 -1.23
C1 BCL WB . -42.76 -14.04 0.65
C2 BCL WB . -41.90 -14.06 1.90
C3 BCL WB . -41.29 -15.17 2.27
C4 BCL WB . -41.43 -16.43 1.46
C5 BCL WB . -40.43 -15.17 3.52
C6 BCL WB . -40.15 -16.61 3.95
C7 BCL WB . -39.71 -16.68 5.40
C8 BCL WB . -40.78 -17.33 6.27
C9 BCL WB . -41.51 -16.28 7.09
C10 BCL WB . -40.16 -18.40 7.17
C11 BCL WB . -41.14 -19.49 7.53
C12 BCL WB . -40.43 -20.68 8.17
C13 BCL WB . -41.32 -21.91 8.28
C14 BCL WB . -40.46 -23.16 8.48
C15 BCL WB . -42.19 -22.04 7.03
C16 BCL WB . -42.98 -23.33 7.00
C17 BCL WB . -44.02 -23.37 8.12
C18 BCL WB . -45.44 -23.42 7.59
C19 BCL WB . -45.61 -24.50 6.53
C20 BCL WB . -45.87 -22.06 7.06
CM1 SPO XB . -38.10 -4.21 -11.51
O1 SPO XB . -38.97 -5.05 -12.26
C1 SPO XB . -40.14 -5.57 -11.65
C2 SPO XB . -39.76 -6.17 -10.30
C3 SPO XB . -41.14 -4.45 -11.45
C4 SPO XB . -40.72 -6.64 -12.57
C5 SPO XB . -39.89 -7.89 -12.56
C6 SPO XB . -40.46 -9.00 -12.13
C7 SPO XB . -39.81 -10.31 -12.07
C8 SPO XB . -38.48 -10.53 -12.71
C9 SPO XB . -40.45 -11.29 -11.42
C10 SPO XB . -39.97 -12.66 -11.25
C11 SPO XB . -40.82 -13.46 -10.62
C12 SPO XB . -40.57 -14.89 -10.34
C13 SPO XB . -39.53 -15.67 -11.08
C14 SPO XB . -41.31 -15.45 -9.39
C15 SPO XB . -41.20 -16.85 -8.98
C16 SPO XB . -42.03 -17.24 -8.01
C17 SPO XB . -42.06 -18.61 -7.47
C18 SPO XB . -41.23 -19.69 -8.07
C19 SPO XB . -42.85 -18.85 -6.42
C20 SPO XB . -42.97 -20.18 -5.82
C21 SPO XB . -43.35 -20.30 -4.55
C22 SPO XB . -43.47 -21.62 -3.97
C23 SPO XB . -43.60 -21.81 -2.64
C24 SPO XB . -43.65 -20.65 -1.70
C25 SPO XB . -43.73 -23.19 -2.14
C26 SPO XB . -43.63 -23.51 -0.86
C27 SPO XB . -43.80 -24.92 -0.53
C28 SPO XB . -43.93 -25.38 0.72
C29 SPO XB . -43.90 -24.46 1.89
C30 SPO XB . -44.11 -26.86 0.91
C31 SPO XB . -43.11 -27.46 1.88
C32 SPO XB . -42.27 -28.45 1.12
C33 SPO XB . -41.93 -29.62 1.67
C34 SPO XB . -42.37 -29.94 3.06
C35 SPO XB . -41.09 -30.60 0.89
C36 SPO XB . -41.57 -32.03 1.09
C37 SPO XB . -40.66 -32.75 2.05
C38 SPO XB . -40.65 -34.09 2.12
C39 SPO XB . -41.55 -34.89 1.24
C40 SPO XB . -39.74 -34.76 3.10
CM1 SPO YB . -63.38 2.37 3.49
O1 SPO YB . -63.60 1.83 2.19
C1 SPO YB . -64.68 0.92 1.98
C2 SPO YB . -64.53 -0.26 2.92
C3 SPO YB . -66.00 1.65 2.22
C4 SPO YB . -64.63 0.45 0.53
C5 SPO YB . -63.20 0.17 0.16
C6 SPO YB . -62.81 -1.08 -0.09
C7 SPO YB . -61.41 -1.34 -0.46
C8 SPO YB . -60.50 -0.20 -0.73
C9 SPO YB . -60.96 -2.59 -0.55
C10 SPO YB . -59.56 -2.86 -0.89
C11 SPO YB . -59.03 -4.02 -0.54
C12 SPO YB . -57.63 -4.36 -0.84
C13 SPO YB . -56.78 -3.46 -1.68
C14 SPO YB . -57.16 -5.50 -0.33
C15 SPO YB . -55.80 -5.99 -0.52
C16 SPO YB . -55.50 -7.10 0.14
C17 SPO YB . -54.19 -7.75 0.08
C18 SPO YB . -53.14 -7.24 -0.85
C19 SPO YB . -53.97 -8.82 0.86
C20 SPO YB . -52.71 -9.55 0.86
C21 SPO YB . -52.62 -10.65 1.59
C22 SPO YB . -51.37 -11.40 1.62
C23 SPO YB . -51.17 -12.46 2.41
C24 SPO YB . -52.25 -12.96 3.33
C25 SPO YB . -49.87 -13.13 2.35
C26 SPO YB . -49.47 -14.08 3.18
C27 SPO YB . -48.12 -14.60 2.94
C28 SPO YB . -47.56 -15.55 3.69
C29 SPO YB . -48.32 -16.17 4.83
C30 SPO YB . -46.15 -15.98 3.38
C31 SPO YB . -46.12 -17.48 3.11
C32 SPO YB . -44.70 -17.91 2.87
C33 SPO YB . -44.25 -19.11 3.23
C34 SPO YB . -45.16 -20.08 3.92
C35 SPO YB . -42.81 -19.50 2.96
C36 SPO YB . -42.75 -20.87 2.31
C37 SPO YB . -41.47 -20.95 1.50
C38 SPO YB . -40.53 -21.86 1.79
C39 SPO YB . -39.28 -21.91 0.96
C40 SPO YB . -40.71 -22.80 2.93
C1B LMT ZB . -50.29 -32.84 -13.14
O1B LMT ZB . -49.56 -31.94 -13.97
C1' LMT ZB . -46.84 -28.91 -13.48
C2' LMT ZB . -46.57 -30.13 -12.60
C3' LMT ZB . -47.41 -31.32 -13.10
C4' LMT ZB . -48.88 -30.93 -13.23
C5' LMT ZB . -49.06 -29.60 -13.95
C6' LMT ZB . -50.52 -29.15 -13.88
O1' LMT ZB . -46.05 -27.84 -12.99
O2' LMT ZB . -45.18 -30.45 -12.63
O3' LMT ZB . -47.28 -32.38 -12.15
O5' LMT ZB . -48.22 -28.59 -13.39
O6' LMT ZB . -50.68 -27.92 -14.58
C1 LMT ZB . -46.30 -26.61 -13.67
C2 LMT ZB . -45.02 -25.76 -13.56
C3 LMT ZB . -45.34 -24.28 -13.41
C4 LMT ZB . -45.84 -23.95 -12.01
MG BCL AC . -47.80 -8.35 -8.93
CHA BCL AC . -46.29 -9.88 -6.27
CHB BCL AC . -46.37 -10.64 -10.93
CHC BCL AC . -49.24 -6.80 -11.51
CHD BCL AC . -48.12 -5.41 -7.05
NA BCL AC . -46.84 -10.09 -8.65
C1A BCL AC . -46.47 -10.62 -7.54
C2A BCL AC . -46.03 -12.05 -7.67
C3A BCL AC . -45.76 -12.14 -9.15
C4A BCL AC . -46.39 -10.88 -9.63
CMA BCL AC . -44.28 -12.08 -9.46
CAA BCL AC . -47.11 -13.02 -7.25
CBA BCL AC . -46.56 -13.98 -6.21
CGA BCL AC . -46.36 -15.36 -6.79
O1A BCL AC . -46.92 -16.31 -6.31
O2A BCL AC . -45.48 -15.57 -7.93
NB BCL AC . -47.79 -8.66 -10.95
C1B BCL AC . -47.19 -9.64 -11.63
C2B BCL AC . -47.37 -9.63 -13.10
C3B BCL AC . -48.24 -8.45 -13.26
C4B BCL AC . -48.44 -7.96 -11.88
CMB BCL AC . -46.79 -10.62 -14.09
CAB BCL AC . -48.84 -7.84 -14.49
OBB BCL AC . -49.84 -7.15 -14.40
CBB BCL AC . -48.17 -8.07 -15.80
NC BCL AC . -48.52 -6.51 -9.26
C1C BCL AC . -49.05 -6.09 -10.40
C2C BCL AC . -49.48 -4.66 -10.39
C3C BCL AC . -49.05 -4.23 -9.03
C4C BCL AC . -48.54 -5.50 -8.45
CMC BCL AC . -48.73 -3.89 -11.46
CAC BCL AC . -50.21 -3.73 -8.18
CBC BCL AC . -50.46 -2.26 -8.44
ND BCL AC . -47.32 -7.66 -7.08
C1D BCL AC . -47.49 -6.53 -6.39
C2D BCL AC . -46.96 -6.61 -5.00
C3D BCL AC . -46.48 -7.99 -4.99
C4D BCL AC . -46.73 -8.51 -6.19
CMD BCL AC . -46.84 -5.68 -3.83
CAD BCL AC . -45.81 -9.01 -4.15
OBD BCL AC . -45.43 -8.84 -2.95
CBD BCL AC . -45.69 -10.27 -4.95
CGD BCL AC . -44.29 -10.77 -5.00
O1D BCL AC . -43.43 -10.21 -5.65
O2D BCL AC . -43.93 -11.97 -4.27
CED BCL AC . -42.87 -12.80 -4.73
C1 BCL AC . -45.48 -16.85 -8.57
C2 BCL AC . -46.66 -16.89 -9.48
C3 BCL AC . -46.56 -16.59 -10.79
C4 BCL AC . -45.23 -16.21 -11.36
C5 BCL AC . -47.81 -16.65 -11.64
C6 BCL AC . -48.95 -15.97 -10.89
C7 BCL AC . -49.41 -14.69 -11.59
C8 BCL AC . -49.80 -13.59 -10.60
C9 BCL AC . -51.27 -13.69 -10.20
C10 BCL AC . -49.45 -12.23 -11.19
C11 BCL AC . -50.67 -11.34 -11.45
C12 BCL AC . -50.83 -11.04 -12.94
C13 BCL AC . -51.71 -9.81 -13.15
C14 BCL AC . -53.04 -9.96 -12.42
C15 BCL AC . -51.93 -9.57 -14.64
C16 BCL AC . -53.06 -8.57 -14.86
C17 BCL AC . -53.40 -8.41 -16.34
C18 BCL AC . -54.89 -8.29 -16.55
C19 BCL AC . -55.27 -8.61 -17.99
C20 BCL AC . -55.40 -6.91 -16.16
CM1 SPO BC . -30.66 -3.67 -23.68
O1 SPO BC . -30.86 -4.84 -24.46
C1 SPO BC . -32.15 -5.43 -24.55
C2 SPO BC . -32.48 -6.10 -23.23
C3 SPO BC . -33.17 -4.35 -24.85
C4 SPO BC . -32.13 -6.44 -25.68
C5 SPO BC . -31.21 -7.60 -25.37
C6 SPO BC . -31.75 -8.80 -25.43
C7 SPO BC . -31.04 -10.07 -25.18
C8 SPO BC . -29.56 -10.11 -25.00
C9 SPO BC . -31.80 -11.17 -25.14
C10 SPO BC . -31.28 -12.51 -24.89
C11 SPO BC . -32.19 -13.47 -24.83
C12 SPO BC . -31.87 -14.88 -24.59
C13 SPO BC . -30.52 -15.44 -24.93
C14 SPO BC . -32.82 -15.66 -24.06
C15 SPO BC . -32.62 -17.06 -23.77
C16 SPO BC . -33.59 -17.66 -23.09
C17 SPO BC . -33.53 -19.08 -22.71
C18 SPO BC . -32.52 -20.00 -23.36
C19 SPO BC . -34.37 -19.55 -21.79
C20 SPO BC . -34.36 -20.95 -21.36
C21 SPO BC . -35.22 -21.33 -20.43
C22 SPO BC . -35.24 -22.71 -19.97
C23 SPO BC . -36.02 -23.06 -18.95
C24 SPO BC . -36.89 -22.04 -18.28
C25 SPO BC . -36.05 -24.46 -18.49
C26 SPO BC . -36.64 -24.81 -17.36
C27 SPO BC . -36.63 -26.21 -16.97
C28 SPO BC . -37.28 -26.62 -15.88
C29 SPO BC . -38.05 -25.66 -15.03
C30 SPO BC . -37.24 -28.09 -15.50
C31 SPO BC . -35.85 -28.45 -15.03
C32 SPO BC . -35.86 -29.90 -14.61
C33 SPO BC . -35.02 -30.78 -15.17
C34 SPO BC . -34.05 -30.33 -16.23
C35 SPO BC . -35.04 -32.23 -14.73
C36 SPO BC . -33.86 -32.97 -15.33
C37 SPO BC . -33.30 -33.91 -14.30
C38 SPO BC . -33.09 -35.21 -14.55
C39 SPO BC . -33.42 -35.76 -15.91
C40 SPO BC . -32.54 -36.09 -13.48
CM1 SPO CC . -59.13 -1.67 -17.81
O1 SPO CC . -58.64 -1.77 -19.14
C1 SPO CC . -59.56 -1.95 -20.21
C2 SPO CC . -60.37 -3.21 -19.97
C3 SPO CC . -60.48 -0.73 -20.27
C4 SPO CC . -58.78 -2.06 -21.51
C5 SPO CC . -57.39 -2.57 -21.19
C6 SPO CC . -57.04 -3.84 -21.37
C7 SPO CC . -55.65 -4.20 -21.02
C8 SPO CC . -54.78 -3.12 -20.44
C9 SPO CC . -55.13 -5.42 -21.20
C10 SPO CC . -53.74 -5.63 -20.81
C11 SPO CC . -53.24 -6.85 -20.77
C12 SPO CC . -51.83 -7.10 -20.38
C13 SPO CC . -50.80 -6.03 -20.53
C14 SPO CC . -51.51 -8.30 -19.90
C15 SPO CC . -50.16 -8.66 -19.50
C16 SPO CC . -49.95 -9.90 -19.08
C17 SPO CC . -48.63 -10.37 -18.65
C18 SPO CC . -47.43 -9.52 -18.92
C19 SPO CC . -48.52 -11.56 -18.04
C20 SPO CC . -47.23 -12.10 -17.60
C21 SPO CC . -47.20 -13.28 -17.00
C22 SPO CC . -45.93 -13.85 -16.56
C23 SPO CC . -45.85 -15.02 -15.90
C24 SPO CC . -47.07 -15.81 -15.55
C25 SPO CC . -44.50 -15.50 -15.51
C26 SPO CC . -44.27 -16.63 -14.84
C27 SPO CC . -42.86 -16.91 -14.54
C28 SPO CC . -42.49 -17.93 -13.76
C29 SPO CC . -43.50 -18.86 -13.15
C30 SPO CC . -41.01 -18.14 -13.51
C31 SPO CC . -40.65 -19.60 -13.71
C32 SPO CC . -39.15 -19.77 -13.70
C33 SPO CC . -38.58 -20.84 -13.11
C34 SPO CC . -39.44 -21.87 -12.45
C35 SPO CC . -37.09 -20.97 -13.11
C36 SPO CC . -36.68 -22.31 -13.73
C37 SPO CC . -35.30 -22.18 -14.33
C38 SPO CC . -34.33 -23.07 -14.04
C39 SPO CC . -32.97 -22.90 -14.66
C40 SPO CC . -34.59 -24.21 -13.10
MG BCL DC . -44.34 -8.55 -16.47
CHA BCL DC . -42.89 -11.21 -18.06
CHB BCL DC . -43.46 -9.83 -13.51
CHC BCL DC . -45.31 -5.64 -15.02
CHD BCL DC . -44.92 -7.03 -19.58
NA BCL DC . -43.45 -10.25 -15.86
C1A BCL DC . -42.98 -11.21 -16.58
C2A BCL DC . -42.52 -12.39 -15.77
C3A BCL DC . -42.81 -11.97 -14.36
C4A BCL DC . -43.28 -10.58 -14.58
CMA BCL DC . -43.90 -12.76 -13.67
CAA BCL DC . -41.02 -12.63 -15.89
CBA BCL DC . -40.64 -13.87 -15.08
CGA BCL DC . -39.21 -14.22 -15.35
O1A BCL DC . -38.58 -13.65 -16.22
O2A BCL DC . -38.54 -15.26 -14.59
NB BCL DC . -44.36 -7.82 -14.56
C1B BCL DC . -44.00 -8.47 -13.45
C2B BCL DC . -44.11 -7.76 -12.16
C3B BCL DC . -44.68 -6.47 -12.63
C4B BCL DC . -44.79 -6.64 -14.10
CMB BCL DC . -43.74 -8.27 -10.81
CAB BCL DC . -45.04 -5.27 -11.82
OBB BCL DC . -44.88 -4.16 -12.27
CBB BCL DC . -45.62 -5.46 -10.45
NC BCL DC . -45.13 -6.81 -17.10
C1C BCL DC . -45.52 -5.80 -16.32
C2C BCL DC . -46.23 -4.71 -17.05
C3C BCL DC . -46.14 -5.20 -18.46
C4C BCL DC . -45.34 -6.44 -18.31
CMC BCL DC . -47.67 -4.61 -16.59
CAC BCL DC . -45.33 -4.25 -19.34
CBC BCL DC . -46.05 -2.94 -19.55
ND BCL DC . -44.00 -8.91 -18.45
C1D BCL DC . -44.26 -8.31 -19.63
C2D BCL DC . -43.78 -9.10 -20.82
C3D BCL DC . -43.23 -10.27 -20.11
C4D BCL DC . -43.41 -10.09 -18.80
CMD BCL DC . -43.76 -8.99 -22.31
CAD BCL DC . -42.57 -11.56 -20.35
OBD BCL DC . -42.25 -12.04 -21.50
CBD BCL DC . -42.31 -12.20 -19.03
CGD BCL DC . -42.94 -13.55 -18.98
O1D BCL DC . -44.13 -13.69 -19.16
O2D BCL DC . -42.11 -14.72 -18.74
CED BCL DC . -42.73 -15.98 -18.53
C1 BCL DC . -37.12 -15.35 -14.62
C2 BCL DC . -36.61 -15.83 -13.29
C3 BCL DC . -35.99 -17.02 -13.20
C4 BCL DC . -35.81 -17.85 -14.44
C5 BCL DC . -35.47 -17.53 -11.88
C6 BCL DC . -36.62 -17.75 -10.90
C7 BCL DC . -36.07 -18.03 -9.50
C8 BCL DC . -36.91 -19.07 -8.78
C9 BCL DC . -37.05 -18.73 -7.31
C10 BCL DC . -36.26 -20.44 -8.96
C11 BCL DC . -36.81 -21.49 -8.00
C12 BCL DC . -36.40 -22.87 -8.49
C13 BCL DC . -37.59 -23.83 -8.49
C14 BCL DC . -37.63 -24.67 -7.22
C15 BCL DC . -37.50 -24.73 -9.71
C16 BCL DC . -38.58 -25.81 -9.71
C17 BCL DC . -39.93 -25.24 -10.13
C18 BCL DC . -40.73 -26.27 -10.93
C19 BCL DC . -39.86 -26.89 -12.02
C20 BCL DC . -42.00 -25.67 -11.52
C1B LMT EC . -35.44 -32.58 -31.91
C2B LMT EC . -36.26 -33.52 -32.79
C3B LMT EC . -35.88 -34.97 -32.51
C4B LMT EC . -35.97 -35.31 -31.03
C5B LMT EC . -35.37 -34.19 -30.19
C6B LMT EC . -34.45 -34.73 -29.10
O1B LMT EC . -36.36 -31.78 -31.15
O2B LMT EC . -37.65 -33.33 -32.48
O3B LMT EC . -34.54 -35.20 -32.96
O4' LMT EC . -37.35 -35.49 -30.67
O5B LMT EC . -34.61 -33.34 -31.05
O6B LMT EC . -33.85 -33.63 -28.41
C1' LMT EC . -34.64 -27.93 -31.01
C2' LMT EC . -34.02 -28.97 -30.08
C3' LMT EC . -34.39 -30.38 -30.52
C4' LMT EC . -35.91 -30.49 -30.71
C5' LMT EC . -36.38 -29.42 -31.69
C6' LMT EC . -37.89 -29.51 -31.92
O1' LMT EC . -34.41 -26.65 -30.41
O2' LMT EC . -32.59 -28.85 -30.12
O3' LMT EC . -33.97 -31.28 -29.47
O5' LMT EC . -36.03 -28.13 -31.17
O6' LMT EC . -38.24 -30.79 -32.44
C1 LMT EC . -34.69 -25.58 -31.29
C2 LMT EC . -34.52 -24.28 -30.52
C3 LMT EC . -33.39 -24.40 -29.50
C4 LMT EC . -33.13 -23.05 -28.85
MG BCL FC . -39.73 -8.84 -24.94
CHA BCL FC . -39.10 -10.65 -22.12
CHB BCL FC . -37.54 -10.74 -26.60
CHC BCL FC . -40.39 -7.01 -27.66
CHD BCL FC . -41.03 -6.24 -22.97
NA BCL FC . -38.77 -10.54 -24.54
C1A BCL FC . -38.75 -11.20 -23.44
C2A BCL FC . -38.15 -12.57 -23.57
C3A BCL FC . -37.43 -12.47 -24.88
C4A BCL FC . -37.95 -11.17 -25.40
CMA BCL FC . -35.92 -12.36 -24.67
CAA BCL FC . -39.21 -13.66 -23.57
CBA BCL FC . -38.78 -14.80 -22.65
CGA BCL FC . -38.18 -15.94 -23.43
O1A BCL FC . -38.47 -17.09 -23.15
O2A BCL FC . -37.25 -15.72 -24.53
NB BCL FC . -39.03 -8.84 -26.87
C1B BCL FC . -38.16 -9.70 -27.42
C2B BCL FC . -37.86 -9.48 -28.86
C3B BCL FC . -38.74 -8.34 -29.17
C4B BCL FC . -39.42 -8.06 -27.88
CMB BCL FC . -36.90 -10.27 -29.72
CAB BCL FC . -38.97 -7.58 -30.45
OBB BCL FC . -39.96 -6.88 -30.57
CBB BCL FC . -37.97 -7.66 -31.55
NC BCL FC . -40.50 -7.02 -25.28
C1C BCL FC . -40.67 -6.47 -26.48
C2C BCL FC . -41.24 -5.09 -26.46
C3C BCL FC . -41.27 -4.83 -24.98
C4C BCL FC . -40.90 -6.15 -24.42
CMC BCL FC . -40.31 -4.13 -27.17
CAC BCL FC . -42.67 -4.49 -24.48
CBC BCL FC . -43.03 -3.07 -24.84
ND BCL FC . -40.02 -8.40 -22.98
C1D BCL FC . -40.55 -7.41 -22.25
C2D BCL FC . -40.55 -7.68 -20.78
C3D BCL FC . -39.95 -9.01 -20.78
C4D BCL FC . -39.71 -9.35 -22.05
CMD BCL FC . -40.95 -6.97 -19.52
CAD BCL FC . -39.52 -10.11 -19.90
OBD BCL FC . -39.62 -10.12 -18.61
CBD BCL FC . -38.99 -11.22 -20.73
CGD BCL FC . -37.63 -11.64 -20.30
O1D BCL FC . -36.73 -10.84 -20.18
O2D BCL FC . -37.38 -13.04 -19.99
CED BCL FC . -36.07 -13.46 -19.61
C1 BCL FC . -37.01 -16.79 -25.43
C2 BCL FC . -37.82 -16.54 -26.66
C3 BCL FC . -37.30 -15.87 -27.69
C4 BCL FC . -35.89 -15.38 -27.64
C5 BCL FC . -38.14 -15.62 -28.92
C6 BCL FC . -38.05 -14.15 -29.28
C7 BCL FC . -39.43 -13.62 -29.66
C8 BCL FC . -39.97 -12.64 -28.62
C9 BCL FC . -40.97 -13.31 -27.68
C10 BCL FC . -40.55 -11.45 -29.37
C11 BCL FC . -42.07 -11.43 -29.34
C12 BCL FC . -42.57 -10.00 -29.57
C13 BCL FC . -43.54 -9.94 -30.73
C14 BCL FC . -44.71 -10.91 -30.55
C15 BCL FC . -42.79 -10.20 -32.04
C16 BCL FC . -41.97 -8.98 -32.44
C17 BCL FC . -42.37 -8.43 -33.81
C18 BCL FC . -43.89 -8.35 -34.00
C19 BCL FC . -44.26 -8.04 -35.44
C20 BCL FC . -44.50 -7.31 -33.06
C1B LMT GC . -32.74 6.98 -23.02
C2B LMT GC . -33.85 7.95 -22.60
C3B LMT GC . -33.49 9.37 -23.01
C4B LMT GC . -33.28 9.47 -24.52
C5B LMT GC . -32.48 8.28 -25.02
C6B LMT GC . -31.46 8.71 -26.06
O1B LMT GC . -33.34 5.81 -23.60
O2B LMT GC . -35.09 7.55 -23.19
O3B LMT GC . -32.32 9.81 -22.33
O4' LMT GC . -34.54 9.53 -25.18
O5B LMT GC . -31.84 7.61 -23.94
O6B LMT GC . -30.42 9.48 -25.44
C1' LMT GC . -32.15 3.71 -20.40
C2' LMT GC . -31.16 3.55 -21.53
C3' LMT GC . -31.46 4.66 -22.52
C4' LMT GC . -32.91 4.59 -23.00
C5' LMT GC . -33.91 4.24 -21.91
C6' LMT GC . -35.18 3.66 -22.52
O1' LMT GC . -31.81 2.90 -19.27
O2' LMT GC . -29.82 3.66 -21.03
O3' LMT GC . -30.57 4.57 -23.64
O5' LMT GC . -33.42 3.32 -20.94
O6' LMT GC . -35.69 4.56 -23.51
C1 LMT GC . -32.78 3.10 -18.23
C2 LMT GC . -32.31 2.44 -16.94
C3 LMT GC . -32.25 0.92 -17.06
C4 LMT GC . -31.33 0.36 -16.00
C5 LMT GC . -31.15 -1.15 -16.15
C6 LMT GC . -30.28 -1.68 -15.03
C7 LMT GC . -30.45 -3.18 -14.86
C8 LMT GC . -29.86 -3.65 -13.54
C9 LMT GC . -30.10 -5.14 -13.33
C10 LMT GC . -29.39 -5.63 -12.09
C11 LMT GC . -29.94 -4.97 -10.83
C12 LMT GC . -31.29 -5.56 -10.45
MG BCL HC . -33.81 -7.77 -30.80
CHA BCL HC . -31.55 -9.96 -32.11
CHB BCL HC . -33.73 -9.42 -27.90
CHC BCL HC . -35.79 -5.37 -29.47
CHD BCL HC . -33.46 -5.71 -33.64
NA BCL HC . -32.96 -9.46 -30.16
C1A BCL HC . -32.13 -10.24 -30.78
C2A BCL HC . -31.79 -11.49 -30.03
C3A BCL HC . -32.69 -11.40 -28.82
C4A BCL HC . -33.18 -10.00 -28.95
CMA BCL HC . -33.86 -12.36 -28.90
CAA BCL HC . -30.35 -11.54 -29.55
CBA BCL HC . -30.05 -12.92 -28.96
CGA BCL HC . -28.63 -12.97 -28.44
O1A BCL HC . -27.95 -11.98 -28.40
O2A BCL HC . -28.07 -14.22 -27.95
NB BCL HC . -34.61 -7.42 -28.95
C1B BCL HC . -34.53 -8.20 -27.87
C2B BCL HC . -35.23 -7.75 -26.64
C3B BCL HC . -35.86 -6.51 -27.13
C4B BCL HC . -35.43 -6.43 -28.55
CMB BCL HC . -35.23 -8.46 -25.31
CAB BCL HC . -36.73 -5.52 -26.43
OBB BCL HC . -37.00 -4.47 -26.98
CBB BCL HC . -37.25 -5.82 -25.06
NC BCL HC . -34.59 -6.03 -31.44
C1C BCL HC . -35.42 -5.24 -30.74
C2C BCL HC . -35.95 -4.07 -31.49
C3C BCL HC . -35.27 -4.25 -32.81
C4C BCL HC . -34.40 -5.43 -32.57
CMC BCL HC . -37.45 -4.14 -31.64
CAC BCL HC . -34.39 -3.06 -33.15
CBC BCL HC . -34.87 -2.36 -34.39
ND BCL HC . -32.75 -7.71 -32.53
C1D BCL HC . -32.67 -6.93 -33.63
C2D BCL HC . -31.72 -7.45 -34.66
C3D BCL HC . -31.28 -8.68 -33.99
C4D BCL HC . -31.94 -8.76 -32.82
CMD BCL HC . -31.19 -7.04 -36.00
CAD BCL HC . -30.42 -9.86 -34.15
OBD BCL HC . -29.66 -10.10 -35.15
CBD BCL HC . -30.54 -10.72 -32.93
CGD BCL HC . -31.00 -12.10 -33.29
O1D BCL HC . -32.14 -12.32 -33.65
O2D BCL HC . -30.06 -13.20 -33.22
CED BCL HC . -30.57 -14.53 -33.25
C1 BCL HC . -26.85 -14.24 -27.22
C2 BCL HC . -27.13 -14.54 -25.76
C3 BCL HC . -26.62 -15.61 -25.15
C4 BCL HC . -25.75 -16.57 -25.90
C5 BCL HC . -26.94 -15.86 -23.69
C6 BCL HC . -26.66 -17.31 -23.32
C7 BCL HC . -26.96 -17.59 -21.86
C8 BCL HC . -28.09 -18.59 -21.70
C9 BCL HC . -28.46 -18.78 -20.23
C10 BCL HC . -27.70 -19.93 -22.33
C11 BCL HC . -28.89 -20.85 -22.46
C12 BCL HC . -28.74 -22.12 -21.62
C13 BCL HC . -28.42 -23.35 -22.47
C14 BCL HC . -26.91 -23.55 -22.61
C15 BCL HC . -29.07 -23.19 -23.84
C16 BCL HC . -28.84 -24.40 -24.74
C17 BCL HC . -29.81 -25.53 -24.43
C18 BCL HC . -30.72 -25.79 -25.61
C19 BCL HC . -29.93 -26.26 -26.83
C20 BCL HC . -31.56 -24.56 -25.96
CM1 SPO IC . -19.14 -0.88 -31.21
O1 SPO IC . -19.04 -1.70 -32.36
C1 SPO IC . -20.18 -2.01 -33.13
C2 SPO IC . -21.13 -2.85 -32.28
C3 SPO IC . -20.87 -0.73 -33.56
C4 SPO IC . -19.73 -2.79 -34.36
C5 SPO IC . -18.80 -3.90 -33.95
C6 SPO IC . -19.03 -5.10 -34.45
C7 SPO IC . -18.23 -6.28 -34.16
C8 SPO IC . -16.85 -6.16 -33.60
C9 SPO IC . -18.79 -7.46 -34.46
C10 SPO IC . -18.17 -8.77 -34.27
C11 SPO IC . -18.99 -9.79 -34.52
C12 SPO IC . -18.64 -11.21 -34.39
C13 SPO IC . -17.22 -11.67 -34.28
C14 SPO IC . -19.63 -12.09 -34.36
C15 SPO IC . -19.41 -13.52 -34.21
C16 SPO IC . -20.49 -14.27 -34.04
C17 SPO IC . -20.40 -15.73 -33.86
C18 SPO IC . -19.10 -16.44 -34.08
C19 SPO IC . -21.51 -16.39 -33.49
C20 SPO IC . -21.48 -17.83 -33.29
C21 SPO IC . -22.54 -18.41 -32.75
C22 SPO IC . -22.56 -19.84 -32.52
C23 SPO IC . -23.60 -20.42 -31.89
C24 SPO IC . -24.77 -19.59 -31.44
C25 SPO IC . -23.58 -21.87 -31.67
C26 SPO IC . -24.45 -22.48 -30.88
C27 SPO IC . -24.34 -23.92 -30.73
C28 SPO IC . -25.26 -24.63 -30.06
C29 SPO IC . -26.43 -23.95 -29.43
C30 SPO IC . -25.09 -26.13 -29.96
C31 SPO IC . -24.25 -26.51 -28.75
C32 SPO IC . -23.13 -27.46 -29.18
C33 SPO IC . -23.16 -28.75 -28.83
C34 SPO IC . -24.31 -29.28 -28.04
C35 SPO IC . -22.04 -29.69 -29.24
C36 SPO IC . -22.19 -31.04 -28.54
C37 SPO IC . -21.53 -32.14 -29.33
C38 SPO IC . -20.91 -33.17 -28.72
C39 SPO IC . -20.85 -33.23 -27.23
C40 SPO IC . -20.27 -34.27 -29.52
P PGV JC . -7.83 -25.17 -22.55
C01 PGV JC . -9.42 -21.57 -24.66
C02 PGV JC . -7.94 -21.78 -24.32
C03 PGV JC . -7.62 -23.27 -24.33
O01 PGV JC . -7.67 -21.22 -23.04
O02 PGV JC . -5.77 -21.34 -21.72
O03 PGV JC . -9.66 -20.19 -24.93
O04 PGV JC . -11.80 -20.63 -25.65
O11 PGV JC . -8.44 -23.95 -23.40
O12 PGV JC . -6.38 -24.59 -22.14
C1 PGV JC . -6.24 -21.07 -22.81
C2 PGV JC . -5.35 -20.55 -23.91
C3 PGV JC . -3.92 -20.40 -23.39
C4 PGV JC . -3.72 -19.01 -22.80
C5 PGV JC . -3.79 -17.97 -23.91
C6 PGV JC . -3.36 -16.60 -23.39
C7 PGV JC . -2.91 -15.73 -24.56
C8 PGV JC . -2.50 -14.34 -24.09
C9 PGV JC . -1.73 -13.63 -25.18
C10 PGV JC . -2.06 -12.14 -25.19
C11 PGV JC . -3.55 -11.95 -25.27
C12 PGV JC . -4.04 -10.73 -25.41
C13 PGV JC . -3.11 -9.54 -25.50
C14 PGV JC . -2.98 -9.09 -26.96
C15 PGV JC . -4.29 -8.49 -27.45
C16 PGV JC . -4.63 -7.23 -26.66
C17 PGV JC . -4.01 -5.99 -27.30
C18 PGV JC . -4.96 -5.35 -28.28
C19 PGV JC . -10.99 -19.77 -25.34
C20 PGV JC . -11.36 -18.31 -25.37
C21 PGV JC . -10.94 -17.75 -26.72
C22 PGV JC . -11.69 -18.38 -27.89
C23 PGV JC . -11.30 -17.74 -29.22
C24 PGV JC . -11.66 -16.26 -29.25
C25 PGV JC . -10.44 -15.37 -29.11
C26 PGV JC . -10.65 -14.36 -27.98
C27 PGV JC . -11.53 -13.19 -28.43
C28 PGV JC . -12.73 -13.04 -27.53
C29 PGV JC . -13.09 -11.57 -27.34
C30 PGV JC . -11.90 -10.79 -26.83
C31 PGV JC . -12.27 -9.37 -26.43
CM1 SPO KC . -44.95 1.71 -40.63
O1 SPO KC . -44.93 0.29 -40.64
C1 SPO KC . -46.10 -0.47 -40.35
C2 SPO KC . -46.51 -0.24 -38.89
C3 SPO KC . -47.22 -0.07 -41.29
C4 SPO KC . -45.76 -1.94 -40.53
C5 SPO KC . -44.52 -2.20 -39.72
C6 SPO KC . -44.37 -3.33 -39.04
C7 SPO KC . -43.12 -3.48 -38.29
C8 SPO KC . -42.59 -2.34 -37.49
C9 SPO KC . -42.45 -4.64 -38.30
C10 SPO KC . -41.21 -4.73 -37.54
C11 SPO KC . -40.65 -5.92 -37.38
C12 SPO KC . -39.40 -6.08 -36.63
C13 SPO KC . -38.50 -4.92 -36.37
C14 SPO KC . -39.11 -7.31 -36.20
C15 SPO KC . -37.90 -7.64 -35.46
C16 SPO KC . -37.83 -8.91 -35.06
C17 SPO KC . -36.69 -9.47 -34.32
C18 SPO KC . -35.50 -8.62 -34.09
C19 SPO KC . -36.75 -10.72 -33.88
C20 SPO KC . -35.63 -11.34 -33.17
C21 SPO KC . -35.73 -12.62 -32.85
C22 SPO KC . -34.61 -13.28 -32.18
C23 SPO KC . -34.63 -14.54 -31.71
C24 SPO KC . -35.84 -15.40 -31.81
C25 SPO KC . -33.37 -15.02 -31.09
C26 SPO KC . -33.27 -16.00 -30.20
C27 SPO KC . -31.92 -16.27 -29.75
C28 SPO KC . -31.62 -16.86 -28.59
C29 SPO KC . -32.71 -17.26 -27.65
C30 SPO KC . -30.17 -17.09 -28.23
C31 SPO KC . -29.91 -18.57 -28.02
C32 SPO KC . -28.46 -18.86 -28.29
C33 SPO KC . -27.70 -19.47 -27.37
C34 SPO KC . -28.29 -19.86 -26.05
C35 SPO KC . -26.24 -19.75 -27.67
C36 SPO KC . -25.66 -20.63 -26.57
C37 SPO KC . -24.61 -21.56 -27.12
C38 SPO KC . -23.45 -21.73 -26.48
C39 SPO KC . -23.17 -20.98 -25.21
C40 SPO KC . -22.42 -22.68 -27.02
MG BCL LC . -26.68 -5.93 -36.86
CHA BCL LC . -26.81 -8.17 -34.28
CHB BCL LC . -23.93 -7.50 -38.01
CHC BCL LC . -26.42 -3.54 -39.22
CHD BCL LC . -28.95 -3.87 -35.15
NA BCL LC . -25.70 -7.63 -36.40
C1A BCL LC . -25.94 -8.44 -35.44
C2A BCL LC . -25.21 -9.73 -35.52
C3A BCL LC . -24.17 -9.42 -36.57
C4A BCL LC . -24.63 -8.09 -37.05
CMA BCL LC . -22.78 -9.29 -35.99
CAA BCL LC . -26.14 -10.84 -35.95
CBA BCL LC . -25.93 -12.08 -35.10
CGA BCL LC . -24.83 -12.90 -35.71
O1A BCL LC . -24.22 -13.75 -35.08
O2A BCL LC . -24.46 -12.66 -37.09
NB BCL LC . -25.35 -5.56 -38.38
C1B BCL LC . -24.30 -6.29 -38.75
C2B BCL LC . -23.51 -5.81 -39.91
C3B BCL LC . -24.28 -4.60 -40.28
C4B BCL LC . -25.37 -4.57 -39.28
CMB BCL LC . -22.28 -6.45 -40.49
CAB BCL LC . -24.05 -3.61 -41.37
OBB BCL LC . -24.95 -2.87 -41.70
CBB BCL LC . -22.72 -3.53 -42.05
NC BCL LC . -27.52 -4.14 -37.18
C1C BCL LC . -27.29 -3.35 -38.24
C2C BCL LC . -28.13 -2.12 -38.27
C3C BCL LC . -28.80 -2.18 -36.93
C4C BCL LC . -28.36 -3.51 -36.44
CMC BCL LC . -27.26 -0.88 -38.36
CAC BCL LC . -30.31 -2.14 -37.02
CBC BCL LC . -30.80 -0.74 -37.33
ND BCL LC . -27.69 -5.89 -35.10
C1D BCL LC . -28.59 -5.10 -34.49
C2D BCL LC . -29.04 -5.62 -33.17
C3D BCL LC . -28.30 -6.88 -33.13
C4D BCL LC . -27.59 -6.95 -34.26
CMD BCL LC . -29.96 -5.19 -32.07
CAD BCL LC . -28.04 -8.08 -32.31
OBD BCL LC . -28.58 -8.33 -31.17
CBD BCL LC . -27.09 -8.96 -33.04
CGD BCL LC . -25.89 -9.30 -32.21
O1D BCL LC . -25.01 -8.48 -32.03
O2D BCL LC . -25.77 -10.62 -31.61
CED BCL LC . -24.47 -11.14 -31.34
C1 BCL LC . -24.00 -13.72 -37.90
C2 BCL LC . -24.15 -13.31 -39.34
C3 BCL LC . -23.18 -12.57 -39.92
C4 BCL LC . -21.98 -12.16 -39.14
C5 BCL LC . -23.32 -12.16 -41.37
C6 BCL LC . -24.66 -11.45 -41.55
C7 BCL LC . -24.57 -10.03 -40.98
C8 BCL LC . -25.93 -9.51 -40.58
C9 BCL LC . -26.75 -10.58 -39.86
C10 BCL LC . -26.64 -9.01 -41.82
C11 BCL LC . -26.27 -7.56 -42.08
C12 BCL LC . -26.00 -7.33 -43.55
C13 BCL LC . -25.55 -5.90 -43.77
C14 BCL LC . -26.70 -4.97 -43.35
C15 BCL LC . -25.10 -5.66 -45.21
C16 BCL LC . -26.27 -5.52 -46.17
C17 BCL LC . -26.45 -4.09 -46.67
C18 BCL LC . -27.31 -4.05 -47.92
C19 BCL LC . -27.41 -2.64 -48.49
C20 BCL LC . -28.69 -4.62 -47.63
MG BCL MC . -19.26 -3.59 -40.02
CHA BCL MC . -16.48 -5.43 -40.72
CHB BCL MC . -20.02 -5.68 -37.53
CHC BCL MC . -21.84 -1.53 -39.20
CHD BCL MC . -18.17 -1.11 -42.28
NA BCL MC . -18.52 -5.31 -39.34
C1A BCL MC . -17.45 -5.94 -39.73
C2A BCL MC . -17.23 -7.26 -39.04
C3A BCL MC . -18.43 -7.36 -38.13
C4A BCL MC . -19.06 -6.03 -38.35
CMA BCL MC . -19.42 -8.46 -38.48
CAA BCL MC . -15.99 -7.25 -38.18
CBA BCL MC . -15.44 -8.66 -37.95
CGA BCL MC . -14.66 -8.70 -36.67
O1A BCL MC . -14.79 -7.84 -35.84
O2A BCL MC . -13.73 -9.80 -36.40
NB BCL MC . -20.69 -3.58 -38.57
C1B BCL MC . -20.90 -4.52 -37.63
C2B BCL MC . -22.02 -4.33 -36.69
C3B BCL MC . -22.57 -3.06 -37.21
C4B BCL MC . -21.70 -2.71 -38.35
CMB BCL MC . -22.40 -5.25 -35.57
CAB BCL MC . -23.75 -2.26 -36.73
OBB BCL MC . -24.19 -1.38 -37.43
CBB BCL MC . -24.37 -2.55 -35.40
NC BCL MC . -19.92 -1.78 -40.62
C1C BCL MC . -21.01 -1.13 -40.16
C2C BCL MC . -21.27 0.19 -40.80
C3C BCL MC . -20.19 0.23 -41.84
C4C BCL MC . -19.41 -0.99 -41.52
CMC BCL MC . -22.63 0.23 -41.46
CAC BCL MC . -19.27 1.44 -41.71
CBC BCL MC . -19.94 2.71 -42.17
ND BCL MC . -17.69 -3.20 -41.25
C1D BCL MC . -17.32 -2.26 -42.14
C2D BCL MC . -16.02 -2.55 -42.82
C3D BCL MC . -15.75 -3.85 -42.21
C4D BCL MC . -16.72 -4.15 -41.36
CMD BCL MC . -15.13 -1.91 -43.83
CAD BCL MC . -14.74 -4.94 -42.19
OBD BCL MC . -13.67 -4.97 -42.90
CBD BCL MC . -15.18 -5.98 -41.23
CGD BCL MC . -15.31 -7.30 -41.92
O1D BCL MC . -16.12 -7.46 -42.81
O2D BCL MC . -14.44 -8.40 -41.56
CED BCL MC . -14.69 -9.70 -42.09
C1 BCL MC . -13.18 -9.93 -35.09
C2 BCL MC . -13.90 -11.04 -34.36
C3 BCL MC . -13.26 -12.04 -33.73
C4 BCL MC . -11.76 -12.08 -33.73
C5 BCL MC . -14.04 -13.11 -33.03
C6 BCL MC . -14.51 -12.64 -31.65
C7 BCL MC . -14.72 -13.81 -30.68
C8 BCL MC . -15.46 -14.97 -31.34
C9 BCL MC . -16.80 -15.20 -30.66
C10 BCL MC . -14.59 -16.23 -31.27
C11 BCL MC . -15.41 -17.49 -31.52
C12 BCL MC . -14.56 -18.57 -32.17
C13 BCL MC . -15.43 -19.65 -32.79
C14 BCL MC . -15.77 -20.70 -31.75
C15 BCL MC . -14.68 -20.28 -33.95
C16 BCL MC . -15.38 -21.54 -34.47
C17 BCL MC . -16.21 -21.23 -35.70
C18 BCL MC . -15.73 -22.02 -36.92
C19 BCL MC . -14.23 -21.94 -37.10
C20 BCL MC . -16.46 -21.58 -38.19
CM1 SPO NC . -6.07 4.20 -34.79
O1 SPO NC . -5.24 3.43 -35.64
C1 SPO NC . -5.82 2.83 -36.79
C2 SPO NC . -6.78 1.74 -36.34
C3 SPO NC . -6.57 3.89 -37.57
C4 SPO NC . -4.69 2.24 -37.62
C5 SPO NC . -4.21 0.92 -37.06
C6 SPO NC . -3.92 -0.05 -37.93
C7 SPO NC . -3.46 -1.37 -37.50
C8 SPO NC . -2.91 -1.60 -36.14
C9 SPO NC . -3.55 -2.38 -38.38
C10 SPO NC . -3.13 -3.75 -38.09
C11 SPO NC . -3.65 -4.68 -38.87
C12 SPO NC . -3.33 -6.11 -38.75
C13 SPO NC . -2.00 -6.55 -38.24
C14 SPO NC . -4.27 -7.00 -39.09
C15 SPO NC . -4.08 -8.44 -39.01
C16 SPO NC . -5.10 -9.21 -39.39
C17 SPO NC . -5.02 -10.67 -39.37
C18 SPO NC . -3.72 -11.37 -39.11
C19 SPO NC . -6.13 -11.40 -39.58
C20 SPO NC . -6.06 -12.85 -39.56
C21 SPO NC . -7.19 -13.56 -39.61
C22 SPO NC . -7.12 -15.03 -39.61
C23 SPO NC . -8.19 -15.73 -39.23
C24 SPO NC . -9.46 -15.03 -38.85
C25 SPO NC . -8.14 -17.20 -39.22
C26 SPO NC . -9.14 -17.91 -38.70
C27 SPO NC . -9.05 -19.37 -38.73
C28 SPO NC . -10.10 -20.13 -38.37
C29 SPO NC . -11.38 -19.49 -37.94
C30 SPO NC . -9.98 -21.63 -38.42
C31 SPO NC . -9.27 -22.21 -37.21
C32 SPO NC . -8.25 -23.21 -37.70
C33 SPO NC . -7.52 -23.97 -36.87
C34 SPO NC . -7.67 -23.85 -35.39
C35 SPO NC . -6.51 -24.95 -37.42
C36 SPO NC . -6.64 -26.28 -36.69
C37 SPO NC . -5.76 -27.29 -37.38
C38 SPO NC . -5.19 -28.29 -36.70
C39 SPO NC . -5.44 -28.43 -35.23
C40 SPO NC . -4.32 -29.29 -37.39
CM1 SPO OC . 7.33 10.67 -33.04
O1 SPO OC . 8.26 9.84 -33.72
C1 SPO OC . 7.94 9.27 -34.98
C2 SPO OC . 7.13 8.00 -34.76
C3 SPO OC . 7.13 10.28 -35.79
C4 SPO OC . 9.22 8.96 -35.70
C5 SPO OC . 9.97 7.81 -35.08
C6 SPO OC . 10.36 6.86 -35.91
C7 SPO OC . 11.10 5.66 -35.51
C8 SPO OC . 11.94 5.63 -34.28
C9 SPO OC . 11.02 4.61 -36.33
C10 SPO OC . 11.69 3.34 -36.11
C11 SPO OC . 11.49 2.45 -37.06
C12 SPO OC . 12.07 1.10 -37.07
C13 SPO OC . 13.00 0.66 -36.00
C14 SPO OC . 11.72 0.29 -38.06
C15 SPO OC . 12.22 -1.07 -38.17
C16 SPO OC . 11.45 -1.89 -38.86
C17 SPO OC . 11.77 -3.31 -39.07
C18 SPO OC . 13.11 -3.87 -38.70
C19 SPO OC . 10.81 -4.06 -39.62
C20 SPO OC . 10.98 -5.48 -39.92
C21 SPO OC . 9.89 -6.18 -40.20
C22 SPO OC . 9.99 -7.60 -40.52
C23 SPO OC . 8.92 -8.39 -40.49
C24 SPO OC . 7.56 -7.87 -40.13
C25 SPO OC . 9.10 -9.81 -40.85
C26 SPO OC . 8.18 -10.71 -40.57
C27 SPO OC . 8.44 -12.09 -40.98
C28 SPO OC . 7.41 -12.92 -41.21
C29 SPO OC . 6.00 -12.43 -41.02
C30 SPO OC . 7.68 -14.33 -41.65
C31 SPO OC . 7.44 -15.31 -40.51
C32 SPO OC . 8.75 -15.69 -39.87
C33 SPO OC . 8.94 -16.99 -39.60
C34 SPO OC . 7.87 -17.97 -39.96
C35 SPO OC . 10.21 -17.50 -38.95
C36 SPO OC . 9.82 -18.78 -38.24
C37 SPO OC . 10.94 -19.79 -38.16
C38 SPO OC . 11.16 -20.68 -39.13
C39 SPO OC . 12.27 -21.68 -39.02
C40 SPO OC . 10.29 -20.69 -40.35
CM1 SPO PC . -32.72 4.41 -51.51
O1 SPO PC . -31.33 4.12 -51.57
C1 SPO PC . -30.86 2.77 -51.64
C2 SPO PC . -30.86 2.17 -50.24
C3 SPO PC . -31.75 1.95 -52.55
C4 SPO PC . -29.44 2.80 -52.22
C5 SPO PC . -28.38 2.72 -51.14
C6 SPO PC . -27.53 1.69 -51.16
C7 SPO PC . -26.49 1.58 -50.13
C8 SPO PC . -26.31 2.70 -49.18
C9 SPO PC . -25.72 0.48 -50.06
C10 SPO PC . -24.68 0.37 -49.04
C11 SPO PC . -24.18 -0.83 -48.76
C12 SPO PC . -23.12 -1.01 -47.74
C13 SPO PC . -22.30 0.15 -47.28
C14 SPO PC . -22.89 -2.24 -47.28
C15 SPO PC . -21.86 -2.56 -46.30
C16 SPO PC . -21.80 -3.82 -45.87
C17 SPO PC . -20.81 -4.30 -44.90
C18 SPO PC . -19.75 -3.38 -44.40
C19 SPO PC . -20.86 -5.58 -44.50
C20 SPO PC . -19.91 -6.17 -43.56
C21 SPO PC . -20.00 -7.49 -43.36
C22 SPO PC . -19.08 -8.18 -42.47
C23 SPO PC . -19.26 -9.46 -42.06
C24 SPO PC . -20.46 -10.25 -42.50
C25 SPO PC . -18.24 -10.04 -41.17
C26 SPO PC . -18.21 -11.28 -40.68
C27 SPO PC . -17.08 -11.56 -39.80
C28 SPO PC . -17.12 -12.45 -38.79
C29 SPO PC . -18.37 -13.23 -38.50
C30 SPO PC . -15.88 -12.63 -37.94
C31 SPO PC . -15.61 -14.09 -37.60
C32 SPO PC . -14.19 -14.20 -37.10
C33 SPO PC . -13.81 -15.08 -36.18
C34 SPO PC . -14.80 -16.03 -35.58
C35 SPO PC . -12.36 -15.11 -35.75
C36 SPO PC . -11.89 -16.54 -35.49
C37 SPO PC . -10.38 -16.59 -35.54
C38 SPO PC . -9.64 -17.15 -34.56
C39 SPO PC . -8.15 -17.16 -34.69
C40 SPO PC . -10.30 -17.75 -33.37
MG BCL QC . -10.66 -0.74 -42.96
CHA BCL QC . -11.33 -3.32 -40.80
CHB BCL QC . -7.56 -1.98 -43.38
CHC BCL QC . -9.86 2.05 -44.70
CHD BCL QC . -13.55 0.90 -41.87
NA BCL QC . -9.69 -2.41 -42.40
C1A BCL QC . -10.13 -3.37 -41.66
C2A BCL QC . -9.21 -4.55 -41.59
C3A BCL QC . -7.93 -3.96 -42.07
C4A BCL QC . -8.41 -2.70 -42.68
CMA BCL QC . -6.99 -3.63 -40.93
CAA BCL QC . -9.67 -5.70 -42.47
CBA BCL QC . -9.47 -7.00 -41.70
CGA BCL QC . -8.40 -7.85 -42.32
O1A BCL QC . -8.65 -8.95 -42.77
O2A BCL QC . -7.02 -7.40 -42.40
NB BCL QC . -8.96 -0.05 -43.88
C1B BCL QC . -7.78 -0.67 -43.99
C2B BCL QC . -6.70 0.04 -44.73
C3B BCL QC . -7.41 1.27 -45.12
C4B BCL QC . -8.77 1.09 -44.57
CMB BCL QC . -5.29 -0.43 -44.96
CAB BCL QC . -6.93 2.44 -45.91
OBB BCL QC . -7.70 3.04 -46.63
CBB BCL QC . -5.50 2.87 -45.78
NC BCL QC . -11.51 1.04 -43.29
C1C BCL QC . -11.02 2.03 -44.06
C2C BCL QC . -11.90 3.22 -44.18
C3C BCL QC . -12.93 2.92 -43.14
C4C BCL QC . -12.60 1.51 -42.78
CMC BCL QC . -11.13 4.46 -43.78
CAC BCL QC . -14.36 2.99 -43.67
CBC BCL QC . -14.73 4.40 -44.04
ND BCL QC . -12.16 -1.02 -41.63
C1D BCL QC . -13.28 -0.38 -41.25
C2D BCL QC . -14.06 -1.10 -40.19
C3D BCL QC . -13.23 -2.30 -40.06
C4D BCL QC . -12.21 -2.18 -40.90
CMD BCL QC . -15.32 -0.87 -39.42
CAD BCL QC . -13.11 -3.57 -39.32
OBD BCL QC . -13.93 -4.01 -38.45
CBD BCL QC . -11.89 -4.29 -39.81
CGD BCL QC . -10.97 -4.68 -38.69
O1D BCL QC . -10.34 -3.85 -38.07
O2D BCL QC . -10.84 -6.08 -38.33
CED BCL QC . -9.66 -6.54 -37.68
C1 BCL QC . -6.07 -8.17 -43.14
C2 BCL QC . -6.18 -7.74 -44.58
C3 BCL QC . -5.54 -6.65 -45.01
C4 BCL QC . -4.71 -5.85 -44.06
C5 BCL QC . -5.67 -6.24 -46.47
C6 BCL QC . -6.28 -4.85 -46.56
C7 BCL QC . -7.60 -4.77 -45.80
C8 BCL QC . -8.68 -3.93 -46.47
C9 BCL QC . -9.86 -4.81 -46.81
C10 BCL QC . -8.15 -3.21 -47.71
C11 BCL QC . -8.46 -1.72 -47.68
C12 BCL QC . -7.69 -0.99 -48.77
C13 BCL QC . -8.43 0.25 -49.26
C14 BCL QC . -9.70 -0.15 -50.02
C15 BCL QC . -7.49 1.07 -50.13
C16 BCL QC . -8.23 2.07 -51.02
C17 BCL QC . -7.27 2.70 -52.02
C18 BCL QC . -7.95 3.03 -53.35
C19 BCL QC . -6.96 2.99 -54.51
C20 BCL QC . -8.67 4.37 -53.29
O1B LMT RC . -0.50 18.74 -30.32
C1' LMT RC . -0.68 15.78 -31.27
C2' LMT RC . -0.75 16.44 -32.64
C3' LMT RC . -1.05 17.93 -32.54
C4' LMT RC . -1.58 18.36 -31.18
C5' LMT RC . -2.43 17.29 -30.49
C6' LMT RC . -3.87 17.33 -31.01
O1' LMT RC . -0.44 14.38 -31.40
O2' LMT RC . 0.46 16.21 -33.36
O3' LMT RC . -2.01 18.30 -33.55
O5' LMT RC . -1.93 15.95 -30.60
O6' LMT RC . -4.70 16.45 -30.25
C1 LMT RC . 0.15 13.83 -30.22
C2 LMT RC . -0.71 12.71 -29.68
C3 LMT RC . -0.85 11.56 -30.66
C4 LMT RC . -2.31 11.13 -30.78
C5 LMT RC . -2.92 10.79 -29.43
C6 LMT RC . -2.48 9.41 -28.95
C7 LMT RC . -3.21 9.04 -27.66
C8 LMT RC . -2.69 7.72 -27.09
C9 LMT RC . -3.17 7.52 -25.66
C10 LMT RC . -2.61 6.23 -25.06
C11 LMT RC . -1.08 6.21 -25.13
C12 LMT RC . -0.52 4.88 -24.70
C1B LMT SC . -9.40 19.28 -34.29
O1B LMT SC . -9.93 18.18 -33.53
C1' LMT SC . -8.29 14.54 -32.31
C2' LMT SC . -7.46 15.79 -32.03
C3' LMT SC . -8.27 17.06 -32.18
C4' LMT SC . -9.03 17.06 -33.49
C5' LMT SC . -9.83 15.77 -33.64
C6' LMT SC . -10.58 15.75 -34.95
O1' LMT SC . -7.41 13.41 -32.31
O2' LMT SC . -6.94 15.71 -30.70
O3' LMT SC . -7.38 18.18 -32.14
O5' LMT SC . -8.94 14.65 -33.57
O6' LMT SC . -11.42 16.89 -35.04
C1 LMT SC . -8.11 12.17 -32.43
C2 LMT SC . -7.33 11.09 -31.71
C3 LMT SC . -8.17 9.84 -31.49
C4 LMT SC . -7.68 9.06 -30.29
C5 LMT SC . -8.49 7.77 -30.10
C6 LMT SC . -8.05 7.05 -28.83
P PGV TC . 16.61 -12.00 -25.38
C01 PGV TC . 14.18 -8.83 -26.26
C02 PGV TC . 15.09 -9.07 -27.45
C03 PGV TC . 16.17 -10.09 -27.11
C04 PGV TC . 16.80 -13.24 -23.05
C05 PGV TC . 16.39 -13.09 -21.60
C06 PGV TC . 14.88 -12.96 -21.51
O01 PGV TC . 15.71 -7.82 -27.79
O02 PGV TC . 15.71 -8.61 -29.96
O03 PGV TC . 14.67 -7.71 -25.53
O04 PGV TC . 12.56 -6.84 -25.21
O05 PGV TC . 16.98 -11.91 -21.05
O06 PGV TC . 14.44 -11.94 -22.41
O11 PGV TC . 16.05 -10.55 -25.77
O12 PGV TC . 16.42 -12.07 -23.78
O13 PGV TC . 18.09 -12.03 -25.69
O14 PGV TC . 15.71 -13.03 -26.02
C1 PGV TC . 15.93 -7.67 -29.22
C2 PGV TC . 16.43 -6.35 -29.76
C3 PGV TC . 15.60 -5.23 -29.16
C4 PGV TC . 15.88 -3.90 -29.83
C5 PGV TC . 15.29 -2.74 -29.05
C6 PGV TC . 13.77 -2.78 -29.02
C7 PGV TC . 13.23 -1.64 -28.18
C8 PGV TC . 11.71 -1.59 -28.23
C9 PGV TC . 11.18 -0.38 -27.48
C10 PGV TC . 9.65 -0.37 -27.43
C19 PGV TC . 13.76 -6.70 -25.03
C20 PGV TC . 14.30 -5.51 -24.28
C21 PGV TC . 13.16 -4.78 -23.57
C22 PGV TC . 13.58 -3.38 -23.19
C23 PGV TC . 12.58 -2.69 -22.26
C24 PGV TC . 11.35 -2.20 -23.02
C25 PGV TC . 10.15 -3.12 -22.83
C26 PGV TC . 9.59 -3.02 -21.42
C27 PGV TC . 8.19 -2.46 -21.43
C28 PGV TC . 8.18 -1.01 -21.92
C29 PGV TC . 6.77 -0.49 -22.08
C30 PGV TC . 6.77 0.82 -22.86
MG BCL UC . -2.62 2.70 -42.72
CHA BCL UC . 0.27 0.94 -43.05
CHB BCL UC . -4.15 0.02 -41.43
CHC BCL UC . -5.52 4.50 -42.62
CHD BCL UC . -1.20 5.36 -44.55
NA BCL UC . -2.04 0.86 -42.21
C1A BCL UC . -0.87 0.33 -42.33
C2A BCL UC . -0.76 -1.06 -41.77
C3A BCL UC . -2.19 -1.38 -41.40
C4A BCL UC . -2.85 -0.07 -41.69
CMA BCL UC . -2.78 -2.49 -42.24
CAA BCL UC . 0.12 -1.16 -40.53
CBA BCL UC . 0.74 -2.55 -40.47
CGA BCL UC . 1.05 -2.92 -39.04
O1A BCL UC . 0.69 -2.21 -38.14
O2A BCL UC . 1.76 -4.14 -38.73
NB BCL UC . -4.56 2.33 -42.14
C1B BCL UC . -5.03 1.18 -41.60
C2B BCL UC . -6.45 1.16 -41.21
C3B BCL UC . -6.85 2.53 -41.58
C4B BCL UC . -5.61 3.14 -42.12
CMB BCL UC . -7.23 0.02 -40.61
CAB BCL UC . -8.16 3.23 -41.48
OBB BCL UC . -8.43 4.09 -42.28
CBB BCL UC . -9.10 2.87 -40.37
NC BCL UC . -3.23 4.51 -43.38
C1C BCL UC . -4.46 5.04 -43.19
C2C BCL UC . -4.63 6.42 -43.71
C3C BCL UC . -3.30 6.66 -44.36
C4C BCL UC . -2.57 5.40 -44.04
CMC BCL UC . -5.74 6.47 -44.76
CAC BCL UC . -2.58 7.84 -43.73
CBC BCL UC . -3.02 9.15 -44.33
ND BCL UC . -0.89 3.17 -43.68
C1D BCL UC . -0.36 4.21 -44.34
C2D BCL UC . 1.05 3.99 -44.79
C3D BCL UC . 1.25 2.64 -44.23
C4D BCL UC . 0.13 2.28 -43.62
CMD BCL UC . 2.12 4.72 -45.55
CAD BCL UC . 2.25 1.56 -44.12
OBD BCL UC . 3.45 1.60 -44.58
CBD BCL UC . 1.66 0.44 -43.33
CGD BCL UC . 1.74 -0.85 -44.09
O1D BCL UC . 1.19 -0.99 -45.16
O2D BCL UC . 2.49 -1.95 -43.54
CED BCL UC . 2.50 -3.20 -44.23
C1 BCL UC . 2.49 -4.23 -37.51
C2 BCL UC . 1.98 -5.37 -36.67
C3 BCL UC . 2.68 -6.51 -36.58
C4 BCL UC . 3.98 -6.65 -37.32
C5 BCL UC . 2.18 -7.65 -35.75
C6 BCL UC . 0.68 -7.88 -35.93
C7 BCL UC . 0.18 -8.71 -34.75
C8 BCL UC . -0.79 -9.81 -35.19
C9 BCL UC . -2.11 -9.67 -34.46
C10 BCL UC . -0.17 -11.18 -34.94
C11 BCL UC . -0.48 -12.10 -36.11
C12 BCL UC . 0.45 -13.32 -36.19
C13 BCL UC . 0.59 -13.81 -37.62
C14 BCL UC . -0.68 -13.57 -38.43
C15 BCL UC . 0.98 -15.28 -37.66
C16 BCL UC . 0.78 -15.88 -39.04
C17 BCL UC . 1.97 -15.56 -39.94
C18 BCL UC . 1.91 -16.36 -41.24
C19 BCL UC . 3.28 -16.89 -41.61
C20 BCL UC . 1.34 -15.52 -42.38
CM1 SPO VC . -8.75 13.51 -54.90
O1 SPO VC . -8.00 12.37 -55.31
C1 SPO VC . -8.45 11.54 -56.39
C2 SPO VC . -9.76 10.87 -55.97
C3 SPO VC . -8.65 12.39 -57.63
C4 SPO VC . -7.38 10.49 -56.63
C5 SPO VC . -6.91 9.99 -55.29
C6 SPO VC . -6.53 8.72 -55.11
C7 SPO VC . -6.08 8.34 -53.77
C8 SPO VC . -6.47 9.20 -52.61
C9 SPO VC . -5.35 7.25 -53.54
C10 SPO VC . -4.95 6.96 -52.18
C11 SPO VC . -4.27 5.85 -51.94
C12 SPO VC . -3.83 5.48 -50.59
C13 SPO VC . -3.69 6.50 -49.50
C14 SPO VC . -3.56 4.19 -50.36
C15 SPO VC . -3.11 3.68 -49.09
C16 SPO VC . -2.95 2.37 -49.04
C17 SPO VC . -2.48 1.70 -47.82
C18 SPO VC . -1.91 2.51 -46.71
C19 SPO VC . -2.54 0.37 -47.74
C20 SPO VC . -2.05 -0.35 -46.57
C21 SPO VC . -2.10 -1.67 -46.61
C22 SPO VC . -1.63 -2.50 -45.52
C23 SPO VC . -1.75 -3.83 -45.61
C24 SPO VC . -2.40 -4.42 -46.83
C25 SPO VC . -1.28 -4.73 -44.54
C26 SPO VC . -0.82 -5.92 -44.92
C27 SPO VC . -0.30 -6.92 -44.00
C28 SPO VC . 0.47 -7.88 -44.53
C29 SPO VC . 0.75 -7.90 -46.00
C30 SPO VC . 1.05 -8.99 -43.68
C31 SPO VC . 0.83 -8.76 -42.19
C32 SPO VC . 1.89 -9.57 -41.48
C33 SPO VC . 2.24 -9.33 -40.22
C34 SPO VC . 1.54 -8.26 -39.44
C35 SPO VC . 3.32 -10.18 -39.59
C36 SPO VC . 3.10 -10.34 -38.09
C37 SPO VC . 3.93 -11.51 -37.60
C38 SPO VC . 4.89 -11.37 -36.68
C39 SPO VC . 5.18 -10.03 -36.09
C40 SPO VC . 5.65 -12.57 -36.24
MG BCL WC . 6.06 6.26 -42.57
CHA BCL WC . 4.94 3.31 -41.29
CHB BCL WC . 9.23 5.24 -42.07
CHC BCL WC . 7.10 9.23 -43.77
CHD BCL WC . 2.84 7.61 -42.21
NA BCL WC . 6.92 4.55 -42.02
C1A BCL WC . 6.35 3.45 -41.67
C2A BCL WC . 7.28 2.29 -41.53
C3A BCL WC . 8.62 2.97 -41.50
C4A BCL WC . 8.24 4.36 -41.91
CMA BCL WC . 9.21 3.03 -40.11
CAA BCL WC . 7.16 1.35 -42.72
CBA BCL WC . 6.86 -0.07 -42.24
CGA BCL WC . 8.02 -0.97 -42.54
O1A BCL WC . 7.85 -2.02 -43.14
O2A BCL WC . 9.37 -0.62 -42.14
NB BCL WC . 7.88 7.13 -42.85
C1B BCL WC . 9.10 6.58 -42.63
C2B BCL WC . 10.28 7.42 -42.95
C3B BCL WC . 9.61 8.63 -43.45
C4B BCL WC . 8.17 8.33 -43.37
CMB BCL WC . 11.73 7.05 -42.77
CAB BCL WC . 10.20 9.90 -43.98
OBB BCL WC . 9.61 10.53 -44.82
CBB BCL WC . 11.50 10.38 -43.41
NC BCL WC . 5.20 8.04 -42.91
C1C BCL WC . 5.82 9.12 -43.40
C2C BCL WC . 4.94 10.33 -43.53
C3C BCL WC . 3.67 9.83 -42.90
C4C BCL WC . 3.97 8.39 -42.67
CMC BCL WC . 5.51 11.49 -42.73
CAC BCL WC . 2.49 9.94 -43.84
CBC BCL WC . 2.18 11.38 -44.19
ND BCL WC . 4.22 5.71 -41.87
C1D BCL WC . 3.00 6.24 -41.79
C2D BCL WC . 1.99 5.30 -41.22
C3D BCL WC . 2.83 4.12 -41.03
C4D BCL WC . 4.05 4.43 -41.45
CMD BCL WC . 0.53 5.33 -40.86
CAD BCL WC . 2.82 2.72 -40.55
OBD BCL WC . 1.80 2.09 -40.09
CBD BCL WC . 4.18 2.15 -40.72
CGD BCL WC . 4.70 1.69 -39.41
O1D BCL WC . 4.98 2.47 -38.53
O2D BCL WC . 4.84 0.27 -39.16
CED BCL WC . 5.48 -0.13 -37.96
C1 BCL WC . 10.46 -1.31 -42.75
C2 BCL WC . 10.74 -0.64 -44.08
C3 BCL WC . 11.47 0.47 -44.15
C4 BCL WC . 12.01 1.11 -42.90
C5 BCL WC . 11.71 1.10 -45.50
C6 BCL WC . 10.38 1.20 -46.25
C7 BCL WC . 9.46 2.23 -45.60
C8 BCL WC . 9.36 3.54 -46.39
C9 BCL WC . 9.94 3.43 -47.79
C10 BCL WC . 10.03 4.65 -45.61
C11 BCL WC . 9.48 6.00 -46.07
C12 BCL WC . 10.58 6.87 -46.68
C13 BCL WC . 9.93 7.87 -47.61
C14 BCL WC . 9.41 7.16 -48.86
C15 BCL WC . 10.89 8.99 -47.97
C16 BCL WC . 10.12 10.22 -48.45
C17 BCL WC . 10.30 10.45 -49.94
C18 BCL WC . 11.10 11.71 -50.22
C19 BCL WC . 10.66 12.37 -51.52
C20 BCL WC . 12.59 11.40 -50.24
C1B LMT XC . 1.92 26.30 -31.95
O1B LMT XC . 3.05 25.43 -31.91
C1' LMT XC . 3.79 21.43 -32.16
C2' LMT XC . 3.18 22.29 -33.26
C3' LMT XC . 2.18 23.32 -32.74
C4' LMT XC . 2.70 24.11 -31.53
C5' LMT XC . 3.90 23.42 -30.88
C6' LMT XC . 4.14 23.93 -29.46
O1' LMT XC . 3.20 20.13 -32.16
O2' LMT XC . 4.22 22.96 -33.98
O3' LMT XC . 0.95 22.67 -32.38
O5' LMT XC . 3.66 22.01 -30.86
O6' LMT XC . 5.48 23.62 -29.07
C1 LMT XC . 3.85 19.25 -31.25
C2 LMT XC . 3.35 17.84 -31.49
C3 LMT XC . 3.58 16.97 -30.26
C4 LMT XC . 5.00 16.44 -30.19
C5 LMT XC . 5.12 15.11 -30.93
C6 LMT XC . 3.97 14.20 -30.55
C7 LMT XC . 4.28 12.74 -30.87
C8 LMT XC . 5.34 12.19 -29.92
C9 LMT XC . 5.38 10.67 -30.01
C10 LMT XC . 6.63 10.11 -29.36
C11 LMT XC . 6.49 10.07 -27.84
C12 LMT XC . 7.60 9.23 -27.24
MG BCL YC . 13.11 9.67 -39.85
CHA BCL YC . 16.13 8.22 -39.35
CHB BCL YC . 11.54 6.83 -39.12
CHC BCL YC . 10.14 11.35 -40.12
CHD BCL YC . 14.71 12.74 -40.53
NA BCL YC . 13.70 7.83 -39.36
C1A BCL YC . 14.90 7.41 -39.20
C2A BCL YC . 14.98 5.94 -38.86
C3A BCL YC . 13.55 5.51 -38.99
C4A BCL YC . 12.87 6.81 -39.17
CMA BCL YC . 13.32 4.66 -40.23
CAA BCL YC . 15.48 5.70 -37.45
CBA BCL YC . 15.65 4.20 -37.24
CGA BCL YC . 16.38 3.95 -35.94
O1A BCL YC . 16.92 4.86 -35.34
O2A BCL YC . 16.45 2.60 -35.39
NB BCL YC . 11.13 9.20 -39.64
C1B BCL YC . 10.65 7.98 -39.36
C2B BCL YC . 9.17 7.83 -39.26
C3B BCL YC . 8.75 9.21 -39.56
C4B BCL YC . 10.02 9.94 -39.79
CMB BCL YC . 8.42 6.57 -38.93
CAB BCL YC . 7.37 9.80 -39.65
OBB BCL YC . 7.23 10.90 -40.14
CBB BCL YC . 6.20 9.04 -39.14
NC BCL YC . 12.53 11.54 -40.32
C1C BCL YC . 11.27 11.99 -40.39
C2C BCL YC . 11.15 13.41 -40.82
C3C BCL YC . 12.56 13.74 -41.17
C4C BCL YC . 13.27 12.55 -40.64
CMC BCL YC . 10.23 13.52 -42.03
CAC BCL YC . 13.07 14.96 -40.41
CBC BCL YC . 12.37 16.22 -40.83
ND BCL YC . 14.98 10.47 -39.93
C1D BCL YC . 15.58 11.63 -40.23
C2D BCL YC . 17.08 11.59 -40.14
C3D BCL YC . 17.24 10.17 -39.78
C4D BCL YC . 16.03 9.62 -39.71
CMD BCL YC . 18.24 12.51 -40.32
CAD BCL YC . 18.26 9.16 -39.47
OBD BCL YC . 19.53 9.35 -39.47
CBD BCL YC . 17.58 7.87 -39.18
CGD BCL YC . 18.08 6.84 -40.13
O1D BCL YC . 18.05 7.05 -41.33
O2D BCL YC . 18.66 5.62 -39.64
CED BCL YC . 19.16 4.66 -40.57
C1 BCL YC . 16.51 2.40 -33.99
C2 BCL YC . 15.40 1.46 -33.58
C3 BCL YC . 15.62 0.14 -33.52
C4 BCL YC . 16.99 -0.37 -33.85
C5 BCL YC . 14.52 -0.81 -33.11
C6 BCL YC . 14.94 -2.23 -33.47
C7 BCL YC . 13.78 -3.22 -33.35
C8 BCL YC . 13.53 -3.94 -34.68
C9 BCL YC . 12.04 -4.01 -34.99
C10 BCL YC . 14.14 -5.34 -34.63
C11 BCL YC . 14.79 -5.69 -35.96
C12 BCL YC . 16.09 -6.47 -35.79
C13 BCL YC . 15.85 -7.96 -35.61
C14 BCL YC . 16.00 -8.36 -34.16
C15 BCL YC . 16.82 -8.74 -36.49
C16 BCL YC . 16.67 -8.37 -37.95
C17 BCL YC . 17.51 -9.29 -38.84
C18 BCL YC . 18.57 -8.51 -39.61
C19 BCL YC . 19.66 -8.02 -38.66
C20 BCL YC . 17.94 -7.35 -40.37
CM1 SPO ZC . 19.32 16.27 -26.43
O1 SPO ZC . 20.56 15.78 -26.93
C1 SPO ZC . 20.75 15.56 -28.32
C2 SPO ZC . 19.91 14.38 -28.76
C3 SPO ZC . 20.35 16.81 -29.08
C4 SPO ZC . 22.22 15.28 -28.55
C5 SPO ZC . 22.61 13.92 -28.01
C6 SPO ZC . 23.38 13.20 -28.80
C7 SPO ZC . 23.86 11.85 -28.49
C8 SPO ZC . 23.81 11.29 -27.10
C9 SPO ZC . 24.37 11.15 -29.50
C10 SPO ZC . 24.90 9.80 -29.37
C11 SPO ZC . 25.21 9.18 -30.50
C12 SPO ZC . 25.75 7.82 -30.52
C13 SPO ZC . 26.63 7.33 -29.41
C14 SPO ZC . 25.44 7.05 -31.57
C15 SPO ZC . 25.91 5.68 -31.71
C16 SPO ZC . 25.50 5.01 -32.78
C17 SPO ZC . 25.90 3.63 -33.02
C18 SPO ZC . 27.04 3.01 -32.27
C19 SPO ZC . 25.23 2.90 -33.92
C20 SPO ZC . 25.62 1.52 -34.16
C21 SPO ZC . 24.94 0.79 -35.03
C22 SPO ZC . 25.34 -0.59 -35.25
C23 SPO ZC . 24.50 -1.45 -35.82
C24 SPO ZC . 23.14 -1.01 -36.27
C25 SPO ZC . 24.94 -2.84 -36.01
C26 SPO ZC . 24.07 -3.77 -36.38
C27 SPO ZC . 24.54 -5.13 -36.54
C28 SPO ZC . 23.84 -6.03 -37.23
C29 SPO ZC . 22.52 -5.67 -37.85
C30 SPO ZC . 24.37 -7.43 -37.36
C31 SPO ZC . 23.81 -8.28 -36.24
C32 SPO ZC . 24.93 -9.08 -35.62
C33 SPO ZC . 25.11 -10.36 -35.93
C34 SPO ZC . 24.19 -11.02 -36.93
C35 SPO ZC . 26.22 -11.15 -35.31
C36 SPO ZC . 26.09 -12.60 -35.75
C37 SPO ZC . 27.42 -13.17 -36.13
C38 SPO ZC . 28.02 -14.04 -35.31
C39 SPO ZC . 27.34 -14.41 -34.03
C40 SPO ZC . 29.35 -14.63 -35.66
CM1 SPO AD . 8.27 20.24 -55.80
O1 SPO AD . 8.78 19.09 -55.10
C1 SPO AD . 8.81 19.09 -53.68
C2 SPO AD . 9.69 20.25 -53.22
C3 SPO AD . 7.40 19.22 -53.15
C4 SPO AD . 9.42 17.77 -53.21
C5 SPO AD . 10.85 17.69 -53.70
C6 SPO AD . 11.93 17.54 -52.93
C7 SPO AD . 12.00 17.41 -51.46
C8 SPO AD . 11.38 18.43 -50.55
C9 SPO AD . 12.68 16.37 -50.94
C10 SPO AD . 12.85 16.13 -49.51
C11 SPO AD . 13.47 15.00 -49.17
C12 SPO AD . 13.75 14.56 -47.79
C13 SPO AD . 13.87 15.53 -46.65
C14 SPO AD . 13.92 13.25 -47.57
C15 SPO AD . 14.24 12.67 -46.27
C16 SPO AD . 14.43 11.36 -46.25
C17 SPO AD . 14.79 10.59 -45.04
C18 SPO AD . 15.05 11.28 -43.75
C19 SPO AD . 14.89 9.25 -45.15
C20 SPO AD . 15.27 8.37 -44.04
C21 SPO AD . 15.35 7.06 -44.27
C22 SPO AD . 15.77 6.15 -43.22
C23 SPO AD . 15.54 4.82 -43.23
C24 SPO AD . 14.78 4.17 -44.35
C25 SPO AD . 16.05 4.04 -42.09
C26 SPO AD . 15.90 2.73 -41.87
C27 SPO AD . 16.51 2.26 -40.64
C28 SPO AD . 16.23 1.10 -40.02
C29 SPO AD . 15.20 0.17 -40.57
C30 SPO AD . 16.96 0.78 -38.74
C31 SPO AD . 17.24 -0.71 -38.58
C32 SPO AD . 18.37 -0.88 -37.58
C33 SPO AD . 18.40 -1.89 -36.71
C34 SPO AD . 17.30 -2.91 -36.70
C35 SPO AD . 19.58 -1.99 -35.75
C36 SPO AD . 19.29 -2.95 -34.59
C37 SPO AD . 19.87 -4.32 -34.90
C38 SPO AD . 20.42 -5.07 -33.95
C39 SPO AD . 20.48 -4.60 -32.52
C40 SPO AD . 20.97 -6.42 -34.30
C1B LMT BD . 21.13 -14.47 -20.71
C2B LMT BD . 20.19 -15.68 -20.78
C3B LMT BD . 19.72 -16.07 -19.38
C4B LMT BD . 20.89 -16.21 -18.42
C5B LMT BD . 21.87 -15.05 -18.53
C6B LMT BD . 23.13 -15.28 -17.71
O1B LMT BD . 20.47 -13.33 -20.16
O2B LMT BD . 19.07 -15.38 -21.62
O3B LMT BD . 19.03 -17.32 -19.47
O4' LMT BD . 20.37 -16.26 -17.09
O5B LMT BD . 22.23 -14.83 -19.89
O6B LMT BD . 22.89 -14.90 -16.35
C1' LMT BD . 20.40 -9.25 -20.93
C2' LMT BD . 20.39 -10.14 -22.16
C3' LMT BD . 20.11 -11.60 -21.80
C4' LMT BD . 20.99 -12.09 -20.65
C5' LMT BD . 21.01 -11.07 -19.52
C6' LMT BD . 22.02 -11.47 -18.44
O1' LMT BD . 20.78 -7.93 -21.32
O2' LMT BD . 19.40 -9.69 -23.07
O3' LMT BD . 20.32 -12.42 -22.96
O5' LMT BD . 21.36 -9.78 -20.00
O6' LMT BD . 23.34 -11.16 -18.89
C1 LMT BD . 20.64 -6.98 -20.27
C2 LMT BD . 21.16 -5.60 -20.68
C3 LMT BD . 22.67 -5.50 -20.50
C4 LMT BD . 23.06 -4.39 -19.53
C5 LMT BD . 23.26 -3.06 -20.26
C6 LMT BD . 23.51 -1.94 -19.26
C7 LMT BD . 23.94 -0.66 -19.97
MG BCL CD . 21.07 13.75 -36.74
CHA BCL CD . 19.90 10.59 -36.14
CHB BCL CD . 24.02 12.82 -35.39
CHC BCL CD . 22.12 16.89 -37.16
CHD BCL CD . 17.78 14.88 -37.09
NA BCL CD . 21.89 12.00 -36.15
C1A BCL CD . 21.34 10.84 -36.12
C2A BCL CD . 22.31 9.73 -35.88
C3A BCL CD . 23.49 10.47 -35.33
C4A BCL CD . 23.13 11.87 -35.65
CMA BCL CD . 23.58 10.32 -33.82
CAA BCL CD . 22.68 8.99 -37.15
CBA BCL CD . 22.94 7.52 -36.85
CGA BCL CD . 24.41 7.21 -36.86
O1A BCL CD . 24.90 6.51 -37.72
O2A BCL CD . 25.31 7.75 -35.84
NB BCL CD . 22.81 14.72 -36.30
C1B BCL CD . 23.94 14.22 -35.78
C2B BCL CD . 25.07 15.17 -35.61
C3B BCL CD . 24.47 16.40 -36.15
C4B BCL CD . 23.11 16.01 -36.55
CMB BCL CD . 26.42 14.84 -35.02
CAB BCL CD . 25.03 17.78 -36.28
OBB BCL CD . 24.29 18.70 -36.52
CBB BCL CD . 26.51 18.00 -36.14
NC BCL CD . 20.19 15.50 -37.09
C1C BCL CD . 20.82 16.68 -37.22
C2C BCL CD . 19.92 17.83 -37.49
C3C BCL CD . 18.58 17.19 -37.44
C4C BCL CD . 18.93 15.76 -37.20
CMC BCL CD . 20.04 18.86 -36.37
CAC BCL CD . 17.80 17.28 -38.74
CBC BCL CD . 17.07 18.61 -38.84
ND BCL CD . 19.17 13.02 -36.63
C1D BCL CD . 17.94 13.47 -36.81
C2D BCL CD . 16.88 12.44 -36.64
C3D BCL CD . 17.74 11.27 -36.37
C4D BCL CD . 19.00 11.68 -36.40
CMD BCL CD . 15.39 12.37 -36.69
CAD BCL CD . 17.70 9.82 -36.08
OBD BCL CD . 16.64 9.10 -35.98
CBD BCL CD . 19.10 9.33 -35.95
CGD BCL CD . 19.33 8.59 -34.67
O1D BCL CD . 19.43 9.17 -33.61
O2D BCL CD . 19.40 7.15 -34.71
CED BCL CD . 19.89 6.42 -33.58
C1 BCL CD . 26.69 7.44 -35.91
C2 BCL CD . 27.33 8.45 -36.84
C3 BCL CD . 27.90 9.56 -36.35
C4 BCL CD . 27.92 9.81 -34.86
C5 BCL CD . 28.54 10.56 -37.29
C6 BCL CD . 27.58 10.85 -38.44
C7 BCL CD . 26.62 11.97 -38.06
C8 BCL CD . 25.48 12.15 -39.06
C9 BCL CD . 25.23 10.88 -39.87
C10 BCL CD . 25.80 13.34 -39.94
C11 BCL CD . 25.39 14.63 -39.23
C12 BCL CD . 26.47 15.70 -39.36
C13 BCL CD . 25.92 16.96 -40.01
C14 BCL CD . 25.43 16.67 -41.43
C15 BCL CD . 27.00 18.05 -40.00
C16 BCL CD . 26.60 19.23 -40.87
C17 BCL CD . 27.76 20.23 -41.04
C18 BCL CD . 27.94 20.68 -42.48
C19 BCL CD . 28.12 22.19 -42.58
C20 BCL CD . 26.79 20.23 -43.39
CM1 SPO DD . 24.93 30.26 -45.25
O1 SPO DD . 25.88 29.83 -44.27
C1 SPO DD . 26.70 28.69 -44.53
C2 SPO DD . 25.89 27.43 -44.25
C3 SPO DD . 27.12 28.71 -45.99
C4 SPO DD . 27.93 28.75 -43.63
C5 SPO DD . 27.74 28.00 -42.34
C6 SPO DD . 28.62 27.08 -41.97
C7 SPO DD . 28.42 26.33 -40.70
C8 SPO DD . 27.20 26.62 -39.90
C9 SPO DD . 29.29 25.42 -40.27
C10 SPO DD . 29.01 24.72 -39.01
C11 SPO DD . 29.58 23.55 -38.76
C12 SPO DD . 29.32 22.82 -37.51
C13 SPO DD . 28.66 23.49 -36.35
C14 SPO DD . 29.70 21.54 -37.41
C15 SPO DD . 29.51 20.72 -36.21
C16 SPO DD . 29.91 19.47 -36.29
C17 SPO DD . 29.79 18.52 -35.16
C18 SPO DD . 29.24 19.00 -33.87
C19 SPO DD . 30.20 17.25 -35.30
C20 SPO DD . 30.14 16.25 -34.24
C21 SPO DD . 30.47 15.00 -34.52
C22 SPO DD . 30.46 13.96 -33.50
C23 SPO DD . 30.62 12.64 -33.77
C24 SPO DD . 30.82 12.16 -35.18
C25 SPO DD . 30.61 11.70 -32.63
C26 SPO DD . 30.68 10.36 -32.72
C27 SPO DD . 30.66 9.60 -31.46
C28 SPO DD . 30.37 8.29 -31.41
C29 SPO DD . 30.03 7.56 -32.67
C30 SPO DD . 30.37 7.57 -30.08
C31 SPO DD . 30.86 6.14 -30.22
C32 SPO DD . 30.93 5.49 -28.85
C33 SPO DD . 30.32 4.33 -28.61
C34 SPO DD . 29.56 3.62 -29.70
C35 SPO DD . 30.37 3.69 -27.24
C36 SPO DD . 31.73 3.04 -26.97
C37 SPO DD . 32.38 3.76 -25.81
C38 SPO DD . 32.27 3.34 -24.55
C39 SPO DD . 31.48 2.11 -24.19
C40 SPO DD . 32.96 4.10 -23.45
MG BCL ED . 26.59 17.42 -31.59
CHA BCL ED . 29.38 16.11 -30.13
CHB BCL ED . 25.17 14.39 -31.63
CHC BCL ED . 23.68 18.90 -32.51
CHD BCL ED . 27.89 20.66 -31.14
NA BCL ED . 27.19 15.57 -31.12
C1A BCL ED . 28.31 15.19 -30.60
C2A BCL ED . 28.46 13.70 -30.50
C3A BCL ED . 27.18 13.20 -31.10
C4A BCL ED . 26.45 14.47 -31.31
CMA BCL ED . 27.35 12.48 -32.43
CAA BCL ED . 28.51 13.23 -29.06
CBA BCL ED . 28.67 11.72 -29.00
CGA BCL ED . 28.88 11.32 -27.56
O1A BCL ED . 29.08 12.17 -26.71
O2A BCL ED . 28.87 9.93 -27.17
NB BCL ED . 24.71 16.76 -31.99
C1B BCL ED . 24.28 15.49 -31.98
C2B BCL ED . 22.86 15.25 -32.33
C3B BCL ED . 22.41 16.62 -32.59
C4B BCL ED . 23.62 17.45 -32.36
CMB BCL ED . 22.15 13.93 -32.36
CAB BCL ED . 21.08 17.14 -32.99
OBB BCL ED . 20.74 18.25 -32.65
CBB BCL ED . 20.17 16.26 -33.80
NC BCL ED . 25.99 19.29 -31.98
C1C BCL ED . 24.80 19.62 -32.49
C2C BCL ED . 24.73 21.02 -33.01
C3C BCL ED . 25.94 21.61 -32.37
C4C BCL ED . 26.62 20.40 -31.81
CMC BCL ED . 24.85 21.04 -34.52
CAC BCL ED . 25.56 22.54 -31.23
CBC BCL ED . 26.40 23.80 -31.23
ND BCL ED . 28.23 18.32 -30.79
C1D BCL ED . 28.72 19.57 -30.66
C2D BCL ED . 30.07 19.62 -30.01
C3D BCL ED . 30.29 18.18 -29.82
C4D BCL ED . 29.23 17.54 -30.29
CMD BCL ED . 31.08 20.64 -29.57
CAD BCL ED . 31.26 17.22 -29.28
OBD BCL ED . 32.39 17.49 -28.74
CBD BCL ED . 30.70 15.85 -29.44
CGD BCL ED . 31.66 15.00 -30.21
O1D BCL ED . 32.01 15.30 -31.34
O2D BCL ED . 32.21 13.82 -29.56
CED BCL ED . 32.89 12.84 -30.32
C1 BCL ED . 28.61 9.59 -25.81
C2 BCL ED . 27.53 8.54 -25.75
C3 BCL ED . 27.81 7.29 -25.36
C4 BCL ED . 29.21 6.91 -24.96
C5 BCL ED . 26.69 6.26 -25.32
C6 BCL ED . 27.20 4.91 -24.86
C7 BCL ED . 26.30 3.79 -25.36
C8 BCL ED . 26.90 3.11 -26.60
C9 BCL ED . 26.29 3.70 -27.88
C10 BCL ED . 26.65 1.61 -26.53
C11 BCL ED . 27.19 0.89 -27.76
C12 BCL ED . 28.64 0.45 -27.56
C13 BCL ED . 29.19 -0.21 -28.82
C14 BCL ED . 28.47 -1.52 -29.11
C15 BCL ED . 30.69 -0.44 -28.65
C16 BCL ED . 31.22 -1.47 -29.64
C17 BCL ED . 32.60 -1.08 -30.16
C18 BCL ED . 32.49 -0.50 -31.56
C19 BCL ED . 33.56 -1.10 -32.46
C20 BCL ED . 32.59 1.01 -31.55
CM1 SPO FD . 27.02 21.92 -15.87
O1 SPO FD . 28.42 21.93 -16.12
C1 SPO FD . 28.93 21.54 -17.39
C2 SPO FD . 28.44 20.12 -17.70
C3 SPO FD . 28.41 22.51 -18.44
C4 SPO FD . 30.44 21.57 -17.34
C5 SPO FD . 30.99 20.36 -16.62
C6 SPO FD . 31.90 19.66 -17.28
C7 SPO FD . 32.54 18.45 -16.73
C8 SPO FD . 32.50 18.15 -15.27
C9 SPO FD . 33.17 17.65 -17.60
C10 SPO FD . 33.86 16.43 -17.25
C11 SPO FD . 34.49 15.84 -18.27
C12 SPO FD . 35.25 14.60 -18.20
C13 SPO FD . 35.69 14.01 -16.89
C14 SPO FD . 35.53 14.01 -19.36
C15 SPO FD . 36.26 12.75 -19.48
C16 SPO FD . 36.18 12.16 -20.67
C17 SPO FD . 36.83 10.88 -20.99
C18 SPO FD . 37.81 10.26 -20.03
C19 SPO FD . 36.53 10.28 -22.15
C20 SPO FD . 37.13 9.01 -22.54
C21 SPO FD . 36.73 8.39 -23.65
C22 SPO FD . 37.35 7.11 -24.01
C23 SPO FD . 36.78 6.30 -24.91
C24 SPO FD . 35.51 6.69 -25.58
C25 SPO FD . 37.44 5.02 -25.24
C26 SPO FD . 36.86 4.13 -26.04
C27 SPO FD . 37.54 2.87 -26.35
C28 SPO FD . 36.98 1.99 -27.18
C29 SPO FD . 35.65 2.30 -27.79
C30 SPO FD . 37.67 0.68 -27.51
C31 SPO FD . 37.06 -0.41 -26.64
C32 SPO FD . 37.46 -1.81 -27.07
C33 SPO FD . 38.25 -2.55 -26.29
C34 SPO FD . 38.75 -1.99 -25.00
C35 SPO FD . 38.65 -3.96 -26.69
C36 SPO FD . 39.90 -4.37 -25.89
C37 SPO FD . 39.74 -5.73 -25.27
C38 SPO FD . 40.79 -6.57 -25.17
C39 SPO FD . 42.14 -6.15 -25.68
C40 SPO FD . 40.62 -7.92 -24.55
CM1 SPO GD . 30.14 25.88 -2.42
O1 SPO GD . 31.54 26.08 -2.23
C1 SPO GD . 32.43 25.97 -3.33
C2 SPO GD . 32.20 24.64 -4.03
C3 SPO GD . 32.19 27.13 -4.29
C4 SPO GD . 33.85 26.06 -2.81
C5 SPO GD . 34.27 24.80 -2.08
C6 SPO GD . 35.33 24.16 -2.55
C7 SPO GD . 35.89 22.94 -1.97
C8 SPO GD . 35.56 22.51 -0.57
C9 SPO GD . 36.73 22.23 -2.72
C10 SPO GD . 37.39 21.00 -2.30
C11 SPO GD . 38.36 20.59 -3.11
C12 SPO GD . 39.17 19.39 -2.91
C13 SPO GD . 39.41 18.80 -1.55
C14 SPO GD . 39.71 18.86 -4.00
C15 SPO GD . 40.56 17.67 -4.03
C16 SPO GD . 40.95 17.29 -5.24
C17 SPO GD . 41.81 16.13 -5.51
C18 SPO GD . 42.41 15.32 -4.39
C19 SPO GD . 42.03 15.80 -6.79
C20 SPO GD . 42.87 14.67 -7.14
C21 SPO GD . 42.88 14.26 -8.40
C22 SPO GD . 43.71 13.13 -8.80
C23 SPO GD . 43.53 12.53 -9.98
C24 SPO GD . 42.47 13.01 -10.93
C25 SPO GD . 44.38 11.40 -10.36
C26 SPO GD . 44.09 10.62 -11.40
C27 SPO GD . 45.00 9.53 -11.69
C28 SPO GD . 44.75 8.63 -12.66
C29 SPO GD . 43.50 8.71 -13.48
C30 SPO GD . 45.75 7.53 -12.91
C31 SPO GD . 45.08 6.19 -12.66
C32 SPO GD . 45.86 5.40 -11.63
C33 SPO GD . 46.65 4.39 -12.02
C34 SPO GD . 46.77 4.11 -13.48
C35 SPO GD . 47.44 3.57 -11.02
C36 SPO GD . 48.09 2.40 -11.73
C37 SPO GD . 49.00 1.61 -10.82
C38 SPO GD . 48.68 0.36 -10.46
C39 SPO GD . 49.58 -0.44 -9.56
C40 SPO GD . 47.41 -0.24 -10.95
MG BCL HD . 32.56 21.13 -25.06
CHA BCL HD . 31.54 17.86 -25.27
CHB BCL HD . 35.11 20.17 -23.09
CHC BCL HD . 33.21 24.40 -24.47
CHD BCL HD . 29.49 22.14 -26.44
NA BCL HD . 33.29 19.37 -24.44
C1A BCL HD . 32.86 18.19 -24.70
C2A BCL HD . 33.76 17.09 -24.26
C3A BCL HD . 34.58 17.81 -23.22
C4A BCL HD . 34.32 19.22 -23.60
CMA BCL HD . 34.03 17.56 -21.83
CAA BCL HD . 34.63 16.60 -25.40
CBA BCL HD . 34.72 15.08 -25.39
CGA BCL HD . 35.71 14.60 -24.35
O1A BCL HD . 35.58 13.52 -23.82
O2A BCL HD . 36.85 15.42 -23.99
NB BCL HD . 33.94 22.13 -23.94
C1B BCL HD . 34.92 21.62 -23.19
C2B BCL HD . 35.80 22.57 -22.48
C3B BCL HD . 35.22 23.85 -22.91
C4B BCL HD . 34.10 23.46 -23.80
CMB BCL HD . 36.97 22.25 -21.58
CAB BCL HD . 35.62 25.25 -22.58
OBB BCL HD . 35.43 26.14 -23.39
CBB BCL HD . 36.23 25.55 -21.25
NC BCL HD . 31.68 22.88 -25.50
C1C BCL HD . 32.19 24.09 -25.26
C2C BCL HD . 31.45 25.20 -25.88
C3C BCL HD . 30.17 24.50 -26.27
C4C BCL HD . 30.53 23.08 -26.04
CMC BCL HD . 31.15 26.28 -24.84
CAC BCL HD . 29.80 24.69 -27.72
CBC BCL HD . 29.30 26.10 -27.95
ND BCL HD . 30.81 20.30 -25.72
C1D BCL HD . 29.67 20.71 -26.27
C2D BCL HD . 28.73 19.60 -26.61
C3D BCL HD . 29.54 18.46 -26.17
C4D BCL HD . 30.69 18.94 -25.71
CMD BCL HD . 27.36 19.44 -27.19
CAD BCL HD . 29.54 16.99 -26.08
OBD BCL HD . 28.58 16.22 -26.44
CBD BCL HD . 30.85 16.55 -25.51
CGD BCL HD . 30.66 15.70 -24.30
O1D BCL HD . 30.14 16.13 -23.28
O2D BCL HD . 31.07 14.30 -24.35
CED BCL HD . 30.91 13.47 -23.22
C1 BCL HD . 38.13 14.83 -23.84
C2 BCL HD . 39.01 15.45 -24.90
C3 BCL HD . 39.65 16.59 -24.63
C4 BCL HD . 39.52 17.22 -23.28
C5 BCL HD . 40.53 17.22 -25.69
C6 BCL HD . 40.53 18.73 -25.49
C7 BCL HD . 39.53 19.43 -26.42
C8 BCL HD . 38.08 19.28 -25.93
C9 BCL HD . 37.26 18.53 -26.96
C10 BCL HD . 37.46 20.63 -25.58
C11 BCL HD . 38.18 21.82 -26.21
C12 BCL HD . 37.98 23.07 -25.35
C13 BCL HD . 37.93 24.36 -26.17
C14 BCL HD . 38.58 24.21 -27.54
C15 BCL HD . 38.58 25.49 -25.37
C16 BCL HD . 38.60 26.78 -26.19
C17 BCL HD . 39.65 27.75 -25.67
C18 BCL HD . 40.27 28.57 -26.80
C19 BCL HD . 41.76 28.76 -26.58
C20 BCL HD . 39.58 29.92 -26.97
CM1 SPO ID . 37.97 39.13 -29.26
O1 SPO ID . 39.09 38.79 -28.44
C1 SPO ID . 39.19 37.48 -27.87
C2 SPO ID . 38.12 37.37 -26.78
C3 SPO ID . 38.96 36.43 -28.95
C4 SPO ID . 40.59 37.30 -27.27
C5 SPO ID . 40.51 36.73 -25.88
C6 SPO ID . 40.76 35.44 -25.70
C7 SPO ID . 40.68 34.83 -24.37
C8 SPO ID . 41.10 35.62 -23.15
C9 SPO ID . 40.24 33.58 -24.25
C10 SPO ID . 40.11 32.87 -22.99
C11 SPO ID . 39.78 31.59 -23.07
C12 SPO ID . 39.59 30.74 -21.89
C13 SPO ID . 39.42 31.33 -20.53
C14 SPO ID . 39.55 29.41 -22.07
C15 SPO ID . 39.37 28.45 -20.97
C16 SPO ID . 39.72 27.21 -21.25
C17 SPO ID . 39.60 26.09 -20.30
C18 SPO ID . 39.02 26.31 -18.94
C19 SPO ID . 40.02 24.88 -20.67
C20 SPO ID . 39.93 23.73 -19.79
C21 SPO ID . 40.33 22.54 -20.22
C22 SPO ID . 40.24 21.39 -19.35
C23 SPO ID . 40.46 20.15 -19.79
C24 SPO ID . 40.81 19.91 -21.22
C25 SPO ID . 40.34 19.02 -18.84
C26 SPO ID . 40.45 17.75 -19.20
C27 SPO ID . 40.29 16.68 -18.21
C28 SPO ID . 39.58 15.60 -18.59
C29 SPO ID . 39.01 15.56 -19.97
C30 SPO ID . 39.32 14.43 -17.67
C31 SPO ID . 40.41 14.21 -16.63
C32 SPO ID . 40.21 12.84 -16.03
C33 SPO ID . 41.25 12.07 -15.66
C34 SPO ID . 42.66 12.57 -15.82
C35 SPO ID . 41.02 10.70 -15.06
C36 SPO ID . 40.05 10.76 -13.88
C37 SPO ID . 39.88 9.37 -13.31
C38 SPO ID . 39.79 9.14 -11.99
C39 SPO ID . 39.84 10.27 -11.01
C40 SPO ID . 39.61 7.75 -11.48
N1 LDA JD . 20.74 32.46 -17.38
O1 LDA JD . 21.66 32.30 -18.23
CM1 LDA JD . 21.16 33.47 -16.39
CM2 LDA JD . 19.54 32.93 -18.07
C1 LDA JD . 20.47 31.19 -16.71
C2 LDA JD . 21.73 30.65 -16.06
C3 LDA JD . 21.58 29.20 -15.62
C4 LDA JD . 20.96 29.10 -14.23
C5 LDA JD . 21.19 27.70 -13.64
C6 LDA JD . 21.29 27.77 -12.12
C7 LDA JD . 21.73 26.45 -11.54
C8 LDA JD . 22.01 26.57 -10.05
C1 CDL KD . 32.83 -4.54 -2.70
O1 CDL KD . 31.98 -3.38 -2.80
CA2 CDL KD . 33.38 -4.64 -1.28
OA2 CDL KD . 32.30 -4.31 -0.40
PA1 CDL KD . 32.53 -3.98 1.16
OA3 CDL KD . 32.59 -5.27 1.93
OA4 CDL KD . 33.63 -2.96 1.28
OA5 CDL KD . 31.13 -3.25 1.51
CA3 CDL KD . 30.78 -2.95 2.86
CA4 CDL KD . 29.54 -2.08 2.87
OA6 CDL KD . 29.23 -1.70 4.20
CA6 CDL KD . 28.36 -2.84 2.27
OA8 CDL KD . 27.17 -2.47 2.96
CA7 CDL KD . 25.87 -2.55 2.29
OA9 CDL KD . 25.79 -3.13 1.23
C31 CDL KD . 24.67 -1.92 2.94
C32 CDL KD . 23.52 -1.88 1.93
C33 CDL KD . 22.48 -0.84 2.34
C34 CDL KD . 21.48 -0.60 1.22
C35 CDL KD . 20.37 0.35 1.65
C36 CDL KD . 19.50 -0.29 2.74
C37 CDL KD . 18.08 0.25 2.68
C38 CDL KD . 17.23 -0.34 3.80
C39 CDL KD . 15.74 -0.23 3.46
CB2 CDL KD . 33.97 -4.41 -3.70
OB2 CDL KD . 33.43 -3.91 -4.92
PB2 CDL KD . 34.40 -3.44 -6.12
OB3 CDL KD . 34.91 -4.67 -6.82
OB4 CDL KD . 35.35 -2.42 -5.56
OB5 CDL KD . 33.38 -2.68 -7.11
CB3 CDL KD . 33.86 -1.84 -8.15
CB4 CDL KD . 32.74 -0.90 -8.61
OB6 CDL KD . 33.31 0.28 -9.17
CB5 CDL KD . 32.50 0.88 -10.21
OB7 CDL KD . 31.40 0.42 -10.47
C51 CDL KD . 33.02 2.08 -10.96
C52 CDL KD . 34.35 1.73 -11.59
C53 CDL KD . 35.12 2.99 -12.01
CB6 CDL KD . 31.86 -0.54 -7.42
OB8 CDL KD . 32.66 0.07 -6.40
CB7 CDL KD . 32.02 0.57 -5.19
OB9 CDL KD . 30.88 0.19 -4.91
C71 CDL KD . 32.74 1.55 -4.31
C72 CDL KD . 31.75 2.22 -3.37
C73 CDL KD . 32.47 3.20 -2.44
C74 CDL KD . 31.61 4.43 -2.17
C75 CDL KD . 31.17 5.07 -3.47
C76 CDL KD . 30.97 6.58 -3.31
MG BCL LD . 35.32 24.03 -17.47
CHA BCL LD . 37.79 22.47 -15.69
CHB BCL LD . 34.52 21.10 -18.92
CHC BCL LD . 33.09 25.69 -19.40
CHD BCL LD . 36.58 27.15 -16.44
NA BCL LD . 35.91 22.12 -17.24
C1A BCL LD . 36.81 21.66 -16.45
C2A BCL LD . 36.94 20.17 -16.46
C3A BCL LD . 36.04 19.78 -17.60
C4A BCL LD . 35.43 21.09 -17.96
CMA BCL LD . 36.82 19.25 -18.78
CAA BCL LD . 36.49 19.53 -15.17
CBA BCL LD . 37.32 18.28 -14.94
CGA BCL LD . 36.50 17.27 -14.20
O1A BCL LD . 35.37 17.53 -13.84
O2A BCL LD . 37.02 15.95 -13.90
NB BCL LD . 34.01 23.50 -18.96
C1B BCL LD . 33.77 22.26 -19.42
C2B BCL LD . 32.75 22.13 -20.49
C3B BCL LD . 32.32 23.53 -20.62
C4B BCL LD . 33.15 24.26 -19.64
CMB BCL LD . 32.30 20.88 -21.20
CAB BCL LD . 31.29 24.16 -21.52
OBB BCL LD . 31.37 25.33 -21.79
CBB BCL LD . 30.16 23.33 -22.03
NC BCL LD . 34.88 25.95 -17.83
C1C BCL LD . 33.91 26.40 -18.65
C2C BCL LD . 33.80 27.88 -18.72
C3C BCL LD . 34.91 28.32 -17.83
C4C BCL LD . 35.45 27.01 -17.36
CMC BCL LD . 34.07 28.33 -20.14
CAC BCL LD . 34.44 29.12 -16.62
CBC BCL LD . 33.87 30.45 -17.03
ND BCL LD . 36.84 24.78 -16.35
C1D BCL LD . 37.28 25.99 -15.96
C2D BCL LD . 38.47 25.93 -15.06
C3D BCL LD . 38.63 24.47 -14.98
C4D BCL LD . 37.68 23.92 -15.71
CMD BCL LD . 39.37 26.88 -14.34
CAD BCL LD . 39.47 23.42 -14.39
OBD BCL LD . 40.48 23.60 -13.61
CBD BCL LD . 38.93 22.09 -14.80
CGD BCL LD . 40.00 21.24 -15.39
O1D BCL LD . 40.61 21.60 -16.38
O2D BCL LD . 40.35 19.98 -14.77
CED BCL LD . 41.21 19.08 -15.45
C1 BCL LD . 36.68 15.39 -12.65
C2 BCL LD . 35.70 14.25 -12.82
C3 BCL LD . 36.13 12.99 -12.65
C4 BCL LD . 37.56 12.73 -12.29
C5 BCL LD . 35.17 11.84 -12.81
C6 BCL LD . 34.70 11.79 -14.25
C7 BCL LD . 35.53 10.78 -15.02
C8 BCL LD . 34.65 9.72 -15.66
C9 BCL LD . 34.06 8.76 -14.62
C10 BCL LD . 35.43 9.02 -16.76
C11 BCL LD . 35.73 7.56 -16.44
C12 BCL LD . 37.12 7.41 -15.85
C13 BCL LD . 38.06 6.75 -16.85
C14 BCL LD . 37.44 5.49 -17.43
C15 BCL LD . 39.39 6.47 -16.18
C16 BCL LD . 40.30 5.64 -17.08
C17 BCL LD . 41.20 6.51 -17.94
C18 BCL LD . 42.55 5.83 -18.16
C19 BCL LD . 43.14 5.32 -16.86
C20 BCL LD . 43.53 6.77 -18.87
P PGV MD . 36.54 2.21 2.87
C01 PGV MD . 34.93 5.39 1.13
C02 PGV MD . 36.38 5.38 0.69
C03 PGV MD . 37.03 4.07 1.08
C04 PGV MD . 36.25 1.10 5.21
C05 PGV MD . 35.12 1.20 6.23
C06 PGV MD . 35.00 2.64 6.73
O01 PGV MD . 37.04 6.47 1.32
O02 PGV MD . 37.87 7.02 -0.77
O03 PGV MD . 34.46 6.73 1.06
O04 PGV MD . 32.26 6.12 1.40
O05 PGV MD . 35.38 0.31 7.32
O06 PGV MD . 33.79 2.80 7.47
O11 PGV MD . 36.64 3.76 2.41
O12 PGV MD . 36.31 2.30 4.45
O13 PGV MD . 37.87 1.57 2.59
O14 PGV MD . 35.29 1.63 2.26
C1 PGV MD . 37.52 7.41 0.33
C2 PGV MD . 37.60 8.88 0.67
C3 PGV MD . 38.29 9.06 2.01
C4 PGV MD . 38.08 10.48 2.49
C5 PGV MD . 36.59 10.82 2.45
C6 PGV MD . 36.34 12.16 1.77
C7 PGV MD . 35.74 11.96 0.38
C8 PGV MD . 34.71 13.04 0.09
C9 PGV MD . 33.51 12.88 1.03
C10 PGV MD . 32.38 13.81 0.64
C11 PGV MD . 31.91 13.48 -0.77
C12 PGV MD . 30.63 13.27 -1.01
C13 PGV MD . 30.19 12.94 -2.42
C14 PGV MD . 29.30 11.69 -2.42
C19 PGV MD . 33.05 7.04 1.23
C20 PGV MD . 32.60 8.48 1.20
C21 PGV MD . 31.10 8.59 1.42
C22 PGV MD . 30.75 8.63 2.90
C23 PGV MD . 29.47 9.43 3.13
C24 PGV MD . 29.62 10.84 2.55
C25 PGV MD . 28.54 11.78 3.05
C26 PGV MD . 28.95 13.24 2.81
C27 PGV MD . 28.20 13.85 1.62
C28 PGV MD . 26.77 14.22 2.02
C29 PGV MD . 26.02 14.90 0.89
C30 PGV MD . 24.55 15.03 1.23
MG BCL ND . 38.60 26.75 -9.19
CHA BCL ND . 37.94 23.56 -10.25
CHB BCL ND . 40.29 25.45 -6.56
CHC BCL ND . 38.94 29.89 -8.00
CHD BCL ND . 36.13 27.95 -11.37
NA BCL ND . 39.20 24.90 -8.63
C1A BCL ND . 38.97 23.79 -9.22
C2A BCL ND . 39.78 22.64 -8.70
C3A BCL ND . 40.19 23.17 -7.36
C4A BCL ND . 39.89 24.62 -7.52
CMA BCL ND . 39.31 22.56 -6.27
CAA BCL ND . 40.97 22.36 -9.59
CBA BCL ND . 41.05 20.86 -9.82
CGA BCL ND . 42.11 20.23 -8.94
O1A BCL ND . 42.87 19.42 -9.42
O2A BCL ND . 42.23 20.57 -7.55
NB BCL ND . 39.46 27.55 -7.53
C1B BCL ND . 40.14 26.92 -6.55
C2B BCL ND . 40.68 27.76 -5.46
C3B BCL ND . 40.26 29.11 -5.91
C4B BCL ND . 39.55 28.84 -7.19
CMB BCL ND . 41.45 27.31 -4.25
CAB BCL ND . 40.48 30.45 -5.31
OBB BCL ND . 40.51 31.43 -6.02
CBB BCL ND . 40.63 30.59 -3.83
NC BCL ND . 37.81 28.54 -9.62
C1C BCL ND . 38.14 29.70 -9.04
C2C BCL ND . 37.51 30.89 -9.66
C3C BCL ND . 36.50 30.25 -10.55
C4C BCL ND . 36.88 28.82 -10.47
CMC BCL ND . 36.81 31.75 -8.62
CAC BCL ND . 36.63 30.70 -12.00
CBC BCL ND . 35.87 31.98 -12.23
ND BCL ND . 37.25 26.03 -10.53
C1D BCL ND . 36.33 26.52 -11.37
C2D BCL ND . 35.65 25.47 -12.20
C3D BCL ND . 36.34 24.28 -11.70
C4D BCL ND . 37.23 24.68 -10.80
CMD BCL ND . 34.57 25.44 -13.24
CAD BCL ND . 36.42 22.81 -11.85
OBD BCL ND . 35.71 22.10 -12.64
CBD BCL ND . 37.48 22.30 -10.93
CGD BCL ND . 36.98 21.19 -10.04
O1D BCL ND . 36.39 21.41 -9.00
O2D BCL ND . 37.19 19.83 -10.45
CED BCL ND . 37.07 18.78 -9.50
C1 BCL ND . 43.21 19.87 -6.78
C2 BCL ND . 44.55 20.52 -7.02
C3 BCL ND . 44.97 21.49 -6.20
C4 BCL ND . 44.11 21.94 -5.06
C5 BCL ND . 46.31 22.14 -6.45
C6 BCL ND . 46.20 23.01 -7.70
C7 BCL ND . 45.59 24.37 -7.36
C8 BCL ND . 44.50 24.77 -8.35
C9 BCL ND . 45.11 25.30 -9.65
C10 BCL ND . 43.60 25.80 -7.68
C11 BCL ND . 43.68 27.18 -8.33
C12 BCL ND . 43.96 28.26 -7.30
C13 BCL ND . 43.72 29.64 -7.90
C14 BCL ND . 44.55 29.82 -9.16
C15 BCL ND . 44.06 30.71 -6.87
C16 BCL ND . 44.05 32.10 -7.50
C17 BCL ND . 44.82 33.10 -6.66
C18 BCL ND . 45.62 34.07 -7.52
C19 BCL ND . 46.86 34.56 -6.78
C20 BCL ND . 44.77 35.26 -7.96
MG BCL OD . 38.76 28.33 -1.11
CHA BCL OD . 40.48 26.65 1.27
CHB BCL OD . 38.44 25.58 -2.95
CHC BCL OD . 37.02 30.17 -3.40
CHD BCL OD . 39.21 31.34 0.71
NA BCL OD . 39.32 26.44 -0.89
C1A BCL OD . 39.96 25.91 0.09
C2A BCL OD . 40.24 24.46 -0.09
C3A BCL OD . 39.78 24.20 -1.51
C4A BCL OD . 39.13 25.49 -1.82
CMA BCL OD . 40.94 24.00 -2.47
CAA BCL OD . 39.45 23.58 0.87
CBA BCL OD . 40.16 22.24 0.96
CGA BCL OD . 39.25 21.22 1.56
O1A BCL OD . 38.07 21.43 1.70
O2A BCL OD . 39.76 19.93 1.99
NB BCL OD . 37.87 27.97 -2.91
C1B BCL OD . 37.81 26.78 -3.53
C2B BCL OD . 37.10 26.71 -4.83
C3B BCL OD . 36.66 28.11 -4.97
C4B BCL OD . 37.19 28.77 -3.74
CMB BCL OD . 36.92 25.51 -5.69
CAB BCL OD . 35.88 28.78 -6.05
OBB BCL OD . 35.95 29.98 -6.19
CBB BCL OD . 35.01 27.96 -6.93
NC BCL OD . 38.24 30.27 -1.34
C1C BCL OD . 37.51 30.78 -2.34
C2C BCL OD . 37.23 32.24 -2.23
C3C BCL OD . 38.10 32.62 -1.07
C4C BCL OD . 38.53 31.28 -0.58
CMC BCL OD . 37.67 32.92 -3.50
CAC BCL OD . 37.35 33.31 0.04
CBC BCL OD . 36.64 34.56 -0.43
ND BCL OD . 39.63 29.02 0.61
C1D BCL OD . 39.78 30.15 1.29
C2D BCL OD . 40.54 29.99 2.57
C3D BCL OD . 40.79 28.54 2.52
C4D BCL OD . 40.24 28.08 1.39
CMD BCL OD . 41.02 30.84 3.71
CAD BCL OD . 41.44 27.44 3.25
OBD BCL OD . 42.05 27.54 4.37
CBD BCL OD . 41.22 26.17 2.49
CGD BCL OD . 42.51 25.46 2.23
O1D BCL OD . 43.33 25.91 1.46
O2D BCL OD . 42.80 24.24 2.94
CED BCL OD . 43.98 23.51 2.59
C1 BCL OD . 38.94 19.10 2.79
C2 BCL OD . 38.42 17.94 1.98
C3 BCL OD . 38.80 16.69 2.28
C4 BCL OD . 39.76 16.46 3.40
C5 BCL OD . 38.27 15.53 1.49
C6 BCL OD . 38.88 15.51 0.10
C7 BCL OD . 38.22 14.44 -0.75
C8 BCL OD . 39.24 13.71 -1.61
C9 BCL OD . 39.17 14.17 -3.05
C10 BCL OD . 39.00 12.20 -1.51
C11 BCL OD . 39.99 11.56 -0.54
C12 BCL OD . 40.86 10.51 -1.21
C13 BCL OD . 42.26 11.04 -1.53
C14 BCL OD . 42.27 11.82 -2.84
C15 BCL OD . 43.24 9.87 -1.60
C16 BCL OD . 44.60 10.33 -2.09
C17 BCL OD . 45.49 10.78 -0.93
C18 BCL OD . 46.85 11.19 -1.44
C19 BCL OD . 47.96 10.70 -0.52
C20 BCL OD . 46.93 12.70 -1.61
CM1 SPO PD . 28.81 27.80 12.03
O1 SPO PD . 30.07 27.99 12.66
C1 SPO PD . 31.18 28.49 11.93
C2 SPO PD . 31.46 27.59 10.74
C3 SPO PD . 30.87 29.90 11.46
C4 SPO PD . 32.37 28.48 12.88
C5 SPO PD . 32.58 27.07 13.38
C6 SPO PD . 33.79 26.56 13.22
C7 SPO PD . 34.16 25.21 13.65
C8 SPO PD . 33.30 24.41 14.60
C9 SPO PD . 35.31 24.72 13.19
C10 SPO PD . 35.84 23.40 13.49
C11 SPO PD . 37.09 23.20 13.12
C12 SPO PD . 37.80 21.92 13.29
C13 SPO PD . 37.40 20.93 14.33
C14 SPO PD . 38.82 21.68 12.47
C15 SPO PD . 39.59 20.45 12.47
C16 SPO PD . 40.67 20.40 11.70
C17 SPO PD . 41.44 19.15 11.61
C18 SPO PD . 41.23 18.05 12.60
C19 SPO PD . 42.29 18.98 10.58
C20 SPO PD . 42.98 17.72 10.43
C21 SPO PD . 43.56 17.45 9.27
C22 SPO PD . 44.20 16.15 9.06
C23 SPO PD . 44.62 15.81 7.84
C24 SPO PD . 44.46 16.75 6.68
C25 SPO PD . 45.17 14.46 7.62
C26 SPO PD . 45.94 14.11 6.60
C27 SPO PD . 46.26 12.69 6.63
C28 SPO PD . 46.83 12.01 5.64
C29 SPO PD . 47.27 12.65 4.36
C30 SPO PD . 47.01 10.53 5.87
C31 SPO PD . 48.44 10.04 5.68
C32 SPO PD . 48.40 8.57 6.00
C33 SPO PD . 48.82 7.66 5.12
C34 SPO PD . 49.36 8.09 3.79
C35 SPO PD . 48.75 6.19 5.47
C36 SPO PD . 49.05 6.01 6.95
C37 SPO PD . 49.28 4.55 7.23
C38 SPO PD . 50.50 4.06 7.40
C39 SPO PD . 51.70 4.96 7.30
C40 SPO PD . 50.69 2.60 7.70
CM1 SPO QD . 44.27 42.31 -10.67
O1 SPO QD . 44.65 42.21 -9.31
C1 SPO QD . 44.42 43.30 -8.41
C2 SPO QD . 44.85 44.61 -9.06
C3 SPO QD . 42.93 43.35 -8.10
C4 SPO QD . 45.21 43.04 -7.14
C5 SPO QD . 44.55 41.95 -6.32
C6 SPO QD . 45.24 40.89 -5.89
C7 SPO QD . 44.50 39.88 -5.11
C8 SPO QD . 43.08 40.17 -4.76
C9 SPO QD . 45.05 38.72 -4.71
C10 SPO QD . 44.27 37.77 -3.93
C11 SPO QD . 44.67 36.51 -3.82
C12 SPO QD . 43.93 35.48 -3.05
C13 SPO QD . 42.76 35.83 -2.18
C14 SPO QD . 44.33 34.22 -3.14
C15 SPO QD . 43.69 33.13 -2.41
C16 SPO QD . 44.20 31.91 -2.58
C17 SPO QD . 43.68 30.71 -1.90
C18 SPO QD . 42.63 30.83 -0.85
C19 SPO QD . 44.21 29.52 -2.25
C20 SPO QD . 43.80 28.26 -1.63
C21 SPO QD . 44.32 27.11 -2.08
C22 SPO QD . 43.92 25.87 -1.44
C23 SPO QD . 44.46 24.67 -1.74
C24 SPO QD . 45.53 24.54 -2.79
C25 SPO QD . 43.97 23.49 -1.00
C26 SPO QD . 44.09 22.22 -1.41
C27 SPO QD . 43.56 21.19 -0.53
C28 SPO QD . 43.29 19.95 -0.94
C29 SPO QD . 43.51 19.57 -2.38
C30 SPO QD . 42.75 18.93 0.02
C31 SPO QD . 43.22 17.56 -0.42
C32 SPO QD . 43.48 16.68 0.78
C33 SPO QD . 43.40 15.34 0.66
C34 SPO QD . 43.04 14.72 -0.65
C35 SPO QD . 43.67 14.46 1.85
C36 SPO QD . 42.37 14.02 2.49
C37 SPO QD . 42.49 12.56 2.86
C38 SPO QD . 42.27 12.14 4.11
C39 SPO QD . 42.40 10.69 4.45
C40 SPO QD . 41.91 13.14 5.17
C1B LMT RD . 54.76 15.88 19.05
C2B LMT RD . 56.19 16.41 18.92
C3B LMT RD . 57.20 15.32 19.28
C4B LMT RD . 57.02 14.10 18.38
C5B LMT RD . 55.55 13.83 18.08
O1B LMT RD . 53.95 16.35 17.98
O2B LMT RD . 56.41 16.87 17.59
O4' LMT RD . 57.72 14.32 17.15
O5B LMT RD . 54.74 14.44 19.09
C1' LMT RD . 50.54 18.63 17.68
C2' LMT RD . 51.58 19.16 18.67
C3' LMT RD . 52.91 18.47 18.44
C4' LMT RD . 52.75 16.95 18.46
C5' LMT RD . 51.60 16.51 17.56
C6' LMT RD . 51.34 15.02 17.74
O1' LMT RD . 49.30 19.28 17.88
O2' LMT RD . 51.72 20.58 18.50
O3' LMT RD . 53.82 18.87 19.48
O5' LMT RD . 50.40 17.23 17.88
O6' LMT RD . 52.48 14.29 17.30
C1 LMT RD . 48.36 18.89 16.89
C2 LMT RD . 47.04 19.61 17.11
C3 LMT RD . 45.98 19.05 16.18
C4 LMT RD . 45.94 17.53 16.27
CM1 SPO SD . 23.72 28.19 25.50
O1 SPO SD . 24.74 28.31 26.49
C1 SPO SD . 25.95 28.99 26.14
C2 SPO SD . 26.56 28.32 24.91
C3 SPO SD . 25.64 30.44 25.85
C4 SPO SD . 26.90 28.89 27.33
C5 SPO SD . 26.92 27.48 27.88
C6 SPO SD . 28.09 26.85 27.89
C7 SPO SD . 28.29 25.50 28.42
C8 SPO SD . 27.20 24.79 29.16
C9 SPO SD . 29.49 24.94 28.22
C10 SPO SD . 29.88 23.61 28.67
C11 SPO SD . 31.18 23.35 28.52
C12 SPO SD . 31.86 22.10 28.87
C13 SPO SD . 31.24 21.08 29.77
C14 SPO SD . 33.08 21.92 28.37
C15 SPO SD . 33.92 20.76 28.59
C16 SPO SD . 35.04 20.72 27.86
C17 SPO SD . 36.02 19.63 27.93
C18 SPO SD . 36.17 18.80 29.17
C19 SPO SD . 36.80 19.41 26.87
C20 SPO SD . 37.79 18.35 26.88
C21 SPO SD . 38.58 18.17 25.82
C22 SPO SD . 39.57 17.10 25.85
C23 SPO SD . 40.37 16.87 24.80
C24 SPO SD . 40.27 17.70 23.56
C25 SPO SD . 41.34 15.76 24.89
C26 SPO SD . 42.06 15.41 23.83
C27 SPO SD . 43.00 14.31 23.95
C28 SPO SD . 43.85 14.02 22.96
C29 SPO SD . 43.86 14.83 21.70
C30 SPO SD . 44.82 12.87 23.12
C31 SPO SD . 44.43 11.72 22.21
C32 SPO SD . 44.01 10.55 23.05
C33 SPO SD . 44.75 9.42 23.03
C34 SPO SD . 45.99 9.35 22.19
C35 SPO SD . 44.35 8.25 23.86
C36 SPO SD . 45.61 7.59 24.45
C37 SPO SD . 45.57 6.11 24.17
C38 SPO SD . 46.40 5.29 24.80
C39 SPO SD . 47.37 5.82 25.82
C40 SPO SD . 46.38 3.81 24.51
MG BCL TD . 38.95 30.00 8.18
CHA BCL TD . 38.91 27.05 6.48
CHB BCL TD . 39.81 28.34 10.98
CHC BCL TD . 38.78 32.93 9.85
CHD BCL TD . 37.18 31.51 5.55
NA BCL TD . 39.47 28.12 8.60
C1A BCL TD . 39.53 27.11 7.81
C2A BCL TD . 40.15 25.89 8.41
C3A BCL TD . 40.05 26.20 9.87
C4A BCL TD . 39.78 27.67 9.83
CMA BCL TD . 38.88 25.49 10.50
CAA BCL TD . 41.57 25.72 7.94
CBA BCL TD . 41.82 24.27 7.55
CGA BCL TD . 42.01 23.43 8.78
O1A BCL TD . 41.66 22.26 8.81
O2A BCL TD . 42.63 24.00 9.96
NB BCL TD . 39.22 30.56 10.13
C1B BCL TD . 39.60 29.78 11.17
C2B BCL TD . 39.75 30.45 12.48
C3B BCL TD . 39.43 31.84 12.11
C4B BCL TD . 39.14 31.77 10.67
CMB BCL TD . 40.13 29.82 13.80
CAB BCL TD . 39.38 33.07 12.95
OBB BCL TD . 38.58 33.95 12.73
CBB BCL TD . 40.40 33.21 14.04
NC BCL TD . 38.23 31.83 7.80
C1C BCL TD . 38.29 32.88 8.62
C2C BCL TD . 37.73 34.14 8.05
C3C BCL TD . 37.12 33.64 6.78
C4C BCL TD . 37.57 32.22 6.76
CMC BCL TD . 36.67 34.69 8.98
CAC BCL TD . 37.64 34.35 5.55
CBC BCL TD . 36.93 35.67 5.37
ND BCL TD . 38.13 29.50 6.39
C1D BCL TD . 37.50 30.10 5.38
C2D BCL TD . 37.17 29.21 4.24
C3D BCL TD . 37.77 27.97 4.73
C4D BCL TD . 38.30 28.23 5.93
CMD BCL TD . 36.48 29.33 2.92
CAD BCL TD . 38.00 26.54 4.39
OBD BCL TD . 37.64 25.95 3.32
CBD BCL TD . 38.76 25.90 5.51
CGD BCL TD . 38.02 24.72 6.03
O1D BCL TD . 36.86 24.80 6.34
O2D BCL TD . 38.70 23.44 6.12
CED BCL TD . 38.09 22.38 6.86
C1 BCL TD . 43.60 23.25 10.69
C2 BCL TD . 44.63 24.22 11.21
C3 BCL TD . 44.51 24.70 12.45
C4 BCL TD . 43.35 24.27 13.31
C5 BCL TD . 45.51 25.69 12.99
C6 BCL TD . 45.52 26.93 12.09
C7 BCL TD . 44.22 27.70 12.22
C8 BCL TD . 43.76 28.36 10.92
C9 BCL TD . 44.28 27.63 9.70
C10 BCL TD . 44.21 29.82 10.92
C11 BCL TD . 43.07 30.73 11.35
C12 BCL TD . 43.58 31.86 12.23
C13 BCL TD . 43.41 33.20 11.54
C14 BCL TD . 44.32 33.33 10.33
C15 BCL TD . 43.69 34.30 12.56
C16 BCL TD . 43.52 35.69 11.96
C17 BCL TD . 43.75 36.75 13.01
C18 BCL TD . 44.63 37.89 12.51
C19 BCL TD . 45.92 37.33 11.89
C20 BCL TD . 44.94 38.89 13.60
C1B LMT UD . 14.43 36.99 18.45
C2B LMT UD . 13.41 37.73 17.58
C3B LMT UD . 13.75 39.21 17.50
C4B LMT UD . 13.85 39.78 18.91
C5B LMT UD . 14.85 38.97 19.74
C6B LMT UD . 14.88 39.47 21.19
O1B LMT UD . 15.72 37.00 17.81
O2B LMT UD . 13.37 37.16 16.26
O3B LMT UD . 12.73 39.89 16.78
O4' LMT UD . 14.27 41.15 18.87
O5B LMT UD . 14.50 37.58 19.74
O6B LMT UD . 13.64 39.15 21.83
C1' LMT UD . 18.26 33.71 17.98
C2' LMT UD . 17.30 33.79 19.16
C3' LMT UD . 16.22 34.86 19.02
C4' LMT UD . 16.73 36.15 18.38
C5' LMT UD . 17.70 35.83 17.24
C6' LMT UD . 18.26 37.11 16.64
O1' LMT UD . 19.33 32.83 18.32
O2' LMT UD . 16.66 32.51 19.33
O3' LMT UD . 15.74 35.12 20.35
O5' LMT UD . 18.76 35.01 17.70
O6' LMT UD . 17.17 37.95 16.25
C1 LMT UD . 20.23 32.65 17.23
C2 LMT UD . 21.19 31.50 17.51
C3 LMT UD . 20.43 30.20 17.76
C4 LMT UD . 21.36 29.09 18.20
C5 LMT UD . 21.77 28.23 17.01
C6 LMT UD . 20.85 27.03 16.84
C7 LMT UD . 21.69 25.78 16.60
C8 LMT UD . 22.76 25.62 17.67
C9 LMT UD . 23.76 24.52 17.34
C10 LMT UD . 23.11 23.14 17.43
C11 LMT UD . 24.14 22.05 17.14
C12 LMT UD . 24.68 22.17 15.73
P PGV VD . 21.20 36.94 11.73
C01 PGV VD . 23.43 33.42 10.85
C02 PGV VD . 22.20 33.16 11.70
C03 PGV VD . 21.78 34.45 12.38
C04 PGV VD . 21.01 38.95 10.04
C05 PGV VD . 22.09 39.22 9.00
C06 PGV VD . 21.97 38.25 7.85
O01 PGV VD . 22.46 32.13 12.66
O02 PGV VD . 20.55 31.17 11.79
O03 PGV VD . 23.75 32.20 10.18
O04 PGV VD . 24.33 33.25 8.21
O05 PGV VD . 23.38 39.07 9.61
O06 PGV VD . 23.09 38.42 6.97
O11 PGV VD . 21.67 35.44 11.37
O12 PGV VD . 20.97 37.55 10.26
O13 PGV VD . 22.37 37.68 12.34
O14 PGV VD . 19.87 36.90 12.44
C1 PGV VD . 21.47 31.08 12.59
C2 PGV VD . 21.57 29.87 13.49
C3 PGV VD . 20.48 28.85 13.13
C4 PGV VD . 20.83 28.07 11.86
C5 PGV VD . 20.01 26.79 11.79
C6 PGV VD . 20.54 25.76 12.78
C7 PGV VD . 19.47 25.29 13.74
C8 PGV VD . 18.42 24.43 13.05
C9 PGV VD . 17.43 23.90 14.08
C10 PGV VD . 16.61 22.75 13.53
C11 PGV VD . 17.53 21.74 12.90
C12 PGV VD . 17.79 20.59 13.52
C13 PGV VD . 17.22 20.29 14.87
C14 PGV VD . 16.30 19.08 14.81
C15 PGV VD . 15.11 19.35 13.89
C16 PGV VD . 13.88 18.57 14.34
C17 PGV VD . 12.76 18.67 13.32
C18 PGV VD . 11.50 18.00 13.83
C19 PGV VD . 24.20 32.20 8.81
C20 PGV VD . 24.46 30.87 8.13
C21 PGV VD . 24.77 29.82 9.19
C22 PGV VD . 25.14 28.51 8.53
C23 PGV VD . 25.58 27.47 9.55
C24 PGV VD . 24.37 26.77 10.15
C25 PGV VD . 23.85 25.69 9.19
C26 PGV VD . 22.54 25.11 9.70
C27 PGV VD . 22.34 23.71 9.14
C28 PGV VD . 22.12 23.73 7.63
C29 PGV VD . 22.23 22.32 7.07
C30 PGV VD . 21.75 22.23 5.64
C31 PGV VD . 22.29 20.98 4.97
C32 PGV VD . 23.81 21.06 4.89
C33 PGV VD . 24.41 19.93 4.07
C34 PGV VD . 25.83 20.26 3.65
MG BCL WD . 36.84 30.46 16.06
CHA BCL WD . 37.73 28.38 18.62
CHB BCL WD . 36.74 27.84 13.98
CHC BCL WD . 35.84 32.56 13.61
CHD BCL WD . 36.42 33.09 18.36
NA BCL WD . 37.31 28.51 16.20
C1A BCL WD . 37.68 27.85 17.23
C2A BCL WD . 38.08 26.43 16.94
C3A BCL WD . 37.99 26.38 15.44
C4A BCL WD . 37.30 27.66 15.17
CMA BCL WD . 39.33 26.36 14.74
CAA BCL WD . 37.09 25.44 17.53
CBA BCL WD . 37.79 24.11 17.81
CGA BCL WD . 36.75 23.01 17.88
O1A BCL WD . 35.63 23.21 17.46
O2A BCL WD . 37.09 21.70 18.41
NB BCL WD . 36.33 30.25 14.09
C1B BCL WD . 36.37 29.12 13.37
C2B BCL WD . 35.97 29.21 11.94
C3B BCL WD . 35.71 30.66 11.83
C4B BCL WD . 35.97 31.17 13.19
CMB BCL WD . 35.92 28.07 10.96
CAB BCL WD . 35.25 31.47 10.65
OBB BCL WD . 34.89 32.61 10.80
CBB BCL WD . 35.25 30.87 9.27
NC BCL WD . 36.28 32.38 15.96
C1C BCL WD . 35.88 33.01 14.86
C2C BCL WD . 35.43 34.41 15.08
C3C BCL WD . 35.82 34.62 16.52
C4C BCL WD . 36.20 33.23 16.92
CMC BCL WD . 36.18 35.38 14.17
CAC BCL WD . 34.66 35.08 17.37
CBC BCL WD . 34.41 36.56 17.22
ND BCL WD . 36.97 30.79 18.07
C1D BCL WD . 36.84 31.82 18.93
C2D BCL WD . 37.12 31.45 20.35
C3D BCL WD . 37.47 30.04 20.17
C4D BCL WD . 37.38 29.77 18.87
CMD BCL WD . 37.11 32.11 21.70
CAD BCL WD . 37.91 28.84 20.91
OBD BCL WD . 38.09 28.74 22.18
CBD BCL WD . 38.06 27.72 19.93
CGD BCL WD . 39.43 27.13 20.05
O1D BCL WD . 40.42 27.82 19.94
O2D BCL WD . 39.56 25.72 20.31
CED BCL WD . 40.81 25.18 20.71
C1 BCL WD . 36.06 20.72 18.52
C2 BCL WD . 35.97 19.92 17.25
C3 BCL WD . 36.24 18.60 17.21
C4 BCL WD . 36.62 17.87 18.46
C5 BCL WD . 36.13 17.87 15.90
C6 BCL WD . 37.37 17.00 15.65
C7 BCL WD . 37.77 17.08 14.19
C8 BCL WD . 38.56 15.87 13.72
C9 BCL WD . 38.27 15.56 12.25
C10 BCL WD . 38.29 14.64 14.59
C11 BCL WD . 39.58 14.06 15.12
C12 BCL WD . 40.24 13.12 14.10
C13 BCL WD . 41.51 12.50 14.65
C14 BCL WD . 41.23 11.75 15.95
C15 BCL WD . 42.53 13.59 14.85
C16 BCL WD . 43.85 13.06 15.40
C17 BCL WD . 44.48 14.10 16.31
C18 BCL WD . 45.64 13.50 17.09
C19 BCL WD . 45.56 13.87 18.56
C20 BCL WD . 46.96 13.96 16.48
CM1 SPO XD . 41.57 47.51 14.88
O1 SPO XD . 42.61 46.63 15.31
C1 SPO XD . 43.89 46.65 14.70
C2 SPO XD . 43.75 46.26 13.24
C3 SPO XD . 44.47 48.05 14.82
C4 SPO XD . 44.77 45.64 15.44
C5 SPO XD . 43.91 44.44 15.72
C6 SPO XD . 44.35 43.19 15.60
C7 SPO XD . 43.39 42.12 15.91
C8 SPO XD . 41.93 42.38 15.67
C9 SPO XD . 43.77 40.92 16.37
C10 SPO XD . 42.75 39.91 16.64
C11 SPO XD . 43.08 38.64 16.66
C12 SPO XD . 42.08 37.59 16.93
C13 SPO XD . 40.69 37.95 17.38
C14 SPO XD . 42.45 36.31 16.78
C15 SPO XD . 41.57 35.17 17.02
C16 SPO XD . 42.14 33.97 16.95
C17 SPO XD . 41.45 32.69 17.18
C18 SPO XD . 40.02 32.66 17.62
C19 SPO XD . 42.14 31.57 16.98
C20 SPO XD . 41.59 30.23 17.19
C21 SPO XD . 42.29 29.17 16.83
C22 SPO XD . 41.75 27.84 17.07
C23 SPO XD . 42.34 26.69 16.73
C24 SPO XD . 43.67 26.68 16.04
C25 SPO XD . 41.65 25.44 17.08
C26 SPO XD . 42.09 24.23 16.73
C27 SPO XD . 41.29 23.10 17.17
C28 SPO XD . 41.50 21.85 16.74
C29 SPO XD . 42.59 21.56 15.76
C30 SPO XD . 40.62 20.73 17.25
C31 SPO XD . 41.44 19.76 18.09
C32 SPO XD . 40.51 18.71 18.67
C33 SPO XD . 40.74 17.42 18.45
C34 SPO XD . 41.91 16.99 17.62
C35 SPO XD . 39.79 16.38 19.03
C36 SPO XD . 40.57 15.41 19.91
C37 SPO XD . 39.68 14.23 20.24
C38 SPO XD . 40.11 12.98 20.02
C39 SPO XD . 39.22 11.82 20.35
C40 SPO XD . 41.46 12.74 19.45
MG BCL YD . 34.33 30.81 25.24
CHA BCL YD . 34.82 28.03 23.30
CHB BCL YD . 34.10 28.80 27.91
CHC BCL YD . 33.82 33.55 27.07
CHD BCL YD . 33.36 32.61 22.39
NA BCL YD . 34.73 28.88 25.59
C1A BCL YD . 35.04 27.97 24.76
C2A BCL YD . 35.54 26.72 25.39
C3A BCL YD . 35.16 26.91 26.83
C4A BCL YD . 34.64 28.31 26.81
CMA BCL YD . 34.05 25.97 27.25
CAA BCL YD . 37.03 26.57 25.22
CBA BCL YD . 37.38 25.12 24.95
CGA BCL YD . 37.94 24.48 26.19
O1A BCL YD . 39.08 24.04 26.20
O2A BCL YD . 37.14 24.37 27.40
NB BCL YD . 33.98 31.13 27.22
C1B BCL YD . 33.94 30.23 28.20
C2B BCL YD . 33.69 30.75 29.58
C3B BCL YD . 33.61 32.20 29.31
C4B BCL YD . 33.81 32.30 27.85
CMB BCL YD . 33.58 29.94 30.85
CAB BCL YD . 33.36 33.34 30.24
OBB BCL YD . 32.85 34.35 29.80
CBB BCL YD . 33.78 33.22 31.66
NC BCL YD . 33.70 32.68 24.86
C1C BCL YD . 33.55 33.64 25.78
C2C BCL YD . 33.04 34.93 25.23
C3C BCL YD . 32.76 34.55 23.81
C4C BCL YD . 33.32 33.18 23.74
CMC BCL YD . 31.75 35.28 25.95
CAC BCL YD . 33.48 35.43 22.80
CBC BCL YD . 33.06 36.88 22.92
ND BCL YD . 34.07 30.51 23.24
C1D BCL YD . 33.73 31.23 22.16
C2D BCL YD . 33.76 30.45 20.88
C3D BCL YD . 34.22 29.16 21.41
C4D BCL YD . 34.38 29.28 22.72
CMD BCL YD . 33.48 30.68 19.43
CAD BCL YD . 34.54 27.78 21.00
OBD BCL YD . 34.50 27.31 19.80
CBD BCL YD . 34.97 27.01 22.21
CGD BCL YD . 34.22 25.74 22.38
O1D BCL YD . 33.04 25.73 22.73
O2D BCL YD . 34.88 24.49 22.11
CED BCL YD . 34.32 23.27 22.57
C1 BCL YD . 37.73 23.83 28.59
C2 BCL YD . 38.59 24.90 29.19
C3 BCL YD . 38.09 25.81 30.02
C4 BCL YD . 36.63 25.78 30.38
C5 BCL YD . 38.99 26.86 30.61
C6 BCL YD . 38.49 28.24 30.20
C7 BCL YD . 38.43 28.42 28.69
C8 BCL YD . 38.40 29.89 28.30
C9 BCL YD . 39.81 30.44 28.25
C10 BCL YD . 37.54 30.66 29.29
C11 BCL YD . 37.87 32.14 29.26
C12 BCL YD . 37.25 32.89 30.43
C13 BCL YD . 37.30 34.39 30.18
C14 BCL YD . 38.64 34.82 29.57
C15 BCL YD . 37.04 35.14 31.49
C16 BCL YD . 37.29 36.63 31.32
C17 BCL YD . 37.43 37.33 32.67
C18 BCL YD . 38.54 38.37 32.63
C19 BCL YD . 39.51 38.20 33.78
C20 BCL YD . 37.97 39.78 32.60
C1B LMT ZD . 46.91 15.28 39.31
C2B LMT ZD . 48.32 15.77 39.61
C3B LMT ZD . 49.09 14.69 40.35
C4B LMT ZD . 49.17 13.42 39.51
C5B LMT ZD . 47.84 13.14 38.81
C6B LMT ZD . 47.51 11.67 38.81
O1B LMT ZD . 46.51 15.65 37.99
O2B LMT ZD . 49.01 16.12 38.40
O3B LMT ZD . 48.42 14.41 41.59
O4' LMT ZD . 50.20 13.57 38.53
O5B LMT ZD . 46.80 13.87 39.48
O6B LMT ZD . 48.58 10.93 38.20
C1' LMT ZD . 43.26 17.90 36.67
C2' LMT ZD . 44.07 18.48 37.81
C3' LMT ZD . 45.43 17.81 37.86
C4' LMT ZD . 45.24 16.30 38.00
C5' LMT ZD . 44.38 15.82 36.83
C6' LMT ZD . 44.14 14.31 36.91
O1' LMT ZD . 41.97 18.50 36.61
O2' LMT ZD . 44.22 19.91 37.68
O3' LMT ZD . 46.23 18.33 38.93
O5' LMT ZD . 43.13 16.49 36.86
O6' LMT ZD . 45.37 13.62 36.67
C1 LMT ZD . 41.15 17.86 35.62
C2 LMT ZD . 39.95 18.74 35.31
C3 LMT ZD . 40.37 19.99 34.54
C4 LMT ZD . 39.17 20.88 34.27
C1B LMT AE . 18.37 36.60 22.08
C2B LMT AE . 19.04 37.63 21.18
C3B LMT AE . 19.46 38.86 21.98
C4B LMT AE . 18.23 39.41 22.71
C5B LMT AE . 17.64 38.32 23.59
C6B LMT AE . 16.42 38.84 24.34
O1B LMT AE . 19.34 36.04 22.97
O2B LMT AE . 20.20 37.06 20.57
O3B LMT AE . 20.01 39.83 21.10
O4' LMT AE . 18.59 40.54 23.50
O5B LMT AE . 17.28 37.20 22.81
O6B LMT AE . 15.83 37.78 25.10
C1' LMT AE . 18.30 32.08 22.20
C2' LMT AE . 17.72 32.66 23.48
C3' LMT AE . 17.80 34.18 23.43
C4' LMT AE . 19.24 34.63 23.14
C5' LMT AE . 19.79 33.90 21.91
C6' LMT AE . 21.26 34.25 21.68
O1' LMT AE . 18.19 30.67 22.20
O2' LMT AE . 16.36 32.28 23.61
O3' LMT AE . 17.39 34.69 24.69
O5' LMT AE . 19.67 32.48 22.08
O6' LMT AE . 21.45 35.66 21.85
C1 LMT AE . 18.49 30.13 20.92
C2 LMT AE . 17.93 28.71 20.80
C3 LMT AE . 18.38 27.86 21.98
C4 LMT AE . 18.74 26.45 21.52
C5 LMT AE . 19.04 25.60 22.75
C6 LMT AE . 19.72 24.28 22.44
C7 LMT AE . 19.70 23.41 23.68
C8 LMT AE . 20.48 22.11 23.49
C9 LMT AE . 21.96 22.32 23.77
C10 LMT AE . 22.76 21.09 23.35
MG BCL BE . 29.89 30.21 32.33
CHA BCL BE . 29.81 27.68 34.62
CHB BCL BE . 30.74 28.02 29.93
CHC BCL BE . 29.32 32.62 30.02
CHD BCL BE . 28.64 32.42 34.76
NA BCL BE . 30.33 28.25 32.29
C1A BCL BE . 30.28 27.40 33.25
C2A BCL BE . 30.78 26.04 32.87
C3A BCL BE . 31.22 26.22 31.45
C4A BCL BE . 30.74 27.60 31.19
CMA BCL BE . 32.71 26.15 31.23
CAA BCL BE . 29.70 24.98 32.91
CBA BCL BE . 30.32 23.59 32.94
CGA BCL BE . 29.27 22.54 32.70
O1A BCL BE . 28.16 22.87 32.31
O2A BCL BE . 29.56 21.13 32.87
NB BCL BE . 29.99 30.31 30.29
C1B BCL BE . 30.37 29.34 29.44
C2B BCL BE . 30.39 29.66 28.00
C3B BCL BE . 29.95 31.06 28.03
C4B BCL BE . 29.75 31.35 29.48
CMB BCL BE . 30.76 28.72 26.88
CAB BCL BE . 29.73 32.04 26.93
OBB BCL BE . 29.59 33.22 27.20
CBB BCL BE . 29.70 31.58 25.51
NC BCL BE . 29.31 32.14 32.37
C1C BCL BE . 29.21 32.94 31.30
C2C BCL BE . 28.85 34.35 31.62
C3C BCL BE . 28.71 34.28 33.11
C4C BCL BE . 28.93 32.83 33.38
CMC BCL BE . 29.97 35.30 31.21
CAC BCL BE . 27.29 34.63 33.55
CBC BCL BE . 26.83 35.95 33.00
ND BCL BE . 29.28 30.19 34.28
C1D BCL BE . 28.83 31.06 35.19
C2D BCL BE . 28.59 30.45 36.53
C3D BCL BE . 29.00 29.08 36.25
C4D BCL BE . 29.40 29.02 34.97
CMD BCL BE . 28.09 30.88 37.88
CAD BCL BE . 29.14 27.74 36.86
OBD BCL BE . 28.85 27.44 38.07
CBD BCL BE . 29.67 26.80 35.83
CGD BCL BE . 30.99 26.28 36.29
O1D BCL BE . 31.97 27.01 36.34
O2D BCL BE . 31.13 24.89 36.69
CED BCL BE . 32.43 24.37 36.96
C1 BCL BE . 28.54 20.16 32.73
C2 BCL BE . 28.74 19.40 31.44
C3 BCL BE . 29.31 18.19 31.41
C4 BCL BE . 29.78 17.54 32.68
C5 BCL BE . 29.48 17.48 30.09
C6 BCL BE . 30.22 16.16 30.27
C7 BCL BE . 30.95 15.75 29.01
C8 BCL BE . 32.43 15.46 29.30
C9 BCL BE . 33.29 16.66 28.92
C10 BCL BE . 32.87 14.22 28.55
C11 BCL BE . 34.29 13.83 28.93
C12 BCL BE . 34.37 13.45 30.41
C13 BCL BE . 35.73 13.78 31.01
C14 BCL BE . 36.19 15.16 30.57
C15 BCL BE . 36.75 12.71 30.64
C16 BCL BE . 37.60 12.29 31.83
C17 BCL BE . 38.67 13.34 32.13
C18 BCL BE . 38.85 13.59 33.62
C19 BCL BE . 37.54 13.43 34.39
C20 BCL BE . 39.45 14.97 33.84
CM1 SPO CE . 14.61 28.55 36.31
O1 SPO CE . 15.05 27.97 37.52
C1 SPO CE . 16.11 27.02 37.49
C2 SPO CE . 15.63 25.79 36.75
C3 SPO CE . 17.30 27.63 36.76
C4 SPO CE . 16.49 26.72 38.93
C5 SPO CE . 16.43 25.23 39.21
C6 SPO CE . 17.55 24.67 39.63
C7 SPO CE . 17.70 23.25 39.96
C8 SPO CE . 16.54 22.31 39.96
C9 SPO CE . 18.92 22.83 40.26
C10 SPO CE . 19.22 21.44 40.60
C11 SPO CE . 20.50 21.18 40.81
C12 SPO CE . 21.02 19.86 41.15
C13 SPO CE . 20.15 18.76 41.66
C14 SPO CE . 22.34 19.69 40.97
C15 SPO CE . 23.06 18.45 41.24
C16 SPO CE . 24.36 18.50 40.99
C17 SPO CE . 25.25 17.34 41.18
C18 SPO CE . 24.78 16.10 41.88
C19 SPO CE . 26.51 17.43 40.70
C20 SPO CE . 27.43 16.31 40.84
C21 SPO CE . 28.54 16.30 40.13
C22 SPO CE . 29.45 15.18 40.27
C23 SPO CE . 30.62 15.19 39.63
C24 SPO CE . 30.99 16.36 38.77
C25 SPO CE . 31.53 14.05 39.78
C26 SPO CE . 32.64 13.96 39.05
C27 SPO CE . 33.52 12.82 39.24
C28 SPO CE . 34.66 12.70 38.54
C29 SPO CE . 35.04 13.76 37.54
C30 SPO CE . 35.55 11.51 38.76
C31 SPO CE . 35.35 10.52 37.61
C32 SPO CE . 35.40 9.11 38.13
C33 SPO CE . 34.38 8.29 37.87
C34 SPO CE . 33.21 8.82 37.07
C35 SPO CE . 34.34 6.86 38.34
C36 SPO CE . 35.65 6.41 38.99
C37 SPO CE . 35.78 4.92 38.73
C38 SPO CE . 36.33 4.11 39.66
C39 SPO CE . 36.47 2.64 39.38
C40 SPO CE . 36.78 4.67 40.97
CM1 SPO DE . 33.03 47.32 35.18
O1 SPO DE . 33.71 46.20 35.74
C1 SPO DE . 35.11 46.03 35.56
C2 SPO DE . 35.42 45.91 34.07
C3 SPO DE . 35.84 47.22 36.17
C4 SPO DE . 35.54 44.76 36.29
C5 SPO DE . 34.72 43.59 35.81
C6 SPO DE . 35.20 42.36 35.97
C7 SPO DE . 34.42 41.20 35.51
C8 SPO DE . 33.37 41.42 34.46
C9 SPO DE . 34.63 39.98 36.01
C10 SPO DE . 33.86 38.83 35.56
C11 SPO DE . 34.23 37.63 35.99
C12 SPO DE . 33.53 36.39 35.61
C13 SPO DE . 32.10 36.43 35.16
C14 SPO DE . 34.20 35.24 35.67
C15 SPO DE . 33.58 33.97 35.32
C16 SPO DE . 34.36 32.89 35.36
C17 SPO DE . 33.81 31.57 35.03
C18 SPO DE . 32.35 31.40 34.81
C19 SPO DE . 34.64 30.52 34.92
C20 SPO DE . 34.13 29.20 34.59
C21 SPO DE . 34.93 28.14 34.57
C22 SPO DE . 34.32 26.86 34.24
C23 SPO DE . 34.96 25.68 34.18
C24 SPO DE . 36.43 25.56 34.45
C25 SPO DE . 34.15 24.51 33.83
C26 SPO DE . 34.62 23.27 33.81
C27 SPO DE . 33.67 22.23 33.43
C28 SPO DE . 34.00 20.94 33.47
C29 SPO DE . 35.37 20.53 33.94
C30 SPO DE . 32.99 19.89 33.07
C31 SPO DE . 33.62 18.52 33.19
C32 SPO DE . 32.98 17.78 34.34
C33 SPO DE . 33.20 16.47 34.49
C34 SPO DE . 34.10 15.74 33.53
C35 SPO DE . 32.56 15.71 35.63
C36 SPO DE . 31.13 15.33 35.28
C37 SPO DE . 31.12 14.18 34.30
C38 SPO DE . 30.68 12.97 34.67
C39 SPO DE . 30.69 11.85 33.67
C40 SPO DE . 30.20 12.73 36.07
MG BCL EE . 24.19 29.18 39.97
CHA BCL EE . 25.35 26.53 38.12
CHB BCL EE . 22.82 26.91 42.03
CHC BCL EE . 22.90 31.71 41.67
CHD BCL EE . 24.35 31.22 37.12
NA BCL EE . 24.40 27.21 40.28
C1A BCL EE . 25.02 26.35 39.55
C2A BCL EE . 25.29 25.05 40.23
C3A BCL EE . 24.39 25.15 41.44
C4A BCL EE . 23.85 26.53 41.27
CMA BCL EE . 23.26 24.14 41.36
CAA BCL EE . 26.75 24.85 40.60
CBA BCL EE . 27.18 23.41 40.36
CGA BCL EE . 27.16 22.62 41.65
O1A BCL EE . 28.11 21.92 41.97
O2A BCL EE . 26.00 22.67 42.53
NB BCL EE . 22.99 29.30 41.63
C1B BCL EE . 22.52 28.29 42.39
C2B BCL EE . 21.68 28.68 43.55
C3B BCL EE . 21.71 30.16 43.42
C4B BCL EE . 22.55 30.40 42.22
CMB BCL EE . 21.03 27.76 44.54
CAB BCL EE . 21.08 31.21 44.27
OBB BCL EE . 21.54 32.33 44.27
CBB BCL EE . 19.88 30.87 45.11
NC BCL EE . 23.70 31.06 39.53
C1C BCL EE . 23.16 31.93 40.39
C2C BCL EE . 22.86 33.27 39.81
C3C BCL EE . 23.17 33.04 38.36
C4C BCL EE . 23.77 31.68 38.40
CMC BCL EE . 21.39 33.62 39.99
CAC BCL EE . 24.20 34.02 37.81
CBC BCL EE . 23.61 35.42 37.71
ND BCL EE . 24.68 29.03 38.01
C1D BCL EE . 24.76 29.85 36.95
C2D BCL EE . 25.25 29.17 35.71
C3D BCL EE . 25.47 27.82 36.25
C4D BCL EE . 25.15 27.84 37.54
CMD BCL EE . 25.51 29.52 34.29
CAD BCL EE . 25.92 26.46 35.88
OBD BCL EE . 26.33 26.10 34.72
CBD BCL EE . 25.87 25.59 37.09
CGD BCL EE . 24.97 24.43 36.82
O1D BCL EE . 23.84 24.38 37.26
O2D BCL EE . 25.47 23.31 36.03
CED BCL EE . 25.06 21.98 36.33
C1 BCL EE . 26.05 22.06 43.82
C2 BCL EE . 25.99 23.15 44.86
C3 BCL EE . 24.84 23.42 45.50
C4 BCL EE . 23.61 22.62 45.19
C5 BCL EE . 24.78 24.51 46.54
C6 BCL EE . 25.79 25.60 46.19
C7 BCL EE . 25.27 26.54 45.10
C8 BCL EE . 26.36 27.18 44.26
C9 BCL EE . 27.69 26.45 44.40
C10 BCL EE . 26.55 28.66 44.56
C11 BCL EE . 25.73 29.20 45.72
C12 BCL EE . 24.50 29.95 45.24
C13 BCL EE . 24.48 31.42 45.67
C14 BCL EE . 25.85 32.07 45.46
C15 BCL EE . 24.04 31.56 47.11
C16 BCL EE . 23.92 33.04 47.48
C17 BCL EE . 24.09 33.26 48.99
C18 BCL EE . 24.60 34.65 49.33
C19 BCL EE . 23.47 35.62 49.63
C20 BCL EE . 25.50 35.21 48.24
MG BCL FE . 17.19 27.73 44.41
CHA BCL FE . 16.15 24.92 46.08
CHB BCL FE . 19.03 25.76 42.39
CHC BCL FE . 17.61 30.37 42.32
CHD BCL FE . 14.79 29.63 46.12
NA BCL FE . 17.69 25.79 44.36
C1A BCL FE . 17.24 24.82 45.10
C2A BCL FE . 17.95 23.51 44.88
C3A BCL FE . 19.00 23.88 43.88
C4A BCL FE . 18.56 25.24 43.51
CMA BCL FE . 20.40 23.93 44.47
CAA BCL FE . 17.04 22.47 44.25
CBA BCL FE . 17.66 21.08 44.39
CGA BCL FE . 16.81 20.07 43.68
O1A BCL FE . 16.15 20.39 42.71
O2A BCL FE . 16.76 18.69 44.12
NB BCL FE . 18.14 28.02 42.61
C1B BCL FE . 18.87 27.13 41.92
C2B BCL FE . 19.48 27.59 40.65
C3B BCL FE . 19.05 28.99 40.64
C4B BCL FE . 18.26 29.14 41.89
CMB BCL FE . 20.31 26.75 39.72
CAB BCL FE . 19.31 30.09 39.65
OBB BCL FE . 19.14 31.25 39.96
CBB BCL FE . 19.79 29.73 38.27
NC BCL FE . 16.52 29.62 44.32
C1C BCL FE . 16.85 30.53 43.40
C2C BCL FE . 16.25 31.88 43.63
C3C BCL FE . 15.59 31.68 44.95
C4C BCL FE . 15.69 30.21 45.12
CMC BCL FE . 17.33 32.95 43.68
CAC BCL FE . 14.12 32.07 44.93
CBC BCL FE . 13.93 33.55 44.69
ND BCL FE . 15.72 27.47 45.79
C1D BCL FE . 14.82 28.21 46.45
C2D BCL FE . 13.98 27.43 47.42
C3D BCL FE . 14.57 26.11 47.23
C4D BCL FE . 15.53 26.21 46.31
CMD BCL FE . 12.85 27.66 48.39
CAD BCL FE . 14.46 24.70 47.67
OBD BCL FE . 13.65 24.24 48.54
CBD BCL FE . 15.49 23.89 46.96
CGD BCL FE . 16.41 23.32 47.97
O1D BCL FE . 16.88 24.03 48.84
O2D BCL FE . 16.73 21.92 47.97
CED BCL FE . 17.35 21.35 49.12
C1 BCL FE . 16.02 17.72 43.37
C2 BCL FE . 16.91 17.18 42.29
C3 BCL FE . 17.45 15.95 42.33
C4 BCL FE . 17.17 15.04 43.48
C5 BCL FE . 18.33 15.51 41.19
C6 BCL FE . 18.42 13.98 41.15
C7 BCL FE . 17.32 13.40 40.28
C8 BCL FE . 17.88 12.42 39.24
C9 BCL FE . 17.94 13.07 37.87
C10 BCL FE . 17.02 11.17 39.22
C11 BCL FE . 17.57 10.09 40.14
C12 BCL FE . 18.57 9.20 39.42
C13 BCL FE . 19.66 8.73 40.37
C14 BCL FE . 20.57 7.71 39.69
C15 BCL FE . 19.02 8.15 41.61
C16 BCL FE . 20.02 8.07 42.76
C17 BCL FE . 20.08 9.39 43.52
C18 BCL FE . 18.70 9.98 43.74
C19 BCL FE . 18.76 11.50 43.82
C20 BCL FE . 18.03 9.38 44.98
CM1 SPO GE . 22.53 46.44 48.90
O1 SPO GE . 21.74 45.52 49.66
C1 SPO GE . 22.35 44.73 50.67
C2 SPO GE . 23.26 43.69 50.02
C3 SPO GE . 23.16 45.63 51.60
C4 SPO GE . 21.25 44.04 51.47
C5 SPO GE . 20.63 42.93 50.68
C6 SPO GE . 20.51 41.72 51.22
C7 SPO GE . 19.88 40.64 50.44
C8 SPO GE . 19.09 40.97 49.22
C9 SPO GE . 20.03 39.36 50.83
C10 SPO GE . 19.42 38.28 50.06
C11 SPO GE . 19.47 37.03 50.53
C12 SPO GE . 18.87 35.93 49.75
C13 SPO GE . 17.99 36.21 48.57
C14 SPO GE . 19.13 34.66 50.11
C15 SPO GE . 18.55 33.55 49.36
C16 SPO GE . 19.03 32.34 49.61
C17 SPO GE . 18.55 31.13 48.93
C18 SPO GE . 17.36 31.18 48.02
C19 SPO GE . 19.19 29.98 49.14
C20 SPO GE . 18.78 28.73 48.50
C21 SPO GE . 19.53 27.67 48.78
C22 SPO GE . 19.24 26.37 48.21
C23 SPO GE . 20.11 25.37 48.43
C24 SPO GE . 21.35 25.60 49.25
C25 SPO GE . 19.83 24.04 47.84
C26 SPO GE . 20.64 22.99 47.98
C27 SPO GE . 20.24 21.76 47.32
C28 SPO GE . 21.01 20.66 47.28
C29 SPO GE . 22.35 20.65 47.97
C30 SPO GE . 20.50 19.45 46.54
C31 SPO GE . 21.38 18.22 46.75
C32 SPO GE . 21.03 17.19 45.71
C33 SPO GE . 21.97 16.41 45.16
C34 SPO GE . 23.41 16.56 45.56
C35 SPO GE . 21.58 15.40 44.11
C36 SPO GE . 22.13 14.03 44.46
C37 SPO GE . 21.95 13.11 43.28
C38 SPO GE . 22.98 12.41 42.78
C39 SPO GE . 24.34 12.54 43.40
C40 SPO GE . 22.77 11.50 41.60
MG BCL HE . 8.64 25.27 48.89
CHA BCL HE . 10.55 22.74 47.56
CHB BCL HE . 6.49 22.88 49.75
CHC BCL HE . 6.81 27.67 50.22
CHD BCL HE . 9.93 27.50 46.52
NA BCL HE . 8.73 23.28 49.09
C1A BCL HE . 9.65 22.49 48.70
C2A BCL HE . 9.67 21.19 49.44
C3A BCL HE . 8.29 21.21 50.08
C4A BCL HE . 7.78 22.54 49.65
CMA BCL HE . 7.41 20.11 49.50
CAA BCL HE . 10.82 21.14 50.45
CBA BCL HE . 11.99 20.32 49.91
CGA BCL HE . 11.71 18.84 49.99
O1A BCL HE . 12.59 18.04 49.72
O2A BCL HE . 10.42 18.34 50.40
NB BCL HE . 6.84 25.27 49.85
C1B BCL HE . 6.06 24.23 50.16
C2B BCL HE . 4.80 24.55 50.89
C3B BCL HE . 4.92 26.02 51.01
C4B BCL HE . 6.21 26.34 50.36
CMB BCL HE . 3.72 23.60 51.35
CAB BCL HE . 3.99 26.99 51.66
OBB BCL HE . 4.44 27.96 52.25
CBB BCL HE . 2.50 26.78 51.53
NC BCL HE . 8.40 27.21 48.50
C1C BCL HE . 7.58 28.02 49.18
C2C BCL HE . 7.57 29.42 48.70
C3C BCL HE . 8.47 29.32 47.48
C4C BCL HE . 8.95 27.91 47.55
CMC BCL HE . 6.16 29.81 48.30
CAC BCL HE . 9.67 30.26 47.57
CBC BCL HE . 9.22 31.71 47.64
ND BCL HE . 9.93 25.25 47.32
C1D BCL HE . 10.44 26.14 46.44
C2D BCL HE . 11.43 25.52 45.50
C3D BCL HE . 11.43 24.14 46.00
C4D BCL HE . 10.59 24.09 47.02
CMD BCL HE . 12.28 25.91 44.33
CAD BCL HE . 12.03 22.80 45.79
OBD BCL HE . 12.89 22.50 44.88
CBD BCL HE . 11.48 21.85 46.80
CGD BCL HE . 10.78 20.72 46.13
O1D BCL HE . 9.62 20.43 46.39
O2D BCL HE . 11.48 19.92 45.14
CED BCL HE . 10.99 18.62 44.83
C1 BCL HE . 10.34 17.22 51.27
C2 BCL HE . 10.82 17.69 52.62
C3 BCL HE . 10.35 18.85 53.09
C5 BCL HE . 10.79 19.38 54.43
C6 BCL HE . 10.73 20.91 54.38
C7 BCL HE . 9.42 21.36 53.73
C8 BCL HE . 9.30 22.88 53.62
C9 BCL HE . 10.58 23.61 54.00
C10 BCL HE . 8.13 23.33 54.49
C11 BCL HE . 7.34 24.44 53.82
C12 BCL HE . 7.77 25.80 54.35
C13 BCL HE . 6.63 26.80 54.27
C14 BCL HE . 7.02 28.11 54.97
C15 BCL HE . 5.37 26.22 54.89
P PGV IE . -4.98 29.26 17.18
C01 PGV IE . -5.22 25.66 18.93
C02 PGV IE . -3.85 25.70 18.27
C03 PGV IE . -3.67 27.06 17.60
C04 PGV IE . -6.93 30.89 16.51
C05 PGV IE . -8.28 30.90 15.80
C06 PGV IE . -8.51 32.29 15.22
O01 PGV IE . -3.75 24.67 17.29
O02 PGV IE . -1.51 24.69 17.83
O03 PGV IE . -5.17 26.29 20.20
O04 PGV IE . -7.38 25.77 20.66
O05 PGV IE . -9.32 30.62 16.74
O06 PGV IE . -9.81 32.32 14.63
O11 PGV IE . -4.94 27.67 17.39
O12 PGV IE . -6.50 29.54 16.70
O13 PGV IE . -4.06 29.58 16.04
O14 PGV IE . -4.77 29.92 18.52
C1 PGV IE . -2.38 24.22 17.12
C2 PGV IE . -2.06 23.18 16.08
C3 PGV IE . -2.76 21.89 16.44
C4 PGV IE . -3.02 21.03 15.22
C5 PGV IE . -1.73 20.51 14.60
C6 PGV IE . -0.90 19.77 15.64
C7 PGV IE . 0.07 18.82 14.94
C8 PGV IE . -0.67 17.63 14.37
C9 PGV IE . 0.26 16.73 13.56
C10 PGV IE . 1.42 16.21 14.39
C11 PGV IE . 2.59 15.93 13.48
C19 PGV IE . -6.32 26.19 21.09
C20 PGV IE . -6.18 26.61 22.54
C21 PGV IE . -5.25 25.63 23.26
C22 PGV IE . -5.96 24.32 23.55
C23 PGV IE . -5.07 23.39 24.36
C24 PGV IE . -5.84 22.14 24.79
C25 PGV IE . -5.82 21.07 23.71
C26 PGV IE . -4.48 20.35 23.68
C27 PGV IE . -4.52 19.13 22.77
C28 PGV IE . -5.68 18.22 23.16
C29 PGV IE . -5.79 17.03 22.21
CM1 SPO JE . -38.85 1.25 16.68
O1 SPO JE . -40.10 0.59 16.57
C1 SPO JE . -41.00 0.65 17.65
C2 SPO JE . -40.28 0.26 18.93
C3 SPO JE . -41.56 2.06 17.75
C4 SPO JE . -42.13 -0.32 17.37
C5 SPO JE . -41.62 -1.74 17.38
C6 SPO JE . -42.12 -2.55 18.31
C7 SPO JE . -41.75 -3.96 18.42
C8 SPO JE . -41.31 -4.72 17.21
C9 SPO JE . -41.84 -4.54 19.62
C10 SPO JE . -41.53 -5.94 19.86
C11 SPO JE . -41.98 -6.41 21.02
C12 SPO JE . -41.82 -7.80 21.49
C13 SPO JE . -41.64 -8.94 20.53
C14 SPO JE . -41.86 -8.01 22.80
C15 SPO JE . -41.75 -9.32 23.44
C16 SPO JE . -41.62 -9.31 24.76
C17 SPO JE . -41.53 -10.51 25.58
C18 SPO JE . -41.72 -11.87 24.99
C19 SPO JE . -41.29 -10.36 26.90
C20 SPO JE . -41.23 -11.49 27.80
C21 SPO JE . -40.80 -11.32 29.04
C22 SPO JE . -40.78 -12.43 29.98
C23 SPO JE . -40.24 -12.29 31.20
C24 SPO JE . -39.63 -10.98 31.63
C25 SPO JE . -40.27 -13.42 32.13
C26 SPO JE . -39.72 -13.32 33.34
C27 SPO JE . -39.83 -14.45 34.24
C28 SPO JE . -39.08 -14.57 35.34
C29 SPO JE . -38.05 -13.52 35.65
C30 SPO JE . -39.30 -15.79 36.20
C31 SPO JE . -39.32 -15.53 37.70
C32 SPO JE . -40.03 -14.27 38.11
C33 SPO JE . -41.16 -14.26 38.84
C34 SPO JE . -41.79 -15.55 39.26
C35 SPO JE . -41.80 -12.95 39.21
C36 SPO JE . -41.61 -12.69 40.70
C37 SPO JE . -40.15 -12.82 41.04
C38 SPO JE . -39.48 -11.86 41.70
C39 SPO JE . -40.18 -10.60 42.13
C40 SPO JE . -38.02 -12.06 41.99
N1 LDA KE . -23.13 -12.74 29.25
O1 LDA KE . -23.50 -12.16 30.30
CM1 LDA KE . -23.51 -14.15 29.31
CM2 LDA KE . -21.67 -12.65 29.13
C1 LDA KE . -23.74 -12.09 28.09
C2 LDA KE . -23.20 -10.67 27.96
C3 LDA KE . -23.28 -10.15 26.54
C4 LDA KE . -24.70 -9.79 26.17
C5 LDA KE . -24.80 -8.34 25.73
C6 LDA KE . -24.07 -8.10 24.41
C7 LDA KE . -24.02 -6.61 24.08
C8 LDA KE . -25.41 -5.99 24.09
C9 LDA KE . -25.35 -4.50 23.82
N1 LDA LE . -26.34 -0.80 34.59
O1 LDA LE . -26.60 -0.49 33.40
CM1 LDA LE . -25.67 0.33 35.24
CM2 LDA LE . -25.46 -1.97 34.61
C1 LDA LE . -27.60 -1.11 35.28
C2 LDA LE . -28.30 -2.28 34.58
C3 LDA LE . -29.53 -2.70 35.36
C4 LDA LE . -30.49 -3.49 34.48
C5 LDA LE . -31.90 -3.47 35.07
C6 LDA LE . -32.91 -4.11 34.12
C7 LDA LE . -34.33 -3.69 34.49
C8 LDA LE . -34.65 -4.03 35.95
C9 LDA LE . -35.99 -3.47 36.37
C10 LDA LE . -37.14 -4.32 35.85
C11 LDA LE . -38.46 -3.83 36.44
C12 LDA LE . -39.57 -4.81 36.17
C1B LMT ME . -21.20 -7.08 35.72
C2B LMT ME . -20.67 -8.06 36.76
C3B LMT ME . -21.79 -8.95 37.31
C4B LMT ME . -22.59 -9.60 36.19
C5B LMT ME . -22.92 -8.60 35.09
C6B LMT ME . -24.40 -8.65 34.73
O1B LMT ME . -20.45 -7.30 34.53
O2B LMT ME . -19.68 -8.89 36.16
O3B LMT ME . -22.66 -8.19 38.16
O4' LMT ME . -21.83 -10.68 35.64
O5B LMT ME . -22.60 -7.27 35.51
O6B LMT ME . -25.17 -8.16 35.83
C1' LMT ME . -19.27 -3.52 33.15
C2' LMT ME . -20.77 -3.79 33.10
C3' LMT ME . -21.20 -5.02 33.88
C4' LMT ME . -20.25 -6.20 33.65
C5' LMT ME . -18.80 -5.74 33.78
C6' LMT ME . -17.83 -6.89 33.54
O1' LMT ME . -18.97 -2.52 32.19
O2' LMT ME . -21.48 -2.66 33.62
O3' LMT ME . -22.50 -5.38 33.41
O5' LMT ME . -18.55 -4.70 32.83
O6' LMT ME . -16.52 -6.48 33.99
C1 LMT ME . -17.58 -2.46 31.92
C2 LMT ME . -17.34 -1.73 30.61
C3 LMT ME . -17.77 -2.56 29.41
C4 LMT ME . -17.47 -1.84 28.11
C5 LMT ME . -18.12 -0.46 28.10
C6 LMT ME . -18.36 0.05 26.69
C7 LMT ME . -17.10 0.65 26.08
C8 LMT ME . -17.45 1.64 24.98
C1B LMT NE . 4.73 31.02 20.07
C2B LMT NE . 6.19 31.20 20.44
C3B LMT NE . 6.45 32.64 20.89
C4B LMT NE . 5.86 33.63 19.91
C5B LMT NE . 4.40 33.30 19.61
C6B LMT NE . 3.79 34.29 18.63
O1B LMT NE . 3.93 31.24 21.23
O2B LMT NE . 6.51 30.31 21.51
O3B LMT NE . 7.86 32.84 20.99
O4' LMT NE . 5.95 34.96 20.45
O5B LMT NE . 4.34 31.97 19.09
O6B LMT NE . 2.36 34.22 18.70
C1' LMT NE . 0.90 28.91 22.85
C2' LMT NE . 2.28 28.28 22.77
C3' LMT NE . 3.33 29.37 22.59
C4' LMT NE . 2.97 30.20 21.37
C5' LMT NE . 1.59 30.79 21.58
C6' LMT NE . 1.19 31.69 20.41
O1' LMT NE . -0.08 27.87 22.90
O2' LMT NE . 2.56 27.53 23.96
O3' LMT NE . 4.63 28.79 22.43
O5' LMT NE . 0.67 29.71 21.68
O6' LMT NE . 0.03 32.45 20.76
C1 LMT NE . -1.31 28.28 22.30
C2 LMT NE . -2.17 27.04 22.09
C3 LMT NE . -1.43 26.00 21.26
C4 LMT NE . -2.14 24.65 21.35
C5 LMT NE . -1.23 23.52 20.88
C6 LMT NE . -1.82 22.15 21.18
C7 LMT NE . -0.99 21.07 20.52
C8 LMT NE . -1.82 19.79 20.33
C9 LMT NE . -0.93 18.63 19.89
C1B LMT OE . 8.72 34.57 24.20
C2B LMT OE . 10.18 34.92 23.97
C3B LMT OE . 10.89 35.07 25.31
C4B LMT OE . 10.13 36.03 26.23
C5B LMT OE . 8.63 35.71 26.25
C6B LMT OE . 7.87 36.79 27.01
O1B LMT OE . 8.62 33.38 24.98
O2B LMT OE . 10.82 33.91 23.18
O3B LMT OE . 12.22 35.57 25.09
O4' LMT OE . 10.65 35.94 27.56
O5B LMT OE . 8.12 35.63 24.92
O6B LMT OE . 6.45 36.56 26.88
C1' LMT OE . 7.30 30.74 26.86
C2' LMT OE . 8.48 30.75 25.90
C3' LMT OE . 7.98 31.15 24.53
C4' LMT OE . 7.50 32.57 24.62
C5' LMT OE . 6.44 32.67 25.71
C6' LMT OE . 5.15 33.27 25.16
O1' LMT OE . 6.96 29.38 27.13
O2' LMT OE . 9.43 31.71 26.36
O3' LMT OE . 6.88 30.30 24.18
O5' LMT OE . 6.17 31.38 26.24
O6' LMT OE . 5.45 34.42 24.35
C1 LMT OE . 5.94 29.30 28.13
C2 LMT OE . 5.24 27.95 27.98
C3 LMT OE . 6.24 26.80 27.98
C4 LMT OE . 5.56 25.54 27.46
C5 LMT OE . 5.15 25.74 26.01
C6 LMT OE . 4.15 24.69 25.57
C7 LMT OE . 4.69 23.28 25.77
C8 LMT OE . 5.89 23.00 24.87
C9 LMT OE . 6.52 21.66 25.25
C10 LMT OE . 7.16 20.99 24.05
C11 LMT OE . 7.69 19.61 24.41
C12 LMT OE . 6.63 18.76 25.05
#